data_6QS6
#
_entry.id   6QS6
#
_cell.length_a   1.00
_cell.length_b   1.00
_cell.length_c   1.00
_cell.angle_alpha   90.00
_cell.angle_beta   90.00
_cell.angle_gamma   90.00
#
_symmetry.space_group_name_H-M   'P 1'
#
loop_
_entity.id
_entity.type
_entity.pdbx_description
1 polymer 'Chaperone protein ClpB'
2 polymer casein
3 non-polymer 'PHOSPHOTHIOPHOSPHORIC ACID-ADENYLATE ESTER'
4 non-polymer "ADENOSINE-5'-DIPHOSPHATE"
#
loop_
_entity_poly.entity_id
_entity_poly.type
_entity_poly.pdbx_seq_one_letter_code
_entity_poly.pdbx_strand_id
1 'polypeptide(L)'
;MRLDRLTNKFQLALADAQSLALGHDNQFIEPLHLMSALLNQEGGSVSPLLTSAGINAGQLRTDINQALNRLPQVEGTGGD
VQPSQDLVRVLNLCDKLAQKRGDNFISSELFVLAALESRGTLADILKAAGATTANITQAIEQMRGGESVNDQGAEDQRQA
LKKYTIDLTERAEQGKLDPVIGRDEEIRRTIQVLQRRTKNNPVLIGEPGVGKTAIVEGLAQRIINGEVPEGLKGRRVLAL
DMGALVAGAKYRGEFEERLKGVLNDLAKQEGNVILFIDALHTMVGAGKADGAMDAGNMLKPALARGELHCVGATTLDEYR
QYIEKDAALERRFQKVFVAEPSVEDTIAILRGLKERYELHHHVQITDPAIVAAATLSHRYIADRQLPDKAIDLIDEAASS
IRMQIDSKPEELDRLDRRIIQLKLEQQALMKESDEASKKRLDMLNEELSDKERQYSELEEEWKAEKASLSGTQTICAELE
QAKIAIEQARRVGDLARMSELQYGKIPELEKQLEAATQLEGKTMRLLRNKVTDAEIAEVLARWTGIPVSRMMESEREKLL
RMEQELHHRVIGQNEAVDAVSNAIRRSRAGLADPNRPIGSFLFLGPTGVGKTELCKALANFMFDSDEAMVRIDMSEFMEK
HSVSRLVGAPPGYVGYEEGGYLTEAVRRRPYSVILLDAVEKAHPDVFNILLQVLDDGRLTDGQGRTVDFRNTVVIMTSNL
GSDLIQERFGELDYAHMKELVLGVVSHNFRPEFINRIDEVVVFHPLGEQHIASIAQIQLKRLYKRLEERGYEIHISDEAL
KLLSENGYDPVYGARPLKRAIQQQIENPLAQQILSGELVPGKVIRLEVNEDRIVAVQH
;
A,B,C,D,E,F
2 'polypeptide(L)'
;(UNK)(UNK)(UNK)(UNK)(UNK)(UNK)(UNK)(UNK)(UNK)(UNK)(UNK)(UNK)(UNK)(UNK)(UNK)(UNK)
(UNK)(UNK)(UNK)(UNK)(UNK)(UNK)(UNK)(UNK)
;
S
#
loop_
_chem_comp.id
_chem_comp.type
_chem_comp.name
_chem_comp.formula
ADP non-polymer ADENOSINE-5'-DIPHOSPHATE 'C10 H15 N5 O10 P2'
AGS non-polymer 'PHOSPHOTHIOPHOSPHORIC ACID-ADENYLATE ESTER' 'C10 H16 N5 O12 P3 S'
#
# COMPACT_ATOMS: atom_id res chain seq x y z
N GLN A 159 3.81 35.79 28.15
CA GLN A 159 4.58 35.49 26.96
C GLN A 159 4.67 34.00 26.71
N ALA A 160 5.12 33.65 25.50
CA ALA A 160 5.22 32.26 25.09
C ALA A 160 6.65 31.77 24.97
N LEU A 161 7.63 32.67 24.94
CA LEU A 161 9.02 32.24 24.92
C LEU A 161 9.40 31.56 26.22
N LYS A 162 8.84 32.02 27.33
CA LYS A 162 9.00 31.30 28.59
C LYS A 162 8.26 29.98 28.58
N LYS A 163 7.24 29.83 27.74
CA LYS A 163 6.46 28.61 27.73
C LYS A 163 7.15 27.52 26.93
N TYR A 164 7.48 27.80 25.67
CA TYR A 164 7.79 26.75 24.72
C TYR A 164 9.25 26.74 24.26
N THR A 165 10.05 27.72 24.66
CA THR A 165 11.43 27.79 24.25
C THR A 165 12.35 27.69 25.44
N ILE A 166 13.43 26.92 25.27
CA ILE A 166 14.43 26.70 26.30
C ILE A 166 15.66 27.51 25.93
N ASP A 167 16.15 28.30 26.87
CA ASP A 167 17.31 29.14 26.61
C ASP A 167 18.57 28.30 26.73
N LEU A 168 19.37 28.26 25.67
CA LEU A 168 20.65 27.59 25.72
C LEU A 168 21.77 28.47 26.25
N THR A 169 21.75 29.75 25.90
CA THR A 169 22.84 30.63 26.31
C THR A 169 22.80 30.91 27.80
N GLU A 170 21.62 30.82 28.42
CA GLU A 170 21.56 30.82 29.87
C GLU A 170 22.20 29.55 30.42
N ARG A 171 21.98 28.42 29.76
CA ARG A 171 22.56 27.16 30.24
C ARG A 171 24.05 27.10 29.97
N ALA A 172 24.52 27.65 28.86
CA ALA A 172 25.94 27.74 28.63
C ALA A 172 26.59 28.81 29.50
N GLU A 173 25.82 29.78 29.96
CA GLU A 173 26.34 30.77 30.89
C GLU A 173 26.46 30.20 32.29
N GLN A 174 25.54 29.32 32.69
CA GLN A 174 25.67 28.57 33.93
C GLN A 174 26.68 27.44 33.82
N GLY A 175 27.13 27.11 32.62
CA GLY A 175 28.10 26.06 32.44
C GLY A 175 27.54 24.67 32.40
N LYS A 176 26.24 24.52 32.09
CA LYS A 176 25.60 23.22 32.16
C LYS A 176 25.61 22.48 30.83
N LEU A 177 26.63 22.68 30.00
CA LEU A 177 26.70 22.01 28.72
C LEU A 177 28.05 21.34 28.56
N ASP A 178 28.25 20.75 27.40
CA ASP A 178 29.48 20.06 27.03
C ASP A 178 30.46 21.06 26.43
N PRO A 179 31.65 21.19 26.96
CA PRO A 179 32.62 22.09 26.32
C PRO A 179 33.28 21.40 25.15
N VAL A 180 32.62 21.41 23.99
CA VAL A 180 33.03 20.46 22.95
C VAL A 180 34.23 21.02 22.21
N ILE A 181 35.19 20.13 21.96
CA ILE A 181 36.51 20.51 21.47
C ILE A 181 36.58 20.15 19.99
N GLY A 182 36.96 21.13 19.18
CA GLY A 182 37.06 20.91 17.75
C GLY A 182 35.91 21.55 17.02
N ARG A 183 35.49 20.91 15.93
CA ARG A 183 34.27 21.22 15.19
C ARG A 183 34.26 22.62 14.58
N ASP A 184 35.42 23.25 14.44
CA ASP A 184 35.46 24.68 14.16
C ASP A 184 35.07 25.00 12.72
N GLU A 185 35.21 24.04 11.81
CA GLU A 185 34.84 24.34 10.43
C GLU A 185 33.33 24.28 10.23
N GLU A 186 32.64 23.35 10.92
CA GLU A 186 31.19 23.33 10.86
C GLU A 186 30.59 24.56 11.51
N ILE A 187 31.15 24.98 12.65
CA ILE A 187 30.64 26.18 13.32
C ILE A 187 30.92 27.40 12.47
N ARG A 188 32.05 27.44 11.78
CA ARG A 188 32.31 28.57 10.89
C ARG A 188 31.34 28.58 9.71
N ARG A 189 30.93 27.41 9.23
CA ARG A 189 29.96 27.42 8.15
C ARG A 189 28.57 27.80 8.66
N THR A 190 28.25 27.40 9.88
CA THR A 190 26.97 27.80 10.47
C THR A 190 26.92 29.31 10.70
N ILE A 191 28.02 29.90 11.12
CA ILE A 191 28.06 31.35 11.23
C ILE A 191 28.05 32.02 9.86
N GLN A 192 28.54 31.34 8.81
CA GLN A 192 28.32 31.88 7.46
C GLN A 192 26.85 31.90 7.10
N VAL A 193 26.13 30.84 7.45
CA VAL A 193 24.74 30.78 7.02
C VAL A 193 23.87 31.71 7.88
N LEU A 194 24.13 31.79 9.17
CA LEU A 194 23.32 32.64 10.04
C LEU A 194 23.55 34.13 9.83
N GLN A 195 24.50 34.53 9.00
CA GLN A 195 24.73 35.93 8.72
C GLN A 195 24.48 36.26 7.27
N ARG A 196 23.48 35.63 6.68
CA ARG A 196 23.08 35.94 5.31
C ARG A 196 22.00 37.01 5.34
N ARG A 197 21.32 37.22 4.21
CA ARG A 197 20.22 38.17 4.19
C ARG A 197 18.87 37.50 4.06
N THR A 198 18.70 36.60 3.11
CA THR A 198 17.55 35.71 3.07
C THR A 198 18.03 34.28 3.20
N LYS A 199 17.17 33.42 3.73
CA LYS A 199 17.47 32.03 4.06
C LYS A 199 18.66 31.94 5.01
N ASN A 200 18.43 32.41 6.23
CA ASN A 200 19.45 32.37 7.27
C ASN A 200 19.41 31.07 8.04
N ASN A 201 19.10 29.97 7.37
CA ASN A 201 18.59 28.76 8.03
C ASN A 201 19.54 27.61 7.78
N PRO A 202 20.53 27.39 8.63
CA PRO A 202 21.33 26.19 8.49
C PRO A 202 20.57 25.00 9.03
N VAL A 203 20.75 23.86 8.40
CA VAL A 203 20.31 22.59 8.95
C VAL A 203 21.52 21.70 9.06
N LEU A 204 21.69 21.08 10.21
CA LEU A 204 22.83 20.20 10.42
C LEU A 204 22.40 18.80 10.06
N ILE A 205 23.07 18.21 9.08
CA ILE A 205 22.74 16.91 8.57
C ILE A 205 23.88 15.96 8.92
N GLY A 206 23.60 14.99 9.75
CA GLY A 206 24.58 13.96 10.02
C GLY A 206 23.88 12.72 10.52
N GLU A 207 24.49 11.58 10.22
CA GLU A 207 24.05 10.32 10.81
C GLU A 207 24.25 10.41 12.32
N PRO A 208 23.39 9.75 13.12
CA PRO A 208 23.27 10.11 14.53
C PRO A 208 24.50 9.74 15.33
N GLY A 209 24.73 10.51 16.39
CA GLY A 209 25.87 10.32 17.23
C GLY A 209 27.03 11.24 16.93
N VAL A 210 27.03 11.92 15.78
CA VAL A 210 28.12 12.84 15.47
C VAL A 210 28.03 14.14 16.23
N GLY A 211 26.99 14.35 17.04
CA GLY A 211 26.92 15.51 17.90
C GLY A 211 26.60 16.79 17.18
N LYS A 212 25.36 16.87 16.68
CA LYS A 212 24.85 18.06 16.03
C LYS A 212 24.29 19.05 17.04
N THR A 213 23.60 18.49 18.03
CA THR A 213 23.28 19.22 19.26
C THR A 213 24.53 19.79 19.89
N ALA A 214 25.63 19.03 19.86
CA ALA A 214 26.91 19.51 20.37
C ALA A 214 27.45 20.67 19.56
N ILE A 215 27.20 20.70 18.24
CA ILE A 215 27.64 21.82 17.41
C ILE A 215 26.89 23.09 17.78
N VAL A 216 25.57 23.00 17.93
CA VAL A 216 24.80 24.18 18.26
C VAL A 216 25.11 24.67 19.68
N GLU A 217 25.35 23.73 20.60
CA GLU A 217 25.71 24.17 21.93
C GLU A 217 27.12 24.72 22.00
N GLY A 218 28.02 24.25 21.14
CA GLY A 218 29.33 24.89 21.03
C GLY A 218 29.23 26.27 20.45
N LEU A 219 28.28 26.48 19.54
CA LEU A 219 28.03 27.83 19.04
C LEU A 219 27.49 28.73 20.14
N ALA A 220 26.61 28.20 20.99
CA ALA A 220 26.09 28.97 22.11
C ALA A 220 27.20 29.32 23.09
N GLN A 221 28.12 28.38 23.32
CA GLN A 221 29.26 28.64 24.19
C GLN A 221 30.19 29.68 23.58
N ARG A 222 30.34 29.69 22.26
CA ARG A 222 31.17 30.72 21.65
C ARG A 222 30.49 32.08 21.69
N ILE A 223 29.16 32.12 21.63
CA ILE A 223 28.46 33.39 21.77
C ILE A 223 28.63 33.92 23.19
N ILE A 224 28.58 33.05 24.19
CA ILE A 224 28.76 33.49 25.57
C ILE A 224 30.20 33.93 25.82
N ASN A 225 31.17 33.18 25.33
CA ASN A 225 32.57 33.54 25.56
C ASN A 225 32.97 34.75 24.72
N GLY A 226 32.29 35.01 23.63
CA GLY A 226 32.60 36.13 22.78
C GLY A 226 33.57 35.84 21.68
N GLU A 227 33.60 34.63 21.14
CA GLU A 227 34.48 34.27 20.04
C GLU A 227 33.79 34.36 18.69
N VAL A 228 32.76 35.19 18.58
CA VAL A 228 31.89 35.23 17.40
C VAL A 228 32.12 36.55 16.69
N PRO A 229 31.71 36.69 15.41
CA PRO A 229 31.79 37.98 14.73
C PRO A 229 30.91 39.05 15.37
N GLU A 230 31.03 40.27 14.85
CA GLU A 230 30.30 41.40 15.42
C GLU A 230 28.89 41.51 14.87
N GLY A 231 28.18 40.39 14.82
CA GLY A 231 26.78 40.40 14.46
C GLY A 231 26.08 39.34 15.26
N LEU A 232 26.87 38.60 16.05
CA LEU A 232 26.34 37.57 16.91
C LEU A 232 26.59 37.84 18.38
N LYS A 233 27.27 38.91 18.72
CA LYS A 233 27.44 39.26 20.13
C LYS A 233 26.11 39.76 20.67
N GLY A 234 25.61 39.07 21.69
CA GLY A 234 24.37 39.45 22.33
C GLY A 234 23.18 38.60 21.97
N ARG A 235 23.33 37.63 21.08
CA ARG A 235 22.23 36.77 20.70
C ARG A 235 21.84 35.84 21.86
N ARG A 236 20.62 35.36 21.81
CA ARG A 236 20.14 34.33 22.70
C ARG A 236 19.68 33.17 21.84
N VAL A 237 20.24 31.98 22.07
CA VAL A 237 19.92 30.82 21.26
C VAL A 237 18.86 30.02 21.99
N LEU A 238 17.73 29.79 21.30
CA LEU A 238 16.54 29.24 21.93
C LEU A 238 16.18 27.92 21.28
N ALA A 239 15.96 26.90 22.10
CA ALA A 239 15.65 25.57 21.60
C ALA A 239 14.14 25.42 21.56
N LEU A 240 13.57 25.48 20.37
CA LEU A 240 12.14 25.35 20.22
C LEU A 240 11.76 23.88 20.31
N ASP A 241 10.63 23.60 20.93
CA ASP A 241 10.20 22.22 21.17
C ASP A 241 8.98 21.95 20.30
N MET A 242 9.20 21.24 19.20
CA MET A 242 8.08 20.83 18.35
C MET A 242 7.18 19.82 19.03
N GLY A 243 7.66 19.07 20.01
CA GLY A 243 6.78 18.19 20.76
C GLY A 243 5.89 18.94 21.71
N ALA A 244 6.36 20.05 22.26
CA ALA A 244 5.62 20.81 23.26
C ALA A 244 4.63 21.79 22.64
N LEU A 245 4.35 21.66 21.36
CA LEU A 245 3.37 22.49 20.69
C LEU A 245 2.18 21.70 20.18
N VAL A 246 2.26 20.38 20.15
CA VAL A 246 1.18 19.55 19.65
C VAL A 246 0.61 18.83 20.88
N ALA A 247 0.65 19.50 22.02
CA ALA A 247 0.20 18.90 23.27
C ALA A 247 -1.32 18.88 23.38
N GLY A 248 -1.91 20.07 23.51
CA GLY A 248 -3.32 20.22 23.70
C GLY A 248 -4.08 20.52 22.42
N ALA A 249 -3.40 20.49 21.27
CA ALA A 249 -4.06 20.74 19.99
C ALA A 249 -4.94 19.54 19.64
N LYS A 250 -6.09 19.50 20.30
CA LYS A 250 -7.17 18.59 19.93
C LYS A 250 -8.33 19.31 19.29
N TYR A 251 -8.42 20.63 19.45
CA TYR A 251 -9.46 21.44 18.86
C TYR A 251 -8.97 21.94 17.50
N ARG A 252 -9.66 22.93 16.93
CA ARG A 252 -9.26 23.54 15.67
C ARG A 252 -8.52 24.82 15.94
N GLY A 253 -7.40 25.01 15.28
CA GLY A 253 -6.74 26.30 15.31
C GLY A 253 -6.15 26.63 16.65
N GLU A 254 -5.61 25.63 17.32
CA GLU A 254 -5.05 25.78 18.66
C GLU A 254 -3.55 25.70 18.64
N PHE A 255 -3.01 24.81 17.81
CA PHE A 255 -1.59 24.81 17.53
C PHE A 255 -1.15 26.09 16.84
N GLU A 256 -2.02 26.63 15.98
CA GLU A 256 -1.73 27.86 15.27
C GLU A 256 -1.66 29.05 16.21
N GLU A 257 -2.44 29.05 17.28
CA GLU A 257 -2.36 30.10 18.28
C GLU A 257 -0.99 30.12 18.96
N ARG A 258 -0.53 28.94 19.37
CA ARG A 258 0.77 28.81 20.02
C ARG A 258 1.89 29.21 19.09
N LEU A 259 1.85 28.70 17.86
CA LEU A 259 2.93 28.94 16.92
C LEU A 259 2.98 30.40 16.51
N LYS A 260 1.83 31.03 16.31
CA LYS A 260 1.87 32.44 15.93
C LYS A 260 2.20 33.33 17.12
N GLY A 261 1.88 32.91 18.34
CA GLY A 261 2.37 33.63 19.51
C GLY A 261 3.89 33.60 19.60
N VAL A 262 4.47 32.44 19.31
CA VAL A 262 5.92 32.32 19.26
C VAL A 262 6.51 33.19 18.16
N LEU A 263 5.85 33.22 17.00
CA LEU A 263 6.39 34.01 15.89
C LEU A 263 6.30 35.50 16.15
N ASN A 264 5.22 35.95 16.80
CA ASN A 264 5.13 37.36 17.15
C ASN A 264 6.13 37.74 18.21
N ASP A 265 6.43 36.82 19.14
CA ASP A 265 7.46 37.14 20.13
C ASP A 265 8.84 37.20 19.50
N LEU A 266 9.15 36.30 18.57
CA LEU A 266 10.45 36.33 17.92
C LEU A 266 10.58 37.53 16.98
N ALA A 267 9.46 38.00 16.41
CA ALA A 267 9.52 39.23 15.64
C ALA A 267 9.65 40.45 16.54
N LYS A 268 9.09 40.39 17.75
CA LYS A 268 9.22 41.49 18.70
C LYS A 268 10.63 41.58 19.24
N GLN A 269 11.36 40.46 19.30
CA GLN A 269 12.73 40.47 19.80
C GLN A 269 13.70 41.20 18.88
N GLU A 270 13.33 41.48 17.63
CA GLU A 270 14.09 42.27 16.67
C GLU A 270 15.44 41.62 16.32
N GLY A 271 15.35 40.38 15.85
CA GLY A 271 16.50 39.70 15.28
C GLY A 271 17.61 39.36 16.25
N ASN A 272 17.31 39.26 17.53
CA ASN A 272 18.31 38.97 18.55
C ASN A 272 18.20 37.53 19.05
N VAL A 273 17.39 36.71 18.39
CA VAL A 273 17.14 35.35 18.84
C VAL A 273 17.43 34.41 17.69
N ILE A 274 18.36 33.49 17.89
CA ILE A 274 18.57 32.39 16.96
C ILE A 274 17.76 31.20 17.44
N LEU A 275 16.82 30.76 16.62
CA LEU A 275 16.03 29.61 17.00
C LEU A 275 16.84 28.34 16.74
N PHE A 276 16.44 27.25 17.37
CA PHE A 276 17.10 25.96 17.16
C PHE A 276 16.06 24.85 17.24
N ILE A 277 15.70 24.28 16.10
CA ILE A 277 14.68 23.26 16.04
C ILE A 277 15.41 21.94 15.91
N ASP A 278 15.66 21.28 17.04
CA ASP A 278 16.16 19.93 16.99
C ASP A 278 15.08 19.00 16.48
N ALA A 279 15.51 17.96 15.77
CA ALA A 279 14.63 17.03 15.05
C ALA A 279 13.69 17.81 14.12
N LEU A 280 14.31 18.44 13.14
CA LEU A 280 13.64 19.34 12.22
C LEU A 280 12.59 18.65 11.37
N HIS A 281 12.72 17.33 11.17
CA HIS A 281 11.69 16.59 10.45
C HIS A 281 10.35 16.54 11.17
N THR A 282 10.34 16.80 12.49
CA THR A 282 9.08 16.87 13.22
C THR A 282 8.24 18.07 12.78
N MET A 283 8.89 19.13 12.32
CA MET A 283 8.21 20.37 11.92
C MET A 283 7.30 20.19 10.72
N VAL A 284 7.51 19.14 9.92
CA VAL A 284 6.69 18.95 8.72
C VAL A 284 5.26 18.57 9.10
N GLY A 285 5.10 17.48 9.83
CA GLY A 285 3.76 17.14 10.29
C GLY A 285 3.48 17.48 11.73
N ALA A 286 2.80 18.59 11.99
CA ALA A 286 2.36 18.93 13.34
C ALA A 286 0.94 19.51 13.30
N GLY A 287 0.07 18.86 12.54
CA GLY A 287 -1.32 19.28 12.44
C GLY A 287 -1.94 18.68 11.20
N MET A 293 -0.49 23.64 4.75
CA MET A 293 -1.41 22.95 5.63
C MET A 293 -1.19 23.32 7.11
N ASP A 294 -0.15 22.77 7.73
CA ASP A 294 -0.16 22.63 9.20
C ASP A 294 0.90 23.40 9.95
N ALA A 295 2.20 23.10 9.77
CA ALA A 295 3.24 23.66 10.63
C ALA A 295 4.45 24.18 9.88
N GLY A 296 4.79 23.60 8.73
CA GLY A 296 5.69 24.29 7.83
C GLY A 296 5.05 25.54 7.29
N ASN A 297 3.78 25.45 6.92
CA ASN A 297 3.12 26.50 6.18
C ASN A 297 2.70 27.69 7.01
N MET A 298 3.30 27.88 8.17
CA MET A 298 3.23 29.15 8.88
C MET A 298 4.60 29.74 9.06
N LEU A 299 5.59 28.90 9.35
CA LEU A 299 6.97 29.37 9.43
C LEU A 299 7.53 29.74 8.07
N LYS A 300 6.97 29.21 7.00
CA LYS A 300 7.64 29.14 5.71
C LYS A 300 7.91 30.51 5.06
N PRO A 301 7.04 31.53 5.16
CA PRO A 301 7.50 32.86 4.74
C PRO A 301 8.53 33.48 5.67
N ALA A 302 8.51 33.16 6.96
CA ALA A 302 9.53 33.70 7.84
C ALA A 302 10.87 33.04 7.61
N LEU A 303 10.87 31.79 7.15
CA LEU A 303 12.11 31.16 6.72
C LEU A 303 12.57 31.72 5.40
N ALA A 304 11.64 32.10 4.52
CA ALA A 304 12.04 32.68 3.24
C ALA A 304 12.70 34.02 3.43
N ARG A 305 12.04 34.93 4.13
CA ARG A 305 12.54 36.29 4.17
C ARG A 305 13.67 36.50 5.16
N GLY A 306 14.14 35.45 5.81
CA GLY A 306 15.32 35.55 6.63
C GLY A 306 15.12 36.18 7.97
N GLU A 307 13.88 36.53 8.32
CA GLU A 307 13.60 37.15 9.60
C GLU A 307 13.68 36.15 10.73
N LEU A 308 13.45 34.87 10.43
CA LEU A 308 13.59 33.81 11.39
C LEU A 308 14.94 33.13 11.17
N HIS A 309 15.77 33.10 12.21
CA HIS A 309 17.16 32.66 12.09
C HIS A 309 17.32 31.20 12.49
N CYS A 310 16.36 30.38 12.10
CA CYS A 310 16.24 28.98 12.53
C CYS A 310 17.50 28.18 12.28
N VAL A 311 17.77 27.20 13.15
CA VAL A 311 18.89 26.27 13.01
C VAL A 311 18.33 24.88 13.19
N GLY A 312 18.34 24.09 12.14
CA GLY A 312 17.87 22.74 12.25
C GLY A 312 18.91 21.82 12.85
N ALA A 313 18.49 20.60 13.14
CA ALA A 313 19.39 19.54 13.56
C ALA A 313 18.72 18.22 13.21
N THR A 314 19.13 17.62 12.11
CA THR A 314 18.42 16.46 11.62
C THR A 314 19.38 15.33 11.29
N THR A 315 18.82 14.17 10.96
CA THR A 315 19.56 13.04 10.45
C THR A 315 19.36 12.99 8.93
N LEU A 316 20.36 12.47 8.21
CA LEU A 316 20.29 12.42 6.75
C LEU A 316 19.18 11.51 6.24
N ASP A 317 18.90 10.41 6.94
CA ASP A 317 17.82 9.54 6.51
C ASP A 317 16.46 10.22 6.70
N GLU A 318 16.25 10.84 7.86
CA GLU A 318 15.06 11.63 8.07
C GLU A 318 14.98 12.84 7.16
N TYR A 319 16.13 13.40 6.77
CA TYR A 319 16.10 14.54 5.87
C TYR A 319 15.63 14.13 4.49
N ARG A 320 16.16 13.03 3.96
CA ARG A 320 15.71 12.58 2.65
C ARG A 320 14.31 11.98 2.69
N GLN A 321 13.82 11.58 3.85
CA GLN A 321 12.45 11.08 3.88
C GLN A 321 11.43 12.19 4.02
N TYR A 322 11.64 13.09 4.97
CA TYR A 322 10.63 14.08 5.30
C TYR A 322 10.81 15.39 4.54
N ILE A 323 12.02 15.93 4.48
CA ILE A 323 12.17 17.29 3.99
C ILE A 323 12.45 17.34 2.49
N GLU A 324 13.35 16.50 1.99
CA GLU A 324 13.58 16.50 0.53
C GLU A 324 12.44 15.91 -0.29
N LYS A 325 11.30 15.60 0.28
CA LYS A 325 10.08 15.42 -0.49
C LYS A 325 9.26 16.69 -0.58
N ASP A 326 9.37 17.59 0.38
CA ASP A 326 8.67 18.87 0.35
C ASP A 326 9.65 19.93 -0.12
N ALA A 327 9.47 20.41 -1.34
CA ALA A 327 10.57 21.10 -2.02
C ALA A 327 10.75 22.52 -1.53
N ALA A 328 9.68 23.22 -1.18
CA ALA A 328 9.80 24.59 -0.71
C ALA A 328 10.46 24.64 0.66
N LEU A 329 10.09 23.73 1.56
CA LEU A 329 10.80 23.66 2.82
C LEU A 329 12.22 23.14 2.65
N GLU A 330 12.47 22.41 1.57
CA GLU A 330 13.84 21.99 1.30
C GLU A 330 14.69 23.16 0.84
N ARG A 331 14.11 24.07 0.07
CA ARG A 331 14.93 25.19 -0.37
C ARG A 331 15.06 26.27 0.68
N ARG A 332 14.21 26.27 1.71
CA ARG A 332 14.40 27.24 2.78
C ARG A 332 15.71 27.00 3.53
N PHE A 333 16.06 25.76 3.78
CA PHE A 333 17.18 25.48 4.67
C PHE A 333 18.50 25.36 3.92
N GLN A 334 19.59 25.39 4.66
CA GLN A 334 20.93 25.28 4.12
C GLN A 334 21.68 24.15 4.78
N LYS A 335 22.17 23.22 3.98
CA LYS A 335 22.78 22.00 4.49
C LYS A 335 24.17 22.28 5.01
N VAL A 336 24.38 22.11 6.30
CA VAL A 336 25.74 22.10 6.80
C VAL A 336 26.08 20.66 7.11
N PHE A 337 26.77 20.02 6.17
CA PHE A 337 26.94 18.58 6.20
C PHE A 337 28.04 18.19 7.18
N VAL A 338 27.67 17.37 8.15
CA VAL A 338 28.54 17.03 9.28
C VAL A 338 29.00 15.60 9.09
N ALA A 339 30.31 15.39 9.10
CA ALA A 339 30.89 14.06 9.03
C ALA A 339 31.28 13.57 10.42
N GLU A 340 31.53 12.27 10.52
CA GLU A 340 31.90 11.67 11.78
C GLU A 340 33.35 12.03 12.11
N PRO A 341 33.65 12.40 13.34
CA PRO A 341 35.03 12.83 13.66
C PRO A 341 35.99 11.66 13.69
N SER A 342 37.28 11.99 13.62
CA SER A 342 38.32 10.99 13.60
C SER A 342 38.58 10.47 15.01
N VAL A 343 39.56 9.57 15.11
CA VAL A 343 39.83 8.93 16.38
C VAL A 343 40.62 9.85 17.30
N GLU A 344 41.55 10.62 16.75
CA GLU A 344 42.29 11.59 17.57
C GLU A 344 41.40 12.76 18.00
N ASP A 345 40.46 13.15 17.13
CA ASP A 345 39.45 14.13 17.53
C ASP A 345 38.60 13.59 18.66
N THR A 346 38.25 12.31 18.58
CA THR A 346 37.51 11.63 19.64
C THR A 346 38.32 11.56 20.92
N ILE A 347 39.65 11.45 20.80
CA ILE A 347 40.53 11.50 21.95
C ILE A 347 40.46 12.85 22.64
N ALA A 348 40.49 13.93 21.85
CA ALA A 348 40.41 15.27 22.42
C ALA A 348 39.06 15.50 23.11
N ILE A 349 38.00 15.03 22.45
CA ILE A 349 36.65 15.02 23.02
C ILE A 349 36.63 14.31 24.37
N LEU A 350 37.22 13.11 24.41
CA LEU A 350 37.26 12.36 25.65
C LEU A 350 38.25 12.92 26.66
N ARG A 351 39.14 13.84 26.27
CA ARG A 351 39.96 14.51 27.27
C ARG A 351 39.19 15.59 28.01
N GLY A 352 38.45 16.41 27.25
CA GLY A 352 37.54 17.35 27.89
C GLY A 352 36.50 16.64 28.75
N LEU A 353 35.94 15.56 28.22
CA LEU A 353 35.00 14.79 29.01
C LEU A 353 35.69 13.95 30.08
N LYS A 354 37.00 13.73 29.99
CA LYS A 354 37.73 13.09 31.07
C LYS A 354 37.78 13.99 32.28
N GLU A 355 38.04 15.28 32.05
CA GLU A 355 37.95 16.25 33.13
C GLU A 355 36.56 16.27 33.73
N ARG A 356 35.53 16.26 32.88
CA ARG A 356 34.17 16.32 33.42
C ARG A 356 33.77 15.03 34.15
N TYR A 357 34.22 13.88 33.68
CA TYR A 357 33.86 12.60 34.31
C TYR A 357 34.64 12.35 35.58
N GLU A 358 35.91 12.74 35.62
CA GLU A 358 36.66 12.65 36.86
C GLU A 358 36.17 13.65 37.90
N LEU A 359 35.52 14.74 37.47
CA LEU A 359 34.77 15.51 38.46
C LEU A 359 33.37 14.95 38.70
N HIS A 360 32.91 13.99 37.90
CA HIS A 360 31.58 13.43 38.14
C HIS A 360 31.61 12.33 39.19
N HIS A 361 32.32 11.24 38.93
CA HIS A 361 32.26 10.04 39.74
C HIS A 361 33.27 10.00 40.87
N HIS A 362 34.14 11.01 40.97
CA HIS A 362 35.35 10.98 41.79
C HIS A 362 36.20 9.75 41.50
N VAL A 363 36.35 9.43 40.22
CA VAL A 363 37.24 8.36 39.78
C VAL A 363 38.32 8.99 38.92
N GLN A 364 39.24 8.19 38.39
CA GLN A 364 40.26 8.69 37.49
C GLN A 364 40.25 7.87 36.20
N ILE A 365 40.75 8.49 35.13
CA ILE A 365 40.71 7.92 33.79
C ILE A 365 42.10 8.02 33.19
N THR A 366 42.56 6.92 32.57
CA THR A 366 43.90 6.83 32.02
C THR A 366 43.83 6.99 30.51
N ASP A 367 44.77 7.75 29.93
CA ASP A 367 44.69 8.07 28.51
C ASP A 367 44.96 6.92 27.54
N PRO A 368 45.81 5.91 27.82
CA PRO A 368 45.77 4.69 26.99
C PRO A 368 44.42 4.02 26.95
N ALA A 369 43.65 4.05 28.03
CA ALA A 369 42.29 3.54 27.98
C ALA A 369 41.40 4.39 27.06
N ILE A 370 41.67 5.69 26.98
CA ILE A 370 40.89 6.56 26.11
C ILE A 370 41.17 6.26 24.64
N VAL A 371 42.46 6.19 24.27
CA VAL A 371 42.78 5.92 22.87
C VAL A 371 42.40 4.49 22.48
N ALA A 372 42.46 3.55 23.45
CA ALA A 372 42.02 2.20 23.18
C ALA A 372 40.51 2.13 22.99
N ALA A 373 39.76 2.86 23.83
CA ALA A 373 38.30 2.87 23.71
C ALA A 373 37.86 3.48 22.40
N ALA A 374 38.49 4.59 21.99
CA ALA A 374 38.11 5.23 20.73
C ALA A 374 38.48 4.38 19.52
N THR A 375 39.69 3.81 19.53
CA THR A 375 40.14 3.02 18.38
C THR A 375 39.34 1.73 18.24
N LEU A 376 39.14 1.02 19.35
CA LEU A 376 38.42 -0.25 19.29
C LEU A 376 36.92 -0.03 19.08
N SER A 377 36.37 1.10 19.53
CA SER A 377 34.98 1.38 19.23
C SER A 377 34.79 1.74 17.77
N HIS A 378 35.79 2.36 17.15
CA HIS A 378 35.73 2.47 15.70
C HIS A 378 35.92 1.12 15.03
N ARG A 379 36.62 0.21 15.69
CA ARG A 379 36.99 -1.02 15.03
C ARG A 379 35.87 -2.06 15.07
N TYR A 380 35.17 -2.15 16.20
CA TYR A 380 34.27 -3.27 16.44
C TYR A 380 32.80 -2.90 16.34
N ILE A 381 32.35 -1.89 17.09
CA ILE A 381 30.98 -1.43 16.97
C ILE A 381 30.84 -0.62 15.70
N ALA A 382 30.21 -1.20 14.69
CA ALA A 382 29.86 -0.47 13.47
C ALA A 382 28.39 -0.12 13.42
N ASP A 383 27.67 -0.32 14.53
CA ASP A 383 26.24 -0.05 14.62
C ASP A 383 25.99 1.41 15.01
N ARG A 384 26.55 1.83 16.14
CA ARG A 384 26.48 3.23 16.56
C ARG A 384 27.50 4.04 15.77
N GLN A 385 27.74 5.29 16.16
CA GLN A 385 28.81 6.09 15.56
C GLN A 385 29.58 6.84 16.63
N LEU A 386 30.80 7.23 16.28
CA LEU A 386 31.65 8.03 17.14
C LEU A 386 31.12 9.46 17.20
N PRO A 387 31.28 10.14 18.33
CA PRO A 387 31.90 9.77 19.60
C PRO A 387 30.98 9.20 20.67
N ASP A 388 29.69 9.04 20.41
CA ASP A 388 28.76 8.72 21.49
C ASP A 388 28.95 7.30 22.01
N LYS A 389 29.31 6.36 21.13
CA LYS A 389 29.59 5.01 21.58
C LYS A 389 30.83 4.95 22.45
N ALA A 390 31.83 5.79 22.14
CA ALA A 390 33.02 5.85 22.96
C ALA A 390 32.72 6.41 24.34
N ILE A 391 31.88 7.44 24.38
CA ILE A 391 31.46 8.04 25.64
C ILE A 391 30.64 7.06 26.46
N ASP A 392 29.83 6.23 25.80
CA ASP A 392 29.08 5.19 26.51
C ASP A 392 30.01 4.16 27.12
N LEU A 393 31.06 3.77 26.38
CA LEU A 393 32.08 2.86 26.92
C LEU A 393 32.73 3.44 28.16
N ILE A 394 33.18 4.70 28.06
CA ILE A 394 33.87 5.36 29.17
C ILE A 394 32.96 5.46 30.38
N ASP A 395 31.70 5.81 30.17
CA ASP A 395 30.83 6.07 31.30
C ASP A 395 30.38 4.79 31.98
N GLU A 396 30.13 3.72 31.22
CA GLU A 396 29.76 2.48 31.90
C GLU A 396 30.98 1.82 32.54
N ALA A 397 32.18 2.06 32.01
CA ALA A 397 33.38 1.62 32.70
C ALA A 397 33.55 2.36 34.03
N ALA A 398 33.24 3.67 34.02
CA ALA A 398 33.31 4.44 35.25
C ALA A 398 32.29 3.96 36.27
N SER A 399 31.09 3.62 35.81
CA SER A 399 30.08 3.13 36.73
C SER A 399 30.42 1.74 37.26
N SER A 400 31.07 0.91 36.43
CA SER A 400 31.50 -0.40 36.89
C SER A 400 32.56 -0.28 37.97
N ILE A 401 33.50 0.64 37.79
CA ILE A 401 34.50 0.92 38.83
C ILE A 401 33.82 1.46 40.08
N ARG A 402 32.83 2.35 39.90
CA ARG A 402 32.15 2.96 41.04
C ARG A 402 31.35 1.94 41.84
N MET A 403 30.80 0.92 41.18
CA MET A 403 30.14 -0.13 41.95
C MET A 403 31.13 -1.14 42.54
N GLN A 404 32.24 -1.42 41.85
CA GLN A 404 33.23 -2.33 42.43
C GLN A 404 33.97 -1.71 43.61
N ILE A 405 33.92 -0.38 43.76
CA ILE A 405 34.39 0.23 45.00
C ILE A 405 33.50 -0.21 46.17
N ASP A 406 32.19 -0.16 45.99
CA ASP A 406 31.25 -0.43 47.07
C ASP A 406 30.41 -1.68 46.79
N SER A 407 31.07 -2.73 46.30
CA SER A 407 30.48 -4.06 46.26
C SER A 407 31.06 -4.97 47.33
N LYS A 408 31.89 -4.45 48.21
CA LYS A 408 32.56 -5.23 49.23
C LYS A 408 32.99 -4.34 50.39
N LEU A 527 39.08 -2.51 43.90
CA LEU A 527 39.35 -1.43 44.84
C LEU A 527 40.08 -0.27 44.17
N ARG A 528 39.91 -0.16 42.86
CA ARG A 528 40.56 0.90 42.10
C ARG A 528 39.79 2.20 42.20
N ASN A 529 40.41 3.27 41.72
CA ASN A 529 39.68 4.47 41.33
C ASN A 529 40.14 4.96 39.96
N LYS A 530 40.87 4.13 39.23
CA LYS A 530 41.46 4.48 37.96
C LYS A 530 40.97 3.52 36.88
N VAL A 531 40.42 4.06 35.81
CA VAL A 531 39.87 3.27 34.72
C VAL A 531 40.98 2.99 33.71
N THR A 532 41.28 1.72 33.49
CA THR A 532 42.22 1.31 32.47
C THR A 532 41.48 0.53 31.40
N ASP A 533 42.21 0.19 30.32
CA ASP A 533 41.57 -0.43 29.18
C ASP A 533 41.20 -1.88 29.42
N ALA A 534 41.65 -2.49 30.52
CA ALA A 534 41.10 -3.79 30.91
C ALA A 534 39.63 -3.66 31.26
N GLU A 535 39.26 -2.57 31.93
CA GLU A 535 37.86 -2.30 32.21
C GLU A 535 37.09 -2.02 30.93
N ILE A 536 37.72 -1.33 29.98
CA ILE A 536 37.12 -1.07 28.68
C ILE A 536 36.88 -2.37 27.94
N ALA A 537 37.82 -3.31 28.05
CA ALA A 537 37.68 -4.61 27.40
C ALA A 537 36.56 -5.42 28.04
N GLU A 538 36.44 -5.36 29.37
CA GLU A 538 35.36 -6.08 30.05
C GLU A 538 33.99 -5.50 29.70
N VAL A 539 33.90 -4.16 29.64
CA VAL A 539 32.64 -3.51 29.26
C VAL A 539 32.27 -3.83 27.82
N LEU A 540 33.25 -3.75 26.91
CA LEU A 540 32.99 -4.04 25.51
C LEU A 540 32.68 -5.51 25.27
N ALA A 541 33.21 -6.40 26.13
CA ALA A 541 32.79 -7.79 26.07
C ALA A 541 31.37 -7.97 26.56
N ARG A 542 30.94 -7.15 27.53
CA ARG A 542 29.54 -7.22 27.92
C ARG A 542 28.62 -6.66 26.85
N TRP A 543 29.10 -5.69 26.05
CA TRP A 543 28.31 -5.19 24.93
C TRP A 543 28.18 -6.24 23.84
N THR A 544 29.31 -6.63 23.24
CA THR A 544 29.28 -7.35 21.98
C THR A 544 29.86 -8.76 22.05
N GLY A 545 30.59 -9.11 23.11
CA GLY A 545 31.05 -10.47 23.30
C GLY A 545 32.33 -10.83 22.57
N ILE A 546 32.86 -9.93 21.76
CA ILE A 546 34.04 -10.20 20.93
C ILE A 546 35.28 -10.31 21.83
N PRO A 547 36.23 -11.24 21.54
CA PRO A 547 37.49 -11.29 22.30
C PRO A 547 38.38 -10.09 22.07
N VAL A 548 37.99 -8.96 22.66
CA VAL A 548 38.74 -7.71 22.53
C VAL A 548 40.03 -7.77 23.33
N SER A 549 40.01 -8.52 24.43
CA SER A 549 41.12 -8.55 25.36
C SER A 549 42.34 -9.20 24.74
N ARG A 550 43.51 -8.78 25.19
CA ARG A 550 44.76 -9.33 24.70
C ARG A 550 45.04 -10.66 25.40
N MET A 551 46.26 -11.16 25.26
CA MET A 551 46.63 -12.45 25.83
C MET A 551 46.74 -12.36 27.34
N MET A 552 45.86 -13.09 28.03
CA MET A 552 45.84 -13.15 29.48
C MET A 552 46.61 -14.35 30.02
N GLU A 553 47.49 -14.93 29.21
CA GLU A 553 48.32 -16.10 29.51
C GLU A 553 47.49 -17.34 29.86
N SER A 554 46.24 -17.38 29.43
CA SER A 554 45.42 -18.57 29.47
C SER A 554 44.92 -18.97 28.09
N GLU A 555 44.46 -18.00 27.29
CA GLU A 555 44.20 -18.23 25.89
C GLU A 555 45.46 -18.11 25.05
N ARG A 556 46.54 -17.55 25.59
CA ARG A 556 47.79 -17.53 24.86
C ARG A 556 48.46 -18.90 24.87
N GLU A 557 48.33 -19.62 25.99
CA GLU A 557 48.74 -21.03 26.02
C GLU A 557 47.86 -21.86 25.10
N LYS A 558 46.62 -21.44 24.90
CA LYS A 558 45.76 -22.07 23.90
C LYS A 558 46.27 -21.79 22.49
N LEU A 559 46.64 -20.53 22.21
CA LEU A 559 47.01 -20.17 20.84
C LEU A 559 48.39 -20.67 20.45
N LEU A 560 49.32 -20.77 21.41
CA LEU A 560 50.63 -21.30 21.07
C LEU A 560 50.57 -22.80 20.83
N ARG A 561 49.59 -23.48 21.42
CA ARG A 561 49.34 -24.88 21.17
C ARG A 561 48.04 -25.08 20.40
N MET A 562 47.71 -24.12 19.53
CA MET A 562 46.45 -24.13 18.79
C MET A 562 46.34 -25.37 17.92
N GLU A 563 47.47 -25.81 17.37
CA GLU A 563 47.51 -27.08 16.66
C GLU A 563 47.23 -28.23 17.60
N GLN A 564 47.89 -28.25 18.76
CA GLN A 564 47.66 -29.27 19.76
C GLN A 564 46.25 -29.18 20.36
N GLU A 565 45.69 -27.96 20.39
CA GLU A 565 44.28 -27.82 20.74
C GLU A 565 43.38 -28.50 19.72
N LEU A 566 43.59 -28.22 18.44
CA LEU A 566 42.72 -28.75 17.41
C LEU A 566 42.95 -30.23 17.15
N HIS A 567 44.04 -30.80 17.64
CA HIS A 567 44.17 -32.26 17.55
C HIS A 567 43.44 -32.97 18.68
N HIS A 568 42.78 -32.26 19.58
CA HIS A 568 41.93 -32.93 20.56
C HIS A 568 40.64 -33.42 19.93
N ARG A 569 40.21 -32.80 18.83
CA ARG A 569 39.03 -33.24 18.10
C ARG A 569 39.32 -33.68 16.68
N VAL A 570 40.41 -33.20 16.07
CA VAL A 570 40.74 -33.53 14.69
C VAL A 570 42.06 -34.27 14.73
N ILE A 571 42.00 -35.59 14.70
CA ILE A 571 43.20 -36.41 14.75
C ILE A 571 43.79 -36.52 13.35
N GLY A 572 45.12 -36.37 13.25
CA GLY A 572 45.77 -36.39 11.97
C GLY A 572 45.53 -35.10 11.20
N GLN A 573 45.74 -35.20 9.88
CA GLN A 573 45.50 -34.12 8.89
C GLN A 573 46.30 -32.86 9.25
N ASN A 574 47.62 -33.05 9.36
CA ASN A 574 48.45 -32.07 10.06
C ASN A 574 48.68 -30.79 9.29
N GLU A 575 48.75 -30.87 7.95
CA GLU A 575 49.13 -29.73 7.12
C GLU A 575 48.09 -28.62 7.19
N ALA A 576 46.82 -28.99 7.10
CA ALA A 576 45.78 -27.98 7.13
C ALA A 576 45.59 -27.42 8.52
N VAL A 577 45.81 -28.22 9.57
CA VAL A 577 45.75 -27.69 10.93
C VAL A 577 46.86 -26.66 11.12
N ASP A 578 48.05 -26.95 10.58
CA ASP A 578 49.15 -25.99 10.61
C ASP A 578 48.77 -24.69 9.90
N ALA A 579 48.20 -24.81 8.70
CA ALA A 579 47.86 -23.63 7.91
C ALA A 579 46.76 -22.80 8.57
N VAL A 580 45.72 -23.44 9.08
CA VAL A 580 44.59 -22.69 9.61
C VAL A 580 44.93 -22.07 10.96
N SER A 581 45.71 -22.77 11.79
CA SER A 581 46.15 -22.16 13.03
C SER A 581 47.15 -21.04 12.78
N ASN A 582 47.94 -21.14 11.71
CA ASN A 582 48.76 -19.99 11.31
C ASN A 582 47.91 -18.83 10.84
N ALA A 583 46.76 -19.11 10.22
CA ALA A 583 45.88 -18.03 9.79
C ALA A 583 45.28 -17.29 10.96
N ILE A 584 44.84 -18.01 11.99
CA ILE A 584 44.29 -17.32 13.16
C ILE A 584 45.40 -16.62 13.94
N ARG A 585 46.58 -17.22 14.04
CA ARG A 585 47.68 -16.56 14.74
C ARG A 585 48.18 -15.33 14.00
N ARG A 586 48.05 -15.30 12.68
CA ARG A 586 48.34 -14.09 11.95
C ARG A 586 47.22 -13.07 12.07
N SER A 587 45.99 -13.51 12.33
CA SER A 587 44.91 -12.56 12.55
C SER A 587 45.05 -11.87 13.90
N ARG A 588 45.31 -12.65 14.96
CA ARG A 588 45.32 -12.09 16.30
C ARG A 588 46.54 -11.23 16.58
N ALA A 589 47.60 -11.35 15.78
CA ALA A 589 48.85 -10.65 16.03
C ALA A 589 48.89 -9.28 15.39
N GLY A 590 47.78 -8.79 14.87
CA GLY A 590 47.82 -7.51 14.20
C GLY A 590 48.48 -7.52 12.85
N LEU A 591 48.77 -8.70 12.31
CA LEU A 591 49.31 -8.81 10.96
C LEU A 591 48.22 -9.07 9.94
N ALA A 592 46.96 -8.98 10.35
CA ALA A 592 45.85 -9.23 9.45
C ALA A 592 45.67 -8.07 8.48
N ASP A 593 45.50 -8.39 7.20
CA ASP A 593 45.25 -7.38 6.18
C ASP A 593 43.88 -6.79 6.40
N PRO A 594 43.75 -5.48 6.59
CA PRO A 594 42.43 -4.89 6.88
C PRO A 594 41.55 -4.69 5.66
N ASN A 595 41.81 -5.40 4.56
CA ASN A 595 40.91 -5.45 3.43
C ASN A 595 40.40 -6.85 3.17
N ARG A 596 41.30 -7.81 3.07
CA ARG A 596 40.90 -9.18 2.85
C ARG A 596 40.37 -9.75 4.15
N PRO A 597 39.63 -10.88 4.12
CA PRO A 597 39.18 -11.48 5.38
C PRO A 597 40.31 -12.12 6.18
N ILE A 598 39.95 -12.86 7.24
CA ILE A 598 40.98 -13.55 8.02
C ILE A 598 41.66 -14.63 7.19
N GLY A 599 40.88 -15.44 6.49
CA GLY A 599 41.49 -16.36 5.57
C GLY A 599 40.50 -17.09 4.69
N SER A 600 40.81 -17.22 3.40
CA SER A 600 40.07 -18.10 2.52
C SER A 600 40.77 -19.46 2.49
N PHE A 601 39.98 -20.50 2.29
CA PHE A 601 40.55 -21.83 2.25
C PHE A 601 39.79 -22.69 1.26
N LEU A 602 40.52 -23.58 0.59
CA LEU A 602 39.95 -24.50 -0.38
C LEU A 602 40.30 -25.92 0.06
N PHE A 603 39.39 -26.59 0.74
CA PHE A 603 39.63 -27.92 1.26
C PHE A 603 39.37 -28.94 0.17
N LEU A 604 40.31 -29.84 -0.04
CA LEU A 604 40.20 -30.90 -1.01
C LEU A 604 40.42 -32.23 -0.29
N GLY A 605 40.63 -33.29 -1.07
CA GLY A 605 41.07 -34.54 -0.52
C GLY A 605 40.02 -35.63 -0.55
N PRO A 606 40.11 -36.58 0.38
CA PRO A 606 39.12 -37.65 0.43
C PRO A 606 37.78 -37.14 0.91
N THR A 607 36.71 -37.69 0.36
CA THR A 607 35.37 -37.17 0.57
C THR A 607 34.92 -37.47 1.99
N GLY A 608 34.78 -36.42 2.79
CA GLY A 608 34.19 -36.58 4.10
C GLY A 608 35.03 -37.27 5.14
N VAL A 609 36.06 -36.62 5.66
CA VAL A 609 36.82 -37.14 6.78
C VAL A 609 36.78 -36.23 8.02
N GLY A 610 36.34 -34.98 7.88
CA GLY A 610 36.66 -34.01 8.90
C GLY A 610 36.94 -32.61 8.40
N LYS A 611 36.65 -32.41 7.11
CA LYS A 611 36.29 -31.10 6.60
C LYS A 611 35.36 -30.40 7.58
N THR A 612 34.23 -31.06 7.85
CA THR A 612 33.29 -30.55 8.84
C THR A 612 33.84 -30.60 10.25
N GLU A 613 34.67 -31.60 10.58
CA GLU A 613 35.22 -31.66 11.94
C GLU A 613 36.26 -30.59 12.18
N LEU A 614 37.11 -30.30 11.20
CA LEU A 614 38.04 -29.19 11.35
C LEU A 614 37.28 -27.88 11.39
N CYS A 615 36.22 -27.75 10.59
CA CYS A 615 35.43 -26.52 10.61
C CYS A 615 34.71 -26.31 11.92
N LYS A 616 34.11 -27.36 12.48
CA LYS A 616 33.37 -27.21 13.72
C LYS A 616 34.29 -27.04 14.91
N ALA A 617 35.42 -27.75 14.93
CA ALA A 617 36.40 -27.53 15.99
C ALA A 617 37.04 -26.15 15.86
N LEU A 618 37.13 -25.62 14.64
CA LEU A 618 37.62 -24.28 14.44
C LEU A 618 36.66 -23.26 14.98
N ALA A 619 35.37 -23.48 14.77
CA ALA A 619 34.36 -22.61 15.37
C ALA A 619 34.31 -22.77 16.89
N ASN A 620 34.70 -23.95 17.38
CA ASN A 620 34.72 -24.17 18.82
C ASN A 620 35.84 -23.38 19.47
N PHE A 621 37.08 -23.64 19.07
CA PHE A 621 38.21 -22.96 19.66
C PHE A 621 38.47 -21.58 19.07
N MET A 622 37.65 -21.14 18.12
CA MET A 622 37.76 -19.75 17.67
C MET A 622 36.98 -18.82 18.58
N PHE A 623 35.65 -18.97 18.60
CA PHE A 623 34.84 -18.08 19.44
C PHE A 623 34.05 -18.81 20.51
N ASP A 624 33.08 -19.65 20.14
CA ASP A 624 32.29 -20.34 21.16
C ASP A 624 32.32 -21.85 21.04
N SER A 625 31.80 -22.42 19.97
CA SER A 625 31.29 -23.79 20.03
C SER A 625 31.03 -24.24 18.60
N ASP A 626 30.36 -25.40 18.47
CA ASP A 626 30.04 -25.98 17.18
C ASP A 626 28.77 -25.39 16.55
N GLU A 627 28.32 -24.22 17.00
CA GLU A 627 27.09 -23.64 16.52
C GLU A 627 27.26 -22.27 15.88
N ALA A 628 28.41 -21.63 16.05
CA ALA A 628 28.64 -20.31 15.46
C ALA A 628 29.30 -20.44 14.09
N MET A 629 28.72 -21.27 13.23
CA MET A 629 29.17 -21.40 11.86
C MET A 629 27.97 -21.27 10.93
N VAL A 630 28.24 -20.90 9.70
CA VAL A 630 27.21 -20.77 8.67
C VAL A 630 27.56 -21.74 7.56
N ARG A 631 26.83 -22.85 7.49
CA ARG A 631 27.07 -23.84 6.47
C ARG A 631 26.13 -23.57 5.31
N ILE A 632 26.68 -23.53 4.10
CA ILE A 632 25.90 -23.33 2.90
C ILE A 632 26.24 -24.47 1.95
N ASP A 633 25.31 -25.41 1.80
CA ASP A 633 25.56 -26.53 0.90
C ASP A 633 25.45 -26.03 -0.53
N MET A 634 26.58 -26.02 -1.24
CA MET A 634 26.61 -25.47 -2.59
C MET A 634 26.02 -26.42 -3.62
N SER A 635 25.65 -27.64 -3.21
CA SER A 635 24.95 -28.55 -4.09
C SER A 635 23.52 -28.10 -4.35
N GLU A 636 22.97 -27.23 -3.52
CA GLU A 636 21.67 -26.63 -3.79
C GLU A 636 21.73 -25.61 -4.90
N PHE A 637 22.91 -25.05 -5.15
CA PHE A 637 23.06 -23.87 -6.00
C PHE A 637 23.51 -24.28 -7.39
N MET A 638 22.58 -24.83 -8.15
CA MET A 638 22.90 -25.36 -9.46
C MET A 638 22.39 -24.53 -10.63
N GLU A 639 21.70 -23.42 -10.36
CA GLU A 639 21.24 -22.53 -11.43
C GLU A 639 21.42 -21.08 -11.01
N LYS A 640 21.13 -20.17 -11.95
CA LYS A 640 21.36 -18.75 -11.71
C LYS A 640 20.37 -18.17 -10.72
N HIS A 641 19.13 -18.65 -10.72
CA HIS A 641 18.19 -18.14 -9.74
C HIS A 641 18.54 -18.62 -8.33
N SER A 642 19.34 -19.67 -8.21
CA SER A 642 19.94 -19.96 -6.91
C SER A 642 21.01 -18.94 -6.55
N VAL A 643 21.68 -18.35 -7.54
CA VAL A 643 22.60 -17.27 -7.18
C VAL A 643 21.82 -16.05 -6.73
N SER A 644 20.65 -15.84 -7.33
CA SER A 644 19.72 -14.82 -6.83
C SER A 644 19.24 -15.14 -5.43
N ARG A 645 19.18 -16.42 -5.08
CA ARG A 645 18.91 -16.78 -3.70
C ARG A 645 20.06 -16.37 -2.79
N LEU A 646 21.29 -16.60 -3.22
CA LEU A 646 22.37 -16.43 -2.25
C LEU A 646 22.72 -14.96 -2.05
N VAL A 647 22.67 -14.14 -3.10
CA VAL A 647 22.95 -12.73 -2.91
C VAL A 647 21.71 -12.00 -2.43
N GLY A 648 20.63 -12.08 -3.17
CA GLY A 648 19.39 -11.42 -2.81
C GLY A 648 18.64 -10.96 -4.05
N ALA A 649 17.37 -10.69 -3.87
CA ALA A 649 16.52 -10.25 -4.97
C ALA A 649 16.74 -8.77 -5.24
N PRO A 650 16.73 -8.37 -6.51
CA PRO A 650 16.81 -6.94 -6.84
C PRO A 650 15.53 -6.23 -6.46
N PRO A 651 15.50 -4.89 -6.48
CA PRO A 651 14.27 -4.17 -6.19
C PRO A 651 13.15 -4.48 -7.16
N GLY A 652 11.93 -4.40 -6.66
CA GLY A 652 10.79 -4.77 -7.46
C GLY A 652 10.68 -6.24 -7.74
N TYR A 653 11.05 -7.09 -6.79
CA TYR A 653 10.89 -8.52 -6.93
C TYR A 653 10.44 -9.11 -5.60
N VAL A 654 10.17 -10.41 -5.62
CA VAL A 654 9.33 -11.05 -4.60
C VAL A 654 10.03 -11.10 -3.26
N GLY A 655 11.25 -11.60 -3.24
CA GLY A 655 11.97 -11.72 -1.99
C GLY A 655 12.95 -10.60 -1.79
N TYR A 656 12.57 -9.40 -2.23
CA TYR A 656 13.40 -8.24 -1.99
C TYR A 656 13.44 -7.86 -0.52
N GLU A 657 12.36 -8.11 0.22
CA GLU A 657 12.24 -7.50 1.53
C GLU A 657 12.98 -8.22 2.63
N GLU A 658 13.58 -9.39 2.37
CA GLU A 658 14.34 -10.07 3.40
C GLU A 658 15.75 -10.47 2.96
N GLY A 659 16.20 -10.01 1.79
CA GLY A 659 17.57 -10.19 1.39
C GLY A 659 17.92 -11.63 1.04
N GLY A 660 19.19 -11.84 0.76
CA GLY A 660 19.68 -13.14 0.38
C GLY A 660 19.91 -14.05 1.57
N TYR A 661 20.74 -15.06 1.36
CA TYR A 661 21.01 -16.00 2.43
C TYR A 661 22.41 -15.89 3.01
N LEU A 662 23.44 -15.69 2.17
CA LEU A 662 24.78 -15.49 2.72
C LEU A 662 24.91 -14.14 3.42
N THR A 663 24.56 -13.06 2.73
CA THR A 663 24.80 -11.72 3.27
C THR A 663 23.94 -11.40 4.46
N GLU A 664 22.71 -11.91 4.50
CA GLU A 664 21.93 -11.78 5.72
C GLU A 664 22.57 -12.55 6.86
N ALA A 665 23.17 -13.70 6.57
CA ALA A 665 23.81 -14.49 7.62
C ALA A 665 25.02 -13.78 8.18
N VAL A 666 25.76 -13.06 7.34
CA VAL A 666 26.94 -12.41 7.87
C VAL A 666 26.57 -11.09 8.54
N ARG A 667 25.49 -10.44 8.11
CA ARG A 667 25.00 -9.29 8.86
C ARG A 667 24.47 -9.72 10.22
N ARG A 668 23.93 -10.94 10.33
CA ARG A 668 23.62 -11.49 11.65
C ARG A 668 24.89 -11.83 12.42
N ARG A 669 25.83 -12.50 11.75
CA ARG A 669 27.03 -13.04 12.40
C ARG A 669 28.27 -12.44 11.77
N PRO A 670 28.77 -11.32 12.29
CA PRO A 670 30.01 -10.76 11.73
C PRO A 670 31.22 -11.59 12.09
N TYR A 671 31.27 -12.11 13.31
CA TYR A 671 32.42 -12.84 13.82
C TYR A 671 32.06 -14.31 13.78
N SER A 672 32.27 -14.91 12.61
CA SER A 672 31.80 -16.26 12.36
C SER A 672 32.72 -16.97 11.40
N VAL A 673 32.36 -18.20 11.07
CA VAL A 673 33.06 -18.99 10.07
C VAL A 673 32.03 -19.48 9.07
N ILE A 674 32.22 -19.15 7.81
CA ILE A 674 31.33 -19.60 6.75
C ILE A 674 31.90 -20.87 6.16
N LEU A 675 31.06 -21.88 5.99
CA LEU A 675 31.48 -23.14 5.39
C LEU A 675 30.68 -23.36 4.11
N LEU A 676 31.25 -22.97 2.98
CA LEU A 676 30.67 -23.33 1.69
C LEU A 676 31.03 -24.78 1.44
N ASP A 677 30.03 -25.65 1.43
CA ASP A 677 30.29 -27.08 1.38
C ASP A 677 29.95 -27.62 0.00
N ALA A 678 30.86 -28.44 -0.53
CA ALA A 678 30.75 -29.11 -1.83
C ALA A 678 30.58 -28.08 -2.96
N VAL A 679 31.64 -27.30 -3.15
CA VAL A 679 31.62 -26.22 -4.12
C VAL A 679 31.68 -26.71 -5.55
N GLU A 680 32.03 -27.97 -5.79
CA GLU A 680 32.13 -28.48 -7.14
C GLU A 680 30.77 -28.67 -7.80
N LYS A 681 29.70 -28.78 -7.01
CA LYS A 681 28.37 -28.94 -7.56
C LYS A 681 27.72 -27.62 -7.92
N ALA A 682 28.27 -26.52 -7.43
CA ALA A 682 27.73 -25.20 -7.74
C ALA A 682 27.99 -24.85 -9.20
N HIS A 683 27.07 -24.11 -9.78
CA HIS A 683 27.29 -23.59 -11.13
C HIS A 683 28.44 -22.61 -11.09
N PRO A 684 29.31 -22.60 -12.11
CA PRO A 684 30.56 -21.81 -12.02
C PRO A 684 30.39 -20.31 -11.94
N ASP A 685 29.18 -19.78 -12.09
CA ASP A 685 28.96 -18.36 -11.89
C ASP A 685 29.06 -17.95 -10.43
N VAL A 686 28.84 -18.88 -9.50
CA VAL A 686 28.90 -18.57 -8.07
C VAL A 686 30.31 -18.17 -7.67
N PHE A 687 31.31 -18.68 -8.39
CA PHE A 687 32.68 -18.26 -8.17
C PHE A 687 32.90 -16.78 -8.47
N ASN A 688 32.01 -16.12 -9.18
CA ASN A 688 32.13 -14.68 -9.35
C ASN A 688 31.69 -13.93 -8.09
N ILE A 689 30.64 -14.43 -7.43
CA ILE A 689 30.28 -13.91 -6.12
C ILE A 689 31.44 -14.11 -5.15
N LEU A 690 32.06 -15.27 -5.21
CA LEU A 690 33.20 -15.53 -4.35
C LEU A 690 34.44 -14.74 -4.76
N LEU A 691 34.55 -14.34 -6.04
CA LEU A 691 35.61 -13.43 -6.45
C LEU A 691 35.51 -12.13 -5.69
N GLN A 692 34.31 -11.57 -5.63
CA GLN A 692 34.11 -10.33 -4.87
C GLN A 692 34.43 -10.52 -3.39
N VAL A 693 33.89 -11.61 -2.83
CA VAL A 693 34.04 -11.99 -1.42
C VAL A 693 35.52 -12.06 -1.03
N LEU A 694 36.28 -12.84 -1.77
CA LEU A 694 37.65 -13.14 -1.44
C LEU A 694 38.62 -12.15 -2.04
N ASP A 695 38.14 -11.18 -2.79
CA ASP A 695 39.00 -10.06 -3.13
C ASP A 695 39.02 -9.07 -1.98
N ASP A 696 37.86 -8.53 -1.61
CA ASP A 696 37.91 -7.40 -0.69
C ASP A 696 37.05 -7.56 0.55
N GLY A 697 36.49 -8.73 0.80
CA GLY A 697 35.69 -8.90 1.99
C GLY A 697 34.39 -8.16 1.97
N ARG A 698 33.91 -7.77 0.81
CA ARG A 698 32.63 -7.09 0.71
C ARG A 698 31.78 -7.77 -0.34
N LEU A 699 30.48 -7.71 -0.11
CA LEU A 699 29.49 -8.31 -0.99
C LEU A 699 28.22 -7.49 -0.83
N THR A 700 27.67 -7.02 -1.94
CA THR A 700 26.49 -6.17 -1.91
C THR A 700 25.27 -7.02 -2.22
N ASP A 701 24.30 -7.05 -1.31
CA ASP A 701 23.12 -7.88 -1.57
C ASP A 701 22.13 -7.19 -2.49
N GLY A 702 20.90 -7.69 -2.49
CA GLY A 702 19.89 -7.13 -3.39
C GLY A 702 19.43 -5.75 -2.96
N GLN A 703 19.30 -5.53 -1.65
CA GLN A 703 18.73 -4.29 -1.19
C GLN A 703 19.67 -3.11 -1.27
N GLY A 704 20.86 -3.29 -1.82
CA GLY A 704 21.79 -2.19 -1.93
C GLY A 704 22.54 -1.87 -0.66
N ARG A 705 22.99 -2.89 0.07
CA ARG A 705 23.86 -2.64 1.20
C ARG A 705 25.04 -3.60 1.19
N THR A 706 26.13 -3.15 1.81
CA THR A 706 27.40 -3.84 1.81
C THR A 706 27.57 -4.59 3.13
N VAL A 707 28.26 -5.74 3.05
CA VAL A 707 28.53 -6.57 4.22
C VAL A 707 30.04 -6.71 4.35
N ASP A 708 30.55 -6.49 5.55
CA ASP A 708 31.98 -6.58 5.81
C ASP A 708 32.34 -8.02 6.15
N PHE A 709 33.21 -8.64 5.36
CA PHE A 709 33.65 -9.99 5.67
C PHE A 709 35.01 -10.04 6.34
N ARG A 710 35.51 -8.94 6.84
CA ARG A 710 36.86 -8.92 7.40
C ARG A 710 36.94 -9.43 8.82
N ASN A 711 35.92 -10.12 9.30
CA ASN A 711 35.97 -10.78 10.58
C ASN A 711 35.52 -12.24 10.46
N THR A 712 35.47 -12.76 9.25
CA THR A 712 35.04 -14.12 8.97
C THR A 712 36.20 -14.94 8.46
N VAL A 713 36.01 -16.26 8.41
CA VAL A 713 36.99 -17.18 7.85
C VAL A 713 36.22 -18.03 6.84
N VAL A 714 36.33 -17.70 5.57
CA VAL A 714 35.61 -18.44 4.54
C VAL A 714 36.37 -19.73 4.24
N ILE A 715 35.67 -20.86 4.28
CA ILE A 715 36.26 -22.16 4.03
C ILE A 715 35.40 -22.91 3.02
N MET A 716 36.02 -23.35 1.94
CA MET A 716 35.31 -24.01 0.85
C MET A 716 35.81 -25.42 0.68
N THR A 717 34.90 -26.38 0.70
CA THR A 717 35.26 -27.78 0.58
C THR A 717 34.82 -28.33 -0.77
N SER A 718 35.57 -29.28 -1.29
CA SER A 718 35.24 -29.90 -2.56
C SER A 718 35.81 -31.31 -2.58
N ASN A 719 35.78 -31.93 -3.75
CA ASN A 719 36.34 -33.27 -3.92
C ASN A 719 37.02 -33.41 -5.28
N LEU A 720 37.58 -32.32 -5.79
CA LEU A 720 38.10 -32.28 -7.15
C LEU A 720 39.44 -32.97 -7.33
N GLY A 721 39.93 -33.70 -6.33
CA GLY A 721 41.13 -34.48 -6.53
C GLY A 721 41.10 -35.79 -5.77
N SER A 722 39.90 -36.24 -5.39
CA SER A 722 39.76 -37.28 -4.38
C SER A 722 40.32 -38.62 -4.85
N ASP A 723 40.08 -38.98 -6.11
CA ASP A 723 40.65 -40.22 -6.63
C ASP A 723 42.16 -40.13 -6.75
N LEU A 724 42.67 -38.98 -7.22
CA LEU A 724 44.11 -38.80 -7.38
C LEU A 724 44.83 -38.78 -6.04
N ILE A 725 44.22 -38.15 -5.03
CA ILE A 725 44.84 -38.07 -3.72
C ILE A 725 44.74 -39.41 -3.00
N GLN A 726 43.63 -40.13 -3.17
CA GLN A 726 43.54 -41.47 -2.59
C GLN A 726 44.45 -42.47 -3.29
N GLU A 727 44.84 -42.23 -4.54
CA GLU A 727 45.74 -43.16 -5.21
C GLU A 727 47.21 -42.82 -4.98
N ARG A 728 47.65 -41.65 -5.44
CA ARG A 728 49.08 -41.37 -5.53
C ARG A 728 49.65 -40.72 -4.29
N PHE A 729 49.01 -40.90 -3.13
CA PHE A 729 49.57 -40.35 -1.91
C PHE A 729 50.81 -41.10 -1.44
N GLY A 730 50.94 -42.37 -1.81
CA GLY A 730 52.05 -43.21 -1.39
C GLY A 730 53.40 -42.72 -1.89
N GLU A 731 54.17 -42.17 -0.94
CA GLU A 731 55.54 -41.67 -1.16
C GLU A 731 55.62 -40.58 -2.23
N LEU A 732 54.55 -39.80 -2.38
CA LEU A 732 54.60 -38.52 -3.06
C LEU A 732 54.33 -37.43 -2.05
N ASP A 733 55.20 -36.43 -2.01
CA ASP A 733 55.18 -35.44 -0.94
C ASP A 733 54.00 -34.49 -1.10
N TYR A 734 53.80 -33.67 -0.06
CA TYR A 734 52.65 -32.78 0.00
C TYR A 734 52.75 -31.66 -1.01
N ALA A 735 53.96 -31.22 -1.32
CA ALA A 735 54.15 -30.08 -2.22
C ALA A 735 53.78 -30.43 -3.66
N HIS A 736 54.31 -31.56 -4.17
CA HIS A 736 54.01 -31.95 -5.54
C HIS A 736 52.57 -32.42 -5.68
N MET A 737 52.02 -33.01 -4.62
CA MET A 737 50.60 -33.36 -4.61
C MET A 737 49.73 -32.12 -4.73
N LYS A 738 50.06 -31.09 -3.96
CA LYS A 738 49.33 -29.82 -4.03
C LYS A 738 49.49 -29.17 -5.40
N GLU A 739 50.70 -29.28 -5.98
CA GLU A 739 50.95 -28.72 -7.31
C GLU A 739 50.08 -29.41 -8.36
N LEU A 740 50.01 -30.74 -8.30
CA LEU A 740 49.27 -31.48 -9.32
C LEU A 740 47.77 -31.27 -9.17
N VAL A 741 47.26 -31.31 -7.93
CA VAL A 741 45.83 -31.12 -7.76
C VAL A 741 45.44 -29.66 -7.96
N LEU A 742 46.39 -28.73 -7.78
CA LEU A 742 46.10 -27.34 -8.10
C LEU A 742 46.07 -27.13 -9.60
N GLY A 743 46.87 -27.88 -10.35
CA GLY A 743 46.72 -27.89 -11.79
C GLY A 743 45.37 -28.45 -12.22
N VAL A 744 44.89 -29.47 -11.50
CA VAL A 744 43.57 -30.03 -11.77
C VAL A 744 42.48 -28.99 -11.55
N VAL A 745 42.55 -28.27 -10.42
CA VAL A 745 41.60 -27.21 -10.12
C VAL A 745 41.73 -26.05 -11.10
N SER A 746 42.94 -25.81 -11.62
CA SER A 746 43.13 -24.81 -12.66
C SER A 746 42.40 -25.21 -13.94
N HIS A 747 42.39 -26.51 -14.25
CA HIS A 747 41.53 -26.97 -15.33
C HIS A 747 40.06 -26.86 -14.97
N ASN A 748 39.72 -26.94 -13.67
CA ASN A 748 38.33 -26.83 -13.27
C ASN A 748 37.82 -25.39 -13.35
N PHE A 749 38.46 -24.49 -12.63
CA PHE A 749 37.89 -23.18 -12.39
C PHE A 749 38.47 -22.17 -13.38
N ARG A 750 38.14 -20.96 -13.20
CA ARG A 750 38.76 -19.85 -13.89
C ARG A 750 39.99 -19.40 -13.11
N PRO A 751 41.01 -18.84 -13.77
CA PRO A 751 42.21 -18.43 -13.02
C PRO A 751 41.98 -17.26 -12.09
N GLU A 752 40.94 -16.45 -12.38
CA GLU A 752 40.60 -15.30 -11.58
C GLU A 752 40.28 -15.69 -10.14
N PHE A 753 39.56 -16.79 -9.96
CA PHE A 753 39.13 -17.17 -8.63
C PHE A 753 40.24 -17.88 -7.86
N ILE A 754 40.96 -18.78 -8.52
CA ILE A 754 42.01 -19.50 -7.80
C ILE A 754 43.23 -18.64 -7.54
N ASN A 755 43.30 -17.45 -8.17
CA ASN A 755 44.27 -16.47 -7.69
C ASN A 755 43.85 -15.90 -6.34
N ARG A 756 42.54 -15.80 -6.08
CA ARG A 756 42.04 -15.16 -4.87
C ARG A 756 42.17 -16.03 -3.63
N ILE A 757 42.46 -17.32 -3.79
CA ILE A 757 42.51 -18.24 -2.65
C ILE A 757 43.74 -17.92 -1.81
N ASP A 758 43.53 -17.81 -0.49
CA ASP A 758 44.64 -17.47 0.39
C ASP A 758 45.61 -18.63 0.50
N GLU A 759 45.10 -19.83 0.72
CA GLU A 759 45.93 -21.04 0.70
C GLU A 759 45.07 -22.26 0.42
N VAL A 760 45.25 -22.85 -0.75
CA VAL A 760 44.74 -24.19 -0.99
C VAL A 760 45.47 -25.17 -0.10
N VAL A 761 44.74 -25.96 0.67
CA VAL A 761 45.35 -27.05 1.41
C VAL A 761 44.70 -28.34 0.96
N VAL A 762 45.39 -29.44 1.22
CA VAL A 762 45.02 -30.75 0.71
C VAL A 762 44.89 -31.71 1.88
N PHE A 763 43.71 -32.27 2.06
CA PHE A 763 43.55 -33.35 3.00
C PHE A 763 44.12 -34.65 2.43
N HIS A 764 44.82 -35.38 3.27
CA HIS A 764 45.32 -36.69 2.91
C HIS A 764 44.34 -37.75 3.39
N PRO A 765 44.36 -38.95 2.79
CA PRO A 765 43.50 -40.03 3.30
C PRO A 765 43.92 -40.50 4.68
N LEU A 766 42.99 -41.18 5.33
CA LEU A 766 43.13 -41.58 6.72
C LEU A 766 43.91 -42.89 6.87
N GLY A 767 44.27 -43.20 8.11
CA GLY A 767 44.83 -44.47 8.49
C GLY A 767 43.97 -45.10 9.59
N GLU A 768 44.29 -46.35 9.92
CA GLU A 768 43.43 -47.10 10.84
C GLU A 768 43.63 -46.70 12.30
N GLN A 769 44.81 -46.18 12.66
CA GLN A 769 44.97 -45.64 14.00
C GLN A 769 44.15 -44.37 14.18
N HIS A 770 43.94 -43.61 13.10
CA HIS A 770 43.05 -42.47 13.15
C HIS A 770 41.60 -42.92 13.31
N ILE A 771 41.26 -44.05 12.69
CA ILE A 771 39.92 -44.64 12.86
C ILE A 771 39.72 -45.08 14.30
N ALA A 772 40.77 -45.63 14.91
CA ALA A 772 40.73 -45.99 16.33
C ALA A 772 40.58 -44.76 17.20
N SER A 773 41.23 -43.65 16.83
CA SER A 773 41.10 -42.41 17.59
C SER A 773 39.68 -41.84 17.50
N ILE A 774 39.07 -41.90 16.31
CA ILE A 774 37.69 -41.47 16.14
C ILE A 774 36.76 -42.34 16.97
N ALA A 775 37.02 -43.64 16.99
CA ALA A 775 36.22 -44.56 17.81
C ALA A 775 36.39 -44.27 19.29
N GLN A 776 37.59 -43.88 19.71
CA GLN A 776 37.81 -43.50 21.10
C GLN A 776 37.05 -42.23 21.46
N ILE A 777 37.00 -41.26 20.54
CA ILE A 777 36.26 -40.03 20.80
C ILE A 777 34.76 -40.30 20.89
N GLN A 778 34.26 -41.18 20.01
CA GLN A 778 32.84 -41.54 20.08
C GLN A 778 32.51 -42.32 21.35
N LEU A 779 33.44 -43.17 21.80
CA LEU A 779 33.25 -43.84 23.08
C LEU A 779 33.30 -42.85 24.25
N LYS A 780 34.13 -41.81 24.14
CA LYS A 780 34.19 -40.79 25.19
C LYS A 780 32.88 -40.01 25.29
N ARG A 781 32.32 -39.61 24.14
CA ARG A 781 31.05 -38.89 24.19
C ARG A 781 29.89 -39.81 24.58
N LEU A 782 29.99 -41.10 24.24
CA LEU A 782 28.99 -42.07 24.68
C LEU A 782 29.04 -42.26 26.18
N TYR A 783 30.25 -42.38 26.74
CA TYR A 783 30.40 -42.53 28.17
C TYR A 783 29.99 -41.25 28.90
N LYS A 784 30.19 -40.10 28.27
CA LYS A 784 29.73 -38.84 28.85
C LYS A 784 28.21 -38.78 28.93
N ARG A 785 27.54 -39.16 27.83
CA ARG A 785 26.08 -39.14 27.82
C ARG A 785 25.50 -40.17 28.78
N LEU A 786 26.10 -41.36 28.86
CA LEU A 786 25.55 -42.38 29.74
C LEU A 786 25.99 -42.22 31.19
N GLU A 787 27.02 -41.42 31.46
CA GLU A 787 27.34 -41.04 32.83
C GLU A 787 26.43 -39.91 33.29
N GLU A 788 26.04 -39.01 32.37
CA GLU A 788 24.96 -38.08 32.67
C GLU A 788 23.64 -38.81 32.88
N ARG A 789 23.44 -39.92 32.16
CA ARG A 789 22.29 -40.78 32.45
C ARG A 789 22.48 -41.50 33.78
N GLY A 790 23.68 -42.00 34.05
CA GLY A 790 23.96 -42.62 35.33
C GLY A 790 24.63 -43.97 35.26
N TYR A 791 25.15 -44.32 34.09
CA TYR A 791 25.75 -45.63 33.88
C TYR A 791 27.28 -45.54 33.87
N GLU A 792 27.91 -46.68 34.16
CA GLU A 792 29.37 -46.80 34.17
C GLU A 792 29.73 -47.98 33.26
N ILE A 793 30.23 -47.68 32.07
CA ILE A 793 30.40 -48.66 31.02
C ILE A 793 31.86 -48.69 30.58
N HIS A 794 32.43 -49.88 30.49
CA HIS A 794 33.75 -50.09 29.92
C HIS A 794 33.64 -51.01 28.70
N ILE A 795 34.67 -50.99 27.87
CA ILE A 795 34.68 -51.74 26.62
C ILE A 795 36.00 -52.49 26.51
N SER A 796 35.99 -53.58 25.75
CA SER A 796 37.22 -54.26 25.38
C SER A 796 37.84 -53.61 24.15
N ASP A 797 39.15 -53.76 24.01
CA ASP A 797 39.84 -53.24 22.83
C ASP A 797 39.52 -54.04 21.59
N GLU A 798 39.14 -55.31 21.77
CA GLU A 798 38.73 -56.15 20.65
C GLU A 798 37.45 -55.63 20.01
N ALA A 799 36.54 -55.07 20.82
CA ALA A 799 35.34 -54.46 20.26
C ALA A 799 35.68 -53.23 19.43
N LEU A 800 36.68 -52.47 19.87
CA LEU A 800 37.16 -51.33 19.08
C LEU A 800 37.82 -51.80 17.79
N LYS A 801 38.51 -52.93 17.83
CA LYS A 801 39.10 -53.48 16.62
C LYS A 801 38.02 -53.96 15.65
N LEU A 802 36.95 -54.56 16.17
CA LEU A 802 35.83 -54.94 15.32
C LEU A 802 35.12 -53.72 14.74
N LEU A 803 35.05 -52.63 15.51
CA LEU A 803 34.50 -51.38 14.97
C LEU A 803 35.39 -50.83 13.86
N SER A 804 36.71 -50.88 14.05
CA SER A 804 37.64 -50.43 13.01
C SER A 804 37.57 -51.31 11.77
N GLU A 805 37.27 -52.60 11.94
CA GLU A 805 37.02 -53.45 10.79
C GLU A 805 35.71 -53.09 10.10
N ASN A 806 34.68 -52.80 10.87
CA ASN A 806 33.34 -52.58 10.35
C ASN A 806 33.10 -51.14 9.92
N GLY A 807 34.08 -50.27 10.04
CA GLY A 807 33.81 -48.87 9.77
C GLY A 807 34.73 -48.11 8.84
N TYR A 808 35.23 -48.73 7.76
CA TYR A 808 36.08 -47.99 6.85
C TYR A 808 35.93 -48.48 5.41
N ASP A 809 35.91 -47.51 4.49
CA ASP A 809 36.12 -47.69 3.07
C ASP A 809 36.92 -46.49 2.57
N PRO A 810 37.67 -46.63 1.48
CA PRO A 810 38.39 -45.46 0.96
C PRO A 810 37.47 -44.40 0.38
N VAL A 811 36.31 -44.80 -0.15
CA VAL A 811 35.48 -43.84 -0.88
C VAL A 811 34.63 -42.97 0.03
N TYR A 812 34.32 -43.41 1.25
CA TYR A 812 33.49 -42.63 2.16
C TYR A 812 34.26 -42.19 3.40
N GLY A 813 35.02 -43.09 4.00
CA GLY A 813 35.81 -42.72 5.16
C GLY A 813 35.18 -43.10 6.49
N ALA A 814 34.96 -42.09 7.34
CA ALA A 814 34.58 -42.34 8.73
C ALA A 814 33.08 -42.32 8.97
N ARG A 815 32.28 -41.94 7.99
CA ARG A 815 30.83 -42.05 8.15
C ARG A 815 30.32 -43.51 8.16
N PRO A 816 30.95 -44.47 7.44
CA PRO A 816 30.73 -45.87 7.81
C PRO A 816 31.06 -46.21 9.26
N LEU A 817 32.10 -45.62 9.84
CA LEU A 817 32.38 -45.86 11.25
C LEU A 817 31.29 -45.27 12.13
N LYS A 818 30.75 -44.11 11.73
CA LYS A 818 29.68 -43.48 12.49
C LYS A 818 28.42 -44.32 12.49
N ARG A 819 28.01 -44.78 11.31
CA ARG A 819 26.81 -45.61 11.25
C ARG A 819 27.05 -47.00 11.83
N ALA A 820 28.30 -47.49 11.80
CA ALA A 820 28.60 -48.78 12.41
C ALA A 820 28.53 -48.72 13.92
N ILE A 821 29.10 -47.65 14.51
CA ILE A 821 28.98 -47.42 15.96
C ILE A 821 27.52 -47.25 16.35
N GLN A 822 26.78 -46.46 15.55
CA GLN A 822 25.38 -46.16 15.86
C GLN A 822 24.51 -47.41 15.81
N GLN A 823 24.69 -48.25 14.79
CA GLN A 823 23.91 -49.47 14.68
C GLN A 823 24.33 -50.50 15.73
N GLN A 824 25.63 -50.80 15.81
CA GLN A 824 26.09 -51.88 16.67
C GLN A 824 26.15 -51.51 18.14
N ILE A 825 25.85 -50.26 18.52
CA ILE A 825 25.80 -49.87 19.92
C ILE A 825 24.43 -49.33 20.30
N GLU A 826 23.93 -48.33 19.56
CA GLU A 826 22.70 -47.67 19.98
C GLU A 826 21.47 -48.57 19.83
N ASN A 827 21.50 -49.50 18.90
CA ASN A 827 20.38 -50.41 18.76
C ASN A 827 20.39 -51.55 19.78
N PRO A 828 21.48 -52.39 19.96
CA PRO A 828 21.32 -53.52 20.88
C PRO A 828 21.44 -53.14 22.35
N LEU A 829 22.33 -52.19 22.68
CA LEU A 829 22.62 -51.90 24.08
C LEU A 829 21.49 -51.13 24.73
N ALA A 830 20.91 -50.16 24.02
CA ALA A 830 19.76 -49.44 24.56
C ALA A 830 18.54 -50.35 24.64
N GLN A 831 18.45 -51.36 23.76
CA GLN A 831 17.40 -52.35 23.88
C GLN A 831 17.60 -53.21 25.12
N GLN A 832 18.86 -53.54 25.43
CA GLN A 832 19.13 -54.29 26.66
C GLN A 832 18.88 -53.45 27.91
N ILE A 833 19.13 -52.14 27.83
CA ILE A 833 18.89 -51.26 28.97
C ILE A 833 17.40 -51.09 29.21
N LEU A 834 16.64 -50.83 28.14
CA LEU A 834 15.21 -50.58 28.28
C LEU A 834 14.40 -51.86 28.42
N SER A 835 15.04 -53.02 28.49
CA SER A 835 14.36 -54.28 28.75
C SER A 835 14.22 -54.57 30.24
N GLY A 836 14.53 -53.60 31.10
CA GLY A 836 14.53 -53.84 32.53
C GLY A 836 15.62 -54.78 32.99
N GLU A 837 16.78 -54.73 32.35
CA GLU A 837 17.86 -55.68 32.58
C GLU A 837 19.07 -55.05 33.25
N LEU A 838 19.52 -53.90 32.76
CA LEU A 838 20.76 -53.29 33.22
C LEU A 838 20.49 -52.29 34.34
N VAL A 839 21.47 -52.15 35.23
CA VAL A 839 21.34 -51.37 36.45
C VAL A 839 22.35 -50.23 36.38
N PRO A 840 21.95 -48.99 36.65
CA PRO A 840 22.93 -47.90 36.72
C PRO A 840 23.86 -48.07 37.91
N GLY A 841 25.09 -47.58 37.73
CA GLY A 841 26.12 -47.68 38.74
C GLY A 841 27.01 -48.90 38.61
N LYS A 842 26.48 -50.00 38.08
CA LYS A 842 27.28 -51.20 37.89
C LYS A 842 28.24 -51.03 36.72
N VAL A 843 29.41 -51.66 36.84
CA VAL A 843 30.42 -51.60 35.78
C VAL A 843 29.95 -52.49 34.64
N ILE A 844 29.64 -51.88 33.50
CA ILE A 844 29.08 -52.59 32.36
C ILE A 844 30.22 -52.79 31.37
N ARG A 845 30.89 -53.94 31.50
CA ARG A 845 32.00 -54.25 30.61
C ARG A 845 31.46 -54.77 29.29
N LEU A 846 31.72 -54.04 28.21
CA LEU A 846 31.24 -54.43 26.88
C LEU A 846 32.14 -55.54 26.35
N GLU A 847 31.75 -56.78 26.65
CA GLU A 847 32.47 -57.92 26.12
C GLU A 847 32.12 -58.11 24.65
N VAL A 848 32.96 -58.87 23.97
CA VAL A 848 32.82 -59.10 22.54
C VAL A 848 32.07 -60.40 22.32
N ASN A 849 31.54 -60.56 21.12
CA ASN A 849 30.98 -61.81 20.65
C ASN A 849 31.72 -62.21 19.38
N GLU A 850 31.24 -63.27 18.73
CA GLU A 850 31.80 -63.63 17.43
C GLU A 850 31.46 -62.60 16.38
N ASP A 851 30.26 -62.02 16.47
CA ASP A 851 29.83 -60.97 15.55
C ASP A 851 29.26 -59.74 16.26
N ARG A 852 29.01 -59.82 17.56
CA ARG A 852 28.30 -58.75 18.26
C ARG A 852 29.03 -58.28 19.50
N ILE A 853 28.34 -57.48 20.33
CA ILE A 853 28.88 -56.95 21.57
C ILE A 853 27.87 -57.26 22.68
N VAL A 854 28.30 -58.05 23.66
CA VAL A 854 27.44 -58.40 24.78
C VAL A 854 27.88 -57.56 25.99
N ALA A 855 26.92 -57.23 26.85
CA ALA A 855 27.17 -56.43 28.03
C ALA A 855 26.88 -57.25 29.28
N VAL A 856 27.64 -56.97 30.34
CA VAL A 856 27.53 -57.67 31.60
C VAL A 856 27.26 -56.67 32.73
N GLN A 857 26.83 -57.20 33.87
CA GLN A 857 26.61 -56.41 35.07
C GLN A 857 27.57 -56.92 36.13
N HIS A 858 28.80 -56.41 36.11
CA HIS A 858 29.82 -56.80 37.08
C HIS A 858 30.68 -55.60 37.46
N GLN B 159 -11.55 46.84 12.41
CA GLN B 159 -12.08 46.14 11.24
C GLN B 159 -11.56 44.71 11.19
N ALA B 160 -11.62 44.12 10.00
CA ALA B 160 -11.05 42.79 9.76
C ALA B 160 -9.84 42.82 8.85
N LEU B 161 -9.79 43.74 7.90
CA LEU B 161 -8.66 43.80 7.00
C LEU B 161 -7.43 44.40 7.66
N LYS B 162 -7.59 45.08 8.78
CA LYS B 162 -6.42 45.51 9.52
C LYS B 162 -5.71 44.32 10.13
N LYS B 163 -6.45 43.31 10.53
CA LYS B 163 -5.88 42.25 11.33
C LYS B 163 -5.40 41.08 10.49
N TYR B 164 -6.23 40.57 9.60
CA TYR B 164 -5.94 39.32 8.93
C TYR B 164 -5.31 39.50 7.56
N THR B 165 -4.84 40.70 7.21
CA THR B 165 -4.14 40.93 5.96
C THR B 165 -2.88 41.72 6.22
N ILE B 166 -1.94 41.63 5.28
CA ILE B 166 -0.69 42.36 5.34
C ILE B 166 -0.60 43.18 4.07
N ASP B 167 -0.53 44.50 4.20
CA ASP B 167 -0.60 45.39 3.06
C ASP B 167 0.75 45.41 2.36
N LEU B 168 0.82 44.86 1.15
CA LEU B 168 2.06 44.90 0.39
C LEU B 168 2.33 46.29 -0.14
N THR B 169 1.31 46.99 -0.60
CA THR B 169 1.50 48.32 -1.15
C THR B 169 1.93 49.33 -0.11
N GLU B 170 1.54 49.12 1.15
CA GLU B 170 2.17 49.89 2.22
C GLU B 170 3.64 49.54 2.31
N ARG B 171 3.99 48.26 2.21
CA ARG B 171 5.38 47.86 2.32
C ARG B 171 6.18 48.27 1.09
N ALA B 172 5.58 48.21 -0.09
CA ALA B 172 6.28 48.67 -1.28
C ALA B 172 6.43 50.18 -1.28
N GLU B 173 5.42 50.90 -0.79
CA GLU B 173 5.48 52.35 -0.74
C GLU B 173 6.41 52.84 0.37
N GLN B 174 6.65 52.01 1.39
CA GLN B 174 7.72 52.25 2.35
C GLN B 174 9.08 51.79 1.84
N GLY B 175 9.12 51.16 0.66
CA GLY B 175 10.37 50.71 0.10
C GLY B 175 10.99 49.53 0.79
N LYS B 176 10.18 48.58 1.27
CA LYS B 176 10.71 47.48 2.05
C LYS B 176 10.81 46.18 1.27
N LEU B 177 10.38 46.15 0.02
CA LEU B 177 10.47 44.92 -0.75
C LEU B 177 11.69 44.95 -1.65
N ASP B 178 11.99 43.80 -2.20
CA ASP B 178 13.08 43.72 -3.16
C ASP B 178 12.66 44.29 -4.51
N PRO B 179 13.59 44.88 -5.26
CA PRO B 179 13.31 45.21 -6.65
C PRO B 179 13.10 43.94 -7.44
N VAL B 180 12.24 44.02 -8.45
CA VAL B 180 11.86 42.88 -9.27
C VAL B 180 12.19 43.20 -10.72
N ILE B 181 12.94 42.31 -11.36
CA ILE B 181 13.53 42.55 -12.66
C ILE B 181 13.05 41.47 -13.61
N GLY B 182 12.63 41.86 -14.80
CA GLY B 182 12.13 40.89 -15.73
C GLY B 182 10.71 40.52 -15.34
N ARG B 183 10.34 39.28 -15.64
CA ARG B 183 8.98 38.75 -15.48
C ARG B 183 7.98 39.69 -16.14
N ASP B 184 8.08 39.78 -17.46
CA ASP B 184 7.23 40.72 -18.17
C ASP B 184 5.94 40.07 -18.65
N GLU B 185 6.04 38.94 -19.33
CA GLU B 185 4.84 38.25 -19.78
C GLU B 185 4.03 37.72 -18.60
N GLU B 186 4.68 37.40 -17.48
CA GLU B 186 3.96 36.87 -16.35
C GLU B 186 3.14 37.94 -15.64
N ILE B 187 3.71 39.13 -15.47
CA ILE B 187 2.93 40.20 -14.87
C ILE B 187 1.91 40.72 -15.87
N ARG B 188 2.20 40.68 -17.17
CA ARG B 188 1.20 41.12 -18.14
C ARG B 188 0.01 40.18 -18.18
N ARG B 189 0.22 38.88 -18.10
CA ARG B 189 -0.93 37.99 -18.06
C ARG B 189 -1.59 38.01 -16.69
N THR B 190 -0.87 38.31 -15.62
CA THR B 190 -1.52 38.49 -14.32
C THR B 190 -2.45 39.69 -14.35
N ILE B 191 -2.05 40.77 -15.01
CA ILE B 191 -2.92 41.93 -15.12
C ILE B 191 -4.05 41.67 -16.09
N GLN B 192 -3.83 40.89 -17.15
CA GLN B 192 -4.93 40.52 -18.05
C GLN B 192 -5.94 39.62 -17.37
N VAL B 193 -5.54 38.82 -16.39
CA VAL B 193 -6.50 37.99 -15.69
C VAL B 193 -7.18 38.77 -14.58
N LEU B 194 -6.47 39.64 -13.86
CA LEU B 194 -7.09 40.42 -12.80
C LEU B 194 -8.10 41.43 -13.30
N GLN B 195 -8.01 41.86 -14.55
CA GLN B 195 -9.04 42.72 -15.11
C GLN B 195 -9.98 41.92 -16.00
N ARG B 196 -10.81 41.11 -15.39
CA ARG B 196 -11.81 40.38 -16.14
C ARG B 196 -13.18 40.71 -15.58
N ARG B 197 -14.22 40.11 -16.15
CA ARG B 197 -15.52 40.30 -15.54
C ARG B 197 -15.76 39.22 -14.49
N THR B 198 -15.79 37.97 -14.90
CA THR B 198 -15.87 36.87 -13.95
C THR B 198 -14.58 36.08 -13.98
N LYS B 199 -14.28 35.45 -12.83
CA LYS B 199 -13.03 34.75 -12.56
C LYS B 199 -11.83 35.69 -12.71
N ASN B 200 -11.69 36.61 -11.77
CA ASN B 200 -10.56 37.51 -11.82
C ASN B 200 -9.28 36.92 -11.24
N ASN B 201 -9.12 35.61 -11.25
CA ASN B 201 -8.19 34.97 -10.33
C ASN B 201 -7.07 34.24 -11.03
N PRO B 202 -5.87 34.78 -11.06
CA PRO B 202 -4.74 34.05 -11.61
C PRO B 202 -4.14 33.16 -10.54
N VAL B 203 -3.12 32.40 -10.92
CA VAL B 203 -2.35 31.62 -9.98
C VAL B 203 -1.00 31.37 -10.63
N LEU B 204 0.06 31.60 -9.89
CA LEU B 204 1.40 31.50 -10.43
C LEU B 204 1.92 30.11 -10.13
N ILE B 205 2.14 29.33 -11.17
CA ILE B 205 2.61 27.96 -11.06
C ILE B 205 4.02 27.88 -11.59
N GLY B 206 4.88 27.16 -10.89
CA GLY B 206 6.22 26.86 -11.35
C GLY B 206 7.05 26.34 -10.21
N GLU B 207 8.00 25.43 -10.49
CA GLU B 207 8.76 24.72 -9.47
C GLU B 207 9.48 25.69 -8.54
N PRO B 208 9.67 25.35 -7.27
CA PRO B 208 9.98 26.38 -6.27
C PRO B 208 11.37 26.95 -6.46
N GLY B 209 11.45 28.26 -6.29
CA GLY B 209 12.67 29.01 -6.51
C GLY B 209 12.57 29.99 -7.65
N VAL B 210 11.58 29.89 -8.53
CA VAL B 210 11.56 30.70 -9.75
C VAL B 210 11.02 32.10 -9.55
N GLY B 211 10.56 32.43 -8.36
CA GLY B 211 10.17 33.81 -8.13
C GLY B 211 8.71 34.17 -8.34
N LYS B 212 7.79 33.48 -7.65
CA LYS B 212 6.36 33.75 -7.80
C LYS B 212 5.87 34.85 -6.86
N THR B 213 6.22 34.76 -5.58
CA THR B 213 6.02 35.86 -4.67
C THR B 213 6.74 37.11 -5.15
N ALA B 214 7.88 36.94 -5.82
CA ALA B 214 8.56 38.05 -6.45
C ALA B 214 7.74 38.66 -7.59
N ILE B 215 6.94 37.87 -8.31
CA ILE B 215 6.07 38.46 -9.32
C ILE B 215 5.00 39.32 -8.68
N VAL B 216 4.40 38.84 -7.59
CA VAL B 216 3.34 39.64 -6.99
C VAL B 216 3.91 40.89 -6.32
N GLU B 217 5.11 40.80 -5.76
CA GLU B 217 5.73 42.00 -5.20
C GLU B 217 6.20 42.94 -6.30
N GLY B 218 6.53 42.41 -7.48
CA GLY B 218 6.81 43.29 -8.60
C GLY B 218 5.57 43.99 -9.11
N LEU B 219 4.43 43.31 -9.07
CA LEU B 219 3.16 43.94 -9.40
C LEU B 219 2.81 45.02 -8.39
N ALA B 220 3.10 44.78 -7.11
CA ALA B 220 2.84 45.80 -6.10
C ALA B 220 3.73 47.02 -6.30
N GLN B 221 4.99 46.79 -6.66
CA GLN B 221 5.87 47.94 -6.92
C GLN B 221 5.51 48.66 -8.20
N ARG B 222 4.94 47.96 -9.19
CA ARG B 222 4.50 48.67 -10.37
C ARG B 222 3.23 49.45 -10.11
N ILE B 223 2.39 48.97 -9.20
CA ILE B 223 1.19 49.72 -8.85
C ILE B 223 1.57 50.99 -8.10
N ILE B 224 2.50 50.89 -7.15
CA ILE B 224 2.86 52.07 -6.36
C ILE B 224 3.65 53.07 -7.20
N ASN B 225 4.65 52.60 -7.94
CA ASN B 225 5.46 53.52 -8.73
C ASN B 225 4.82 53.90 -10.05
N GLY B 226 3.63 53.40 -10.34
CA GLY B 226 2.86 53.89 -11.47
C GLY B 226 3.36 53.42 -12.81
N GLU B 227 3.27 52.13 -13.08
CA GLU B 227 3.57 51.59 -14.39
C GLU B 227 2.50 50.65 -14.90
N VAL B 228 1.44 50.43 -14.13
CA VAL B 228 0.35 49.54 -14.50
C VAL B 228 -0.64 50.34 -15.34
N PRO B 229 -1.63 49.74 -15.99
CA PRO B 229 -2.66 50.53 -16.67
C PRO B 229 -3.51 51.34 -15.70
N GLU B 230 -4.37 52.18 -16.28
CA GLU B 230 -5.23 53.08 -15.52
C GLU B 230 -6.24 52.33 -14.67
N GLY B 231 -6.59 51.10 -15.07
CA GLY B 231 -7.51 50.31 -14.29
C GLY B 231 -6.95 49.81 -12.98
N LEU B 232 -5.63 49.90 -12.79
CA LEU B 232 -5.04 49.45 -11.55
C LEU B 232 -4.31 50.56 -10.81
N LYS B 233 -4.34 51.79 -11.29
CA LYS B 233 -3.72 52.91 -10.58
C LYS B 233 -4.55 53.24 -9.36
N GLY B 234 -4.09 52.83 -8.20
CA GLY B 234 -4.79 53.06 -6.96
C GLY B 234 -5.25 51.81 -6.26
N ARG B 235 -5.00 50.64 -6.83
CA ARG B 235 -5.40 49.41 -6.16
C ARG B 235 -4.48 49.11 -5.00
N ARG B 236 -5.06 48.59 -3.93
CA ARG B 236 -4.27 48.04 -2.84
C ARG B 236 -4.06 46.56 -3.12
N VAL B 237 -2.88 46.06 -2.78
CA VAL B 237 -2.59 44.65 -2.86
C VAL B 237 -2.41 44.15 -1.44
N LEU B 238 -3.41 43.44 -0.94
CA LEU B 238 -3.38 42.89 0.40
C LEU B 238 -3.07 41.41 0.34
N ALA B 239 -2.27 40.97 1.29
CA ALA B 239 -1.83 39.59 1.37
C ALA B 239 -2.60 38.90 2.47
N LEU B 240 -3.42 37.92 2.10
CA LEU B 240 -4.23 37.22 3.08
C LEU B 240 -3.34 36.33 3.93
N ASP B 241 -3.71 36.19 5.20
CA ASP B 241 -2.94 35.40 6.16
C ASP B 241 -3.78 34.19 6.57
N MET B 242 -3.57 33.05 5.91
CA MET B 242 -4.24 31.82 6.28
C MET B 242 -3.85 31.30 7.64
N GLY B 243 -2.73 31.76 8.20
CA GLY B 243 -2.37 31.34 9.54
C GLY B 243 -3.12 32.09 10.61
N ALA B 244 -3.45 33.36 10.35
CA ALA B 244 -4.14 34.15 11.35
C ALA B 244 -5.62 33.87 11.39
N LEU B 245 -6.19 33.36 10.31
CA LEU B 245 -7.63 33.15 10.27
C LEU B 245 -8.05 31.93 11.07
N VAL B 246 -7.24 30.88 11.08
CA VAL B 246 -7.55 29.73 11.91
C VAL B 246 -7.08 29.95 13.34
N ALA B 247 -6.33 31.03 13.59
CA ALA B 247 -5.43 31.12 14.74
C ALA B 247 -6.16 31.09 16.08
N GLY B 248 -7.33 31.71 16.16
CA GLY B 248 -7.96 31.76 17.46
C GLY B 248 -9.31 31.07 17.54
N ALA B 249 -9.72 30.45 16.44
CA ALA B 249 -11.08 29.96 16.30
C ALA B 249 -11.11 28.48 16.67
N LYS B 250 -11.29 28.19 17.94
CA LYS B 250 -11.58 26.82 18.31
C LYS B 250 -13.06 26.57 18.53
N TYR B 251 -13.81 27.62 18.85
CA TYR B 251 -15.25 27.51 18.93
C TYR B 251 -15.82 27.36 17.53
N ARG B 252 -16.99 26.74 17.46
CA ARG B 252 -17.62 26.48 16.19
C ARG B 252 -18.08 27.77 15.54
N GLY B 253 -17.82 27.89 14.25
CA GLY B 253 -18.28 29.01 13.51
C GLY B 253 -17.35 30.19 13.46
N GLU B 254 -16.40 30.27 14.38
CA GLU B 254 -15.64 31.52 14.51
C GLU B 254 -14.64 31.71 13.38
N PHE B 255 -14.13 30.63 12.79
CA PHE B 255 -13.36 30.77 11.55
C PHE B 255 -14.22 31.33 10.44
N GLU B 256 -15.42 30.79 10.30
CA GLU B 256 -16.32 31.25 9.26
C GLU B 256 -16.80 32.66 9.53
N GLU B 257 -16.96 33.02 10.80
CA GLU B 257 -17.30 34.40 11.15
C GLU B 257 -16.20 35.36 10.73
N ARG B 258 -14.95 35.03 11.05
CA ARG B 258 -13.80 35.83 10.63
C ARG B 258 -13.72 35.94 9.13
N LEU B 259 -13.90 34.83 8.43
CA LEU B 259 -13.67 34.83 7.00
C LEU B 259 -14.79 35.51 6.26
N LYS B 260 -16.03 35.39 6.72
CA LYS B 260 -17.07 36.15 6.05
C LYS B 260 -17.02 37.62 6.45
N GLY B 261 -16.45 37.95 7.60
CA GLY B 261 -16.14 39.34 7.87
C GLY B 261 -15.12 39.90 6.90
N VAL B 262 -14.13 39.07 6.54
CA VAL B 262 -13.16 39.46 5.51
C VAL B 262 -13.84 39.63 4.17
N LEU B 263 -14.80 38.75 3.84
CA LEU B 263 -15.49 38.85 2.57
C LEU B 263 -16.35 40.11 2.50
N ASN B 264 -17.01 40.47 3.60
CA ASN B 264 -17.75 41.73 3.67
C ASN B 264 -16.82 42.91 3.49
N ASP B 265 -15.74 42.97 4.26
CA ASP B 265 -14.89 44.14 4.21
C ASP B 265 -14.07 44.23 2.94
N LEU B 266 -13.92 43.14 2.19
CA LEU B 266 -13.30 43.23 0.88
C LEU B 266 -14.31 43.66 -0.18
N ALA B 267 -15.47 43.01 -0.23
CA ALA B 267 -16.47 43.37 -1.23
C ALA B 267 -17.11 44.72 -0.99
N LYS B 268 -16.89 45.31 0.19
CA LYS B 268 -17.34 46.65 0.49
C LYS B 268 -16.34 47.71 0.01
N GLN B 269 -15.15 47.31 -0.42
CA GLN B 269 -14.11 48.22 -0.94
C GLN B 269 -14.35 48.64 -2.38
N GLU B 270 -15.50 48.29 -2.96
CA GLU B 270 -15.90 48.63 -4.33
C GLU B 270 -14.94 48.06 -5.37
N GLY B 271 -14.29 46.94 -5.06
CA GLY B 271 -13.38 46.35 -6.01
C GLY B 271 -12.11 47.14 -6.14
N ASN B 272 -11.39 47.26 -5.03
CA ASN B 272 -10.15 48.01 -5.00
C ASN B 272 -8.99 47.20 -4.46
N VAL B 273 -9.24 46.13 -3.74
CA VAL B 273 -8.20 45.41 -3.03
C VAL B 273 -7.95 44.13 -3.80
N ILE B 274 -6.78 44.03 -4.44
CA ILE B 274 -6.37 42.78 -5.09
C ILE B 274 -5.89 41.82 -4.02
N LEU B 275 -6.58 40.70 -3.87
CA LEU B 275 -6.27 39.78 -2.80
C LEU B 275 -5.14 38.87 -3.23
N PHE B 276 -4.21 38.59 -2.32
CA PHE B 276 -3.06 37.75 -2.64
C PHE B 276 -2.89 36.66 -1.59
N ILE B 277 -2.87 35.42 -2.03
CA ILE B 277 -2.71 34.28 -1.16
C ILE B 277 -1.52 33.49 -1.68
N ASP B 278 -0.34 33.77 -1.17
CA ASP B 278 0.75 32.82 -1.33
C ASP B 278 0.39 31.57 -0.55
N ALA B 279 0.77 30.41 -1.11
CA ALA B 279 0.31 29.10 -0.68
C ALA B 279 -1.22 29.01 -0.74
N LEU B 280 -1.71 29.04 -1.97
CA LEU B 280 -3.12 28.79 -2.27
C LEU B 280 -3.55 27.41 -1.80
N HIS B 281 -2.64 26.46 -1.84
CA HIS B 281 -2.92 25.13 -1.33
C HIS B 281 -3.12 25.10 0.18
N THR B 282 -2.73 26.15 0.91
CA THR B 282 -3.16 26.26 2.29
C THR B 282 -4.64 26.62 2.36
N MET B 283 -5.08 27.49 1.44
CA MET B 283 -6.48 27.92 1.41
C MET B 283 -7.42 26.77 1.11
N VAL B 284 -6.93 25.74 0.41
CA VAL B 284 -7.76 24.60 0.02
C VAL B 284 -8.47 23.96 1.20
N GLY B 285 -7.72 23.55 2.21
CA GLY B 285 -8.32 22.89 3.35
C GLY B 285 -8.10 23.59 4.66
N ALA B 286 -8.30 24.91 4.71
CA ALA B 286 -7.79 25.71 5.82
C ALA B 286 -8.56 25.50 7.10
N GLY B 287 -9.82 25.87 7.12
CA GLY B 287 -10.57 25.80 8.35
C GLY B 287 -11.42 24.56 8.39
N LYS B 288 -10.98 23.51 7.72
CA LYS B 288 -11.79 22.29 7.58
C LYS B 288 -11.81 21.60 8.92
N ALA B 289 -12.84 21.89 9.70
CA ALA B 289 -12.99 21.36 11.04
C ALA B 289 -13.57 19.96 10.97
N ASP B 290 -14.01 19.44 12.10
CA ASP B 290 -14.81 18.23 12.06
C ASP B 290 -16.16 18.58 11.48
N GLY B 291 -16.27 18.42 10.15
CA GLY B 291 -17.48 18.67 9.37
C GLY B 291 -17.96 20.12 9.54
N ALA B 292 -17.16 21.03 9.01
CA ALA B 292 -17.54 22.44 8.92
C ALA B 292 -16.99 23.01 7.62
N MET B 293 -16.98 24.34 7.53
CA MET B 293 -16.68 25.06 6.30
C MET B 293 -15.22 25.46 6.26
N ASP B 294 -14.51 24.98 5.25
CA ASP B 294 -13.13 25.38 5.09
C ASP B 294 -13.06 26.68 4.31
N ALA B 295 -11.85 27.13 3.99
CA ALA B 295 -11.74 28.38 3.25
C ALA B 295 -12.11 28.19 1.79
N GLY B 296 -11.93 26.97 1.29
CA GLY B 296 -12.24 26.65 -0.08
C GLY B 296 -13.72 26.75 -0.39
N ASN B 297 -14.53 26.02 0.36
CA ASN B 297 -15.97 26.07 0.17
C ASN B 297 -16.59 27.41 0.55
N MET B 298 -15.90 28.24 1.32
CA MET B 298 -16.48 29.55 1.57
C MET B 298 -16.16 30.52 0.46
N LEU B 299 -14.91 30.55 0.01
CA LEU B 299 -14.56 31.53 -1.01
C LEU B 299 -15.13 31.16 -2.37
N LYS B 300 -15.31 29.86 -2.64
CA LYS B 300 -15.78 29.27 -3.90
C LYS B 300 -16.95 29.95 -4.63
N PRO B 301 -17.95 30.58 -3.97
CA PRO B 301 -18.92 31.34 -4.75
C PRO B 301 -18.62 32.82 -4.91
N ALA B 302 -17.67 33.37 -4.17
CA ALA B 302 -17.27 34.75 -4.41
C ALA B 302 -16.12 34.84 -5.38
N LEU B 303 -15.59 33.70 -5.80
CA LEU B 303 -14.53 33.63 -6.78
C LEU B 303 -15.07 33.65 -8.20
N ALA B 304 -16.07 32.84 -8.51
CA ALA B 304 -16.60 32.84 -9.87
C ALA B 304 -17.75 33.83 -10.02
N ARG B 305 -17.54 35.02 -9.50
CA ARG B 305 -18.28 36.21 -9.85
C ARG B 305 -17.34 37.39 -9.97
N GLY B 306 -16.05 37.20 -9.74
CA GLY B 306 -15.09 38.27 -9.92
C GLY B 306 -15.06 39.30 -8.82
N GLU B 307 -15.75 39.06 -7.72
CA GLU B 307 -15.73 40.02 -6.64
C GLU B 307 -14.51 39.87 -5.76
N LEU B 308 -13.73 38.83 -5.96
CA LEU B 308 -12.55 38.53 -5.15
C LEU B 308 -11.42 38.30 -6.13
N HIS B 309 -10.32 39.03 -5.99
CA HIS B 309 -9.30 39.13 -7.03
C HIS B 309 -8.08 38.27 -6.73
N CYS B 310 -8.31 37.06 -6.27
CA CYS B 310 -7.35 36.26 -5.53
C CYS B 310 -6.17 35.84 -6.40
N VAL B 311 -5.06 36.55 -6.33
CA VAL B 311 -3.83 36.09 -6.94
C VAL B 311 -3.29 34.94 -6.10
N GLY B 312 -3.42 33.74 -6.55
CA GLY B 312 -2.76 32.67 -5.86
C GLY B 312 -1.34 32.56 -6.33
N ALA B 313 -0.55 31.82 -5.58
CA ALA B 313 0.80 31.47 -6.04
C ALA B 313 1.15 30.15 -5.39
N THR B 314 0.97 29.07 -6.11
CA THR B 314 1.30 27.76 -5.57
C THR B 314 2.38 27.07 -6.39
N THR B 315 3.15 26.25 -5.69
CA THR B 315 4.12 25.38 -6.32
C THR B 315 3.39 24.37 -7.19
N LEU B 316 4.01 23.95 -8.28
CA LEU B 316 3.33 23.11 -9.24
C LEU B 316 3.09 21.70 -8.70
N ASP B 317 4.02 21.19 -7.90
CA ASP B 317 3.83 19.88 -7.30
C ASP B 317 2.69 19.91 -6.29
N GLU B 318 2.61 20.96 -5.49
CA GLU B 318 1.49 21.07 -4.58
C GLU B 318 0.22 21.53 -5.24
N TYR B 319 0.29 22.08 -6.45
CA TYR B 319 -0.94 22.24 -7.22
C TYR B 319 -1.55 20.90 -7.51
N ARG B 320 -0.75 19.96 -8.01
CA ARG B 320 -1.28 18.62 -8.28
C ARG B 320 -1.70 17.91 -7.00
N GLN B 321 -1.00 18.14 -5.89
CA GLN B 321 -1.39 17.41 -4.69
C GLN B 321 -2.64 17.98 -4.04
N TYR B 322 -2.80 19.30 -3.98
CA TYR B 322 -3.83 19.85 -3.13
C TYR B 322 -4.99 20.50 -3.87
N ILE B 323 -4.77 21.12 -5.03
CA ILE B 323 -5.82 21.92 -5.65
C ILE B 323 -6.59 21.13 -6.68
N GLU B 324 -5.91 20.30 -7.48
CA GLU B 324 -6.59 19.42 -8.42
C GLU B 324 -7.36 18.31 -7.74
N LYS B 325 -7.16 18.12 -6.44
CA LYS B 325 -8.00 17.25 -5.66
C LYS B 325 -9.41 17.80 -5.54
N ASP B 326 -9.56 19.13 -5.54
CA ASP B 326 -10.85 19.81 -5.42
C ASP B 326 -11.07 20.60 -6.69
N ALA B 327 -11.73 19.98 -7.68
CA ALA B 327 -11.74 20.49 -9.04
C ALA B 327 -12.52 21.78 -9.21
N ALA B 328 -13.39 22.14 -8.28
CA ALA B 328 -14.14 23.37 -8.47
C ALA B 328 -13.28 24.59 -8.19
N LEU B 329 -12.61 24.59 -7.04
CA LEU B 329 -11.58 25.58 -6.74
C LEU B 329 -10.45 25.55 -7.76
N GLU B 330 -10.25 24.41 -8.41
CA GLU B 330 -9.32 24.33 -9.51
C GLU B 330 -9.85 25.06 -10.74
N ARG B 331 -11.15 25.06 -11.00
CA ARG B 331 -11.55 25.82 -12.17
C ARG B 331 -11.72 27.29 -11.88
N ARG B 332 -11.77 27.72 -10.62
CA ARG B 332 -11.89 29.15 -10.41
C ARG B 332 -10.62 29.93 -10.71
N PHE B 333 -9.47 29.28 -10.70
CA PHE B 333 -8.20 29.96 -10.83
C PHE B 333 -7.62 29.72 -12.20
N GLN B 334 -7.21 30.80 -12.87
CA GLN B 334 -6.61 30.70 -14.19
C GLN B 334 -5.10 30.52 -14.07
N LYS B 335 -4.59 29.42 -14.60
CA LYS B 335 -3.20 29.04 -14.38
C LYS B 335 -2.26 29.91 -15.20
N VAL B 336 -1.38 30.63 -14.51
CA VAL B 336 -0.30 31.39 -15.13
C VAL B 336 0.98 30.64 -14.84
N PHE B 337 1.55 30.03 -15.86
CA PHE B 337 2.83 29.35 -15.68
C PHE B 337 3.92 30.38 -15.47
N VAL B 338 4.89 30.03 -14.62
CA VAL B 338 6.05 30.87 -14.38
C VAL B 338 7.28 30.09 -14.80
N ALA B 339 7.95 30.56 -15.84
CA ALA B 339 9.07 29.83 -16.40
C ALA B 339 10.29 30.01 -15.53
N GLU B 340 11.05 28.95 -15.37
CA GLU B 340 12.39 29.01 -14.80
C GLU B 340 13.26 29.86 -15.70
N PRO B 341 13.89 30.92 -15.19
CA PRO B 341 14.58 31.85 -16.08
C PRO B 341 15.90 31.29 -16.57
N SER B 342 16.43 31.92 -17.61
CA SER B 342 17.62 31.43 -18.28
C SER B 342 18.86 31.76 -17.48
N VAL B 343 20.03 31.68 -18.10
CA VAL B 343 21.20 32.22 -17.45
C VAL B 343 21.21 33.75 -17.53
N GLU B 344 20.75 34.30 -18.66
CA GLU B 344 20.87 35.73 -18.92
C GLU B 344 19.91 36.55 -18.07
N ASP B 345 18.66 36.09 -17.95
CA ASP B 345 17.70 36.74 -17.08
C ASP B 345 18.15 36.65 -15.63
N THR B 346 18.79 35.55 -15.27
CA THR B 346 19.36 35.39 -13.94
C THR B 346 20.47 36.40 -13.70
N ILE B 347 21.24 36.74 -14.74
CA ILE B 347 22.27 37.78 -14.59
C ILE B 347 21.63 39.14 -14.32
N ALA B 348 20.51 39.44 -14.99
CA ALA B 348 19.86 40.73 -14.77
C ALA B 348 19.27 40.85 -13.36
N ILE B 349 18.59 39.77 -12.92
CA ILE B 349 18.07 39.67 -11.56
C ILE B 349 19.17 39.86 -10.54
N LEU B 350 20.31 39.23 -10.78
CA LEU B 350 21.45 39.39 -9.91
C LEU B 350 22.06 40.77 -9.98
N ARG B 351 21.82 41.54 -11.03
CA ARG B 351 22.38 42.90 -11.00
C ARG B 351 21.61 43.81 -10.04
N GLY B 352 20.28 43.74 -10.09
CA GLY B 352 19.50 44.50 -9.10
C GLY B 352 19.73 44.00 -7.67
N LEU B 353 19.74 42.70 -7.49
CA LEU B 353 19.99 42.22 -6.15
C LEU B 353 21.45 42.30 -5.75
N LYS B 354 22.37 42.54 -6.69
CA LYS B 354 23.73 42.91 -6.34
C LYS B 354 23.73 44.23 -5.60
N GLU B 355 23.00 45.21 -6.14
CA GLU B 355 22.89 46.49 -5.44
C GLU B 355 22.33 46.32 -4.04
N ARG B 356 21.30 45.50 -3.90
CA ARG B 356 20.68 45.36 -2.57
C ARG B 356 21.56 44.58 -1.58
N TYR B 357 22.25 43.52 -2.04
CA TYR B 357 23.09 42.75 -1.11
C TYR B 357 24.38 43.48 -0.77
N GLU B 358 24.89 44.33 -1.66
CA GLU B 358 26.00 45.20 -1.29
C GLU B 358 25.58 46.20 -0.24
N LEU B 359 24.35 46.72 -0.34
CA LEU B 359 23.86 47.54 0.76
C LEU B 359 23.67 46.75 2.04
N HIS B 360 23.45 45.43 1.95
CA HIS B 360 23.27 44.68 3.19
C HIS B 360 24.60 44.34 3.87
N HIS B 361 25.46 43.61 3.18
CA HIS B 361 26.62 42.99 3.83
C HIS B 361 27.80 43.93 4.04
N HIS B 362 27.70 45.20 3.63
CA HIS B 362 28.80 46.16 3.62
C HIS B 362 30.01 45.67 2.82
N VAL B 363 29.76 45.11 1.64
CA VAL B 363 30.84 44.70 0.73
C VAL B 363 30.56 45.23 -0.66
N GLN B 364 31.38 44.81 -1.63
CA GLN B 364 31.14 45.05 -3.04
C GLN B 364 31.10 43.72 -3.78
N ILE B 365 30.45 43.70 -4.93
CA ILE B 365 30.33 42.50 -5.73
C ILE B 365 30.73 42.82 -7.16
N THR B 366 31.73 42.12 -7.67
CA THR B 366 32.23 42.38 -9.01
C THR B 366 31.34 41.63 -10.00
N ASP B 367 31.09 42.22 -11.16
CA ASP B 367 30.18 41.63 -12.13
C ASP B 367 30.65 40.30 -12.74
N PRO B 368 31.95 40.02 -12.85
CA PRO B 368 32.35 38.61 -13.04
C PRO B 368 31.86 37.67 -11.98
N ALA B 369 31.69 38.09 -10.73
CA ALA B 369 31.13 37.16 -9.76
C ALA B 369 29.66 36.91 -10.02
N ILE B 370 28.95 37.87 -10.61
CA ILE B 370 27.56 37.63 -10.96
C ILE B 370 27.46 36.66 -12.12
N VAL B 371 28.22 36.89 -13.20
CA VAL B 371 28.06 36.02 -14.35
C VAL B 371 28.62 34.63 -14.05
N ALA B 372 29.65 34.55 -13.20
CA ALA B 372 30.09 33.25 -12.72
C ALA B 372 29.09 32.61 -11.79
N ALA B 373 28.35 33.40 -11.02
CA ALA B 373 27.38 32.81 -10.10
C ALA B 373 26.22 32.20 -10.84
N ALA B 374 25.71 32.92 -11.85
CA ALA B 374 24.63 32.37 -12.67
C ALA B 374 25.10 31.16 -13.45
N THR B 375 26.29 31.22 -14.05
CA THR B 375 26.79 30.12 -14.86
C THR B 375 27.08 28.89 -14.01
N LEU B 376 27.78 29.06 -12.90
CA LEU B 376 28.17 27.93 -12.07
C LEU B 376 26.98 27.35 -11.33
N SER B 377 26.06 28.17 -10.83
CA SER B 377 24.90 27.62 -10.16
C SER B 377 23.98 26.93 -11.13
N HIS B 378 23.92 27.40 -12.38
CA HIS B 378 23.15 26.67 -13.37
C HIS B 378 23.83 25.37 -13.74
N ARG B 379 25.16 25.33 -13.68
CA ARG B 379 25.81 24.15 -14.22
C ARG B 379 25.95 23.03 -13.21
N TYR B 380 26.24 23.35 -11.95
CA TYR B 380 26.72 22.34 -11.03
C TYR B 380 25.75 21.96 -9.92
N ILE B 381 24.88 22.86 -9.49
CA ILE B 381 23.84 22.56 -8.52
C ILE B 381 22.60 22.15 -9.30
N ALA B 382 22.16 20.92 -9.14
CA ALA B 382 21.10 20.37 -9.98
C ALA B 382 19.82 20.07 -9.23
N ASP B 383 19.74 20.38 -7.93
CA ASP B 383 18.50 20.16 -7.20
C ASP B 383 17.70 21.45 -7.06
N ARG B 384 18.30 22.49 -6.48
CA ARG B 384 17.66 23.79 -6.40
C ARG B 384 17.60 24.44 -7.78
N GLN B 385 16.81 25.50 -7.91
CA GLN B 385 16.52 26.04 -9.23
C GLN B 385 16.85 27.52 -9.32
N LEU B 386 17.11 27.97 -10.55
CA LEU B 386 17.38 29.37 -10.82
C LEU B 386 16.12 30.19 -10.57
N PRO B 387 16.25 31.49 -10.25
CA PRO B 387 17.34 32.43 -10.09
C PRO B 387 17.60 32.58 -8.64
N ASP B 388 17.34 31.50 -7.93
CA ASP B 388 17.43 31.40 -6.49
C ASP B 388 18.74 30.80 -6.03
N LYS B 389 19.22 29.79 -6.73
CA LYS B 389 20.51 29.23 -6.39
C LYS B 389 21.65 30.18 -6.72
N ALA B 390 21.47 31.02 -7.73
CA ALA B 390 22.48 32.03 -8.03
C ALA B 390 22.59 33.07 -6.92
N ILE B 391 21.44 33.52 -6.43
CA ILE B 391 21.39 34.43 -5.30
C ILE B 391 22.00 33.81 -4.07
N ASP B 392 21.80 32.50 -3.89
CA ASP B 392 22.38 31.83 -2.74
C ASP B 392 23.90 31.79 -2.81
N LEU B 393 24.46 31.55 -3.98
CA LEU B 393 25.92 31.60 -4.10
C LEU B 393 26.45 32.99 -3.81
N ILE B 394 25.80 34.02 -4.37
CA ILE B 394 26.19 35.42 -4.15
C ILE B 394 26.17 35.78 -2.68
N ASP B 395 25.08 35.45 -2.01
CA ASP B 395 24.89 35.88 -0.64
C ASP B 395 25.79 35.12 0.31
N GLU B 396 26.04 33.84 0.06
CA GLU B 396 26.91 33.11 0.95
C GLU B 396 28.37 33.52 0.77
N ALA B 397 28.76 33.87 -0.46
CA ALA B 397 30.10 34.42 -0.70
C ALA B 397 30.28 35.74 0.01
N ALA B 398 29.26 36.60 -0.02
CA ALA B 398 29.40 37.88 0.67
C ALA B 398 29.41 37.71 2.18
N SER B 399 28.73 36.69 2.70
CA SER B 399 28.83 36.41 4.14
C SER B 399 30.23 35.97 4.52
N SER B 400 30.85 35.12 3.71
CA SER B 400 32.21 34.70 4.00
C SER B 400 33.19 35.85 3.91
N ILE B 401 32.96 36.77 2.98
CA ILE B 401 33.82 37.94 2.85
C ILE B 401 33.66 38.87 4.05
N ARG B 402 32.44 39.03 4.54
CA ARG B 402 32.25 39.86 5.72
C ARG B 402 32.86 39.22 6.97
N MET B 403 32.82 37.89 7.06
CA MET B 403 33.52 37.22 8.16
C MET B 403 35.03 37.37 8.02
N GLN B 404 35.56 37.35 6.81
CA GLN B 404 37.00 37.53 6.66
C GLN B 404 37.43 38.97 6.96
N ILE B 405 36.53 39.94 6.77
CA ILE B 405 36.79 41.27 7.29
C ILE B 405 36.80 41.25 8.81
N ASP B 406 35.81 40.59 9.41
CA ASP B 406 35.62 40.68 10.84
C ASP B 406 36.56 39.77 11.64
N SER B 407 37.30 38.87 10.97
CA SER B 407 38.09 37.90 11.71
C SER B 407 39.40 38.51 12.20
N LYS B 408 40.28 38.87 11.28
CA LYS B 408 41.59 39.39 11.62
C LYS B 408 42.15 40.25 10.51
N LEU B 527 42.27 39.93 3.86
CA LEU B 527 41.88 41.32 3.98
C LEU B 527 41.12 41.79 2.75
N ARG B 528 40.17 40.97 2.29
CA ARG B 528 39.41 41.25 1.09
C ARG B 528 38.09 41.92 1.45
N ASN B 529 37.57 42.72 0.51
CA ASN B 529 36.18 43.16 0.57
C ASN B 529 35.54 43.11 -0.82
N LYS B 530 36.02 42.21 -1.68
CA LYS B 530 35.48 42.07 -3.01
C LYS B 530 35.10 40.62 -3.25
N VAL B 531 33.85 40.41 -3.68
CA VAL B 531 33.40 39.11 -4.14
C VAL B 531 33.77 39.03 -5.62
N THR B 532 34.80 38.26 -5.93
CA THR B 532 35.08 37.95 -7.32
C THR B 532 34.66 36.52 -7.59
N ASP B 533 34.90 36.06 -8.82
CA ASP B 533 34.49 34.72 -9.23
C ASP B 533 35.23 33.61 -8.50
N ALA B 534 36.40 33.92 -7.92
CA ALA B 534 37.07 32.95 -7.06
C ALA B 534 36.26 32.67 -5.81
N GLU B 535 35.54 33.67 -5.29
CA GLU B 535 34.69 33.45 -4.13
C GLU B 535 33.52 32.54 -4.47
N ILE B 536 32.90 32.75 -5.63
CA ILE B 536 31.79 31.92 -6.05
C ILE B 536 32.26 30.51 -6.32
N ALA B 537 33.47 30.37 -6.85
CA ALA B 537 34.05 29.05 -7.06
C ALA B 537 34.27 28.33 -5.75
N GLU B 538 34.77 29.03 -4.72
CA GLU B 538 34.98 28.38 -3.44
C GLU B 538 33.67 28.00 -2.77
N VAL B 539 32.67 28.89 -2.83
CA VAL B 539 31.38 28.60 -2.21
C VAL B 539 30.69 27.45 -2.91
N LEU B 540 30.83 27.38 -4.22
CA LEU B 540 30.25 26.27 -4.96
C LEU B 540 30.99 24.96 -4.70
N ALA B 541 32.31 25.02 -4.53
CA ALA B 541 33.04 23.80 -4.23
C ALA B 541 32.73 23.29 -2.83
N ARG B 542 32.45 24.20 -1.90
CA ARG B 542 32.09 23.73 -0.57
C ARG B 542 30.65 23.24 -0.52
N TRP B 543 29.76 23.84 -1.32
CA TRP B 543 28.37 23.43 -1.34
C TRP B 543 28.23 22.03 -1.92
N THR B 544 28.59 21.86 -3.18
CA THR B 544 28.38 20.61 -3.90
C THR B 544 29.46 19.60 -3.63
N GLY B 545 30.71 19.99 -3.84
CA GLY B 545 31.81 19.07 -3.68
C GLY B 545 32.79 19.14 -4.83
N ILE B 546 32.35 19.65 -5.97
CA ILE B 546 33.19 19.65 -7.18
C ILE B 546 34.28 20.71 -7.04
N PRO B 547 35.52 20.38 -7.23
CA PRO B 547 36.60 21.37 -7.12
C PRO B 547 36.63 22.34 -8.30
N VAL B 548 35.90 23.44 -8.18
CA VAL B 548 35.89 24.48 -9.21
C VAL B 548 36.86 25.62 -8.88
N SER B 549 37.46 25.62 -7.69
CA SER B 549 38.22 26.76 -7.20
C SER B 549 39.50 26.97 -7.99
N ARG B 550 40.20 28.07 -7.69
CA ARG B 550 41.47 28.36 -8.33
C ARG B 550 42.52 27.36 -7.88
N MET B 551 43.29 26.86 -8.83
CA MET B 551 44.34 25.90 -8.52
C MET B 551 45.49 26.64 -7.86
N MET B 552 45.49 26.65 -6.53
CA MET B 552 46.66 27.13 -5.83
C MET B 552 47.80 26.12 -5.99
N GLU B 553 49.03 26.59 -5.72
CA GLU B 553 50.23 25.93 -6.22
C GLU B 553 50.42 24.54 -5.62
N SER B 554 49.89 24.33 -4.41
CA SER B 554 49.87 23.01 -3.81
C SER B 554 49.12 22.02 -4.69
N GLU B 555 47.94 22.41 -5.18
CA GLU B 555 47.15 21.51 -6.02
C GLU B 555 47.79 21.26 -7.38
N ARG B 556 48.47 22.25 -7.93
CA ARG B 556 48.96 22.10 -9.30
C ARG B 556 50.24 21.25 -9.33
N GLU B 557 51.17 21.58 -8.42
CA GLU B 557 52.33 20.70 -8.23
C GLU B 557 51.90 19.33 -7.74
N LYS B 558 50.81 19.28 -6.97
CA LYS B 558 50.22 18.02 -6.54
C LYS B 558 49.66 17.23 -7.71
N LEU B 559 49.27 17.88 -8.78
CA LEU B 559 48.69 17.14 -9.89
C LEU B 559 49.76 16.58 -10.84
N LEU B 560 50.85 17.32 -11.03
CA LEU B 560 51.99 16.68 -11.68
C LEU B 560 52.56 15.56 -10.80
N ARG B 561 52.56 15.78 -9.49
CA ARG B 561 52.78 14.69 -8.57
C ARG B 561 51.66 13.66 -8.57
N MET B 562 50.48 13.94 -9.11
CA MET B 562 49.45 12.89 -9.20
C MET B 562 49.85 11.87 -10.23
N GLU B 563 50.43 12.32 -11.35
CA GLU B 563 51.13 11.39 -12.23
C GLU B 563 52.18 10.57 -11.45
N GLN B 564 53.04 11.28 -10.70
CA GLN B 564 54.12 10.59 -10.00
C GLN B 564 53.61 9.68 -8.87
N GLU B 565 52.55 10.06 -8.18
CA GLU B 565 52.04 9.28 -7.06
C GLU B 565 51.19 8.10 -7.48
N LEU B 566 50.49 8.19 -8.62
CA LEU B 566 49.87 6.97 -9.11
C LEU B 566 50.93 6.00 -9.61
N HIS B 567 52.09 6.49 -10.05
CA HIS B 567 53.16 5.53 -10.20
C HIS B 567 53.70 5.05 -8.86
N HIS B 568 53.56 5.84 -7.79
CA HIS B 568 54.02 5.38 -6.48
C HIS B 568 53.18 4.24 -5.92
N ARG B 569 51.88 4.21 -6.17
CA ARG B 569 51.14 3.02 -5.74
C ARG B 569 51.01 1.96 -6.82
N VAL B 570 50.89 2.36 -8.07
CA VAL B 570 50.77 1.41 -9.17
C VAL B 570 52.04 1.58 -10.00
N ILE B 571 53.04 0.78 -9.67
CA ILE B 571 54.19 0.63 -10.54
C ILE B 571 53.78 -0.25 -11.71
N GLY B 572 54.42 -0.03 -12.85
CA GLY B 572 53.97 -0.54 -14.12
C GLY B 572 52.87 0.34 -14.68
N GLN B 573 52.40 -0.05 -15.87
CA GLN B 573 51.17 0.46 -16.48
C GLN B 573 51.21 1.97 -16.71
N ASN B 574 52.15 2.37 -17.58
CA ASN B 574 52.32 3.79 -17.85
C ASN B 574 51.13 4.36 -18.62
N GLU B 575 50.58 3.56 -19.53
CA GLU B 575 49.49 4.01 -20.40
C GLU B 575 48.25 4.38 -19.62
N ALA B 576 47.92 3.58 -18.61
CA ALA B 576 46.70 3.80 -17.85
C ALA B 576 46.80 5.02 -16.96
N VAL B 577 47.91 5.15 -16.24
CA VAL B 577 48.10 6.31 -15.38
C VAL B 577 48.17 7.58 -16.21
N ASP B 578 48.78 7.50 -17.39
CA ASP B 578 48.82 8.67 -18.26
C ASP B 578 47.43 9.02 -18.79
N ALA B 579 46.61 8.01 -19.12
CA ALA B 579 45.26 8.28 -19.61
C ALA B 579 44.38 8.88 -18.53
N VAL B 580 44.47 8.35 -17.31
CA VAL B 580 43.67 8.87 -16.21
C VAL B 580 44.11 10.28 -15.85
N SER B 581 45.42 10.53 -15.85
CA SER B 581 45.92 11.86 -15.55
C SER B 581 45.54 12.86 -16.63
N ASN B 582 45.46 12.41 -17.89
CA ASN B 582 44.95 13.28 -18.94
C ASN B 582 43.50 13.62 -18.69
N ALA B 583 42.71 12.67 -18.19
CA ALA B 583 41.30 12.93 -17.93
C ALA B 583 41.12 13.97 -16.83
N ILE B 584 41.88 13.85 -15.74
CA ILE B 584 41.74 14.83 -14.68
C ILE B 584 42.41 16.16 -15.04
N ARG B 585 43.36 16.18 -15.96
CA ARG B 585 43.84 17.46 -16.45
C ARG B 585 42.81 18.15 -17.33
N ARG B 586 42.07 17.39 -18.13
CA ARG B 586 40.99 17.98 -18.91
C ARG B 586 39.90 18.51 -18.01
N SER B 587 39.63 17.82 -16.90
CA SER B 587 38.59 18.29 -16.01
C SER B 587 39.01 19.52 -15.23
N ARG B 588 40.16 19.46 -14.56
CA ARG B 588 40.53 20.52 -13.63
C ARG B 588 40.93 21.81 -14.34
N ALA B 589 41.50 21.71 -15.53
CA ALA B 589 41.83 22.92 -16.24
C ALA B 589 40.61 23.56 -16.89
N GLY B 590 39.53 22.81 -17.03
CA GLY B 590 38.30 23.35 -17.57
C GLY B 590 38.16 23.21 -19.06
N LEU B 591 38.41 22.02 -19.59
CA LEU B 591 38.20 21.76 -21.00
C LEU B 591 37.33 20.53 -21.23
N ALA B 592 36.88 19.87 -20.18
CA ALA B 592 36.19 18.61 -20.32
C ALA B 592 34.81 18.83 -20.94
N ASP B 593 34.35 17.81 -21.65
CA ASP B 593 33.12 17.87 -22.42
C ASP B 593 31.95 17.94 -21.46
N PRO B 594 31.23 19.06 -21.38
CA PRO B 594 30.26 19.24 -20.30
C PRO B 594 29.01 18.41 -20.46
N ASN B 595 28.69 17.94 -21.65
CA ASN B 595 27.54 17.05 -21.82
C ASN B 595 27.85 15.61 -21.51
N ARG B 596 29.01 15.29 -20.98
CA ARG B 596 29.42 13.90 -20.81
C ARG B 596 30.24 13.82 -19.53
N PRO B 597 30.40 12.63 -18.95
CA PRO B 597 31.23 12.52 -17.76
C PRO B 597 32.70 12.76 -18.09
N ILE B 598 33.48 12.92 -17.02
CA ILE B 598 34.88 13.31 -17.15
C ILE B 598 35.67 12.25 -17.89
N GLY B 599 35.56 11.01 -17.45
CA GLY B 599 36.27 9.96 -18.12
C GLY B 599 35.45 8.70 -18.11
N SER B 600 35.46 7.99 -19.21
CA SER B 600 34.64 6.80 -19.34
C SER B 600 35.55 5.75 -19.96
N PHE B 601 36.25 5.00 -19.12
CA PHE B 601 37.36 4.19 -19.58
C PHE B 601 36.97 2.72 -19.68
N LEU B 602 37.96 1.90 -20.00
CA LEU B 602 37.81 0.45 -19.98
C LEU B 602 39.18 -0.11 -19.64
N PHE B 603 39.32 -0.69 -18.46
CA PHE B 603 40.60 -1.25 -18.02
C PHE B 603 40.63 -2.70 -18.44
N LEU B 604 41.21 -2.98 -19.61
CA LEU B 604 41.34 -4.37 -20.03
C LEU B 604 42.61 -4.96 -19.44
N GLY B 605 42.91 -6.21 -19.79
CA GLY B 605 44.18 -6.80 -19.42
C GLY B 605 44.09 -8.17 -18.80
N PRO B 606 45.23 -8.72 -18.40
CA PRO B 606 45.23 -10.01 -17.69
C PRO B 606 44.93 -9.85 -16.22
N THR B 607 45.02 -10.93 -15.45
CA THR B 607 44.50 -10.94 -14.09
C THR B 607 45.55 -10.47 -13.10
N GLY B 608 45.11 -9.66 -12.15
CA GLY B 608 45.96 -9.23 -11.06
C GLY B 608 47.10 -8.31 -11.44
N VAL B 609 46.86 -7.36 -12.33
CA VAL B 609 47.92 -6.48 -12.82
C VAL B 609 47.64 -5.02 -12.47
N GLY B 610 46.82 -4.76 -11.47
CA GLY B 610 46.67 -3.40 -10.99
C GLY B 610 45.54 -2.63 -11.65
N LYS B 611 44.35 -3.21 -11.67
CA LYS B 611 43.16 -2.52 -12.15
C LYS B 611 42.43 -1.90 -10.96
N THR B 612 42.00 -2.76 -10.05
CA THR B 612 41.30 -2.31 -8.85
C THR B 612 42.23 -1.49 -7.96
N GLU B 613 43.52 -1.77 -7.98
CA GLU B 613 44.41 -0.88 -7.23
C GLU B 613 44.71 0.41 -7.95
N LEU B 614 44.57 0.49 -9.27
CA LEU B 614 44.62 1.80 -9.91
C LEU B 614 43.39 2.62 -9.57
N CYS B 615 42.23 1.99 -9.50
CA CYS B 615 41.04 2.73 -9.10
C CYS B 615 41.10 3.15 -7.65
N LYS B 616 41.63 2.28 -6.78
CA LYS B 616 41.87 2.69 -5.41
C LYS B 616 42.99 3.71 -5.31
N ALA B 617 43.90 3.75 -6.28
CA ALA B 617 44.92 4.78 -6.27
C ALA B 617 44.32 6.12 -6.65
N LEU B 618 43.38 6.12 -7.60
CA LEU B 618 42.61 7.32 -7.90
C LEU B 618 41.83 7.80 -6.71
N ALA B 619 41.23 6.89 -5.97
CA ALA B 619 40.45 7.33 -4.84
C ALA B 619 41.34 7.81 -3.70
N ASN B 620 42.53 7.22 -3.56
CA ASN B 620 43.45 7.66 -2.50
C ASN B 620 44.12 8.97 -2.84
N PHE B 621 44.33 9.26 -4.12
CA PHE B 621 44.78 10.60 -4.45
C PHE B 621 43.64 11.59 -4.29
N MET B 622 42.52 11.30 -4.95
CA MET B 622 41.52 12.32 -5.25
C MET B 622 40.74 12.70 -4.00
N PHE B 623 40.49 11.74 -3.13
CA PHE B 623 39.64 11.93 -1.97
C PHE B 623 40.37 11.61 -0.68
N ASP B 624 41.63 11.17 -0.78
CA ASP B 624 42.49 10.81 0.34
C ASP B 624 41.91 9.67 1.18
N SER B 625 41.21 8.75 0.51
CA SER B 625 40.67 7.57 1.15
C SER B 625 40.37 6.53 0.08
N ASP B 626 40.63 5.27 0.40
CA ASP B 626 40.34 4.18 -0.53
C ASP B 626 38.88 3.79 -0.53
N GLU B 627 38.25 3.75 0.65
CA GLU B 627 36.84 3.42 0.73
C GLU B 627 35.98 4.68 0.68
N ALA B 628 36.30 5.58 -0.26
CA ALA B 628 35.47 6.72 -0.57
C ALA B 628 35.38 6.75 -2.09
N MET B 629 34.48 5.95 -2.63
CA MET B 629 34.26 5.80 -4.05
C MET B 629 32.98 5.01 -4.21
N VAL B 630 32.35 5.14 -5.37
CA VAL B 630 31.20 4.33 -5.68
C VAL B 630 31.73 3.07 -6.32
N ARG B 631 31.63 1.96 -5.62
CA ARG B 631 32.09 0.68 -6.12
C ARG B 631 30.90 -0.20 -6.42
N ILE B 632 30.81 -0.68 -7.64
CA ILE B 632 29.77 -1.60 -8.07
C ILE B 632 30.46 -2.87 -8.50
N ASP B 633 29.96 -4.01 -8.03
CA ASP B 633 30.51 -5.31 -8.36
C ASP B 633 29.68 -5.91 -9.47
N MET B 634 30.17 -5.82 -10.69
CA MET B 634 29.38 -6.24 -11.84
C MET B 634 29.22 -7.75 -11.96
N SER B 635 29.87 -8.54 -11.12
CA SER B 635 29.70 -9.97 -11.21
C SER B 635 28.55 -10.47 -10.34
N GLU B 636 27.71 -9.58 -9.86
CA GLU B 636 26.45 -9.93 -9.24
C GLU B 636 25.28 -9.81 -10.19
N PHE B 637 25.50 -9.23 -11.37
CA PHE B 637 24.42 -8.86 -12.28
C PHE B 637 24.30 -9.85 -13.40
N MET B 638 24.44 -11.14 -13.09
CA MET B 638 24.63 -12.13 -14.13
C MET B 638 23.35 -12.48 -14.85
N GLU B 639 22.20 -12.18 -14.27
CA GLU B 639 20.95 -12.17 -14.99
C GLU B 639 20.60 -10.75 -15.39
N LYS B 640 19.69 -10.64 -16.35
CA LYS B 640 19.37 -9.34 -16.92
C LYS B 640 18.67 -8.44 -15.93
N HIS B 641 17.88 -9.01 -15.04
CA HIS B 641 16.97 -8.21 -14.24
C HIS B 641 17.62 -7.59 -13.03
N SER B 642 18.93 -7.72 -12.86
CA SER B 642 19.62 -7.12 -11.73
C SER B 642 19.92 -5.66 -11.93
N VAL B 643 19.52 -5.09 -13.08
CA VAL B 643 19.64 -3.67 -13.38
C VAL B 643 18.92 -2.82 -12.35
N SER B 644 17.84 -3.34 -11.81
CA SER B 644 17.05 -2.59 -10.85
C SER B 644 17.76 -2.40 -9.52
N ARG B 645 18.88 -3.08 -9.31
CA ARG B 645 19.66 -2.86 -8.10
C ARG B 645 20.27 -1.48 -8.08
N LEU B 646 20.52 -0.90 -9.24
CA LEU B 646 21.07 0.44 -9.31
C LEU B 646 20.11 1.47 -9.89
N VAL B 647 19.22 1.11 -10.83
CA VAL B 647 18.28 2.13 -11.28
C VAL B 647 16.97 2.08 -10.48
N GLY B 648 16.97 1.41 -9.34
CA GLY B 648 15.81 1.41 -8.48
C GLY B 648 14.68 0.54 -9.00
N ALA B 649 13.56 0.61 -8.31
CA ALA B 649 12.37 -0.14 -8.64
C ALA B 649 11.30 0.78 -9.22
N PRO B 650 10.47 0.30 -10.13
CA PRO B 650 9.46 1.16 -10.74
C PRO B 650 8.34 1.47 -9.77
N PRO B 651 7.47 2.43 -10.07
CA PRO B 651 6.32 2.68 -9.21
C PRO B 651 5.34 1.54 -9.18
N GLY B 652 4.83 1.27 -7.98
CA GLY B 652 3.97 0.14 -7.78
C GLY B 652 4.70 -1.17 -7.64
N TYR B 653 5.95 -1.13 -7.22
CA TYR B 653 6.67 -2.37 -6.95
C TYR B 653 7.44 -2.17 -5.67
N VAL B 654 8.36 -3.09 -5.37
CA VAL B 654 8.70 -3.38 -3.99
C VAL B 654 9.63 -2.33 -3.42
N GLY B 655 10.74 -2.08 -4.09
CA GLY B 655 11.71 -1.16 -3.53
C GLY B 655 11.54 0.24 -4.06
N TYR B 656 10.33 0.78 -4.00
CA TYR B 656 10.11 2.09 -4.60
C TYR B 656 10.70 3.19 -3.73
N GLU B 657 10.29 3.25 -2.47
CA GLU B 657 10.70 4.38 -1.64
C GLU B 657 12.06 4.18 -1.01
N GLU B 658 12.92 3.35 -1.57
CA GLU B 658 14.32 3.29 -1.18
C GLU B 658 15.26 3.49 -2.35
N GLY B 659 14.79 3.35 -3.58
CA GLY B 659 15.54 3.79 -4.73
C GLY B 659 16.67 2.86 -5.09
N GLY B 660 17.47 3.31 -6.07
CA GLY B 660 18.62 2.56 -6.51
C GLY B 660 19.87 2.92 -5.75
N TYR B 661 20.87 2.07 -5.89
CA TYR B 661 22.12 2.33 -5.20
C TYR B 661 22.94 3.37 -5.93
N LEU B 662 23.05 3.25 -7.26
CA LEU B 662 23.90 4.14 -8.03
C LEU B 662 23.34 5.55 -8.07
N THR B 663 22.03 5.68 -8.28
CA THR B 663 21.43 7.00 -8.41
C THR B 663 21.44 7.73 -7.08
N GLU B 664 21.17 7.05 -5.97
CA GLU B 664 21.30 7.69 -4.68
C GLU B 664 22.75 8.01 -4.34
N ALA B 665 23.67 7.13 -4.75
CA ALA B 665 25.07 7.33 -4.45
C ALA B 665 25.61 8.56 -5.14
N VAL B 666 25.25 8.76 -6.40
CA VAL B 666 25.78 9.91 -7.11
C VAL B 666 24.97 11.16 -6.78
N ARG B 667 23.69 11.02 -6.45
CA ARG B 667 22.92 12.20 -6.05
C ARG B 667 23.37 12.73 -4.69
N ARG B 668 24.00 11.90 -3.86
CA ARG B 668 24.64 12.44 -2.67
C ARG B 668 26.04 12.96 -2.96
N ARG B 669 26.83 12.18 -3.70
CA ARG B 669 28.22 12.46 -4.02
C ARG B 669 28.31 12.79 -5.50
N PRO B 670 28.33 14.07 -5.89
CA PRO B 670 28.29 14.38 -7.33
C PRO B 670 29.57 14.06 -8.04
N TYR B 671 30.69 14.37 -7.41
CA TYR B 671 32.02 14.25 -8.00
C TYR B 671 32.67 13.00 -7.43
N SER B 672 32.52 11.88 -8.11
CA SER B 672 33.04 10.64 -7.54
C SER B 672 33.39 9.64 -8.62
N VAL B 673 34.34 8.78 -8.31
CA VAL B 673 34.77 7.74 -9.23
C VAL B 673 33.77 6.60 -9.16
N ILE B 674 33.35 6.09 -10.31
CA ILE B 674 32.52 4.91 -10.34
C ILE B 674 33.38 3.75 -10.81
N LEU B 675 33.45 2.71 -10.00
CA LEU B 675 34.23 1.52 -10.31
C LEU B 675 33.28 0.38 -10.66
N LEU B 676 33.56 -0.27 -11.77
CA LEU B 676 32.80 -1.44 -12.21
C LEU B 676 33.73 -2.64 -12.21
N ASP B 677 33.59 -3.47 -11.19
CA ASP B 677 34.47 -4.60 -10.99
C ASP B 677 34.10 -5.74 -11.94
N ALA B 678 35.06 -6.18 -12.74
CA ALA B 678 35.00 -7.41 -13.56
C ALA B 678 33.80 -7.36 -14.51
N VAL B 679 33.91 -6.44 -15.47
CA VAL B 679 32.71 -5.90 -16.07
C VAL B 679 32.05 -6.85 -17.05
N GLU B 680 32.74 -7.87 -17.54
CA GLU B 680 32.08 -8.77 -18.48
C GLU B 680 31.28 -9.84 -17.80
N LYS B 681 31.40 -9.98 -16.48
CA LYS B 681 30.73 -11.07 -15.79
C LYS B 681 29.24 -10.89 -15.70
N ALA B 682 28.74 -9.66 -15.87
CA ALA B 682 27.30 -9.46 -15.94
C ALA B 682 26.76 -9.97 -17.26
N HIS B 683 25.43 -9.97 -17.37
CA HIS B 683 24.79 -10.27 -18.63
C HIS B 683 25.15 -9.17 -19.62
N PRO B 684 25.31 -9.48 -20.91
CA PRO B 684 25.81 -8.46 -21.86
C PRO B 684 24.92 -7.23 -22.00
N ASP B 685 23.62 -7.36 -21.81
CA ASP B 685 22.75 -6.20 -21.90
C ASP B 685 22.34 -5.70 -20.51
N VAL B 686 23.37 -5.35 -19.73
CA VAL B 686 23.16 -4.59 -18.50
C VAL B 686 23.64 -3.17 -18.78
N PHE B 687 24.57 -3.05 -19.71
CA PHE B 687 25.28 -1.80 -19.96
C PHE B 687 24.48 -0.77 -20.71
N ASN B 688 23.21 -1.00 -20.99
CA ASN B 688 22.45 -0.02 -21.73
C ASN B 688 22.15 1.19 -20.85
N ILE B 689 22.00 0.92 -19.55
CA ILE B 689 22.11 1.91 -18.49
C ILE B 689 23.35 2.76 -18.68
N LEU B 690 24.47 2.10 -18.93
CA LEU B 690 25.65 2.88 -19.16
C LEU B 690 25.70 3.53 -20.53
N LEU B 691 24.83 3.19 -21.49
CA LEU B 691 24.78 4.02 -22.69
C LEU B 691 24.32 5.41 -22.33
N GLN B 692 23.26 5.50 -21.52
CA GLN B 692 22.81 6.81 -21.02
C GLN B 692 23.88 7.48 -20.18
N VAL B 693 24.54 6.70 -19.33
CA VAL B 693 25.49 7.23 -18.36
C VAL B 693 26.73 7.77 -19.05
N LEU B 694 27.36 6.98 -19.93
CA LEU B 694 28.56 7.43 -20.59
C LEU B 694 28.27 8.49 -21.63
N ASP B 695 27.06 8.55 -22.17
CA ASP B 695 26.85 9.47 -23.28
C ASP B 695 26.31 10.80 -22.84
N ASP B 696 25.56 10.88 -21.76
CA ASP B 696 25.05 12.16 -21.30
C ASP B 696 25.21 12.43 -19.82
N GLY B 697 25.64 11.45 -19.04
CA GLY B 697 25.76 11.68 -17.63
C GLY B 697 24.43 11.84 -16.94
N ARG B 698 23.42 11.15 -17.41
CA ARG B 698 22.14 11.24 -16.76
C ARG B 698 21.54 9.85 -16.66
N LEU B 699 20.83 9.61 -15.58
CA LEU B 699 20.25 8.31 -15.32
C LEU B 699 18.99 8.53 -14.51
N THR B 700 17.93 7.84 -14.86
CA THR B 700 16.63 8.10 -14.25
C THR B 700 16.22 6.91 -13.40
N ASP B 701 16.23 7.07 -12.08
CA ASP B 701 15.78 5.96 -11.26
C ASP B 701 14.27 5.89 -11.25
N GLY B 702 13.76 4.77 -10.71
CA GLY B 702 12.35 4.42 -10.81
C GLY B 702 11.40 5.42 -10.21
N GLN B 703 11.86 6.24 -9.28
CA GLN B 703 11.06 7.32 -8.73
C GLN B 703 11.02 8.54 -9.64
N GLY B 704 11.56 8.45 -10.84
CA GLY B 704 11.48 9.50 -11.82
C GLY B 704 12.24 10.76 -11.49
N ARG B 705 13.58 10.68 -11.47
CA ARG B 705 14.41 11.86 -11.38
C ARG B 705 15.76 11.53 -12.00
N THR B 706 16.40 12.52 -12.59
CA THR B 706 17.62 12.31 -13.35
C THR B 706 18.81 12.73 -12.50
N VAL B 707 19.56 11.74 -12.02
CA VAL B 707 20.76 12.04 -11.27
C VAL B 707 21.87 12.34 -12.27
N ASP B 708 22.54 13.46 -12.06
CA ASP B 708 23.47 14.01 -13.03
C ASP B 708 24.83 13.35 -12.85
N PHE B 709 25.28 12.59 -13.85
CA PHE B 709 26.58 11.94 -13.77
C PHE B 709 27.64 12.68 -14.54
N ARG B 710 27.46 13.97 -14.76
CA ARG B 710 28.37 14.70 -15.63
C ARG B 710 29.68 15.06 -14.96
N ASN B 711 29.90 14.63 -13.75
CA ASN B 711 31.13 14.93 -13.04
C ASN B 711 31.82 13.68 -12.55
N THR B 712 31.30 12.50 -12.85
CA THR B 712 31.90 11.27 -12.38
C THR B 712 33.03 10.86 -13.31
N VAL B 713 33.72 9.78 -12.94
CA VAL B 713 34.72 9.15 -13.81
C VAL B 713 34.35 7.67 -13.82
N VAL B 714 33.86 7.18 -14.94
CA VAL B 714 33.38 5.80 -15.02
C VAL B 714 34.53 4.93 -15.46
N ILE B 715 34.76 3.84 -14.74
CA ILE B 715 35.86 2.94 -15.03
C ILE B 715 35.35 1.50 -15.00
N MET B 716 35.61 0.76 -16.08
CA MET B 716 35.16 -0.61 -16.20
C MET B 716 36.37 -1.50 -16.36
N THR B 717 36.52 -2.45 -15.44
CA THR B 717 37.76 -3.20 -15.26
C THR B 717 37.55 -4.63 -15.74
N SER B 718 37.63 -4.83 -17.05
CA SER B 718 37.42 -6.18 -17.53
C SER B 718 38.72 -6.97 -17.48
N ASN B 719 38.62 -8.26 -17.77
CA ASN B 719 39.77 -9.05 -18.18
C ASN B 719 39.37 -9.99 -19.33
N LEU B 720 38.74 -9.42 -20.36
CA LEU B 720 38.30 -10.20 -21.51
C LEU B 720 39.47 -10.85 -22.25
N GLY B 721 40.34 -10.04 -22.82
CA GLY B 721 41.33 -10.60 -23.72
C GLY B 721 42.60 -11.07 -23.07
N SER B 722 42.49 -11.69 -21.89
CA SER B 722 43.66 -11.99 -21.07
C SER B 722 44.57 -13.01 -21.72
N ASP B 723 43.99 -14.03 -22.34
CA ASP B 723 44.79 -15.05 -22.99
C ASP B 723 45.51 -14.48 -24.20
N LEU B 724 44.85 -13.61 -24.95
CA LEU B 724 45.45 -13.05 -26.15
C LEU B 724 46.46 -11.96 -25.82
N ILE B 725 46.27 -11.25 -24.72
CA ILE B 725 47.27 -10.27 -24.29
C ILE B 725 48.50 -10.97 -23.76
N GLN B 726 48.32 -11.99 -22.90
CA GLN B 726 49.45 -12.75 -22.39
C GLN B 726 50.17 -13.52 -23.48
N GLU B 727 49.45 -13.91 -24.53
CA GLU B 727 50.04 -14.73 -25.58
C GLU B 727 50.92 -13.91 -26.50
N ARG B 728 50.52 -12.69 -26.82
CA ARG B 728 51.21 -11.90 -27.85
C ARG B 728 51.57 -10.50 -27.37
N PHE B 729 51.95 -10.33 -26.10
CA PHE B 729 52.34 -9.00 -25.67
C PHE B 729 53.69 -8.58 -26.26
N GLY B 730 54.61 -9.52 -26.40
CA GLY B 730 55.80 -9.26 -27.15
C GLY B 730 55.50 -9.13 -28.64
N GLU B 731 56.51 -8.65 -29.37
CA GLU B 731 56.59 -8.50 -30.83
C GLU B 731 55.40 -7.76 -31.47
N LEU B 732 54.63 -7.03 -30.68
CA LEU B 732 53.54 -6.21 -31.20
C LEU B 732 53.54 -4.90 -30.45
N ASP B 733 53.40 -3.79 -31.17
CA ASP B 733 53.33 -2.50 -30.51
C ASP B 733 51.96 -2.31 -29.86
N TYR B 734 51.83 -1.20 -29.15
CA TYR B 734 50.63 -0.94 -28.37
C TYR B 734 49.42 -0.72 -29.25
N ALA B 735 49.63 -0.18 -30.46
CA ALA B 735 48.51 0.09 -31.35
C ALA B 735 47.92 -1.21 -31.89
N HIS B 736 48.76 -2.14 -32.34
CA HIS B 736 48.25 -3.42 -32.83
C HIS B 736 47.66 -4.25 -31.71
N MET B 737 48.23 -4.14 -30.51
CA MET B 737 47.67 -4.83 -29.35
C MET B 737 46.28 -4.31 -29.03
N LYS B 738 46.12 -2.98 -29.00
CA LYS B 738 44.81 -2.40 -28.74
C LYS B 738 43.82 -2.75 -29.85
N GLU B 739 44.30 -2.78 -31.10
CA GLU B 739 43.45 -3.16 -32.22
C GLU B 739 42.95 -4.59 -32.08
N LEU B 740 43.83 -5.50 -31.68
CA LEU B 740 43.48 -6.92 -31.65
C LEU B 740 42.56 -7.23 -30.47
N VAL B 741 42.91 -6.73 -29.28
CA VAL B 741 42.04 -6.97 -28.13
C VAL B 741 40.76 -6.16 -28.26
N LEU B 742 40.76 -5.08 -29.04
CA LEU B 742 39.55 -4.32 -29.24
C LEU B 742 38.63 -5.02 -30.22
N GLY B 743 39.20 -5.77 -31.16
CA GLY B 743 38.39 -6.67 -31.95
C GLY B 743 37.75 -7.76 -31.11
N VAL B 744 38.48 -8.24 -30.10
CA VAL B 744 37.91 -9.23 -29.18
C VAL B 744 36.77 -8.63 -28.35
N VAL B 745 36.95 -7.40 -27.88
CA VAL B 745 35.89 -6.71 -27.16
C VAL B 745 34.69 -6.47 -28.06
N SER B 746 34.94 -6.15 -29.34
CA SER B 746 33.86 -6.01 -30.32
C SER B 746 33.10 -7.31 -30.51
N HIS B 747 33.78 -8.45 -30.39
CA HIS B 747 33.07 -9.73 -30.35
C HIS B 747 32.20 -9.82 -29.10
N ASN B 748 32.66 -9.26 -27.98
CA ASN B 748 31.86 -9.34 -26.76
C ASN B 748 30.76 -8.29 -26.73
N PHE B 749 31.11 -7.01 -26.78
CA PHE B 749 30.15 -5.93 -26.60
C PHE B 749 29.44 -5.59 -27.90
N ARG B 750 28.81 -4.43 -27.93
CA ARG B 750 28.01 -3.90 -29.02
C ARG B 750 28.66 -2.63 -29.56
N PRO B 751 28.43 -2.29 -30.83
CA PRO B 751 29.10 -1.11 -31.40
C PRO B 751 28.65 0.20 -30.80
N GLU B 752 27.50 0.23 -30.15
CA GLU B 752 27.10 1.40 -29.40
C GLU B 752 27.99 1.59 -28.19
N PHE B 753 28.20 0.54 -27.44
CA PHE B 753 28.80 0.68 -26.13
C PHE B 753 30.31 0.82 -26.21
N ILE B 754 30.93 0.41 -27.29
CA ILE B 754 32.38 0.56 -27.43
C ILE B 754 32.65 1.86 -28.15
N ASN B 755 31.61 2.63 -28.39
CA ASN B 755 31.72 3.94 -29.00
C ASN B 755 31.58 5.05 -27.98
N ARG B 756 30.85 4.81 -26.90
CA ARG B 756 30.71 5.79 -25.83
C ARG B 756 31.98 5.93 -25.02
N ILE B 757 32.90 4.97 -25.14
CA ILE B 757 34.09 4.90 -24.31
C ILE B 757 35.03 6.05 -24.63
N ASP B 758 35.52 6.71 -23.61
CA ASP B 758 36.57 7.71 -23.76
C ASP B 758 37.85 7.06 -24.27
N GLU B 759 38.46 6.18 -23.48
CA GLU B 759 39.72 5.55 -23.88
C GLU B 759 39.77 4.12 -23.38
N VAL B 760 40.10 3.20 -24.28
CA VAL B 760 40.19 1.78 -23.97
C VAL B 760 41.64 1.47 -23.70
N VAL B 761 42.04 1.40 -22.45
CA VAL B 761 43.43 1.13 -22.16
C VAL B 761 43.64 -0.36 -21.96
N VAL B 762 44.80 -0.84 -22.38
CA VAL B 762 45.15 -2.25 -22.34
C VAL B 762 46.22 -2.42 -21.28
N PHE B 763 46.12 -3.46 -20.47
CA PHE B 763 47.14 -3.66 -19.45
C PHE B 763 48.12 -4.75 -19.88
N HIS B 764 49.34 -4.62 -19.42
CA HIS B 764 50.37 -5.56 -19.78
C HIS B 764 50.70 -6.47 -18.60
N PRO B 765 51.08 -7.71 -18.87
CA PRO B 765 51.54 -8.60 -17.79
C PRO B 765 52.82 -8.09 -17.17
N LEU B 766 53.04 -8.51 -15.92
CA LEU B 766 54.11 -7.93 -15.13
C LEU B 766 55.41 -8.64 -15.38
N GLY B 767 56.47 -7.87 -15.65
CA GLY B 767 57.80 -8.44 -15.77
C GLY B 767 58.42 -8.59 -14.38
N GLU B 768 59.67 -9.05 -14.34
CA GLU B 768 60.28 -9.42 -13.07
C GLU B 768 60.66 -8.19 -12.25
N GLN B 769 61.15 -7.13 -12.90
CA GLN B 769 61.48 -5.93 -12.17
C GLN B 769 60.24 -5.23 -11.64
N HIS B 770 59.10 -5.38 -12.33
CA HIS B 770 57.84 -4.88 -11.82
C HIS B 770 57.46 -5.59 -10.53
N ILE B 771 57.64 -6.91 -10.51
CA ILE B 771 57.31 -7.70 -9.33
C ILE B 771 58.27 -7.38 -8.18
N ALA B 772 59.53 -7.09 -8.50
CA ALA B 772 60.47 -6.65 -7.47
C ALA B 772 60.06 -5.31 -6.88
N SER B 773 59.57 -4.40 -7.72
CA SER B 773 59.11 -3.11 -7.22
C SER B 773 57.84 -3.25 -6.39
N ILE B 774 56.95 -4.15 -6.79
CA ILE B 774 55.74 -4.44 -6.01
C ILE B 774 56.12 -5.02 -4.66
N ALA B 775 57.14 -5.88 -4.64
CA ALA B 775 57.66 -6.43 -3.39
C ALA B 775 58.18 -5.32 -2.49
N GLN B 776 58.87 -4.34 -3.07
CA GLN B 776 59.36 -3.20 -2.30
C GLN B 776 58.21 -2.38 -1.71
N ILE B 777 57.15 -2.18 -2.50
CA ILE B 777 55.99 -1.41 -2.03
C ILE B 777 55.29 -2.13 -0.89
N GLN B 778 55.07 -3.44 -1.06
CA GLN B 778 54.43 -4.24 -0.02
C GLN B 778 55.25 -4.28 1.25
N LEU B 779 56.58 -4.37 1.13
CA LEU B 779 57.42 -4.37 2.32
C LEU B 779 57.43 -3.02 3.01
N LYS B 780 57.37 -1.93 2.26
CA LYS B 780 57.42 -0.62 2.90
C LYS B 780 56.10 -0.30 3.60
N ARG B 781 54.97 -0.71 3.01
CA ARG B 781 53.72 -0.52 3.73
C ARG B 781 53.59 -1.51 4.89
N LEU B 782 54.22 -2.67 4.80
CA LEU B 782 54.27 -3.56 5.95
C LEU B 782 55.12 -2.96 7.06
N TYR B 783 56.20 -2.27 6.69
CA TYR B 783 57.03 -1.55 7.67
C TYR B 783 56.23 -0.49 8.37
N LYS B 784 55.44 0.28 7.61
CA LYS B 784 54.66 1.34 8.23
C LYS B 784 53.54 0.78 9.10
N ARG B 785 52.92 -0.34 8.68
CA ARG B 785 51.91 -0.99 9.50
C ARG B 785 52.49 -1.53 10.80
N LEU B 786 53.68 -2.12 10.73
CA LEU B 786 54.29 -2.65 11.94
C LEU B 786 54.94 -1.58 12.80
N GLU B 787 55.23 -0.41 12.23
CA GLU B 787 55.71 0.71 13.03
C GLU B 787 54.55 1.40 13.74
N GLU B 788 53.38 1.43 13.10
CA GLU B 788 52.16 1.77 13.82
C GLU B 788 51.87 0.73 14.90
N ARG B 789 52.17 -0.53 14.62
CA ARG B 789 52.18 -1.53 15.67
C ARG B 789 53.33 -1.31 16.65
N GLY B 790 54.45 -0.77 16.17
CA GLY B 790 55.52 -0.38 17.06
C GLY B 790 56.65 -1.37 17.19
N TYR B 791 57.21 -1.81 16.06
CA TYR B 791 58.36 -2.71 16.07
C TYR B 791 59.29 -2.34 14.93
N GLU B 792 60.53 -1.97 15.27
CA GLU B 792 61.53 -1.60 14.27
C GLU B 792 61.98 -2.84 13.52
N ILE B 793 61.56 -2.97 12.25
CA ILE B 793 61.72 -4.20 11.49
C ILE B 793 62.35 -3.87 10.14
N HIS B 794 63.52 -4.43 9.88
CA HIS B 794 64.17 -4.36 8.58
C HIS B 794 64.03 -5.68 7.84
N ILE B 795 64.72 -5.79 6.71
CA ILE B 795 64.81 -7.05 5.97
C ILE B 795 66.22 -7.13 5.38
N SER B 796 66.66 -8.34 5.10
CA SER B 796 67.83 -8.55 4.28
C SER B 796 67.48 -8.34 2.81
N ASP B 797 68.45 -7.80 2.07
CA ASP B 797 68.28 -7.64 0.63
C ASP B 797 68.21 -8.99 -0.07
N GLU B 798 68.90 -9.99 0.48
CA GLU B 798 68.82 -11.34 -0.04
C GLU B 798 67.43 -11.94 0.17
N ALA B 799 66.75 -11.57 1.26
CA ALA B 799 65.38 -12.03 1.46
C ALA B 799 64.44 -11.41 0.43
N LEU B 800 64.71 -10.16 0.05
CA LEU B 800 63.96 -9.53 -1.03
C LEU B 800 64.24 -10.23 -2.36
N LYS B 801 65.48 -10.70 -2.55
CA LYS B 801 65.80 -11.47 -3.75
C LYS B 801 65.08 -12.81 -3.76
N LEU B 802 64.96 -13.45 -2.59
CA LEU B 802 64.18 -14.68 -2.47
C LEU B 802 62.70 -14.44 -2.77
N LEU B 803 62.15 -13.33 -2.28
CA LEU B 803 60.74 -13.02 -2.55
C LEU B 803 60.52 -12.74 -4.03
N SER B 804 61.47 -12.06 -4.68
CA SER B 804 61.30 -11.76 -6.09
C SER B 804 61.49 -13.01 -6.95
N GLU B 805 62.41 -13.88 -6.56
CA GLU B 805 62.67 -15.10 -7.33
C GLU B 805 61.74 -16.24 -6.95
N ASN B 806 60.86 -16.05 -5.98
CA ASN B 806 59.98 -17.13 -5.56
C ASN B 806 58.53 -16.67 -5.60
N GLY B 807 58.19 -15.82 -6.58
CA GLY B 807 56.81 -15.43 -6.75
C GLY B 807 56.40 -15.23 -8.20
N TYR B 808 57.26 -15.60 -9.13
CA TYR B 808 57.10 -15.23 -10.53
C TYR B 808 56.35 -16.30 -11.31
N ASP B 809 55.26 -15.89 -11.95
CA ASP B 809 54.68 -16.57 -13.09
C ASP B 809 53.88 -15.55 -13.88
N PRO B 810 53.83 -15.68 -15.21
CA PRO B 810 53.13 -14.66 -15.99
C PRO B 810 51.62 -14.73 -15.85
N VAL B 811 51.08 -15.93 -15.67
CA VAL B 811 49.63 -16.10 -15.82
C VAL B 811 48.87 -15.61 -14.60
N TYR B 812 49.54 -15.42 -13.46
CA TYR B 812 48.82 -15.10 -12.23
C TYR B 812 49.18 -13.73 -11.69
N GLY B 813 49.92 -12.92 -12.42
CA GLY B 813 50.08 -11.53 -12.07
C GLY B 813 50.91 -11.24 -10.85
N ALA B 814 50.29 -10.68 -9.81
CA ALA B 814 51.02 -10.14 -8.68
C ALA B 814 50.54 -10.63 -7.32
N ARG B 815 49.37 -11.21 -7.22
CA ARG B 815 48.94 -11.80 -5.96
C ARG B 815 49.74 -12.99 -5.44
N PRO B 816 50.34 -13.88 -6.27
CA PRO B 816 51.27 -14.87 -5.70
C PRO B 816 52.43 -14.26 -4.95
N LEU B 817 52.91 -13.10 -5.39
CA LEU B 817 53.92 -12.37 -4.63
C LEU B 817 53.41 -11.96 -3.26
N LYS B 818 52.17 -11.47 -3.20
CA LYS B 818 51.63 -10.99 -1.93
C LYS B 818 51.37 -12.13 -0.97
N ARG B 819 50.83 -13.25 -1.43
CA ARG B 819 50.64 -14.32 -0.48
C ARG B 819 51.92 -15.10 -0.19
N ALA B 820 52.93 -15.01 -1.07
CA ALA B 820 54.23 -15.53 -0.70
C ALA B 820 54.86 -14.69 0.39
N ILE B 821 54.71 -13.36 0.31
CA ILE B 821 55.09 -12.48 1.40
C ILE B 821 54.36 -12.86 2.68
N GLN B 822 53.06 -13.12 2.54
CA GLN B 822 52.20 -13.48 3.67
C GLN B 822 52.70 -14.72 4.39
N GLN B 823 52.90 -15.82 3.66
CA GLN B 823 53.47 -17.03 4.25
C GLN B 823 54.88 -16.82 4.78
N GLN B 824 55.82 -16.56 3.88
CA GLN B 824 57.25 -16.59 4.17
C GLN B 824 57.73 -15.38 4.95
N ILE B 825 56.85 -14.49 5.41
CA ILE B 825 57.26 -13.50 6.40
C ILE B 825 56.32 -13.58 7.60
N GLU B 826 55.01 -13.57 7.35
CA GLU B 826 54.07 -13.41 8.45
C GLU B 826 53.92 -14.67 9.29
N ASN B 827 54.25 -15.87 8.77
CA ASN B 827 54.16 -17.04 9.64
C ASN B 827 55.22 -17.02 10.74
N PRO B 828 56.53 -16.86 10.48
CA PRO B 828 57.45 -16.78 11.63
C PRO B 828 57.32 -15.51 12.42
N LEU B 829 56.87 -14.42 11.80
CA LEU B 829 56.75 -13.16 12.54
C LEU B 829 55.63 -13.23 13.58
N ALA B 830 54.46 -13.74 13.18
CA ALA B 830 53.39 -13.92 14.15
C ALA B 830 53.72 -15.01 15.15
N GLN B 831 54.48 -16.03 14.70
CA GLN B 831 54.94 -17.07 15.62
C GLN B 831 55.83 -16.49 16.72
N GLN B 832 56.71 -15.56 16.36
CA GLN B 832 57.59 -14.96 17.36
C GLN B 832 56.88 -13.89 18.17
N ILE B 833 55.87 -13.23 17.62
CA ILE B 833 55.11 -12.25 18.41
C ILE B 833 54.30 -12.96 19.49
N LEU B 834 53.59 -14.02 19.13
CA LEU B 834 52.90 -14.78 20.16
C LEU B 834 53.87 -15.60 21.01
N SER B 835 55.09 -15.81 20.54
CA SER B 835 56.13 -16.36 21.40
C SER B 835 56.72 -15.31 22.34
N GLY B 836 56.50 -14.03 22.07
CA GLY B 836 57.02 -12.99 22.94
C GLY B 836 58.48 -12.71 22.76
N GLU B 837 59.07 -13.10 21.63
CA GLU B 837 60.47 -12.80 21.39
C GLU B 837 60.67 -11.33 21.08
N LEU B 838 59.66 -10.66 20.54
CA LEU B 838 59.76 -9.26 20.17
C LEU B 838 59.59 -8.36 21.39
N VAL B 839 60.46 -7.38 21.50
CA VAL B 839 60.32 -6.28 22.45
C VAL B 839 60.48 -4.99 21.65
N PRO B 840 59.62 -3.99 21.85
CA PRO B 840 59.81 -2.71 21.15
C PRO B 840 61.10 -2.02 21.58
N GLY B 841 61.67 -1.26 20.65
CA GLY B 841 63.00 -0.73 20.86
C GLY B 841 64.11 -1.67 20.47
N LYS B 842 63.81 -2.70 19.68
CA LYS B 842 64.80 -3.67 19.24
C LYS B 842 64.73 -3.76 17.71
N VAL B 843 65.86 -3.49 17.07
CA VAL B 843 65.93 -3.53 15.61
C VAL B 843 65.86 -4.98 15.15
N ILE B 844 64.93 -5.26 14.24
CA ILE B 844 64.66 -6.61 13.78
C ILE B 844 65.05 -6.69 12.32
N ARG B 845 66.05 -7.50 12.02
CA ARG B 845 66.50 -7.72 10.66
C ARG B 845 65.92 -9.05 10.19
N LEU B 846 64.94 -8.98 9.29
CA LEU B 846 64.40 -10.18 8.66
C LEU B 846 65.45 -10.69 7.68
N GLU B 847 66.28 -11.61 8.14
CA GLU B 847 67.37 -12.12 7.33
C GLU B 847 67.10 -13.56 6.93
N VAL B 848 67.91 -14.05 6.00
CA VAL B 848 67.65 -15.33 5.36
C VAL B 848 68.08 -16.48 6.27
N ASN B 849 67.38 -17.59 6.14
CA ASN B 849 67.83 -18.88 6.62
C ASN B 849 68.56 -19.59 5.49
N GLU B 850 68.74 -20.90 5.62
CA GLU B 850 69.23 -21.70 4.49
C GLU B 850 68.29 -21.59 3.30
N ASP B 851 66.99 -21.79 3.54
CA ASP B 851 65.98 -21.62 2.51
C ASP B 851 64.80 -20.77 2.99
N ARG B 852 64.87 -20.22 4.19
CA ARG B 852 63.74 -19.50 4.76
C ARG B 852 64.16 -18.11 5.21
N ILE B 853 63.29 -17.44 5.96
CA ILE B 853 63.53 -16.10 6.47
C ILE B 853 63.23 -16.10 7.97
N VAL B 854 64.18 -15.65 8.78
CA VAL B 854 63.99 -15.60 10.22
C VAL B 854 64.15 -14.15 10.65
N ALA B 855 63.56 -13.84 11.81
CA ALA B 855 63.72 -12.54 12.45
C ALA B 855 64.72 -12.64 13.59
N VAL B 856 65.44 -11.55 13.83
CA VAL B 856 66.45 -11.49 14.87
C VAL B 856 66.08 -10.38 15.85
N GLN B 857 66.73 -10.40 17.00
CA GLN B 857 66.51 -9.41 18.06
C GLN B 857 67.84 -8.72 18.35
N HIS B 858 68.06 -7.57 17.74
CA HIS B 858 69.28 -6.80 17.98
C HIS B 858 68.96 -5.31 18.09
N GLN C 159 -37.25 38.12 10.19
CA GLN C 159 -37.30 36.68 10.01
C GLN C 159 -35.92 36.12 9.76
N ALA C 160 -35.81 34.79 9.80
CA ALA C 160 -34.54 34.13 9.56
C ALA C 160 -34.16 34.15 8.09
N LEU C 161 -35.14 34.17 7.20
CA LEU C 161 -34.85 34.16 5.78
C LEU C 161 -34.22 35.47 5.31
N LYS C 162 -34.38 36.54 6.06
CA LYS C 162 -33.63 37.75 5.73
C LYS C 162 -32.17 37.60 6.10
N LYS C 163 -31.90 37.00 7.25
CA LYS C 163 -30.52 36.93 7.73
C LYS C 163 -29.73 35.90 6.94
N TYR C 164 -30.33 34.77 6.61
CA TYR C 164 -29.55 33.62 6.19
C TYR C 164 -29.77 33.21 4.74
N THR C 165 -30.64 33.86 4.00
CA THR C 165 -30.81 33.58 2.58
C THR C 165 -30.63 34.85 1.77
N ILE C 166 -30.09 34.69 0.56
CA ILE C 166 -29.90 35.77 -0.38
C ILE C 166 -30.76 35.50 -1.59
N ASP C 167 -31.62 36.46 -1.94
CA ASP C 167 -32.74 36.22 -2.84
C ASP C 167 -32.27 36.27 -4.29
N LEU C 168 -32.54 35.21 -5.05
CA LEU C 168 -32.16 35.19 -6.45
C LEU C 168 -33.17 35.92 -7.33
N THR C 169 -34.46 35.73 -7.07
CA THR C 169 -35.45 36.37 -7.92
C THR C 169 -35.49 37.86 -7.74
N GLU C 170 -35.06 38.38 -6.59
CA GLU C 170 -34.84 39.82 -6.49
C GLU C 170 -33.63 40.23 -7.32
N ARG C 171 -32.60 39.38 -7.37
CA ARG C 171 -31.45 39.69 -8.22
C ARG C 171 -31.80 39.53 -9.69
N ALA C 172 -32.62 38.53 -10.02
CA ALA C 172 -33.03 38.37 -11.41
C ALA C 172 -34.00 39.46 -11.83
N GLU C 173 -34.77 39.98 -10.89
CA GLU C 173 -35.76 41.01 -11.19
C GLU C 173 -35.11 42.36 -11.39
N GLN C 174 -34.05 42.66 -10.65
CA GLN C 174 -33.26 43.85 -10.86
C GLN C 174 -32.23 43.68 -11.97
N GLY C 175 -32.16 42.50 -12.58
CA GLY C 175 -31.27 42.26 -13.68
C GLY C 175 -29.81 42.20 -13.31
N LYS C 176 -29.48 41.42 -12.28
CA LYS C 176 -28.10 41.24 -11.88
C LYS C 176 -27.54 39.88 -12.30
N LEU C 177 -28.28 39.14 -13.10
CA LEU C 177 -27.87 37.80 -13.50
C LEU C 177 -27.65 37.75 -15.01
N ASP C 178 -26.62 37.04 -15.42
CA ASP C 178 -26.34 36.88 -16.83
C ASP C 178 -27.43 36.04 -17.48
N PRO C 179 -27.73 36.27 -18.77
CA PRO C 179 -28.79 35.49 -19.44
C PRO C 179 -28.40 34.03 -19.55
N VAL C 180 -29.42 33.17 -19.59
CA VAL C 180 -29.21 31.74 -19.61
C VAL C 180 -29.83 31.19 -20.89
N ILE C 181 -29.01 30.51 -21.68
CA ILE C 181 -29.29 30.21 -23.07
C ILE C 181 -29.25 28.71 -23.26
N GLY C 182 -30.27 28.16 -23.90
CA GLY C 182 -30.33 26.73 -24.04
C GLY C 182 -30.87 26.13 -22.76
N ARG C 183 -30.45 24.88 -22.49
CA ARG C 183 -30.82 24.13 -21.29
C ARG C 183 -32.32 24.02 -21.16
N ASP C 184 -32.97 23.58 -22.22
CA ASP C 184 -34.41 23.40 -22.17
C ASP C 184 -34.78 22.15 -21.38
N GLU C 185 -34.07 21.06 -21.66
CA GLU C 185 -34.33 19.77 -21.03
C GLU C 185 -34.10 19.81 -19.54
N GLU C 186 -33.04 20.47 -19.09
CA GLU C 186 -32.70 20.44 -17.67
C GLU C 186 -33.55 21.39 -16.84
N ILE C 187 -33.90 22.56 -17.38
CA ILE C 187 -34.83 23.44 -16.69
C ILE C 187 -36.22 22.82 -16.64
N ARG C 188 -36.61 22.13 -17.71
CA ARG C 188 -37.91 21.46 -17.69
C ARG C 188 -37.93 20.32 -16.68
N ARG C 189 -36.83 19.59 -16.54
CA ARG C 189 -36.86 18.52 -15.56
C ARG C 189 -36.74 19.05 -14.14
N THR C 190 -36.05 20.17 -13.94
CA THR C 190 -36.02 20.79 -12.62
C THR C 190 -37.40 21.28 -12.21
N ILE C 191 -38.17 21.82 -13.17
CA ILE C 191 -39.53 22.22 -12.86
C ILE C 191 -40.47 21.03 -12.67
N GLN C 192 -40.26 19.93 -13.38
CA GLN C 192 -41.05 18.72 -13.12
C GLN C 192 -40.79 18.17 -11.73
N VAL C 193 -39.52 18.16 -11.32
CA VAL C 193 -39.18 17.59 -10.03
C VAL C 193 -39.56 18.52 -8.88
N LEU C 194 -39.48 19.83 -9.07
CA LEU C 194 -39.88 20.75 -8.00
C LEU C 194 -41.36 20.72 -7.72
N GLN C 195 -42.19 20.31 -8.67
CA GLN C 195 -43.62 20.19 -8.41
C GLN C 195 -44.02 18.73 -8.26
N ARG C 196 -43.61 18.14 -7.16
CA ARG C 196 -44.09 16.82 -6.78
C ARG C 196 -44.84 16.95 -5.47
N ARG C 197 -45.21 15.82 -4.88
CA ARG C 197 -45.82 15.92 -3.56
C ARG C 197 -44.88 15.49 -2.45
N THR C 198 -44.19 14.37 -2.64
CA THR C 198 -43.04 14.02 -1.82
C THR C 198 -41.80 14.11 -2.70
N LYS C 199 -40.68 14.47 -2.09
CA LYS C 199 -39.40 14.70 -2.77
C LYS C 199 -39.54 15.76 -3.86
N ASN C 200 -39.72 16.99 -3.43
CA ASN C 200 -39.66 18.12 -4.32
C ASN C 200 -38.26 18.52 -4.70
N ASN C 201 -37.24 17.68 -4.52
CA ASN C 201 -35.87 18.15 -4.41
C ASN C 201 -35.01 17.70 -5.58
N PRO C 202 -34.65 18.58 -6.51
CA PRO C 202 -33.70 18.18 -7.54
C PRO C 202 -32.29 18.54 -7.13
N VAL C 203 -31.35 17.71 -7.52
CA VAL C 203 -29.94 18.03 -7.39
C VAL C 203 -29.39 18.13 -8.80
N LEU C 204 -28.55 19.11 -9.05
CA LEU C 204 -27.97 19.30 -10.37
C LEU C 204 -26.57 18.73 -10.34
N ILE C 205 -26.34 17.72 -11.17
CA ILE C 205 -25.14 16.90 -11.12
C ILE C 205 -24.50 16.92 -12.50
N GLY C 206 -23.30 17.47 -12.57
CA GLY C 206 -22.47 17.39 -13.76
C GLY C 206 -21.14 18.05 -13.44
N GLU C 207 -20.16 17.77 -14.30
CA GLU C 207 -18.75 18.12 -14.07
C GLU C 207 -18.60 19.63 -13.91
N PRO C 208 -17.57 20.12 -13.17
CA PRO C 208 -17.54 21.55 -12.85
C PRO C 208 -17.28 22.46 -14.04
N GLY C 209 -18.28 23.24 -14.40
CA GLY C 209 -18.15 24.20 -15.46
C GLY C 209 -19.29 24.13 -16.45
N VAL C 210 -20.19 23.18 -16.29
CA VAL C 210 -21.18 22.94 -17.33
C VAL C 210 -22.46 23.71 -17.08
N GLY C 211 -22.49 24.52 -16.05
CA GLY C 211 -23.65 25.38 -15.90
C GLY C 211 -24.80 24.84 -15.09
N LYS C 212 -24.59 24.57 -13.80
CA LYS C 212 -25.61 24.09 -12.88
C LYS C 212 -26.22 25.23 -12.07
N THR C 213 -25.36 26.07 -11.49
CA THR C 213 -25.80 27.34 -10.93
C THR C 213 -26.47 28.20 -11.98
N ALA C 214 -26.01 28.12 -13.22
CA ALA C 214 -26.66 28.82 -14.31
C ALA C 214 -28.02 28.23 -14.66
N ILE C 215 -28.25 26.96 -14.39
CA ILE C 215 -29.60 26.44 -14.57
C ILE C 215 -30.54 26.97 -13.50
N VAL C 216 -30.06 27.10 -12.26
CA VAL C 216 -30.93 27.72 -11.25
C VAL C 216 -31.15 29.20 -11.53
N GLU C 217 -30.15 29.89 -12.05
CA GLU C 217 -30.35 31.29 -12.40
C GLU C 217 -31.24 31.46 -13.63
N GLY C 218 -31.23 30.49 -14.54
CA GLY C 218 -32.20 30.51 -15.62
C GLY C 218 -33.60 30.20 -15.16
N LEU C 219 -33.73 29.34 -14.16
CA LEU C 219 -35.04 29.10 -13.56
C LEU C 219 -35.56 30.35 -12.87
N ALA C 220 -34.69 31.09 -12.19
CA ALA C 220 -35.11 32.32 -11.54
C ALA C 220 -35.51 33.38 -12.57
N GLN C 221 -34.76 33.50 -13.66
CA GLN C 221 -35.14 34.45 -14.69
C GLN C 221 -36.41 34.03 -15.43
N ARG C 222 -36.65 32.73 -15.60
CA ARG C 222 -37.90 32.34 -16.24
C ARG C 222 -39.09 32.54 -15.31
N ILE C 223 -38.89 32.40 -14.00
CA ILE C 223 -40.00 32.69 -13.07
C ILE C 223 -40.29 34.17 -13.04
N ILE C 224 -39.26 35.02 -13.12
CA ILE C 224 -39.49 36.46 -13.14
C ILE C 224 -40.14 36.89 -14.45
N ASN C 225 -39.65 36.38 -15.58
CA ASN C 225 -40.29 36.70 -16.85
C ASN C 225 -41.63 36.01 -17.02
N GLY C 226 -41.92 34.99 -16.21
CA GLY C 226 -43.20 34.33 -16.27
C GLY C 226 -43.36 33.43 -17.48
N GLU C 227 -42.29 32.75 -17.87
CA GLU C 227 -42.34 31.79 -18.96
C GLU C 227 -42.47 30.37 -18.47
N VAL C 228 -42.92 30.18 -17.24
CA VAL C 228 -42.98 28.90 -16.55
C VAL C 228 -44.43 28.43 -16.60
N PRO C 229 -44.80 27.25 -16.08
CA PRO C 229 -46.23 26.96 -15.90
C PRO C 229 -46.89 27.89 -14.90
N GLU C 230 -48.22 27.78 -14.84
CA GLU C 230 -49.00 28.63 -13.93
C GLU C 230 -48.78 28.24 -12.48
N GLY C 231 -48.34 27.02 -12.21
CA GLY C 231 -48.00 26.63 -10.86
C GLY C 231 -46.80 27.32 -10.27
N LEU C 232 -45.99 27.99 -11.10
CA LEU C 232 -44.81 28.67 -10.63
C LEU C 232 -44.86 30.17 -10.72
N LYS C 233 -45.88 30.74 -11.34
CA LYS C 233 -45.95 32.19 -11.46
C LYS C 233 -46.11 32.82 -10.10
N GLY C 234 -45.05 33.44 -9.61
CA GLY C 234 -45.06 34.05 -8.30
C GLY C 234 -44.19 33.37 -7.28
N ARG C 235 -43.35 32.43 -7.67
CA ARG C 235 -42.45 31.82 -6.71
C ARG C 235 -41.27 32.73 -6.43
N ARG C 236 -40.67 32.52 -5.27
CA ARG C 236 -39.43 33.18 -4.88
C ARG C 236 -38.36 32.10 -4.77
N VAL C 237 -37.21 32.33 -5.39
CA VAL C 237 -36.11 31.38 -5.32
C VAL C 237 -35.05 32.01 -4.44
N LEU C 238 -34.82 31.41 -3.28
CA LEU C 238 -33.94 31.95 -2.25
C LEU C 238 -32.73 31.06 -2.08
N ALA C 239 -31.55 31.65 -2.16
CA ALA C 239 -30.31 30.90 -2.08
C ALA C 239 -29.85 30.82 -0.64
N LEU C 240 -29.66 29.61 -0.15
CA LEU C 240 -29.26 29.38 1.23
C LEU C 240 -27.75 29.30 1.30
N ASP C 241 -27.18 30.07 2.21
CA ASP C 241 -25.73 30.18 2.35
C ASP C 241 -25.38 29.53 3.67
N MET C 242 -24.88 28.29 3.61
CA MET C 242 -24.68 27.48 4.80
C MET C 242 -23.57 28.03 5.70
N GLY C 243 -22.61 28.74 5.13
CA GLY C 243 -21.62 29.41 5.95
C GLY C 243 -22.21 30.53 6.79
N ALA C 244 -23.20 31.24 6.24
CA ALA C 244 -23.89 32.26 7.02
C ALA C 244 -24.74 31.65 8.12
N LEU C 245 -25.16 30.39 7.97
CA LEU C 245 -25.80 29.69 9.06
C LEU C 245 -24.79 29.30 10.13
N VAL C 246 -23.65 28.75 9.71
CA VAL C 246 -22.68 28.21 10.65
C VAL C 246 -21.99 29.32 11.44
N ALA C 247 -21.87 30.52 10.86
CA ALA C 247 -20.86 31.51 11.24
C ALA C 247 -20.96 31.95 12.71
N GLY C 248 -22.07 32.55 13.10
CA GLY C 248 -22.12 33.02 14.47
C GLY C 248 -22.65 32.03 15.49
N ALA C 249 -22.44 30.74 15.26
CA ALA C 249 -22.98 29.71 16.15
C ALA C 249 -21.93 29.24 17.13
N LYS C 250 -21.46 30.17 17.97
CA LYS C 250 -20.44 29.82 18.95
C LYS C 250 -21.00 28.90 20.03
N TYR C 251 -22.18 29.22 20.56
CA TYR C 251 -22.76 28.47 21.64
C TYR C 251 -23.35 27.17 21.15
N ARG C 252 -23.71 26.30 22.08
CA ARG C 252 -24.35 25.05 21.72
C ARG C 252 -25.80 25.30 21.35
N GLY C 253 -26.26 24.64 20.30
CA GLY C 253 -27.63 24.82 19.93
C GLY C 253 -27.97 26.14 19.28
N GLU C 254 -26.99 26.91 18.84
CA GLU C 254 -27.27 28.16 18.14
C GLU C 254 -27.52 27.90 16.66
N PHE C 255 -26.69 27.04 16.06
CA PHE C 255 -26.87 26.67 14.67
C PHE C 255 -28.19 25.96 14.45
N GLU C 256 -28.58 25.09 15.36
CA GLU C 256 -29.83 24.39 15.21
C GLU C 256 -31.01 25.31 15.39
N GLU C 257 -30.86 26.36 16.22
CA GLU C 257 -31.89 27.37 16.34
C GLU C 257 -32.04 28.16 15.06
N ARG C 258 -30.92 28.49 14.41
CA ARG C 258 -30.95 29.18 13.13
C ARG C 258 -31.63 28.34 12.07
N LEU C 259 -31.25 27.07 12.00
CA LEU C 259 -31.81 26.20 10.97
C LEU C 259 -33.27 25.91 11.22
N LYS C 260 -33.68 25.83 12.49
CA LYS C 260 -35.08 25.63 12.78
C LYS C 260 -35.90 26.88 12.52
N GLY C 261 -35.31 28.06 12.75
CA GLY C 261 -36.00 29.29 12.36
C GLY C 261 -36.18 29.40 10.86
N VAL C 262 -35.19 28.96 10.09
CA VAL C 262 -35.35 28.92 8.65
C VAL C 262 -36.44 27.94 8.24
N LEU C 263 -36.52 26.79 8.92
CA LEU C 263 -37.57 25.84 8.57
C LEU C 263 -38.96 26.34 8.97
N ASN C 264 -39.08 27.06 10.09
CA ASN C 264 -40.38 27.63 10.45
C ASN C 264 -40.79 28.72 9.47
N ASP C 265 -39.84 29.57 9.06
CA ASP C 265 -40.18 30.61 8.10
C ASP C 265 -40.50 30.04 6.74
N LEU C 266 -39.83 28.96 6.34
CA LEU C 266 -40.20 28.32 5.09
C LEU C 266 -41.53 27.60 5.19
N ALA C 267 -41.93 27.18 6.39
CA ALA C 267 -43.28 26.66 6.55
C ALA C 267 -44.32 27.77 6.45
N LYS C 268 -44.01 28.95 6.99
CA LYS C 268 -44.95 30.06 6.98
C LYS C 268 -45.07 30.73 5.61
N GLN C 269 -44.22 30.40 4.65
CA GLN C 269 -44.34 30.96 3.32
C GLN C 269 -45.39 30.26 2.48
N GLU C 270 -46.04 29.22 3.02
CA GLU C 270 -47.11 28.47 2.37
C GLU C 270 -46.66 27.85 1.06
N GLY C 271 -45.43 27.31 1.06
CA GLY C 271 -44.93 26.58 -0.08
C GLY C 271 -44.62 27.44 -1.28
N ASN C 272 -44.41 28.72 -1.10
CA ASN C 272 -44.19 29.63 -2.20
C ASN C 272 -42.70 29.83 -2.49
N VAL C 273 -41.82 29.27 -1.66
CA VAL C 273 -40.39 29.55 -1.78
C VAL C 273 -39.67 28.31 -2.23
N ILE C 274 -39.13 28.35 -3.43
CA ILE C 274 -38.10 27.42 -3.84
C ILE C 274 -36.81 27.77 -3.11
N LEU C 275 -36.18 26.80 -2.48
CA LEU C 275 -34.91 27.02 -1.83
C LEU C 275 -33.81 26.61 -2.81
N PHE C 276 -32.58 26.94 -2.47
CA PHE C 276 -31.46 26.64 -3.36
C PHE C 276 -30.18 26.58 -2.55
N ILE C 277 -29.58 25.41 -2.49
CA ILE C 277 -28.33 25.22 -1.77
C ILE C 277 -27.32 24.81 -2.83
N ASP C 278 -26.62 25.78 -3.40
CA ASP C 278 -25.48 25.43 -4.25
C ASP C 278 -24.39 24.84 -3.40
N ALA C 279 -23.62 23.94 -4.03
CA ALA C 279 -22.71 23.04 -3.34
C ALA C 279 -23.48 22.32 -2.23
N LEU C 280 -24.37 21.43 -2.66
CA LEU C 280 -25.17 20.66 -1.73
C LEU C 280 -24.30 19.81 -0.82
N HIS C 281 -23.12 19.41 -1.27
CA HIS C 281 -22.18 18.66 -0.48
C HIS C 281 -21.63 19.42 0.72
N THR C 282 -21.78 20.74 0.76
CA THR C 282 -21.55 21.51 1.97
C THR C 282 -22.50 21.10 3.09
N MET C 283 -23.74 20.70 2.75
CA MET C 283 -24.76 20.47 3.76
C MET C 283 -24.49 19.22 4.58
N VAL C 284 -23.97 18.16 3.97
CA VAL C 284 -23.77 16.91 4.70
C VAL C 284 -22.67 17.08 5.74
N GLY C 285 -23.06 17.13 7.00
CA GLY C 285 -22.08 17.42 8.03
C GLY C 285 -21.77 18.89 8.06
N ALA C 286 -22.77 19.71 8.33
CA ALA C 286 -22.58 21.15 8.44
C ALA C 286 -23.03 21.56 9.82
N GLY C 287 -22.08 21.99 10.64
CA GLY C 287 -22.39 22.39 11.99
C GLY C 287 -22.37 21.27 13.00
N LYS C 288 -21.78 20.12 12.66
CA LYS C 288 -21.69 19.03 13.61
C LYS C 288 -20.71 19.37 14.72
N ALA C 289 -20.96 18.80 15.88
CA ALA C 289 -20.13 18.96 17.06
C ALA C 289 -20.28 17.68 17.87
N ASP C 290 -19.99 17.74 19.17
CA ASP C 290 -20.47 16.69 20.06
C ASP C 290 -22.00 16.66 20.07
N GLY C 291 -22.62 17.82 20.27
CA GLY C 291 -24.08 17.95 20.22
C GLY C 291 -24.51 18.28 18.80
N ALA C 292 -24.35 17.30 17.94
CA ALA C 292 -24.50 17.49 16.51
C ALA C 292 -25.92 17.20 16.07
N MET C 293 -26.51 18.16 15.37
CA MET C 293 -27.65 17.86 14.53
C MET C 293 -27.37 18.16 13.06
N ASP C 294 -26.16 18.62 12.76
CA ASP C 294 -25.45 18.25 11.53
C ASP C 294 -25.96 18.90 10.25
N ALA C 295 -27.16 19.51 10.28
CA ALA C 295 -27.89 20.09 9.16
C ALA C 295 -28.25 19.13 8.04
N GLY C 296 -27.90 17.86 8.18
CA GLY C 296 -28.32 16.86 7.23
C GLY C 296 -29.33 16.00 7.95
N ASN C 297 -29.32 16.09 9.28
CA ASN C 297 -30.24 15.36 10.12
C ASN C 297 -31.43 16.19 10.56
N MET C 298 -31.43 17.49 10.29
CA MET C 298 -32.57 18.33 10.59
C MET C 298 -33.40 18.66 9.35
N LEU C 299 -32.76 18.80 8.21
CA LEU C 299 -33.48 18.94 6.96
C LEU C 299 -33.96 17.62 6.41
N LYS C 300 -33.56 16.51 6.99
CA LYS C 300 -34.00 15.21 6.54
C LYS C 300 -35.50 14.96 6.74
N PRO C 301 -36.14 15.35 7.86
CA PRO C 301 -37.62 15.25 7.88
C PRO C 301 -38.31 16.21 6.92
N ALA C 302 -37.85 17.46 6.84
CA ALA C 302 -38.52 18.42 5.98
C ALA C 302 -38.32 18.12 4.51
N LEU C 303 -37.25 17.42 4.18
CA LEU C 303 -37.03 16.95 2.82
C LEU C 303 -37.81 15.69 2.52
N ALA C 304 -37.99 14.82 3.50
CA ALA C 304 -38.68 13.56 3.25
C ALA C 304 -40.15 13.79 2.95
N ARG C 305 -40.78 14.71 3.66
CA ARG C 305 -42.21 14.93 3.51
C ARG C 305 -42.54 15.88 2.37
N GLY C 306 -41.54 16.34 1.64
CA GLY C 306 -41.78 17.23 0.51
C GLY C 306 -42.15 18.63 0.87
N GLU C 307 -42.03 19.02 2.13
CA GLU C 307 -42.41 20.35 2.60
C GLU C 307 -41.39 21.42 2.25
N LEU C 308 -40.31 21.06 1.56
CA LEU C 308 -39.23 21.98 1.28
C LEU C 308 -38.78 21.73 -0.14
N HIS C 309 -38.64 22.80 -0.92
CA HIS C 309 -38.43 22.67 -2.37
C HIS C 309 -36.98 22.90 -2.74
N CYS C 310 -36.05 22.37 -1.94
CA CYS C 310 -34.63 22.63 -2.10
C CYS C 310 -34.08 22.17 -3.44
N VAL C 311 -33.22 22.98 -4.04
CA VAL C 311 -32.53 22.67 -5.29
C VAL C 311 -31.05 22.69 -5.00
N GLY C 312 -30.44 21.55 -4.95
CA GLY C 312 -29.00 21.50 -4.79
C GLY C 312 -28.30 21.50 -6.11
N ALA C 313 -26.99 21.77 -6.07
CA ALA C 313 -26.21 21.82 -7.31
C ALA C 313 -24.77 21.44 -6.98
N THR C 314 -24.49 20.14 -7.02
CA THR C 314 -23.19 19.65 -6.59
C THR C 314 -22.47 18.97 -7.73
N THR C 315 -21.15 19.02 -7.65
CA THR C 315 -20.29 18.40 -8.62
C THR C 315 -20.44 16.89 -8.54
N LEU C 316 -20.14 16.23 -9.64
CA LEU C 316 -20.32 14.79 -9.74
C LEU C 316 -19.34 14.02 -8.83
N ASP C 317 -18.07 14.46 -8.80
CA ASP C 317 -17.11 13.84 -7.89
C ASP C 317 -17.39 14.22 -6.44
N GLU C 318 -17.80 15.47 -6.19
CA GLU C 318 -18.23 15.84 -4.85
C GLU C 318 -19.48 15.13 -4.43
N TYR C 319 -20.34 14.76 -5.38
CA TYR C 319 -21.51 13.95 -5.04
C TYR C 319 -21.12 12.57 -4.58
N ARG C 320 -20.22 11.91 -5.33
CA ARG C 320 -19.75 10.58 -4.94
C ARG C 320 -19.04 10.62 -3.59
N GLN C 321 -18.26 11.66 -3.35
CA GLN C 321 -17.51 11.71 -2.09
C GLN C 321 -18.41 12.03 -0.91
N TYR C 322 -19.34 12.96 -1.04
CA TYR C 322 -19.96 13.49 0.16
C TYR C 322 -21.40 13.08 0.36
N ILE C 323 -22.19 12.82 -0.67
CA ILE C 323 -23.60 12.55 -0.48
C ILE C 323 -23.91 11.06 -0.55
N GLU C 324 -23.27 10.31 -1.44
CA GLU C 324 -23.43 8.85 -1.44
C GLU C 324 -22.75 8.17 -0.23
N LYS C 325 -22.11 8.92 0.66
CA LYS C 325 -21.72 8.46 1.99
C LYS C 325 -22.86 8.49 2.99
N ASP C 326 -24.08 8.84 2.57
CA ASP C 326 -25.20 8.96 3.50
C ASP C 326 -26.46 8.65 2.69
N ALA C 327 -26.87 7.38 2.73
CA ALA C 327 -27.84 6.89 1.77
C ALA C 327 -29.22 7.48 1.95
N ALA C 328 -29.58 7.88 3.17
CA ALA C 328 -30.86 8.52 3.39
C ALA C 328 -30.92 9.89 2.72
N LEU C 329 -29.93 10.72 2.96
CA LEU C 329 -29.91 12.00 2.27
C LEU C 329 -29.47 11.87 0.83
N GLU C 330 -28.89 10.73 0.45
CA GLU C 330 -28.69 10.48 -0.96
C GLU C 330 -30.00 10.26 -1.66
N ARG C 331 -30.96 9.57 -1.02
CA ARG C 331 -32.21 9.34 -1.71
C ARG C 331 -33.23 10.44 -1.55
N ARG C 332 -33.00 11.43 -0.68
CA ARG C 332 -33.96 12.53 -0.66
C ARG C 332 -33.93 13.39 -1.92
N PHE C 333 -32.92 13.27 -2.78
CA PHE C 333 -32.71 14.19 -3.89
C PHE C 333 -32.85 13.49 -5.23
N GLN C 334 -33.47 14.16 -6.18
CA GLN C 334 -33.59 13.65 -7.55
C GLN C 334 -32.45 14.20 -8.38
N LYS C 335 -31.84 13.35 -9.18
CA LYS C 335 -30.60 13.70 -9.86
C LYS C 335 -30.93 14.21 -11.25
N VAL C 336 -30.76 15.50 -11.46
CA VAL C 336 -30.88 16.08 -12.80
C VAL C 336 -29.48 16.19 -13.36
N PHE C 337 -29.19 15.43 -14.40
CA PHE C 337 -27.87 15.45 -14.97
C PHE C 337 -27.71 16.62 -15.91
N VAL C 338 -26.58 17.29 -15.80
CA VAL C 338 -26.30 18.48 -16.59
C VAL C 338 -25.09 18.16 -17.45
N ALA C 339 -25.34 17.72 -18.67
CA ALA C 339 -24.26 17.29 -19.56
C ALA C 339 -23.49 18.50 -20.05
N GLU C 340 -22.22 18.26 -20.36
CA GLU C 340 -21.37 19.28 -20.97
C GLU C 340 -21.96 19.73 -22.28
N PRO C 341 -22.11 21.03 -22.51
CA PRO C 341 -22.64 21.49 -23.80
C PRO C 341 -21.60 21.26 -24.86
N SER C 342 -22.05 21.00 -26.08
CA SER C 342 -21.13 20.75 -27.17
C SER C 342 -20.60 22.08 -27.69
N VAL C 343 -19.97 22.06 -28.86
CA VAL C 343 -19.39 23.28 -29.40
C VAL C 343 -20.47 24.26 -29.83
N GLU C 344 -21.53 23.75 -30.47
CA GLU C 344 -22.56 24.63 -31.04
C GLU C 344 -23.38 25.32 -29.97
N ASP C 345 -23.77 24.56 -28.94
CA ASP C 345 -24.48 25.13 -27.81
C ASP C 345 -23.62 26.18 -27.11
N THR C 346 -22.31 25.95 -27.08
CA THR C 346 -21.40 26.92 -26.51
C THR C 346 -21.38 28.20 -27.34
N ILE C 347 -21.49 28.09 -28.67
CA ILE C 347 -21.48 29.29 -29.49
C ILE C 347 -22.73 30.12 -29.25
N ALA C 348 -23.88 29.46 -29.04
CA ALA C 348 -25.11 30.20 -28.72
C ALA C 348 -25.00 30.92 -27.38
N ILE C 349 -24.50 30.20 -26.37
CA ILE C 349 -24.26 30.77 -25.04
C ILE C 349 -23.29 31.94 -25.13
N LEU C 350 -22.28 31.82 -25.97
CA LEU C 350 -21.35 32.89 -26.15
C LEU C 350 -21.94 34.06 -26.92
N ARG C 351 -23.04 33.88 -27.65
CA ARG C 351 -23.63 35.06 -28.29
C ARG C 351 -24.35 35.95 -27.26
N GLY C 352 -25.10 35.33 -26.35
CA GLY C 352 -25.67 36.14 -25.26
C GLY C 352 -24.63 36.74 -24.33
N LEU C 353 -23.62 35.94 -23.98
CA LEU C 353 -22.60 36.49 -23.12
C LEU C 353 -21.65 37.40 -23.86
N LYS C 354 -21.64 37.35 -25.20
CA LYS C 354 -20.98 38.38 -26.00
C LYS C 354 -21.57 39.74 -25.69
N GLU C 355 -22.90 39.81 -25.69
CA GLU C 355 -23.56 41.08 -25.32
C GLU C 355 -23.10 41.57 -23.95
N ARG C 356 -23.07 40.68 -22.95
CA ARG C 356 -22.74 41.15 -21.61
C ARG C 356 -21.26 41.55 -21.47
N TYR C 357 -20.36 40.82 -22.12
CA TYR C 357 -18.93 41.11 -21.97
C TYR C 357 -18.52 42.34 -22.77
N GLU C 358 -19.13 42.55 -23.94
CA GLU C 358 -18.96 43.80 -24.67
C GLU C 358 -19.39 44.98 -23.83
N LEU C 359 -20.50 44.84 -23.11
CA LEU C 359 -20.93 45.95 -22.25
C LEU C 359 -19.98 46.18 -21.09
N HIS C 360 -19.29 45.15 -20.60
CA HIS C 360 -18.37 45.41 -19.49
C HIS C 360 -17.05 45.99 -19.97
N HIS C 361 -16.37 45.30 -20.89
CA HIS C 361 -15.01 45.70 -21.26
C HIS C 361 -14.97 46.84 -22.26
N HIS C 362 -16.11 47.37 -22.70
CA HIS C 362 -16.23 48.41 -23.72
C HIS C 362 -15.57 48.03 -25.03
N VAL C 363 -15.48 46.75 -25.35
CA VAL C 363 -14.93 46.35 -26.63
C VAL C 363 -16.03 45.64 -27.39
N GLN C 364 -15.72 45.19 -28.61
CA GLN C 364 -16.73 44.62 -29.49
C GLN C 364 -16.24 43.25 -29.93
N ILE C 365 -16.91 42.21 -29.45
CA ILE C 365 -16.49 40.84 -29.72
C ILE C 365 -17.06 40.43 -31.06
N THR C 366 -16.20 40.21 -32.04
CA THR C 366 -16.67 39.84 -33.36
C THR C 366 -17.06 38.37 -33.34
N ASP C 367 -18.11 38.03 -34.07
CA ASP C 367 -18.63 36.67 -34.03
C ASP C 367 -17.68 35.58 -34.53
N PRO C 368 -16.79 35.82 -35.51
CA PRO C 368 -15.70 34.85 -35.71
C PRO C 368 -14.83 34.62 -34.51
N ALA C 369 -14.67 35.58 -33.61
CA ALA C 369 -13.92 35.30 -32.39
C ALA C 369 -14.68 34.36 -31.47
N ILE C 370 -16.02 34.44 -31.47
CA ILE C 370 -16.82 33.53 -30.66
C ILE C 370 -16.70 32.11 -31.17
N VAL C 371 -16.85 31.92 -32.48
CA VAL C 371 -16.78 30.56 -32.98
C VAL C 371 -15.34 30.04 -32.91
N ALA C 372 -14.36 30.94 -32.94
CA ALA C 372 -12.99 30.54 -32.67
C ALA C 372 -12.81 30.14 -31.22
N ALA C 373 -13.42 30.85 -30.27
CA ALA C 373 -13.20 30.54 -28.86
C ALA C 373 -13.80 29.21 -28.48
N ALA C 374 -15.02 28.95 -28.94
CA ALA C 374 -15.63 27.65 -28.66
C ALA C 374 -14.87 26.52 -29.35
N THR C 375 -14.50 26.69 -30.62
CA THR C 375 -13.82 25.62 -31.34
C THR C 375 -12.42 25.35 -30.81
N LEU C 376 -11.62 26.40 -30.64
CA LEU C 376 -10.26 26.25 -30.16
C LEU C 376 -10.21 25.75 -28.74
N SER C 377 -11.05 26.28 -27.84
CA SER C 377 -10.95 25.76 -26.50
C SER C 377 -11.58 24.39 -26.35
N HIS C 378 -12.43 23.96 -27.29
CA HIS C 378 -12.80 22.56 -27.24
C HIS C 378 -11.68 21.68 -27.74
N ARG C 379 -10.83 22.18 -28.63
CA ARG C 379 -9.79 21.31 -29.16
C ARG C 379 -8.57 21.26 -28.23
N TYR C 380 -8.07 22.41 -27.81
CA TYR C 380 -6.74 22.51 -27.23
C TYR C 380 -6.72 22.56 -25.72
N ILE C 381 -7.85 22.35 -25.05
CA ILE C 381 -7.83 22.30 -23.58
C ILE C 381 -8.63 21.08 -23.13
N ALA C 382 -7.95 20.15 -22.47
CA ALA C 382 -8.60 18.98 -21.87
C ALA C 382 -8.80 19.14 -20.38
N ASP C 383 -8.31 20.25 -19.81
CA ASP C 383 -8.38 20.50 -18.38
C ASP C 383 -9.81 20.83 -17.96
N ARG C 384 -10.38 21.89 -18.53
CA ARG C 384 -11.65 22.46 -18.09
C ARG C 384 -12.74 22.14 -19.11
N GLN C 385 -13.97 22.55 -18.80
CA GLN C 385 -15.13 22.12 -19.58
C GLN C 385 -15.98 23.29 -20.04
N LEU C 386 -16.70 23.05 -21.13
CA LEU C 386 -17.47 24.08 -21.80
C LEU C 386 -18.66 24.49 -20.96
N PRO C 387 -19.12 25.74 -21.07
CA PRO C 387 -18.65 26.85 -21.87
C PRO C 387 -17.64 27.65 -21.13
N ASP C 388 -17.20 27.15 -19.98
CA ASP C 388 -16.38 27.96 -19.09
C ASP C 388 -15.01 28.25 -19.68
N LYS C 389 -14.42 27.29 -20.37
CA LYS C 389 -13.16 27.56 -21.04
C LYS C 389 -13.35 28.50 -22.21
N ALA C 390 -14.47 28.39 -22.92
CA ALA C 390 -14.70 29.29 -24.04
C ALA C 390 -15.04 30.70 -23.58
N ILE C 391 -15.86 30.83 -22.54
CA ILE C 391 -16.13 32.12 -21.93
C ILE C 391 -14.87 32.74 -21.37
N ASP C 392 -13.96 31.93 -20.84
CA ASP C 392 -12.70 32.47 -20.37
C ASP C 392 -11.82 32.98 -21.49
N LEU C 393 -11.81 32.30 -22.64
CA LEU C 393 -11.06 32.83 -23.77
C LEU C 393 -11.62 34.15 -24.24
N ILE C 394 -12.95 34.26 -24.29
CA ILE C 394 -13.62 35.49 -24.71
C ILE C 394 -13.31 36.64 -23.74
N ASP C 395 -13.42 36.36 -22.45
CA ASP C 395 -13.26 37.41 -21.45
C ASP C 395 -11.81 37.87 -21.35
N GLU C 396 -10.85 36.94 -21.34
CA GLU C 396 -9.45 37.34 -21.29
C GLU C 396 -9.01 38.01 -22.58
N ALA C 397 -9.59 37.64 -23.72
CA ALA C 397 -9.28 38.32 -24.96
C ALA C 397 -9.75 39.76 -24.92
N ALA C 398 -10.96 39.99 -24.42
CA ALA C 398 -11.46 41.35 -24.27
C ALA C 398 -10.65 42.15 -23.26
N SER C 399 -10.12 41.49 -22.22
CA SER C 399 -9.22 42.17 -21.29
C SER C 399 -7.95 42.61 -21.99
N SER C 400 -7.42 41.77 -22.87
CA SER C 400 -6.19 42.14 -23.56
C SER C 400 -6.42 43.31 -24.51
N ILE C 401 -7.54 43.30 -25.21
CA ILE C 401 -7.86 44.38 -26.13
C ILE C 401 -8.04 45.69 -25.38
N ARG C 402 -8.72 45.66 -24.24
CA ARG C 402 -8.90 46.89 -23.49
C ARG C 402 -7.59 47.39 -22.86
N MET C 403 -6.69 46.49 -22.49
CA MET C 403 -5.38 46.93 -22.02
C MET C 403 -4.56 47.58 -23.13
N GLN C 404 -4.62 47.02 -24.35
CA GLN C 404 -3.94 47.66 -25.46
C GLN C 404 -4.53 49.03 -25.77
N ILE C 405 -5.85 49.16 -25.63
CA ILE C 405 -6.53 50.43 -25.87
C ILE C 405 -6.12 51.46 -24.83
N ASP C 406 -5.86 51.03 -23.59
CA ASP C 406 -5.64 51.96 -22.49
C ASP C 406 -4.38 52.80 -22.65
N SER C 407 -3.19 52.19 -22.63
CA SER C 407 -1.95 52.96 -22.73
C SER C 407 -1.31 52.88 -24.11
N LYS C 408 -0.92 51.68 -24.54
CA LYS C 408 -0.17 51.44 -25.77
C LYS C 408 -0.17 49.93 -26.01
N PRO C 409 0.05 49.50 -27.27
CA PRO C 409 -0.01 48.06 -27.56
C PRO C 409 1.12 47.27 -26.91
N GLU C 410 1.00 45.94 -27.00
CA GLU C 410 1.98 45.09 -26.31
C GLU C 410 3.35 45.13 -26.95
N GLU C 411 3.46 45.45 -28.23
CA GLU C 411 4.78 45.43 -28.85
C GLU C 411 5.62 46.59 -28.38
N LEU C 412 5.02 47.78 -28.29
CA LEU C 412 5.69 48.90 -27.64
C LEU C 412 5.86 48.65 -26.15
N ASP C 413 5.03 47.82 -25.53
CA ASP C 413 5.25 47.46 -24.13
C ASP C 413 6.50 46.61 -23.96
N ARG C 414 6.67 45.60 -24.84
CA ARG C 414 7.88 44.79 -24.87
C ARG C 414 9.12 45.66 -25.03
N LEU C 415 9.07 46.56 -26.02
CA LEU C 415 10.24 47.38 -26.30
C LEU C 415 10.52 48.38 -25.19
N ASP C 416 9.49 48.93 -24.56
CA ASP C 416 9.71 49.88 -23.48
C ASP C 416 10.30 49.20 -22.26
N ARG C 417 9.78 48.00 -21.91
CA ARG C 417 10.35 47.24 -20.81
C ARG C 417 11.78 46.83 -21.10
N ARG C 418 12.07 46.45 -22.34
CA ARG C 418 13.43 46.02 -22.66
C ARG C 418 14.40 47.19 -22.66
N ILE C 419 13.97 48.36 -23.13
CA ILE C 419 14.91 49.47 -23.15
C ILE C 419 15.14 50.03 -21.74
N ILE C 420 14.11 50.03 -20.86
CA ILE C 420 14.37 50.47 -19.50
C ILE C 420 15.18 49.41 -18.76
N GLN C 421 15.03 48.14 -19.15
CA GLN C 421 15.74 47.06 -18.51
C GLN C 421 17.23 47.11 -18.83
N LEU C 422 17.56 47.18 -20.12
CA LEU C 422 18.95 47.28 -20.53
C LEU C 422 19.55 48.63 -20.16
N LYS C 423 18.72 49.67 -20.03
CA LYS C 423 19.21 50.98 -19.58
C LYS C 423 19.71 50.90 -18.15
N LEU C 424 18.88 50.41 -17.23
CA LEU C 424 19.35 50.29 -15.85
C LEU C 424 20.35 49.14 -15.68
N GLU C 425 20.39 48.19 -16.61
CA GLU C 425 21.38 47.13 -16.54
C GLU C 425 22.76 47.62 -16.98
N GLN C 426 22.82 48.47 -18.00
CA GLN C 426 24.08 49.12 -18.35
C GLN C 426 24.47 50.14 -17.29
N GLN C 427 23.47 50.73 -16.62
CA GLN C 427 23.74 51.54 -15.43
C GLN C 427 24.37 50.70 -14.32
N ALA C 428 23.97 49.43 -14.21
CA ALA C 428 24.56 48.56 -13.21
C ALA C 428 25.97 48.11 -13.56
N LEU C 429 26.38 48.19 -14.83
CA LEU C 429 27.73 47.83 -15.23
C LEU C 429 28.71 48.99 -15.12
N MET C 430 28.37 50.03 -14.36
CA MET C 430 29.23 51.19 -14.25
C MET C 430 29.59 51.48 -12.79
N LEU C 441 33.13 42.77 -23.84
CA LEU C 441 32.91 43.21 -22.48
C LEU C 441 31.41 43.33 -22.25
N ASP C 442 30.82 44.43 -22.74
CA ASP C 442 29.39 44.60 -22.60
C ASP C 442 28.61 43.67 -23.51
N MET C 443 28.75 43.89 -24.83
CA MET C 443 27.81 43.41 -25.85
C MET C 443 26.38 43.77 -25.49
N LEU C 444 26.20 44.97 -24.96
CA LEU C 444 24.96 45.44 -24.36
C LEU C 444 24.55 46.79 -24.91
N ASN C 445 25.50 47.68 -25.14
CA ASN C 445 25.22 48.99 -25.71
C ASN C 445 24.71 48.88 -27.13
N GLU C 446 25.22 47.89 -27.88
CA GLU C 446 24.73 47.60 -29.22
C GLU C 446 23.28 47.14 -29.18
N GLU C 447 22.98 46.21 -28.27
CA GLU C 447 21.63 45.70 -28.09
C GLU C 447 20.67 46.79 -27.65
N LEU C 448 21.12 47.64 -26.72
CA LEU C 448 20.27 48.73 -26.24
C LEU C 448 20.01 49.76 -27.33
N SER C 449 21.01 50.07 -28.15
CA SER C 449 20.81 51.02 -29.23
C SER C 449 19.88 50.47 -30.30
N ASP C 450 19.98 49.17 -30.59
CA ASP C 450 19.08 48.54 -31.55
C ASP C 450 17.65 48.52 -31.02
N LYS C 451 17.47 48.27 -29.73
CA LYS C 451 16.11 48.26 -29.20
C LYS C 451 15.53 49.67 -29.07
N GLU C 452 16.37 50.68 -28.82
CA GLU C 452 15.88 52.05 -28.81
C GLU C 452 15.48 52.50 -30.20
N ARG C 453 16.23 52.10 -31.22
CA ARG C 453 15.85 52.42 -32.59
C ARG C 453 14.59 51.68 -33.01
N GLN C 454 14.43 50.43 -32.56
CA GLN C 454 13.22 49.67 -32.86
C GLN C 454 11.99 50.27 -32.17
N TYR C 455 12.18 50.77 -30.94
CA TYR C 455 11.11 51.46 -30.24
C TYR C 455 10.73 52.75 -30.95
N SER C 456 11.72 53.46 -31.50
CA SER C 456 11.43 54.68 -32.22
C SER C 456 10.66 54.39 -33.51
N GLU C 457 11.00 53.30 -34.20
CA GLU C 457 10.31 52.97 -35.44
C GLU C 457 8.88 52.51 -35.19
N LEU C 458 8.66 51.68 -34.18
CA LEU C 458 7.29 51.24 -33.92
C LEU C 458 6.45 52.33 -33.28
N GLU C 459 7.06 53.27 -32.53
CA GLU C 459 6.29 54.40 -32.06
C GLU C 459 5.95 55.36 -33.21
N GLU C 460 6.84 55.46 -34.20
CA GLU C 460 6.53 56.25 -35.39
C GLU C 460 5.39 55.62 -36.18
N GLU C 461 5.36 54.28 -36.25
CA GLU C 461 4.24 53.61 -36.92
C GLU C 461 2.95 53.76 -36.14
N TRP C 462 3.02 53.77 -34.80
CA TRP C 462 1.82 53.96 -33.99
C TRP C 462 1.30 55.39 -34.08
N LYS C 463 2.19 56.36 -34.22
CA LYS C 463 1.73 57.71 -34.52
C LYS C 463 1.28 57.85 -35.96
N ALA C 464 1.73 56.95 -36.85
CA ALA C 464 1.30 56.98 -38.23
C ALA C 464 -0.07 56.35 -38.43
N GLU C 465 -0.47 55.43 -37.56
CA GLU C 465 -1.80 54.85 -37.60
C GLU C 465 -2.73 55.46 -36.56
N LYS C 466 -2.48 56.70 -36.16
CA LYS C 466 -3.33 57.36 -35.20
C LYS C 466 -3.72 58.76 -35.69
N LEU C 527 -3.01 49.95 -33.83
CA LEU C 527 -4.18 50.03 -32.96
C LEU C 527 -5.06 48.80 -33.10
N ARG C 528 -5.71 48.42 -32.00
CA ARG C 528 -6.71 47.37 -31.99
C ARG C 528 -7.89 47.82 -31.16
N ASN C 529 -9.08 47.38 -31.55
CA ASN C 529 -10.30 47.70 -30.81
C ASN C 529 -11.27 46.55 -30.67
N LYS C 530 -11.25 45.54 -31.52
CA LYS C 530 -12.18 44.43 -31.46
C LYS C 530 -11.46 43.15 -31.11
N VAL C 531 -12.22 42.18 -30.63
CA VAL C 531 -11.72 40.83 -30.43
C VAL C 531 -11.99 40.07 -31.72
N THR C 532 -10.95 39.78 -32.47
CA THR C 532 -11.06 38.93 -33.64
C THR C 532 -10.59 37.53 -33.28
N ASP C 533 -10.54 36.65 -34.26
CA ASP C 533 -10.06 35.30 -34.01
C ASP C 533 -8.56 35.23 -33.75
N ALA C 534 -7.82 36.25 -34.19
CA ALA C 534 -6.39 36.27 -33.92
C ALA C 534 -6.11 36.57 -32.45
N GLU C 535 -6.99 37.32 -31.80
CA GLU C 535 -6.80 37.55 -30.37
C GLU C 535 -7.16 36.34 -29.54
N ILE C 536 -8.21 35.62 -29.92
CA ILE C 536 -8.54 34.35 -29.30
C ILE C 536 -7.38 33.38 -29.46
N ALA C 537 -6.77 33.36 -30.64
CA ALA C 537 -5.67 32.44 -30.86
C ALA C 537 -4.45 32.82 -30.03
N GLU C 538 -4.18 34.11 -29.86
CA GLU C 538 -3.02 34.48 -29.04
C GLU C 538 -3.27 34.23 -27.56
N VAL C 539 -4.50 34.42 -27.09
CA VAL C 539 -4.84 34.10 -25.70
C VAL C 539 -4.72 32.61 -25.43
N LEU C 540 -5.17 31.78 -26.36
CA LEU C 540 -5.01 30.34 -26.16
C LEU C 540 -3.56 29.91 -26.34
N ALA C 541 -2.77 30.61 -27.14
CA ALA C 541 -1.37 30.26 -27.21
C ALA C 541 -0.59 30.78 -26.01
N ARG C 542 -1.18 31.62 -25.17
CA ARG C 542 -0.54 31.95 -23.92
C ARG C 542 -1.18 31.29 -22.71
N TRP C 543 -2.33 30.65 -22.86
CA TRP C 543 -2.85 29.83 -21.77
C TRP C 543 -1.90 28.67 -21.69
N THR C 544 -1.94 27.84 -22.72
CA THR C 544 -1.25 26.56 -22.73
C THR C 544 0.23 26.70 -23.08
N GLY C 545 0.51 27.11 -24.30
CA GLY C 545 1.84 27.06 -24.83
C GLY C 545 1.85 26.48 -26.23
N ILE C 546 0.73 25.89 -26.65
CA ILE C 546 0.65 25.39 -28.02
C ILE C 546 0.69 26.57 -28.98
N PRO C 547 1.52 26.57 -30.00
CA PRO C 547 1.60 27.72 -30.90
C PRO C 547 0.42 27.80 -31.85
N VAL C 548 -0.68 28.37 -31.35
CA VAL C 548 -1.90 28.48 -32.14
C VAL C 548 -1.95 29.79 -32.91
N SER C 549 -1.16 30.78 -32.50
CA SER C 549 -1.19 32.15 -33.02
C SER C 549 -0.89 32.21 -34.52
N ARG C 550 -1.20 33.35 -35.11
CA ARG C 550 -0.72 33.60 -36.45
C ARG C 550 0.77 33.88 -36.40
N MET C 551 1.49 33.42 -37.41
CA MET C 551 2.94 33.60 -37.43
C MET C 551 3.29 35.05 -37.73
N MET C 552 4.05 35.67 -36.84
CA MET C 552 4.65 36.96 -37.14
C MET C 552 5.78 36.78 -38.15
N GLU C 553 6.29 37.91 -38.66
CA GLU C 553 7.25 37.84 -39.76
C GLU C 553 8.61 37.34 -39.32
N SER C 554 9.04 37.67 -38.11
CA SER C 554 10.29 37.11 -37.58
C SER C 554 10.19 35.60 -37.45
N GLU C 555 9.08 35.10 -36.91
CA GLU C 555 8.91 33.67 -36.74
C GLU C 555 8.73 32.96 -38.06
N ARG C 556 8.03 33.59 -39.02
CA ARG C 556 7.79 32.93 -40.29
C ARG C 556 9.05 32.88 -41.13
N GLU C 557 9.85 33.94 -41.10
CA GLU C 557 11.13 33.92 -41.80
C GLU C 557 12.12 32.99 -41.11
N LYS C 558 11.99 32.82 -39.80
CA LYS C 558 12.77 31.79 -39.10
C LYS C 558 12.37 30.40 -39.55
N LEU C 559 11.07 30.20 -39.75
CA LEU C 559 10.55 28.86 -39.95
C LEU C 559 10.60 28.41 -41.40
N LEU C 560 10.70 29.34 -42.35
CA LEU C 560 10.96 28.93 -43.72
C LEU C 560 12.42 28.53 -43.93
N ARG C 561 13.31 29.00 -43.07
CA ARG C 561 14.72 28.64 -43.09
C ARG C 561 15.00 27.55 -42.08
N MET C 562 14.07 26.61 -41.94
CA MET C 562 14.15 25.55 -40.94
C MET C 562 15.39 24.71 -41.11
N GLU C 563 15.64 24.27 -42.33
CA GLU C 563 16.71 23.32 -42.57
C GLU C 563 18.08 23.98 -42.46
N GLN C 564 18.19 25.27 -42.79
CA GLN C 564 19.41 26.00 -42.53
C GLN C 564 19.68 26.14 -41.03
N GLU C 565 18.63 26.25 -40.22
CA GLU C 565 18.81 26.30 -38.78
C GLU C 565 19.18 24.94 -38.22
N LEU C 566 18.72 23.87 -38.85
CA LEU C 566 19.06 22.55 -38.33
C LEU C 566 20.40 22.05 -38.81
N HIS C 567 20.87 22.49 -39.97
CA HIS C 567 22.21 22.07 -40.41
C HIS C 567 23.32 22.88 -39.76
N HIS C 568 23.03 23.75 -38.80
CA HIS C 568 24.11 24.32 -38.00
C HIS C 568 24.56 23.39 -36.90
N ARG C 569 23.77 22.37 -36.57
CA ARG C 569 24.15 21.41 -35.56
C ARG C 569 24.12 19.97 -36.03
N VAL C 570 23.42 19.68 -37.12
CA VAL C 570 23.37 18.36 -37.71
C VAL C 570 23.85 18.54 -39.14
N ILE C 571 25.10 18.31 -39.39
CA ILE C 571 25.58 18.46 -40.75
C ILE C 571 25.45 17.11 -41.43
N GLY C 572 25.10 17.14 -42.70
CA GLY C 572 24.64 15.96 -43.36
C GLY C 572 23.22 15.66 -42.94
N GLN C 573 22.78 14.45 -43.29
CA GLN C 573 21.48 13.87 -42.91
C GLN C 573 20.32 14.76 -43.38
N ASN C 574 20.16 14.85 -44.70
CA ASN C 574 19.16 15.74 -45.27
C ASN C 574 17.75 15.19 -45.15
N GLU C 575 17.58 13.87 -45.24
CA GLU C 575 16.25 13.27 -45.29
C GLU C 575 15.49 13.50 -44.00
N ALA C 576 16.17 13.38 -42.87
CA ALA C 576 15.52 13.56 -41.59
C ALA C 576 15.19 15.01 -41.31
N VAL C 577 16.08 15.92 -41.72
CA VAL C 577 15.80 17.34 -41.55
C VAL C 577 14.62 17.76 -42.41
N ASP C 578 14.51 17.19 -43.61
CA ASP C 578 13.33 17.40 -44.45
C ASP C 578 12.07 16.89 -43.78
N ALA C 579 12.13 15.70 -43.18
CA ALA C 579 10.97 15.09 -42.56
C ALA C 579 10.49 15.88 -41.35
N VAL C 580 11.43 16.23 -40.47
CA VAL C 580 11.10 16.96 -39.25
C VAL C 580 10.62 18.37 -39.56
N SER C 581 11.29 19.04 -40.50
CA SER C 581 10.88 20.35 -40.99
C SER C 581 9.47 20.32 -41.52
N ASN C 582 9.13 19.29 -42.28
CA ASN C 582 7.80 19.22 -42.86
C ASN C 582 6.74 18.93 -41.82
N ALA C 583 7.06 18.17 -40.77
CA ALA C 583 6.08 17.95 -39.71
C ALA C 583 5.78 19.22 -38.94
N ILE C 584 6.82 20.00 -38.65
CA ILE C 584 6.58 21.26 -37.94
C ILE C 584 5.91 22.28 -38.84
N ARG C 585 6.17 22.22 -40.15
CA ARG C 585 5.51 23.16 -41.05
C ARG C 585 4.03 22.81 -41.23
N ARG C 586 3.69 21.52 -41.25
CA ARG C 586 2.28 21.15 -41.20
C ARG C 586 1.63 21.55 -39.90
N SER C 587 2.36 21.53 -38.80
CA SER C 587 1.78 21.98 -37.53
C SER C 587 1.44 23.45 -37.60
N ARG C 588 2.40 24.28 -38.00
CA ARG C 588 2.21 25.72 -37.90
C ARG C 588 1.27 26.24 -38.97
N ALA C 589 1.23 25.60 -40.14
CA ALA C 589 0.29 26.06 -41.14
C ALA C 589 -1.11 25.52 -40.93
N GLY C 590 -1.33 24.71 -39.90
CA GLY C 590 -2.66 24.26 -39.57
C GLY C 590 -3.23 23.28 -40.57
N LEU C 591 -2.47 22.26 -40.91
CA LEU C 591 -2.97 21.15 -41.70
C LEU C 591 -2.79 19.83 -40.97
N ALA C 592 -2.33 19.86 -39.74
CA ALA C 592 -1.99 18.63 -39.03
C ALA C 592 -3.25 17.89 -38.64
N ASP C 593 -3.12 16.61 -38.47
CA ASP C 593 -4.25 15.78 -38.09
C ASP C 593 -4.53 16.02 -36.62
N PRO C 594 -5.72 16.47 -36.25
CA PRO C 594 -5.99 16.78 -34.85
C PRO C 594 -6.35 15.58 -33.99
N ASN C 595 -6.24 14.35 -34.48
CA ASN C 595 -6.50 13.17 -33.67
C ASN C 595 -5.24 12.39 -33.39
N ARG C 596 -4.10 12.88 -33.80
CA ARG C 596 -2.83 12.17 -33.72
C ARG C 596 -1.84 13.22 -33.24
N PRO C 597 -0.60 12.88 -32.87
CA PRO C 597 0.35 13.96 -32.60
C PRO C 597 0.80 14.69 -33.85
N ILE C 598 1.78 15.57 -33.72
CA ILE C 598 2.26 16.32 -34.88
C ILE C 598 2.97 15.39 -35.86
N GLY C 599 3.85 14.55 -35.35
CA GLY C 599 4.44 13.55 -36.20
C GLY C 599 5.22 12.57 -35.36
N SER C 600 5.03 11.30 -35.64
CA SER C 600 5.86 10.26 -35.07
C SER C 600 7.02 9.97 -36.00
N PHE C 601 8.15 9.59 -35.42
CA PHE C 601 9.34 9.41 -36.21
C PHE C 601 10.12 8.24 -35.68
N LEU C 602 10.84 7.57 -36.57
CA LEU C 602 11.66 6.44 -36.17
C LEU C 602 13.00 6.61 -36.87
N PHE C 603 13.96 7.19 -36.17
CA PHE C 603 15.22 7.55 -36.80
C PHE C 603 16.11 6.32 -36.82
N LEU C 604 16.11 5.59 -37.92
CA LEU C 604 17.02 4.46 -38.04
C LEU C 604 18.35 4.90 -38.63
N GLY C 605 19.39 4.13 -38.34
CA GLY C 605 20.70 4.45 -38.83
C GLY C 605 21.77 4.06 -37.87
N PRO C 606 23.01 3.95 -38.35
CA PRO C 606 24.08 3.38 -37.53
C PRO C 606 24.52 4.36 -36.46
N THR C 607 25.38 3.87 -35.57
CA THR C 607 25.69 4.58 -34.36
C THR C 607 26.57 5.79 -34.65
N GLY C 608 26.23 6.92 -34.08
CA GLY C 608 27.09 8.08 -34.17
C GLY C 608 26.94 8.93 -35.40
N VAL C 609 25.76 8.98 -36.01
CA VAL C 609 25.55 9.74 -37.22
C VAL C 609 24.64 10.94 -37.04
N GLY C 610 23.96 11.08 -35.92
CA GLY C 610 23.17 12.29 -35.72
C GLY C 610 21.74 12.13 -35.26
N LYS C 611 21.38 10.98 -34.70
CA LYS C 611 20.00 10.73 -34.31
C LYS C 611 19.61 11.53 -33.07
N THR C 612 20.30 11.31 -31.97
CA THR C 612 20.07 12.09 -30.76
C THR C 612 20.45 13.57 -30.95
N GLU C 613 21.35 13.86 -31.87
CA GLU C 613 21.70 15.25 -32.11
C GLU C 613 20.62 16.01 -32.85
N LEU C 614 19.87 15.35 -33.71
CA LEU C 614 18.77 16.05 -34.34
C LEU C 614 17.66 16.33 -33.35
N CYS C 615 17.49 15.48 -32.35
CA CYS C 615 16.48 15.76 -31.35
C CYS C 615 16.91 16.90 -30.43
N LYS C 616 18.20 16.95 -30.09
CA LYS C 616 18.68 18.10 -29.33
C LYS C 616 18.65 19.38 -30.17
N ALA C 617 18.88 19.28 -31.47
CA ALA C 617 18.76 20.46 -32.32
C ALA C 617 17.31 20.88 -32.49
N LEU C 618 16.38 19.92 -32.42
CA LEU C 618 14.97 20.25 -32.38
C LEU C 618 14.60 21.03 -31.14
N ALA C 619 15.01 20.56 -29.98
CA ALA C 619 14.67 21.31 -28.78
C ALA C 619 15.41 22.64 -28.71
N ASN C 620 16.60 22.75 -29.31
CA ASN C 620 17.28 24.03 -29.31
C ASN C 620 16.73 24.97 -30.37
N PHE C 621 16.19 24.45 -31.46
CA PHE C 621 15.48 25.31 -32.39
C PHE C 621 14.18 25.79 -31.76
N MET C 622 13.33 24.83 -31.42
CA MET C 622 11.93 25.05 -31.12
C MET C 622 11.74 25.70 -29.76
N PHE C 623 12.56 25.31 -28.78
CA PHE C 623 12.36 25.69 -27.40
C PHE C 623 13.53 26.44 -26.80
N ASP C 624 14.49 26.85 -27.62
CA ASP C 624 15.59 27.75 -27.27
C ASP C 624 16.50 27.19 -26.19
N SER C 625 16.46 25.87 -25.97
CA SER C 625 17.25 25.24 -24.93
C SER C 625 17.48 23.79 -25.32
N ASP C 626 18.68 23.30 -25.09
CA ASP C 626 19.07 21.97 -25.55
C ASP C 626 18.28 20.89 -24.81
N GLU C 627 18.31 20.94 -23.50
CA GLU C 627 17.65 19.95 -22.65
C GLU C 627 16.27 20.41 -22.24
N ALA C 628 15.47 20.86 -23.19
CA ALA C 628 14.10 21.27 -22.92
C ALA C 628 13.20 20.38 -23.75
N MET C 629 12.96 19.18 -23.25
CA MET C 629 12.29 18.13 -23.98
C MET C 629 12.02 17.02 -22.99
N VAL C 630 11.09 16.14 -23.34
CA VAL C 630 10.80 14.98 -22.52
C VAL C 630 11.66 13.86 -23.10
N ARG C 631 12.76 13.56 -22.43
CA ARG C 631 13.64 12.51 -22.88
C ARG C 631 13.43 11.27 -22.02
N ILE C 632 12.93 10.22 -22.65
CA ILE C 632 12.66 8.96 -22.01
C ILE C 632 13.60 7.97 -22.62
N ASP C 633 14.69 7.69 -21.93
CA ASP C 633 15.67 6.72 -22.42
C ASP C 633 15.10 5.33 -22.31
N MET C 634 14.92 4.68 -23.44
CA MET C 634 14.32 3.37 -23.49
C MET C 634 15.29 2.27 -23.21
N SER C 635 16.43 2.57 -22.60
CA SER C 635 17.33 1.53 -22.15
C SER C 635 17.23 1.30 -20.66
N GLU C 636 16.24 1.90 -20.01
CA GLU C 636 15.89 1.54 -18.65
C GLU C 636 14.69 0.63 -18.59
N PHE C 637 14.10 0.34 -19.75
CA PHE C 637 12.85 -0.37 -19.83
C PHE C 637 13.09 -1.76 -20.38
N MET C 638 14.13 -2.41 -19.88
CA MET C 638 14.43 -3.75 -20.30
C MET C 638 13.57 -4.80 -19.64
N GLU C 639 12.62 -4.39 -18.78
CA GLU C 639 11.65 -5.31 -18.20
C GLU C 639 10.26 -4.72 -18.36
N LYS C 640 9.25 -5.60 -18.34
CA LYS C 640 7.87 -5.19 -18.54
C LYS C 640 7.26 -4.43 -17.38
N HIS C 641 7.95 -4.37 -16.24
CA HIS C 641 7.42 -3.65 -15.08
C HIS C 641 7.37 -2.19 -15.37
N SER C 642 8.41 -1.72 -16.04
CA SER C 642 8.81 -0.33 -16.21
C SER C 642 8.07 0.38 -17.32
N VAL C 643 6.91 -0.16 -17.67
CA VAL C 643 5.81 0.60 -18.22
C VAL C 643 5.15 1.43 -17.13
N SER C 644 5.19 0.91 -15.91
CA SER C 644 4.54 1.59 -14.80
C SER C 644 5.24 2.87 -14.44
N ARG C 645 6.50 3.05 -14.84
CA ARG C 645 7.18 4.30 -14.62
C ARG C 645 6.95 5.29 -15.73
N LEU C 646 5.96 5.06 -16.59
CA LEU C 646 5.43 6.14 -17.40
C LEU C 646 3.91 6.10 -17.51
N VAL C 647 3.23 5.20 -16.82
CA VAL C 647 1.81 5.41 -16.57
C VAL C 647 1.50 5.67 -15.09
N GLY C 648 2.45 5.45 -14.19
CA GLY C 648 2.17 5.55 -12.78
C GLY C 648 1.54 4.29 -12.26
N ALA C 649 1.42 4.21 -10.98
CA ALA C 649 0.96 2.97 -10.39
C ALA C 649 -0.56 2.97 -10.31
N PRO C 650 -1.18 1.80 -10.29
CA PRO C 650 -2.65 1.75 -10.20
C PRO C 650 -3.15 2.13 -8.82
N PRO C 651 -4.46 2.22 -8.61
CA PRO C 651 -4.97 2.46 -7.25
C PRO C 651 -4.66 1.32 -6.30
N GLY C 652 -4.18 1.70 -5.12
CA GLY C 652 -3.80 0.73 -4.12
C GLY C 652 -2.31 0.58 -3.96
N TYR C 653 -1.57 0.67 -5.04
CA TYR C 653 -0.15 0.36 -5.00
C TYR C 653 0.63 1.61 -4.63
N VAL C 654 1.96 1.53 -4.67
CA VAL C 654 2.80 2.42 -3.87
C VAL C 654 2.83 3.83 -4.46
N GLY C 655 3.27 3.96 -5.70
CA GLY C 655 3.36 5.27 -6.30
C GLY C 655 2.09 5.64 -7.02
N TYR C 656 0.96 5.51 -6.35
CA TYR C 656 -0.29 5.95 -6.94
C TYR C 656 -0.36 7.46 -6.99
N GLU C 657 -0.04 8.10 -5.88
CA GLU C 657 -0.28 9.53 -5.70
C GLU C 657 0.64 10.43 -6.49
N GLU C 658 1.47 9.91 -7.40
CA GLU C 658 2.38 10.76 -8.15
C GLU C 658 2.27 10.64 -9.66
N GLY C 659 1.58 9.64 -10.19
CA GLY C 659 1.32 9.57 -11.61
C GLY C 659 2.55 9.20 -12.41
N GLY C 660 2.36 9.08 -13.71
CA GLY C 660 3.43 8.66 -14.57
C GLY C 660 4.51 9.71 -14.74
N TYR C 661 5.65 9.26 -15.24
CA TYR C 661 6.66 10.23 -15.67
C TYR C 661 6.20 10.97 -16.91
N LEU C 662 5.87 10.22 -17.96
CA LEU C 662 5.50 10.82 -19.24
C LEU C 662 4.20 11.58 -19.13
N THR C 663 3.22 11.03 -18.41
CA THR C 663 1.90 11.62 -18.37
C THR C 663 1.88 12.92 -17.58
N GLU C 664 2.59 12.98 -16.47
CA GLU C 664 2.68 14.25 -15.77
C GLU C 664 3.48 15.27 -16.55
N ALA C 665 4.53 14.82 -17.24
CA ALA C 665 5.38 15.77 -17.98
C ALA C 665 4.63 16.39 -19.13
N VAL C 666 3.77 15.63 -19.80
CA VAL C 666 2.95 16.24 -20.85
C VAL C 666 1.84 17.08 -20.24
N ARG C 667 1.21 16.60 -19.17
CA ARG C 667 0.10 17.35 -18.59
C ARG C 667 0.53 18.68 -17.98
N ARG C 668 1.82 18.85 -17.63
CA ARG C 668 2.33 20.19 -17.38
C ARG C 668 2.40 20.99 -18.67
N ARG C 669 3.09 20.44 -19.67
CA ARG C 669 3.55 21.17 -20.85
C ARG C 669 3.10 20.44 -22.10
N PRO C 670 1.97 20.82 -22.70
CA PRO C 670 1.35 19.96 -23.71
C PRO C 670 2.00 20.00 -25.06
N TYR C 671 2.90 20.95 -25.30
CA TYR C 671 3.59 21.13 -26.58
C TYR C 671 5.06 20.88 -26.31
N SER C 672 5.55 19.70 -26.65
CA SER C 672 6.90 19.32 -26.26
C SER C 672 7.39 18.20 -27.16
N VAL C 673 8.69 18.18 -27.39
CA VAL C 673 9.33 17.15 -28.20
C VAL C 673 9.58 15.97 -27.29
N ILE C 674 8.93 14.84 -27.55
CA ILE C 674 9.07 13.65 -26.73
C ILE C 674 10.02 12.71 -27.45
N LEU C 675 11.17 12.46 -26.85
CA LEU C 675 12.19 11.61 -27.45
C LEU C 675 12.23 10.28 -26.73
N LEU C 676 12.40 9.21 -27.48
CA LEU C 676 12.53 7.89 -26.87
C LEU C 676 13.79 7.25 -27.44
N ASP C 677 14.93 7.54 -26.85
CA ASP C 677 16.20 7.18 -27.44
C ASP C 677 16.54 5.72 -27.15
N ALA C 678 17.32 5.14 -28.07
CA ALA C 678 17.79 3.75 -28.03
C ALA C 678 16.63 2.76 -27.94
N VAL C 679 15.68 2.90 -28.85
CA VAL C 679 14.37 2.32 -28.63
C VAL C 679 14.34 0.81 -28.85
N GLU C 680 15.37 0.23 -29.45
CA GLU C 680 15.37 -1.20 -29.66
C GLU C 680 15.83 -1.97 -28.43
N LYS C 681 16.33 -1.28 -27.41
CA LYS C 681 16.81 -1.91 -26.20
C LYS C 681 15.71 -2.27 -25.24
N ALA C 682 14.52 -1.73 -25.42
CA ALA C 682 13.45 -1.92 -24.46
C ALA C 682 12.91 -3.33 -24.54
N HIS C 683 11.94 -3.62 -23.69
CA HIS C 683 11.23 -4.87 -23.83
C HIS C 683 10.37 -4.76 -25.10
N PRO C 684 10.18 -5.85 -25.85
CA PRO C 684 9.45 -5.75 -27.11
C PRO C 684 8.03 -5.27 -26.98
N ASP C 685 7.31 -5.72 -25.97
CA ASP C 685 6.01 -5.12 -25.67
C ASP C 685 6.08 -4.15 -24.49
N VAL C 686 6.97 -3.18 -24.53
CA VAL C 686 6.71 -1.90 -23.87
C VAL C 686 6.03 -0.96 -24.83
N PHE C 687 6.18 -1.19 -26.13
CA PHE C 687 5.50 -0.38 -27.14
C PHE C 687 4.09 -0.89 -27.38
N ASN C 688 3.29 -0.73 -26.37
CA ASN C 688 1.85 -0.81 -26.50
C ASN C 688 1.19 0.44 -25.95
N ILE C 689 1.78 0.97 -24.88
CA ILE C 689 1.67 2.38 -24.53
C ILE C 689 1.84 3.27 -25.75
N LEU C 690 2.83 2.97 -26.58
CA LEU C 690 2.94 3.80 -27.75
C LEU C 690 1.94 3.46 -28.84
N LEU C 691 1.26 2.31 -28.79
CA LEU C 691 0.16 2.12 -29.73
C LEU C 691 -0.92 3.16 -29.47
N GLN C 692 -1.24 3.35 -28.21
CA GLN C 692 -2.21 4.38 -27.85
C GLN C 692 -1.72 5.78 -28.18
N VAL C 693 -0.48 6.08 -27.79
CA VAL C 693 0.06 7.43 -27.92
C VAL C 693 0.17 7.83 -29.38
N LEU C 694 0.74 6.95 -30.21
CA LEU C 694 0.96 7.31 -31.59
C LEU C 694 -0.34 7.33 -32.37
N ASP C 695 -1.26 6.45 -32.04
CA ASP C 695 -2.48 6.43 -32.84
C ASP C 695 -3.39 7.59 -32.48
N ASP C 696 -3.57 7.89 -31.20
CA ASP C 696 -4.60 8.84 -30.85
C ASP C 696 -4.18 9.94 -29.91
N GLY C 697 -2.92 10.00 -29.51
CA GLY C 697 -2.46 11.11 -28.71
C GLY C 697 -3.06 11.17 -27.33
N ARG C 698 -3.53 10.06 -26.81
CA ARG C 698 -4.05 10.04 -25.47
C ARG C 698 -3.50 8.82 -24.76
N LEU C 699 -2.92 9.06 -23.61
CA LEU C 699 -2.40 8.02 -22.74
C LEU C 699 -3.07 8.20 -21.40
N THR C 700 -3.50 7.10 -20.81
CA THR C 700 -4.27 7.14 -19.58
C THR C 700 -3.38 6.72 -18.44
N ASP C 701 -3.15 7.60 -17.49
CA ASP C 701 -2.18 7.27 -16.45
C ASP C 701 -2.82 6.38 -15.39
N GLY C 702 -2.14 6.25 -14.26
CA GLY C 702 -2.60 5.33 -13.23
C GLY C 702 -3.86 5.82 -12.54
N GLN C 703 -3.93 7.10 -12.23
CA GLN C 703 -5.02 7.61 -11.43
C GLN C 703 -6.32 7.69 -12.20
N GLY C 704 -6.27 7.69 -13.53
CA GLY C 704 -7.48 7.68 -14.33
C GLY C 704 -7.49 8.74 -15.42
N ARG C 705 -6.91 9.90 -15.13
CA ARG C 705 -7.03 11.04 -16.02
C ARG C 705 -6.21 10.84 -17.28
N THR C 706 -6.85 10.92 -18.44
CA THR C 706 -6.11 10.78 -19.67
C THR C 706 -5.41 12.06 -19.99
N VAL C 707 -4.18 11.93 -20.43
CA VAL C 707 -3.37 13.05 -20.80
C VAL C 707 -3.41 13.14 -22.31
N ASP C 708 -3.50 14.35 -22.84
CA ASP C 708 -3.65 14.58 -24.26
C ASP C 708 -2.26 14.81 -24.84
N PHE C 709 -1.83 13.95 -25.76
CA PHE C 709 -0.50 14.12 -26.34
C PHE C 709 -0.54 14.73 -27.71
N ARG C 710 -1.68 15.15 -28.20
CA ARG C 710 -1.92 15.50 -29.61
C ARG C 710 -1.28 16.68 -30.04
N ASN C 711 -0.39 17.34 -29.30
CA ASN C 711 0.35 18.47 -29.83
C ASN C 711 1.85 18.26 -29.71
N THR C 712 2.28 17.04 -29.43
CA THR C 712 3.67 16.71 -29.19
C THR C 712 4.30 16.11 -30.43
N VAL C 713 5.62 16.00 -30.41
CA VAL C 713 6.39 15.38 -31.49
C VAL C 713 7.05 14.15 -30.91
N VAL C 714 6.59 12.97 -31.26
CA VAL C 714 7.16 11.75 -30.72
C VAL C 714 8.30 11.30 -31.64
N ILE C 715 9.45 10.98 -31.06
CA ILE C 715 10.64 10.62 -31.82
C ILE C 715 11.31 9.45 -31.13
N MET C 716 11.49 8.34 -31.82
CA MET C 716 12.17 7.18 -31.28
C MET C 716 13.38 6.91 -32.14
N THR C 717 14.53 6.78 -31.53
CA THR C 717 15.76 6.61 -32.27
C THR C 717 16.32 5.21 -32.00
N SER C 718 16.68 4.50 -33.07
CA SER C 718 17.14 3.14 -32.97
C SER C 718 18.34 2.98 -33.90
N ASN C 719 18.87 1.76 -33.99
CA ASN C 719 19.90 1.46 -34.98
C ASN C 719 19.73 0.07 -35.56
N LEU C 720 18.49 -0.30 -35.90
CA LEU C 720 18.21 -1.68 -36.24
C LEU C 720 18.83 -2.12 -37.56
N GLY C 721 19.27 -1.20 -38.40
CA GLY C 721 19.93 -1.62 -39.60
C GLY C 721 21.36 -1.14 -39.66
N SER C 722 22.10 -1.25 -38.56
CA SER C 722 23.45 -0.69 -38.47
C SER C 722 24.36 -1.25 -39.55
N ASP C 723 24.58 -2.56 -39.55
CA ASP C 723 25.49 -3.15 -40.52
C ASP C 723 24.93 -3.12 -41.93
N LEU C 724 23.60 -3.13 -42.07
CA LEU C 724 22.99 -3.05 -43.38
C LEU C 724 23.19 -1.69 -44.01
N ILE C 725 22.98 -0.63 -43.24
CA ILE C 725 23.19 0.72 -43.74
C ILE C 725 24.67 1.00 -43.93
N GLN C 726 25.53 0.44 -43.09
CA GLN C 726 26.96 0.58 -43.31
C GLN C 726 27.43 -0.16 -44.55
N GLU C 727 26.75 -1.25 -44.91
CA GLU C 727 27.19 -2.08 -46.03
C GLU C 727 26.62 -1.62 -47.36
N ARG C 728 25.30 -1.57 -47.48
CA ARG C 728 24.65 -1.34 -48.76
C ARG C 728 24.21 0.10 -48.96
N PHE C 729 24.85 1.07 -48.33
CA PHE C 729 24.48 2.45 -48.62
C PHE C 729 24.96 2.86 -49.99
N GLY C 730 26.15 2.40 -50.38
CA GLY C 730 26.55 2.52 -51.77
C GLY C 730 25.67 1.68 -52.67
N GLU C 731 25.67 2.07 -53.95
CA GLU C 731 24.93 1.46 -55.07
C GLU C 731 23.44 1.23 -54.80
N LEU C 732 22.84 1.96 -53.85
CA LEU C 732 21.42 1.85 -53.59
C LEU C 732 20.83 3.24 -53.41
N ASP C 733 19.61 3.42 -53.88
CA ASP C 733 18.89 4.65 -53.67
C ASP C 733 18.35 4.72 -52.25
N TYR C 734 17.66 5.80 -51.94
CA TYR C 734 17.08 5.92 -50.60
C TYR C 734 15.89 5.00 -50.43
N ALA C 735 15.16 4.74 -51.51
CA ALA C 735 13.90 4.02 -51.41
C ALA C 735 14.12 2.55 -51.08
N HIS C 736 15.05 1.90 -51.79
CA HIS C 736 15.29 0.48 -51.52
C HIS C 736 15.99 0.28 -50.19
N MET C 737 16.81 1.25 -49.77
CA MET C 737 17.40 1.22 -48.43
C MET C 737 16.33 1.29 -47.36
N LYS C 738 15.36 2.19 -47.53
CA LYS C 738 14.25 2.28 -46.58
C LYS C 738 13.45 0.99 -46.57
N GLU C 739 13.25 0.39 -47.74
CA GLU C 739 12.48 -0.86 -47.81
C GLU C 739 13.19 -2.00 -47.12
N LEU C 740 14.51 -2.07 -47.27
CA LEU C 740 15.25 -3.20 -46.73
C LEU C 740 15.39 -3.08 -45.22
N VAL C 741 15.70 -1.88 -44.72
CA VAL C 741 15.75 -1.71 -43.27
C VAL C 741 14.36 -1.76 -42.67
N LEU C 742 13.32 -1.50 -43.47
CA LEU C 742 11.97 -1.62 -42.98
C LEU C 742 11.58 -3.08 -42.84
N GLY C 743 12.12 -3.94 -43.70
CA GLY C 743 11.99 -5.37 -43.49
C GLY C 743 12.69 -5.84 -42.22
N VAL C 744 13.83 -5.23 -41.90
CA VAL C 744 14.52 -5.53 -40.64
C VAL C 744 13.65 -5.14 -39.45
N VAL C 745 13.04 -3.97 -39.52
CA VAL C 745 12.17 -3.54 -38.43
C VAL C 745 10.91 -4.40 -38.39
N SER C 746 10.46 -4.88 -39.54
CA SER C 746 9.32 -5.81 -39.58
C SER C 746 9.65 -7.11 -38.88
N HIS C 747 10.91 -7.53 -38.91
CA HIS C 747 11.31 -8.63 -38.05
C HIS C 747 11.54 -8.21 -36.61
N ASN C 748 11.68 -6.91 -36.33
CA ASN C 748 11.76 -6.49 -34.92
C ASN C 748 10.42 -6.06 -34.32
N PHE C 749 9.75 -5.08 -34.91
CA PHE C 749 8.55 -4.52 -34.31
C PHE C 749 7.31 -5.19 -34.85
N ARG C 750 6.23 -4.85 -34.30
CA ARG C 750 4.98 -5.48 -34.68
C ARG C 750 4.34 -4.72 -35.83
N PRO C 751 3.51 -5.38 -36.66
CA PRO C 751 2.83 -4.65 -37.74
C PRO C 751 1.85 -3.61 -37.26
N GLU C 752 1.39 -3.71 -36.03
CA GLU C 752 0.60 -2.64 -35.43
C GLU C 752 1.43 -1.40 -35.30
N PHE C 753 2.67 -1.56 -34.83
CA PHE C 753 3.44 -0.43 -34.38
C PHE C 753 4.12 0.31 -35.52
N ILE C 754 4.57 -0.39 -36.55
CA ILE C 754 5.25 0.27 -37.66
C ILE C 754 4.23 0.73 -38.68
N ASN C 755 2.96 0.66 -38.31
CA ASN C 755 1.90 1.30 -39.04
C ASN C 755 1.53 2.63 -38.41
N ARG C 756 1.74 2.76 -37.10
CA ARG C 756 1.46 4.01 -36.40
C ARG C 756 2.43 5.10 -36.79
N ILE C 757 3.62 4.73 -37.25
CA ILE C 757 4.69 5.67 -37.50
C ILE C 757 4.36 6.55 -38.69
N ASP C 758 4.43 7.87 -38.49
CA ASP C 758 4.18 8.81 -39.57
C ASP C 758 5.25 8.69 -40.65
N GLU C 759 6.51 8.57 -40.25
CA GLU C 759 7.59 8.54 -41.23
C GLU C 759 8.83 7.92 -40.62
N VAL C 760 9.26 6.78 -41.15
CA VAL C 760 10.55 6.23 -40.81
C VAL C 760 11.59 6.87 -41.71
N VAL C 761 12.57 7.53 -41.13
CA VAL C 761 13.68 8.01 -41.89
C VAL C 761 14.78 6.96 -41.78
N VAL C 762 15.79 7.07 -42.64
CA VAL C 762 16.93 6.18 -42.61
C VAL C 762 18.16 7.07 -42.59
N PHE C 763 19.00 6.92 -41.58
CA PHE C 763 20.17 7.77 -41.63
C PHE C 763 21.23 7.12 -42.48
N HIS C 764 22.28 7.87 -42.76
CA HIS C 764 23.33 7.33 -43.60
C HIS C 764 24.66 7.54 -42.91
N PRO C 765 25.64 6.66 -43.15
CA PRO C 765 26.93 6.80 -42.48
C PRO C 765 27.65 8.04 -42.94
N LEU C 766 28.48 8.56 -42.05
CA LEU C 766 29.13 9.85 -42.28
C LEU C 766 30.41 9.68 -43.09
N GLY C 767 30.64 10.60 -44.00
CA GLY C 767 31.80 10.60 -44.89
C GLY C 767 32.84 11.58 -44.39
N GLU C 768 33.88 11.77 -45.20
CA GLU C 768 35.04 12.56 -44.77
C GLU C 768 34.71 14.04 -44.70
N GLN C 769 33.95 14.55 -45.68
CA GLN C 769 33.60 15.96 -45.63
C GLN C 769 32.60 16.25 -44.52
N HIS C 770 31.72 15.29 -44.22
CA HIS C 770 30.84 15.41 -43.06
C HIS C 770 31.66 15.50 -41.79
N ILE C 771 32.67 14.63 -41.65
CA ILE C 771 33.51 14.64 -40.47
C ILE C 771 34.36 15.90 -40.40
N ALA C 772 34.73 16.48 -41.54
CA ALA C 772 35.43 17.75 -41.53
C ALA C 772 34.53 18.86 -40.98
N SER C 773 33.27 18.87 -41.38
CA SER C 773 32.35 19.88 -40.88
C SER C 773 32.05 19.68 -39.40
N ILE C 774 31.92 18.41 -38.97
CA ILE C 774 31.72 18.10 -37.56
C ILE C 774 32.93 18.53 -36.74
N ALA C 775 34.12 18.41 -37.32
CA ALA C 775 35.32 18.86 -36.62
C ALA C 775 35.31 20.36 -36.45
N GLN C 776 34.80 21.09 -37.45
CA GLN C 776 34.70 22.53 -37.30
C GLN C 776 33.69 22.92 -36.23
N ILE C 777 32.59 22.17 -36.12
CA ILE C 777 31.60 22.42 -35.06
C ILE C 777 32.21 22.19 -33.69
N GLN C 778 32.92 21.08 -33.53
CA GLN C 778 33.51 20.77 -32.23
C GLN C 778 34.64 21.72 -31.87
N LEU C 779 35.38 22.22 -32.86
CA LEU C 779 36.42 23.19 -32.54
C LEU C 779 35.83 24.56 -32.21
N LYS C 780 34.70 24.92 -32.80
CA LYS C 780 34.05 26.17 -32.39
C LYS C 780 33.54 26.09 -30.97
N ARG C 781 32.95 24.95 -30.58
CA ARG C 781 32.53 24.87 -29.19
C ARG C 781 33.71 24.68 -28.23
N LEU C 782 34.85 24.20 -28.71
CA LEU C 782 36.04 24.20 -27.86
C LEU C 782 36.57 25.61 -27.65
N TYR C 783 36.49 26.45 -28.67
CA TYR C 783 36.85 27.87 -28.49
C TYR C 783 35.91 28.54 -27.52
N LYS C 784 34.64 28.15 -27.56
CA LYS C 784 33.67 28.64 -26.59
C LYS C 784 34.00 28.16 -25.19
N ARG C 785 34.48 26.93 -25.04
CA ARG C 785 34.89 26.45 -23.73
C ARG C 785 36.16 27.11 -23.23
N LEU C 786 37.03 27.58 -24.12
CA LEU C 786 38.28 28.17 -23.68
C LEU C 786 38.27 29.68 -23.67
N GLU C 787 37.19 30.31 -24.11
CA GLU C 787 37.07 31.74 -23.92
C GLU C 787 36.59 32.09 -22.51
N GLU C 788 35.81 31.19 -21.89
CA GLU C 788 35.40 31.39 -20.51
C GLU C 788 36.59 31.29 -19.57
N ARG C 789 37.53 30.40 -19.88
CA ARG C 789 38.73 30.27 -19.08
C ARG C 789 39.66 31.45 -19.29
N GLY C 790 39.54 32.15 -20.42
CA GLY C 790 40.32 33.34 -20.66
C GLY C 790 41.46 33.13 -21.64
N TYR C 791 41.20 32.40 -22.72
CA TYR C 791 42.24 32.06 -23.67
C TYR C 791 41.70 32.14 -25.08
N GLU C 792 42.56 32.47 -26.03
CA GLU C 792 42.23 32.49 -27.44
C GLU C 792 43.00 31.41 -28.16
N ILE C 793 42.36 30.77 -29.14
CA ILE C 793 43.02 29.77 -29.97
C ILE C 793 42.68 30.03 -31.42
N HIS C 794 43.71 30.15 -32.26
CA HIS C 794 43.56 30.04 -33.70
C HIS C 794 44.24 28.75 -34.15
N ILE C 795 43.63 28.08 -35.13
CA ILE C 795 44.16 26.82 -35.63
C ILE C 795 44.46 27.01 -37.12
N SER C 796 45.41 26.21 -37.62
CA SER C 796 45.72 26.16 -39.04
C SER C 796 45.01 24.98 -39.68
N ASP C 797 44.69 25.13 -40.96
CA ASP C 797 43.91 24.13 -41.69
C ASP C 797 44.66 22.83 -41.87
N GLU C 798 45.99 22.84 -41.75
CA GLU C 798 46.76 21.60 -41.79
C GLU C 798 46.42 20.72 -40.59
N ALA C 799 46.30 21.33 -39.40
CA ALA C 799 45.89 20.57 -38.23
C ALA C 799 44.46 20.06 -38.36
N LEU C 800 43.59 20.85 -39.00
CA LEU C 800 42.23 20.38 -39.23
C LEU C 800 42.20 19.23 -40.22
N LYS C 801 43.11 19.22 -41.19
CA LYS C 801 43.20 18.07 -42.08
C LYS C 801 43.77 16.86 -41.36
N LEU C 802 44.63 17.07 -40.38
CA LEU C 802 45.07 15.95 -39.54
C LEU C 802 43.94 15.38 -38.71
N LEU C 803 43.07 16.24 -38.17
CA LEU C 803 41.93 15.73 -37.42
C LEU C 803 40.92 15.07 -38.34
N SER C 804 40.86 15.50 -39.61
CA SER C 804 40.11 14.74 -40.58
C SER C 804 40.78 13.43 -40.95
N GLU C 805 42.10 13.30 -40.72
CA GLU C 805 42.75 12.02 -40.95
C GLU C 805 42.57 11.10 -39.76
N ASN C 806 42.95 11.55 -38.56
CA ASN C 806 42.94 10.70 -37.38
C ASN C 806 41.56 10.50 -36.79
N GLY C 807 40.51 11.07 -37.39
CA GLY C 807 39.19 10.89 -36.86
C GLY C 807 38.21 10.33 -37.88
N TYR C 808 38.64 9.36 -38.67
CA TYR C 808 37.77 8.79 -39.70
C TYR C 808 37.75 7.28 -39.61
N ASP C 809 36.56 6.74 -39.40
CA ASP C 809 36.24 5.35 -39.71
C ASP C 809 34.74 5.25 -39.85
N PRO C 810 34.24 4.42 -40.76
CA PRO C 810 32.80 4.40 -41.00
C PRO C 810 32.01 3.71 -39.91
N VAL C 811 32.65 2.86 -39.10
CA VAL C 811 31.90 1.98 -38.23
C VAL C 811 31.43 2.67 -36.95
N TYR C 812 32.07 3.74 -36.53
CA TYR C 812 31.73 4.36 -35.26
C TYR C 812 31.25 5.79 -35.42
N GLY C 813 31.17 6.29 -36.65
CA GLY C 813 30.53 7.57 -36.87
C GLY C 813 31.33 8.79 -36.51
N ALA C 814 30.79 9.63 -35.63
CA ALA C 814 31.36 10.95 -35.39
C ALA C 814 32.02 11.11 -34.03
N ARG C 815 31.91 10.13 -33.17
CA ARG C 815 32.63 10.16 -31.90
C ARG C 815 34.12 9.84 -31.94
N PRO C 816 34.65 9.01 -32.88
CA PRO C 816 36.11 8.97 -33.03
C PRO C 816 36.74 10.31 -33.29
N LEU C 817 36.06 11.17 -34.04
CA LEU C 817 36.48 12.54 -34.19
C LEU C 817 36.48 13.28 -32.87
N LYS C 818 35.47 13.06 -32.03
CA LYS C 818 35.38 13.80 -30.78
C LYS C 818 36.47 13.37 -29.81
N ARG C 819 36.74 12.08 -29.71
CA ARG C 819 37.79 11.68 -28.81
C ARG C 819 39.18 11.90 -29.40
N ALA C 820 39.31 12.00 -30.72
CA ALA C 820 40.59 12.39 -31.29
C ALA C 820 40.88 13.85 -31.00
N ILE C 821 39.87 14.72 -31.13
CA ILE C 821 40.01 16.12 -30.73
C ILE C 821 40.34 16.21 -29.25
N GLN C 822 39.61 15.45 -28.43
CA GLN C 822 39.80 15.37 -26.98
C GLN C 822 41.24 15.05 -26.61
N GLN C 823 41.75 13.92 -27.11
CA GLN C 823 43.14 13.53 -26.86
C GLN C 823 44.11 14.53 -27.46
N GLN C 824 44.19 14.59 -28.80
CA GLN C 824 45.25 15.32 -29.49
C GLN C 824 45.18 16.83 -29.34
N ILE C 825 44.15 17.39 -28.70
CA ILE C 825 44.21 18.80 -28.40
C ILE C 825 44.13 18.98 -26.90
N GLU C 826 43.04 18.53 -26.28
CA GLU C 826 42.79 18.91 -24.90
C GLU C 826 43.73 18.25 -23.92
N ASN C 827 44.41 17.14 -24.27
CA ASN C 827 45.33 16.65 -23.26
C ASN C 827 46.63 17.44 -23.24
N PRO C 828 47.34 17.70 -24.37
CA PRO C 828 48.50 18.58 -24.26
C PRO C 828 48.15 20.01 -23.93
N LEU C 829 46.98 20.49 -24.32
CA LEU C 829 46.65 21.89 -24.04
C LEU C 829 46.39 22.11 -22.56
N ALA C 830 45.63 21.22 -21.93
CA ALA C 830 45.41 21.37 -20.50
C ALA C 830 46.67 21.01 -19.71
N GLN C 831 47.49 20.10 -20.25
CA GLN C 831 48.82 19.86 -19.72
C GLN C 831 49.63 21.14 -19.66
N GLN C 832 49.57 21.94 -20.72
CA GLN C 832 50.37 23.14 -20.77
C GLN C 832 49.74 24.31 -20.03
N ILE C 833 48.40 24.32 -19.89
CA ILE C 833 47.75 25.32 -19.05
C ILE C 833 48.12 25.09 -17.58
N LEU C 834 47.92 23.87 -17.11
CA LEU C 834 48.31 23.53 -15.74
C LEU C 834 49.81 23.39 -15.57
N SER C 835 50.59 23.53 -16.63
CA SER C 835 52.04 23.55 -16.47
C SER C 835 52.56 24.90 -16.01
N GLY C 836 51.71 25.90 -15.87
CA GLY C 836 52.16 27.25 -15.60
C GLY C 836 52.93 27.81 -16.77
N GLU C 837 52.49 27.51 -17.99
CA GLU C 837 53.24 27.86 -19.18
C GLU C 837 52.51 28.82 -20.09
N LEU C 838 51.22 28.59 -20.32
CA LEU C 838 50.48 29.33 -21.33
C LEU C 838 49.88 30.59 -20.71
N VAL C 839 50.42 31.74 -21.09
CA VAL C 839 49.95 33.02 -20.59
C VAL C 839 48.66 33.37 -21.32
N PRO C 840 47.62 33.81 -20.60
CA PRO C 840 46.39 34.24 -21.27
C PRO C 840 46.59 35.50 -22.09
N GLY C 841 45.67 35.72 -23.02
CA GLY C 841 45.72 36.86 -23.89
C GLY C 841 46.52 36.65 -25.15
N LYS C 842 47.55 35.82 -25.10
CA LYS C 842 48.32 35.49 -26.31
C LYS C 842 47.63 34.37 -27.06
N VAL C 843 47.61 34.50 -28.39
CA VAL C 843 46.87 33.57 -29.23
C VAL C 843 47.59 32.23 -29.28
N ILE C 844 46.91 31.18 -28.86
CA ILE C 844 47.45 29.83 -28.91
C ILE C 844 47.29 29.31 -30.33
N ARG C 845 48.38 29.23 -31.06
CA ARG C 845 48.32 28.71 -32.41
C ARG C 845 48.56 27.21 -32.37
N LEU C 846 47.64 26.45 -32.96
CA LEU C 846 47.77 25.00 -33.04
C LEU C 846 48.33 24.61 -34.41
N GLU C 847 49.62 24.85 -34.57
CA GLU C 847 50.31 24.39 -35.76
C GLU C 847 50.69 22.92 -35.59
N VAL C 848 51.29 22.34 -36.60
CA VAL C 848 51.56 20.91 -36.60
C VAL C 848 53.00 20.66 -36.22
N ASN C 849 53.22 19.51 -35.61
CA ASN C 849 54.53 18.96 -35.32
C ASN C 849 54.94 18.07 -36.48
N GLU C 850 55.92 17.18 -36.26
CA GLU C 850 56.17 16.06 -37.16
C GLU C 850 54.88 15.30 -37.45
N ASP C 851 54.19 14.87 -36.40
CA ASP C 851 52.85 14.31 -36.51
C ASP C 851 51.87 14.85 -35.48
N ARG C 852 52.33 15.36 -34.35
CA ARG C 852 51.44 15.84 -33.30
C ARG C 852 50.93 17.24 -33.63
N ILE C 853 50.31 17.88 -32.64
CA ILE C 853 49.84 19.25 -32.76
C ILE C 853 50.47 20.06 -31.64
N VAL C 854 51.29 21.03 -31.99
CA VAL C 854 51.93 21.88 -31.01
C VAL C 854 50.96 22.97 -30.58
N ALA C 855 51.16 23.49 -29.37
CA ALA C 855 50.47 24.69 -28.91
C ALA C 855 51.53 25.69 -28.48
N VAL C 856 51.58 26.82 -29.17
CA VAL C 856 52.65 27.80 -28.98
C VAL C 856 52.07 29.09 -28.42
N GLN C 857 52.95 29.95 -27.93
CA GLN C 857 52.61 31.22 -27.29
C GLN C 857 53.28 32.37 -28.03
N HIS C 858 52.54 33.02 -28.93
CA HIS C 858 53.04 34.21 -29.61
C HIS C 858 51.94 35.24 -29.79
N GLN D 159 -46.62 22.27 28.51
CA GLN D 159 -45.79 21.41 29.34
C GLN D 159 -44.44 21.21 28.67
N ALA D 160 -44.12 19.96 28.35
CA ALA D 160 -42.88 19.64 27.65
C ALA D 160 -43.08 18.80 26.41
N LEU D 161 -44.03 17.86 26.43
CA LEU D 161 -44.30 17.07 25.24
C LEU D 161 -44.99 17.87 24.16
N LYS D 162 -45.63 18.98 24.51
CA LYS D 162 -46.10 19.90 23.51
C LYS D 162 -45.00 20.83 23.01
N LYS D 163 -43.81 20.77 23.62
CA LYS D 163 -42.68 21.55 23.18
C LYS D 163 -41.72 20.78 22.30
N TYR D 164 -41.46 19.50 22.62
CA TYR D 164 -40.36 18.79 22.01
C TYR D 164 -40.75 17.47 21.37
N THR D 165 -42.05 17.19 21.25
CA THR D 165 -42.48 16.01 20.53
C THR D 165 -43.58 16.39 19.54
N ILE D 166 -43.64 15.63 18.46
CA ILE D 166 -44.61 15.83 17.39
C ILE D 166 -45.49 14.60 17.37
N ASP D 167 -46.78 14.78 17.64
CA ASP D 167 -47.69 13.66 17.70
C ASP D 167 -47.95 13.11 16.30
N LEU D 168 -48.06 11.79 16.21
CA LEU D 168 -48.43 11.14 14.96
C LEU D 168 -49.86 10.64 14.93
N THR D 169 -50.41 10.24 16.07
CA THR D 169 -51.81 9.81 16.07
C THR D 169 -52.76 10.98 15.90
N GLU D 170 -52.35 12.18 16.32
CA GLU D 170 -53.17 13.35 16.04
C GLU D 170 -53.17 13.67 14.55
N ARG D 171 -52.04 13.50 13.89
CA ARG D 171 -52.01 13.72 12.45
C ARG D 171 -52.71 12.60 11.70
N ALA D 172 -52.73 11.39 12.26
CA ALA D 172 -53.47 10.31 11.62
C ALA D 172 -54.96 10.45 11.83
N GLU D 173 -55.36 11.03 12.96
CA GLU D 173 -56.78 11.29 13.21
C GLU D 173 -57.31 12.36 12.28
N GLN D 174 -56.49 13.35 11.97
CA GLN D 174 -56.86 14.41 11.05
C GLN D 174 -56.53 14.08 9.62
N GLY D 175 -56.22 12.81 9.32
CA GLY D 175 -56.03 12.36 7.97
C GLY D 175 -54.78 12.85 7.29
N LYS D 176 -53.82 13.42 8.03
CA LYS D 176 -52.66 14.00 7.39
C LYS D 176 -51.65 12.95 6.92
N LEU D 177 -51.75 11.72 7.39
CA LEU D 177 -50.76 10.73 7.07
C LEU D 177 -51.19 9.94 5.83
N ASP D 178 -50.49 8.84 5.56
CA ASP D 178 -50.56 8.15 4.29
C ASP D 178 -51.17 6.77 4.42
N PRO D 179 -51.88 6.30 3.40
CA PRO D 179 -52.40 4.92 3.39
C PRO D 179 -51.25 3.93 3.30
N VAL D 180 -51.12 3.10 4.32
CA VAL D 180 -49.99 2.19 4.47
C VAL D 180 -50.47 0.79 4.16
N ILE D 181 -49.95 0.21 3.09
CA ILE D 181 -50.44 -1.04 2.54
C ILE D 181 -49.36 -2.09 2.71
N GLY D 182 -49.78 -3.31 2.96
CA GLY D 182 -48.79 -4.32 3.20
C GLY D 182 -48.26 -4.15 4.60
N ARG D 183 -47.08 -4.74 4.80
CA ARG D 183 -46.35 -4.71 6.07
C ARG D 183 -47.21 -5.21 7.23
N ASP D 184 -48.06 -6.19 6.96
CA ASP D 184 -48.93 -6.67 8.02
C ASP D 184 -48.14 -7.50 9.02
N GLU D 185 -47.19 -8.28 8.52
CA GLU D 185 -46.32 -9.05 9.39
C GLU D 185 -45.42 -8.14 10.21
N GLU D 186 -44.90 -7.07 9.62
CA GLU D 186 -43.98 -6.22 10.35
C GLU D 186 -44.67 -5.32 11.36
N ILE D 187 -45.90 -4.85 11.08
CA ILE D 187 -46.64 -4.15 12.10
C ILE D 187 -47.04 -5.10 13.22
N ARG D 188 -47.38 -6.35 12.87
CA ARG D 188 -47.68 -7.36 13.88
C ARG D 188 -46.47 -7.62 14.77
N ARG D 189 -45.27 -7.68 14.18
CA ARG D 189 -44.09 -7.96 14.99
C ARG D 189 -43.69 -6.75 15.83
N THR D 190 -43.96 -5.54 15.34
CA THR D 190 -43.72 -4.35 16.14
C THR D 190 -44.61 -4.34 17.37
N ILE D 191 -45.86 -4.76 17.22
CA ILE D 191 -46.77 -4.81 18.36
C ILE D 191 -46.35 -5.92 19.33
N GLN D 192 -45.88 -7.05 18.80
CA GLN D 192 -45.36 -8.13 19.65
C GLN D 192 -44.20 -7.66 20.51
N VAL D 193 -43.25 -6.95 19.90
CA VAL D 193 -42.10 -6.50 20.67
C VAL D 193 -42.49 -5.40 21.66
N LEU D 194 -43.45 -4.54 21.29
CA LEU D 194 -43.87 -3.49 22.22
C LEU D 194 -44.62 -4.05 23.43
N GLN D 195 -45.30 -5.18 23.28
CA GLN D 195 -46.05 -5.74 24.42
C GLN D 195 -45.26 -6.82 25.14
N ARG D 196 -44.07 -6.49 25.62
CA ARG D 196 -43.25 -7.43 26.36
C ARG D 196 -43.01 -6.91 27.78
N ARG D 197 -42.13 -7.59 28.50
CA ARG D 197 -41.74 -7.14 29.84
C ARG D 197 -40.30 -6.67 29.90
N THR D 198 -39.38 -7.44 29.32
CA THR D 198 -38.00 -7.02 29.14
C THR D 198 -37.75 -6.80 27.67
N LYS D 199 -36.95 -5.78 27.36
CA LYS D 199 -36.64 -5.33 26.00
C LYS D 199 -37.91 -5.02 25.22
N ASN D 200 -38.61 -3.99 25.68
CA ASN D 200 -39.84 -3.58 25.01
C ASN D 200 -39.58 -2.95 23.66
N ASN D 201 -38.38 -2.45 23.43
CA ASN D 201 -38.15 -1.44 22.42
C ASN D 201 -37.70 -2.08 21.12
N PRO D 202 -38.50 -2.04 20.06
CA PRO D 202 -38.04 -2.53 18.77
C PRO D 202 -37.15 -1.48 18.13
N VAL D 203 -36.56 -1.86 17.00
CA VAL D 203 -35.94 -0.89 16.11
C VAL D 203 -36.12 -1.38 14.68
N LEU D 204 -36.62 -0.51 13.83
CA LEU D 204 -36.91 -0.89 12.45
C LEU D 204 -35.64 -0.69 11.65
N ILE D 205 -35.08 -1.79 11.14
CA ILE D 205 -33.81 -1.79 10.44
C ILE D 205 -34.03 -2.28 9.03
N GLY D 206 -33.77 -1.42 8.07
CA GLY D 206 -33.86 -1.79 6.67
C GLY D 206 -33.25 -0.71 5.84
N GLU D 207 -32.86 -1.08 4.62
CA GLU D 207 -32.16 -0.16 3.73
C GLU D 207 -33.09 0.99 3.37
N PRO D 208 -32.59 2.21 3.19
CA PRO D 208 -33.46 3.39 3.22
C PRO D 208 -34.33 3.49 1.98
N GLY D 209 -35.63 3.55 2.19
CA GLY D 209 -36.55 3.57 1.09
C GLY D 209 -37.62 2.52 1.24
N VAL D 210 -37.42 1.57 2.15
CA VAL D 210 -38.41 0.52 2.34
C VAL D 210 -39.54 0.92 3.27
N GLY D 211 -39.48 2.11 3.86
CA GLY D 211 -40.62 2.67 4.55
C GLY D 211 -40.77 2.25 5.99
N LYS D 212 -39.70 2.39 6.75
CA LYS D 212 -39.77 2.13 8.18
C LYS D 212 -40.58 3.19 8.90
N THR D 213 -40.36 4.45 8.54
CA THR D 213 -41.20 5.54 9.02
C THR D 213 -42.64 5.34 8.56
N ALA D 214 -42.84 4.76 7.38
CA ALA D 214 -44.19 4.45 6.93
C ALA D 214 -44.82 3.31 7.73
N ILE D 215 -44.01 2.38 8.24
CA ILE D 215 -44.54 1.33 9.12
C ILE D 215 -45.04 1.94 10.43
N VAL D 216 -44.30 2.90 10.97
CA VAL D 216 -44.80 3.51 12.20
C VAL D 216 -46.01 4.40 11.93
N GLU D 217 -46.10 5.03 10.76
CA GLU D 217 -47.32 5.74 10.42
C GLU D 217 -48.50 4.79 10.21
N GLY D 218 -48.24 3.58 9.72
CA GLY D 218 -49.30 2.59 9.62
C GLY D 218 -49.75 2.08 10.97
N LEU D 219 -48.82 1.97 11.91
CA LEU D 219 -49.20 1.59 13.27
C LEU D 219 -50.03 2.67 13.93
N ALA D 220 -49.69 3.94 13.69
CA ALA D 220 -50.50 5.02 14.24
C ALA D 220 -51.89 5.05 13.59
N GLN D 221 -51.97 4.76 12.29
CA GLN D 221 -53.29 4.69 11.67
C GLN D 221 -54.10 3.50 12.14
N ARG D 222 -53.45 2.38 12.47
CA ARG D 222 -54.21 1.26 12.99
C ARG D 222 -54.67 1.50 14.42
N ILE D 223 -53.92 2.29 15.19
CA ILE D 223 -54.40 2.69 16.51
C ILE D 223 -55.61 3.59 16.37
N ILE D 224 -55.56 4.56 15.47
CA ILE D 224 -56.68 5.50 15.34
C ILE D 224 -57.89 4.83 14.71
N ASN D 225 -57.69 3.92 13.76
CA ASN D 225 -58.80 3.15 13.26
C ASN D 225 -59.27 2.06 14.21
N GLY D 226 -58.49 1.77 15.25
CA GLY D 226 -58.91 0.82 16.27
C GLY D 226 -58.88 -0.62 15.85
N GLU D 227 -57.87 -1.04 15.09
CA GLU D 227 -57.71 -2.44 14.71
C GLU D 227 -56.57 -3.09 15.47
N VAL D 228 -56.13 -2.50 16.57
CA VAL D 228 -55.03 -3.01 17.39
C VAL D 228 -55.63 -3.97 18.41
N PRO D 229 -54.84 -4.66 19.23
CA PRO D 229 -55.42 -5.33 20.40
C PRO D 229 -56.04 -4.34 21.39
N GLU D 230 -56.87 -4.89 22.27
CA GLU D 230 -57.62 -4.08 23.22
C GLU D 230 -56.72 -3.40 24.25
N GLY D 231 -55.50 -3.90 24.44
CA GLY D 231 -54.53 -3.25 25.29
C GLY D 231 -53.81 -2.08 24.67
N LEU D 232 -54.16 -1.70 23.44
CA LEU D 232 -53.54 -0.57 22.78
C LEU D 232 -54.53 0.48 22.30
N LYS D 233 -55.82 0.25 22.47
CA LYS D 233 -56.80 1.25 22.06
C LYS D 233 -56.71 2.48 22.96
N GLY D 234 -56.37 3.61 22.36
CA GLY D 234 -56.20 4.84 23.10
C GLY D 234 -54.77 5.24 23.36
N ARG D 235 -53.80 4.42 22.94
CA ARG D 235 -52.40 4.81 23.07
C ARG D 235 -52.08 5.94 22.12
N ARG D 236 -51.17 6.81 22.55
CA ARG D 236 -50.64 7.87 21.71
C ARG D 236 -49.27 7.47 21.21
N VAL D 237 -48.93 7.91 20.00
CA VAL D 237 -47.62 7.65 19.41
C VAL D 237 -46.96 8.99 19.17
N LEU D 238 -45.94 9.28 19.94
CA LEU D 238 -45.29 10.58 19.91
C LEU D 238 -43.93 10.46 19.24
N ALA D 239 -43.73 11.21 18.18
CA ALA D 239 -42.46 11.23 17.47
C ALA D 239 -41.58 12.28 18.11
N LEU D 240 -40.55 11.84 18.83
CA LEU D 240 -39.58 12.72 19.45
C LEU D 240 -38.80 13.46 18.38
N ASP D 241 -38.35 14.67 18.71
CA ASP D 241 -37.65 15.54 17.79
C ASP D 241 -36.33 15.98 18.44
N MET D 242 -35.23 15.31 18.07
CA MET D 242 -33.90 15.69 18.56
C MET D 242 -33.54 17.10 18.13
N GLY D 243 -33.95 17.51 16.93
CA GLY D 243 -33.71 18.85 16.46
C GLY D 243 -34.50 19.93 17.18
N ALA D 244 -35.47 19.54 18.00
CA ALA D 244 -36.14 20.49 18.86
C ALA D 244 -35.50 20.57 20.23
N LEU D 245 -34.95 19.45 20.70
CA LEU D 245 -34.25 19.44 21.97
C LEU D 245 -32.95 20.22 21.89
N VAL D 246 -32.18 19.98 20.83
CA VAL D 246 -30.88 20.63 20.72
C VAL D 246 -31.03 22.11 20.35
N ALA D 247 -32.19 22.51 19.85
CA ALA D 247 -32.40 23.83 19.26
C ALA D 247 -32.25 24.99 20.23
N GLY D 248 -32.32 24.76 21.53
CA GLY D 248 -32.18 25.87 22.44
C GLY D 248 -31.34 25.55 23.66
N ALA D 249 -30.37 24.64 23.51
CA ALA D 249 -29.58 24.19 24.64
C ALA D 249 -28.34 25.06 24.81
N LYS D 250 -28.57 26.35 25.08
CA LYS D 250 -27.46 27.28 25.22
C LYS D 250 -26.71 27.04 26.52
N TYR D 251 -27.40 27.11 27.64
CA TYR D 251 -26.73 27.04 28.93
C TYR D 251 -26.42 25.60 29.30
N ARG D 252 -25.54 25.43 30.28
CA ARG D 252 -25.15 24.10 30.70
C ARG D 252 -26.27 23.43 31.46
N GLY D 253 -26.48 22.14 31.16
CA GLY D 253 -27.50 21.37 31.81
C GLY D 253 -28.91 21.57 31.29
N GLU D 254 -29.10 22.46 30.31
CA GLU D 254 -30.44 22.74 29.82
C GLU D 254 -30.95 21.64 28.92
N PHE D 255 -30.06 21.01 28.15
CA PHE D 255 -30.46 19.88 27.33
C PHE D 255 -30.84 18.68 28.18
N GLU D 256 -30.04 18.41 29.21
CA GLU D 256 -30.36 17.32 30.13
C GLU D 256 -31.64 17.59 30.89
N GLU D 257 -31.91 18.85 31.22
CA GLU D 257 -33.15 19.22 31.88
C GLU D 257 -34.35 19.02 30.96
N ARG D 258 -34.20 19.34 29.67
CA ARG D 258 -35.30 19.13 28.72
C ARG D 258 -35.60 17.65 28.52
N LEU D 259 -34.55 16.85 28.30
CA LEU D 259 -34.75 15.42 28.13
C LEU D 259 -35.26 14.78 29.41
N LYS D 260 -34.84 15.30 30.56
CA LYS D 260 -35.34 14.85 31.84
C LYS D 260 -36.82 15.14 31.98
N GLY D 261 -37.25 16.33 31.57
CA GLY D 261 -38.66 16.67 31.65
C GLY D 261 -39.50 15.82 30.72
N VAL D 262 -38.96 15.50 29.54
CA VAL D 262 -39.66 14.60 28.63
C VAL D 262 -39.79 13.21 29.24
N LEU D 263 -38.74 12.74 29.92
CA LEU D 263 -38.81 11.42 30.53
C LEU D 263 -39.76 11.39 31.73
N ASN D 264 -39.81 12.48 32.50
CA ASN D 264 -40.76 12.53 33.62
C ASN D 264 -42.19 12.58 33.09
N ASP D 265 -42.44 13.34 32.03
CA ASP D 265 -43.79 13.39 31.49
C ASP D 265 -44.18 12.11 30.77
N LEU D 266 -43.22 11.34 30.27
CA LEU D 266 -43.59 10.05 29.71
C LEU D 266 -43.81 9.00 30.79
N ALA D 267 -43.05 9.05 31.89
CA ALA D 267 -43.32 8.15 33.00
C ALA D 267 -44.60 8.49 33.72
N LYS D 268 -45.05 9.75 33.62
CA LYS D 268 -46.30 10.14 34.24
C LYS D 268 -47.51 9.60 33.47
N GLN D 269 -47.35 9.27 32.19
CA GLN D 269 -48.46 8.81 31.36
C GLN D 269 -48.91 7.40 31.72
N GLU D 270 -48.10 6.65 32.47
CA GLU D 270 -48.35 5.25 32.86
C GLU D 270 -48.50 4.35 31.65
N GLY D 271 -47.45 4.33 30.82
CA GLY D 271 -47.40 3.43 29.68
C GLY D 271 -48.39 3.71 28.59
N ASN D 272 -48.88 4.94 28.48
CA ASN D 272 -49.90 5.29 27.52
C ASN D 272 -49.32 5.83 26.21
N VAL D 273 -48.03 6.14 26.18
CA VAL D 273 -47.40 6.79 25.03
C VAL D 273 -46.36 5.85 24.46
N ILE D 274 -46.49 5.55 23.18
CA ILE D 274 -45.46 4.80 22.47
C ILE D 274 -44.54 5.81 21.79
N LEU D 275 -43.35 5.99 22.34
CA LEU D 275 -42.42 6.98 21.81
C LEU D 275 -41.79 6.45 20.53
N PHE D 276 -41.57 7.34 19.56
CA PHE D 276 -41.02 6.99 18.25
C PHE D 276 -39.84 7.89 17.93
N ILE D 277 -38.64 7.37 18.10
CA ILE D 277 -37.42 8.09 17.78
C ILE D 277 -37.01 7.64 16.39
N ASP D 278 -37.41 8.40 15.38
CA ASP D 278 -36.85 8.16 14.06
C ASP D 278 -35.40 8.62 14.04
N ALA D 279 -34.60 7.93 13.21
CA ALA D 279 -33.15 8.11 13.13
C ALA D 279 -32.52 7.94 14.50
N LEU D 280 -32.56 6.71 14.97
CA LEU D 280 -32.04 6.39 16.29
C LEU D 280 -30.52 6.57 16.39
N HIS D 281 -29.81 6.58 15.28
CA HIS D 281 -28.40 6.91 15.30
C HIS D 281 -28.17 8.38 15.59
N THR D 282 -29.17 9.23 15.40
CA THR D 282 -29.06 10.63 15.78
C THR D 282 -29.24 10.79 17.29
N MET D 283 -29.91 9.85 17.93
CA MET D 283 -30.09 9.89 19.37
C MET D 283 -28.75 9.76 20.11
N VAL D 284 -27.82 8.98 19.55
CA VAL D 284 -26.64 8.52 20.28
C VAL D 284 -25.71 9.67 20.62
N GLY D 285 -25.39 10.51 19.64
CA GLY D 285 -24.57 11.66 19.95
C GLY D 285 -25.35 12.95 20.07
N ALA D 286 -25.60 13.40 21.31
CA ALA D 286 -26.41 14.60 21.50
C ALA D 286 -25.86 15.51 22.60
N GLY D 287 -24.55 15.45 22.85
CA GLY D 287 -23.96 16.31 23.86
C GLY D 287 -22.87 15.66 24.69
N MET D 293 -25.20 11.27 30.41
CA MET D 293 -24.32 12.05 29.54
C MET D 293 -25.16 12.88 28.57
N ASP D 294 -25.50 12.30 27.42
CA ASP D 294 -26.21 13.05 26.39
C ASP D 294 -27.60 12.52 26.07
N ALA D 295 -27.73 11.37 25.41
CA ALA D 295 -29.04 10.73 25.28
C ALA D 295 -28.90 9.23 25.25
N GLY D 296 -27.66 8.75 25.23
CA GLY D 296 -27.42 7.33 25.25
C GLY D 296 -27.23 6.89 26.68
N ASN D 297 -26.70 7.79 27.50
CA ASN D 297 -26.57 7.56 28.92
C ASN D 297 -27.66 8.25 29.72
N MET D 298 -28.69 8.76 29.06
CA MET D 298 -29.83 9.26 29.80
C MET D 298 -31.07 8.41 29.64
N LEU D 299 -31.30 7.88 28.44
CA LEU D 299 -32.42 7.01 28.23
C LEU D 299 -32.16 5.59 28.71
N LYS D 300 -30.90 5.25 28.97
CA LYS D 300 -30.53 3.85 29.23
C LYS D 300 -31.16 3.21 30.48
N PRO D 301 -31.38 3.91 31.61
CA PRO D 301 -32.15 3.23 32.68
C PRO D 301 -33.62 3.02 32.34
N ALA D 302 -34.25 3.95 31.64
CA ALA D 302 -35.65 3.77 31.27
C ALA D 302 -35.82 2.63 30.27
N LEU D 303 -34.86 2.51 29.35
CA LEU D 303 -34.84 1.36 28.46
C LEU D 303 -34.53 0.08 29.22
N ALA D 304 -33.73 0.19 30.28
CA ALA D 304 -33.35 -1.00 31.05
C ALA D 304 -34.54 -1.55 31.82
N ARG D 305 -35.28 -0.68 32.49
CA ARG D 305 -36.41 -1.10 33.29
C ARG D 305 -37.69 -1.18 32.48
N GLY D 306 -37.64 -0.90 31.18
CA GLY D 306 -38.75 -1.15 30.29
C GLY D 306 -39.90 -0.18 30.41
N GLU D 307 -39.74 0.94 31.12
CA GLU D 307 -40.78 1.95 31.20
C GLU D 307 -41.03 2.61 29.86
N LEU D 308 -39.98 2.84 29.09
CA LEU D 308 -40.05 3.59 27.85
C LEU D 308 -40.34 2.65 26.71
N HIS D 309 -41.21 3.07 25.81
CA HIS D 309 -41.72 2.23 24.73
C HIS D 309 -41.18 2.69 23.39
N CYS D 310 -39.89 2.99 23.35
CA CYS D 310 -39.25 3.60 22.19
C CYS D 310 -39.29 2.69 20.97
N VAL D 311 -39.79 3.22 19.86
CA VAL D 311 -39.75 2.53 18.58
C VAL D 311 -38.69 3.21 17.74
N GLY D 312 -37.55 2.58 17.61
CA GLY D 312 -36.52 3.15 16.78
C GLY D 312 -36.72 2.82 15.33
N ALA D 313 -36.09 3.62 14.48
CA ALA D 313 -36.06 3.33 13.06
C ALA D 313 -34.73 3.82 12.54
N THR D 314 -33.98 2.93 11.90
CA THR D 314 -32.62 3.29 11.52
C THR D 314 -32.20 2.45 10.34
N THR D 315 -31.18 2.92 9.65
CA THR D 315 -30.72 2.28 8.43
C THR D 315 -30.02 0.98 8.78
N LEU D 316 -30.00 0.05 7.82
CA LEU D 316 -29.26 -1.20 7.95
C LEU D 316 -27.78 -0.96 8.25
N ASP D 317 -27.22 0.14 7.74
CA ASP D 317 -25.79 0.45 7.83
C ASP D 317 -25.45 1.41 8.96
N GLU D 318 -26.29 2.40 9.26
CA GLU D 318 -26.06 3.22 10.45
C GLU D 318 -26.32 2.47 11.75
N TYR D 319 -27.04 1.37 11.70
CA TYR D 319 -27.12 0.50 12.86
C TYR D 319 -25.78 -0.18 13.13
N ARG D 320 -25.02 -0.50 12.09
CA ARG D 320 -23.70 -1.08 12.31
C ARG D 320 -22.75 -0.03 12.88
N GLN D 321 -22.84 1.20 12.39
CA GLN D 321 -21.91 2.22 12.84
C GLN D 321 -22.26 2.70 14.24
N TYR D 322 -23.43 3.29 14.40
CA TYR D 322 -23.61 4.14 15.57
C TYR D 322 -24.30 3.44 16.74
N ILE D 323 -24.73 2.19 16.61
CA ILE D 323 -25.42 1.49 17.69
C ILE D 323 -24.70 0.23 18.11
N GLU D 324 -24.27 -0.59 17.15
CA GLU D 324 -23.53 -1.81 17.50
C GLU D 324 -22.15 -1.54 18.08
N LYS D 325 -21.67 -0.30 17.99
CA LYS D 325 -20.41 0.08 18.58
C LYS D 325 -20.52 0.22 20.11
N ASP D 326 -21.73 0.31 20.64
CA ASP D 326 -21.97 0.37 22.08
C ASP D 326 -22.86 -0.80 22.47
N ALA D 327 -22.39 -1.67 23.35
CA ALA D 327 -23.02 -2.96 23.53
C ALA D 327 -24.33 -2.88 24.33
N ALA D 328 -24.37 -2.04 25.36
CA ALA D 328 -25.54 -2.00 26.24
C ALA D 328 -26.75 -1.42 25.51
N LEU D 329 -26.56 -0.27 24.86
CA LEU D 329 -27.61 0.32 24.05
C LEU D 329 -27.97 -0.54 22.85
N GLU D 330 -27.03 -1.38 22.38
CA GLU D 330 -27.37 -2.34 21.35
C GLU D 330 -28.35 -3.38 21.88
N ARG D 331 -28.07 -3.94 23.06
CA ARG D 331 -28.91 -5.02 23.55
C ARG D 331 -30.17 -4.53 24.26
N ARG D 332 -30.33 -3.22 24.46
CA ARG D 332 -31.63 -2.75 24.95
C ARG D 332 -32.72 -2.84 23.90
N PHE D 333 -32.37 -2.88 22.62
CA PHE D 333 -33.33 -2.81 21.52
C PHE D 333 -33.54 -4.17 20.87
N GLN D 334 -34.56 -4.23 20.03
CA GLN D 334 -34.88 -5.42 19.26
C GLN D 334 -34.89 -5.10 17.78
N LYS D 335 -34.12 -5.86 17.00
CA LYS D 335 -34.15 -5.73 15.55
C LYS D 335 -35.50 -6.20 15.01
N VAL D 336 -36.12 -5.37 14.19
CA VAL D 336 -37.26 -5.77 13.38
C VAL D 336 -36.82 -5.52 11.94
N PHE D 337 -36.31 -6.54 11.28
CA PHE D 337 -35.73 -6.38 9.95
C PHE D 337 -36.85 -6.13 8.96
N VAL D 338 -36.90 -4.91 8.42
CA VAL D 338 -37.89 -4.57 7.40
C VAL D 338 -37.33 -4.94 6.04
N ALA D 339 -37.96 -5.90 5.39
CA ALA D 339 -37.48 -6.40 4.12
C ALA D 339 -38.04 -5.57 2.98
N GLU D 340 -37.21 -5.36 1.97
CA GLU D 340 -37.58 -4.57 0.81
C GLU D 340 -38.68 -5.28 0.01
N PRO D 341 -39.72 -4.57 -0.42
CA PRO D 341 -40.85 -5.24 -1.07
C PRO D 341 -40.50 -5.73 -2.45
N SER D 342 -41.28 -6.70 -2.92
CA SER D 342 -41.10 -7.29 -4.22
C SER D 342 -41.84 -6.44 -5.25
N VAL D 343 -42.08 -6.98 -6.44
CA VAL D 343 -42.74 -6.18 -7.45
C VAL D 343 -44.25 -6.07 -7.19
N GLU D 344 -44.88 -7.15 -6.74
CA GLU D 344 -46.33 -7.13 -6.64
C GLU D 344 -46.83 -6.39 -5.41
N ASP D 345 -46.06 -6.46 -4.31
CA ASP D 345 -46.33 -5.59 -3.18
C ASP D 345 -46.21 -4.13 -3.57
N THR D 346 -45.25 -3.83 -4.45
CA THR D 346 -45.12 -2.49 -4.94
C THR D 346 -46.31 -2.09 -5.79
N ILE D 347 -46.91 -3.04 -6.51
CA ILE D 347 -48.12 -2.74 -7.26
C ILE D 347 -49.27 -2.38 -6.32
N ALA D 348 -49.39 -3.08 -5.21
CA ALA D 348 -50.44 -2.76 -4.22
C ALA D 348 -50.24 -1.38 -3.60
N ILE D 349 -48.99 -1.10 -3.18
CA ILE D 349 -48.64 0.18 -2.58
C ILE D 349 -48.89 1.30 -3.57
N LEU D 350 -48.59 1.06 -4.84
CA LEU D 350 -48.85 2.05 -5.85
C LEU D 350 -50.33 2.22 -6.14
N ARG D 351 -51.18 1.24 -5.88
CA ARG D 351 -52.61 1.50 -6.10
C ARG D 351 -53.19 2.42 -5.03
N GLY D 352 -52.79 2.22 -3.77
CA GLY D 352 -53.22 3.17 -2.73
C GLY D 352 -52.64 4.57 -2.94
N LEU D 353 -51.36 4.64 -3.24
CA LEU D 353 -50.79 5.95 -3.47
C LEU D 353 -51.18 6.51 -4.83
N LYS D 354 -51.69 5.70 -5.75
CA LYS D 354 -52.32 6.20 -6.96
C LYS D 354 -53.54 7.03 -6.60
N GLU D 355 -54.38 6.50 -5.70
CA GLU D 355 -55.52 7.28 -5.21
C GLU D 355 -55.06 8.63 -4.64
N ARG D 356 -53.99 8.62 -3.85
CA ARG D 356 -53.55 9.87 -3.24
C ARG D 356 -52.97 10.87 -4.27
N TYR D 357 -52.18 10.39 -5.23
CA TYR D 357 -51.54 11.31 -6.17
C TYR D 357 -52.53 11.84 -7.20
N GLU D 358 -53.50 11.01 -7.60
CA GLU D 358 -54.58 11.48 -8.45
C GLU D 358 -55.39 12.53 -7.75
N LEU D 359 -55.61 12.39 -6.44
CA LEU D 359 -56.26 13.49 -5.73
C LEU D 359 -55.38 14.72 -5.59
N HIS D 360 -54.06 14.58 -5.63
CA HIS D 360 -53.22 15.78 -5.53
C HIS D 360 -53.14 16.54 -6.84
N HIS D 361 -52.60 15.92 -7.88
CA HIS D 361 -52.24 16.67 -9.08
C HIS D 361 -53.42 17.00 -9.97
N HIS D 362 -54.62 16.52 -9.63
CA HIS D 362 -55.82 16.62 -10.46
C HIS D 362 -55.59 16.01 -11.84
N VAL D 363 -54.90 14.88 -11.87
CA VAL D 363 -54.73 14.07 -13.06
C VAL D 363 -55.18 12.64 -12.75
N GLN D 364 -55.15 11.79 -13.76
CA GLN D 364 -55.51 10.40 -13.62
C GLN D 364 -54.29 9.53 -13.90
N ILE D 365 -54.24 8.37 -13.26
CA ILE D 365 -53.12 7.44 -13.40
C ILE D 365 -53.69 6.09 -13.81
N THR D 366 -53.29 5.61 -14.97
CA THR D 366 -53.79 4.35 -15.48
C THR D 366 -53.06 3.21 -14.80
N ASP D 367 -53.73 2.08 -14.66
CA ASP D 367 -53.11 0.93 -13.98
C ASP D 367 -51.96 0.29 -14.76
N PRO D 368 -51.93 0.30 -16.11
CA PRO D 368 -50.66 0.01 -16.79
C PRO D 368 -49.53 0.94 -16.44
N ALA D 369 -49.80 2.20 -16.06
CA ALA D 369 -48.71 3.04 -15.59
C ALA D 369 -48.18 2.58 -14.24
N ILE D 370 -49.03 2.00 -13.40
CA ILE D 370 -48.55 1.44 -12.14
C ILE D 370 -47.70 0.20 -12.39
N VAL D 371 -48.20 -0.75 -13.19
CA VAL D 371 -47.44 -1.97 -13.35
C VAL D 371 -46.18 -1.71 -14.16
N ALA D 372 -46.20 -0.69 -15.02
CA ALA D 372 -45.00 -0.31 -15.73
C ALA D 372 -44.02 0.43 -14.83
N ALA D 373 -44.51 1.24 -13.89
CA ALA D 373 -43.60 1.92 -12.97
C ALA D 373 -42.87 0.91 -12.10
N ALA D 374 -43.59 -0.06 -11.57
CA ALA D 374 -42.97 -1.08 -10.73
C ALA D 374 -42.00 -1.94 -11.53
N THR D 375 -42.41 -2.40 -12.71
CA THR D 375 -41.55 -3.30 -13.49
C THR D 375 -40.31 -2.58 -14.02
N LEU D 376 -40.50 -1.41 -14.64
CA LEU D 376 -39.36 -0.70 -15.22
C LEU D 376 -38.41 -0.18 -14.17
N SER D 377 -38.92 0.34 -13.05
CA SER D 377 -37.98 0.82 -12.07
C SER D 377 -37.31 -0.32 -11.33
N HIS D 378 -37.93 -1.49 -11.26
CA HIS D 378 -37.20 -2.63 -10.72
C HIS D 378 -36.12 -3.09 -11.69
N ARG D 379 -36.37 -2.96 -12.98
CA ARG D 379 -35.38 -3.41 -13.96
C ARG D 379 -34.24 -2.42 -14.12
N TYR D 380 -34.55 -1.14 -14.26
CA TYR D 380 -33.57 -0.17 -14.73
C TYR D 380 -32.84 0.58 -13.61
N ILE D 381 -33.56 1.32 -12.77
CA ILE D 381 -32.90 2.05 -11.69
C ILE D 381 -32.37 1.06 -10.66
N ALA D 382 -31.06 1.03 -10.48
CA ALA D 382 -30.45 0.03 -9.63
C ALA D 382 -29.73 0.66 -8.46
N ASP D 383 -29.87 1.97 -8.26
CA ASP D 383 -29.25 2.64 -7.13
C ASP D 383 -30.19 2.80 -5.95
N ARG D 384 -31.45 3.14 -6.20
CA ARG D 384 -32.42 3.34 -5.14
C ARG D 384 -33.17 2.04 -4.89
N GLN D 385 -34.27 2.09 -4.11
CA GLN D 385 -34.96 0.90 -3.65
C GLN D 385 -36.47 1.08 -3.66
N LEU D 386 -37.16 0.00 -3.98
CA LEU D 386 -38.61 -0.05 -3.96
C LEU D 386 -39.12 0.14 -2.53
N PRO D 387 -40.31 0.72 -2.36
CA PRO D 387 -41.23 1.26 -3.33
C PRO D 387 -40.98 2.73 -3.49
N ASP D 388 -39.78 3.18 -3.27
CA ASP D 388 -39.58 4.62 -3.42
C ASP D 388 -39.36 5.02 -4.85
N LYS D 389 -38.61 4.23 -5.60
CA LYS D 389 -38.35 4.53 -7.01
C LYS D 389 -39.62 4.47 -7.84
N ALA D 390 -40.53 3.55 -7.52
CA ALA D 390 -41.76 3.42 -8.27
C ALA D 390 -42.68 4.60 -8.03
N ILE D 391 -42.81 5.00 -6.77
CA ILE D 391 -43.55 6.20 -6.39
C ILE D 391 -42.95 7.43 -7.06
N ASP D 392 -41.63 7.49 -7.18
CA ASP D 392 -41.00 8.64 -7.81
C ASP D 392 -41.31 8.74 -9.28
N LEU D 393 -41.32 7.60 -9.98
CA LEU D 393 -41.73 7.62 -11.37
C LEU D 393 -43.18 8.07 -11.51
N ILE D 394 -44.05 7.61 -10.62
CA ILE D 394 -45.46 7.95 -10.69
C ILE D 394 -45.67 9.45 -10.47
N ASP D 395 -45.02 10.01 -9.46
CA ASP D 395 -45.28 11.40 -9.10
C ASP D 395 -44.65 12.36 -10.11
N GLU D 396 -43.48 12.02 -10.63
CA GLU D 396 -42.90 12.92 -11.63
C GLU D 396 -43.63 12.82 -12.96
N ALA D 397 -44.19 11.65 -13.30
CA ALA D 397 -45.01 11.55 -14.51
C ALA D 397 -46.27 12.39 -14.38
N ALA D 398 -46.90 12.37 -13.21
CA ALA D 398 -48.04 13.25 -12.99
C ALA D 398 -47.65 14.72 -13.03
N SER D 399 -46.45 15.06 -12.59
CA SER D 399 -45.99 16.46 -12.68
C SER D 399 -45.83 16.90 -14.12
N SER D 400 -45.32 16.01 -14.97
CA SER D 400 -45.12 16.39 -16.36
C SER D 400 -46.45 16.51 -17.09
N ILE D 401 -47.40 15.63 -16.75
CA ILE D 401 -48.72 15.74 -17.37
C ILE D 401 -49.44 16.99 -16.89
N ARG D 402 -49.25 17.39 -15.63
CA ARG D 402 -49.84 18.63 -15.16
C ARG D 402 -49.18 19.85 -15.80
N MET D 403 -47.89 19.77 -16.12
CA MET D 403 -47.28 20.85 -16.88
C MET D 403 -47.78 20.91 -18.32
N GLN D 404 -48.07 19.76 -18.94
CA GLN D 404 -48.66 19.79 -20.28
C GLN D 404 -50.05 20.39 -20.26
N ILE D 405 -50.88 19.97 -19.31
CA ILE D 405 -52.24 20.51 -19.17
C ILE D 405 -52.19 21.99 -18.82
N ASP D 406 -51.15 22.42 -18.10
CA ASP D 406 -51.10 23.80 -17.64
C ASP D 406 -50.79 24.77 -18.79
N SER D 407 -49.61 24.64 -19.39
CA SER D 407 -49.15 25.66 -20.35
C SER D 407 -49.50 25.30 -21.80
N LYS D 408 -48.89 24.23 -22.31
CA LYS D 408 -48.95 23.72 -23.68
C LYS D 408 -48.07 22.46 -23.69
N PRO D 409 -48.20 21.56 -24.67
CA PRO D 409 -47.38 20.34 -24.64
C PRO D 409 -45.90 20.60 -24.84
N GLU D 410 -45.10 19.59 -24.48
CA GLU D 410 -43.66 19.76 -24.57
C GLU D 410 -43.14 19.72 -25.99
N GLU D 411 -43.89 19.20 -26.95
CA GLU D 411 -43.45 19.29 -28.35
C GLU D 411 -43.47 20.74 -28.82
N LEU D 412 -44.56 21.45 -28.52
CA LEU D 412 -44.62 22.88 -28.82
C LEU D 412 -43.62 23.66 -27.98
N ASP D 413 -43.27 23.18 -26.79
CA ASP D 413 -42.27 23.88 -26.01
C ASP D 413 -40.85 23.63 -26.49
N ARG D 414 -40.53 22.41 -26.97
CA ARG D 414 -39.27 22.17 -27.66
C ARG D 414 -39.13 23.11 -28.85
N LEU D 415 -40.18 23.22 -29.66
CA LEU D 415 -40.12 24.09 -30.83
C LEU D 415 -40.08 25.56 -30.44
N ASP D 416 -40.77 25.96 -29.38
CA ASP D 416 -40.81 27.36 -28.99
C ASP D 416 -39.46 27.81 -28.44
N ARG D 417 -38.83 26.98 -27.61
CA ARG D 417 -37.50 27.29 -27.12
C ARG D 417 -36.47 27.25 -28.23
N ARG D 418 -36.63 26.32 -29.18
CA ARG D 418 -35.71 26.23 -30.30
C ARG D 418 -35.81 27.46 -31.20
N ILE D 419 -37.02 27.95 -31.45
CA ILE D 419 -37.14 29.09 -32.35
C ILE D 419 -36.80 30.39 -31.64
N ILE D 420 -37.02 30.50 -30.33
CA ILE D 420 -36.60 31.75 -29.70
C ILE D 420 -35.08 31.73 -29.50
N GLN D 421 -34.51 30.54 -29.39
CA GLN D 421 -33.05 30.35 -29.42
C GLN D 421 -32.47 30.84 -30.74
N LEU D 422 -32.99 30.31 -31.84
CA LEU D 422 -32.47 30.68 -33.15
C LEU D 422 -32.83 32.12 -33.50
N LYS D 423 -33.88 32.69 -32.89
CA LYS D 423 -34.22 34.08 -33.15
C LYS D 423 -33.20 35.01 -32.50
N LEU D 424 -32.93 34.85 -31.21
CA LEU D 424 -31.92 35.70 -30.60
C LEU D 424 -30.49 35.26 -30.92
N GLU D 425 -30.32 34.18 -31.69
CA GLU D 425 -29.05 33.80 -32.29
C GLU D 425 -28.84 34.43 -33.67
N GLN D 426 -29.91 34.55 -34.46
CA GLN D 426 -29.85 35.32 -35.70
C GLN D 426 -29.71 36.81 -35.40
N GLN D 427 -30.20 37.24 -34.24
CA GLN D 427 -30.07 38.63 -33.81
C GLN D 427 -28.62 39.08 -33.72
N ALA D 428 -27.71 38.17 -33.37
CA ALA D 428 -26.30 38.50 -33.19
C ALA D 428 -25.45 38.12 -34.41
N LEU D 429 -25.98 38.28 -35.61
CA LEU D 429 -25.23 37.98 -36.83
C LEU D 429 -25.29 39.16 -37.80
N MET D 430 -24.93 40.34 -37.29
CA MET D 430 -24.77 41.51 -38.14
C MET D 430 -23.29 41.85 -38.31
N LEU D 441 -23.22 32.56 -45.40
CA LEU D 441 -22.59 32.97 -44.14
C LEU D 441 -23.31 32.31 -42.98
N ASP D 442 -24.62 32.55 -42.89
CA ASP D 442 -25.43 32.02 -41.80
C ASP D 442 -25.51 30.49 -41.82
N MET D 443 -26.17 29.96 -42.86
CA MET D 443 -26.78 28.62 -42.85
C MET D 443 -27.65 28.41 -41.61
N LEU D 444 -28.36 29.47 -41.23
CA LEU D 444 -29.18 29.48 -40.03
C LEU D 444 -30.60 29.96 -40.31
N ASN D 445 -30.79 30.77 -41.35
CA ASN D 445 -32.12 31.18 -41.77
C ASN D 445 -32.91 30.00 -42.33
N GLU D 446 -32.22 29.04 -42.94
CA GLU D 446 -32.90 27.84 -43.43
C GLU D 446 -33.37 26.96 -42.27
N GLU D 447 -32.52 26.80 -41.26
CA GLU D 447 -32.87 26.04 -40.06
C GLU D 447 -34.01 26.72 -39.30
N LEU D 448 -33.92 28.04 -39.13
CA LEU D 448 -34.99 28.78 -38.47
C LEU D 448 -36.29 28.76 -39.28
N SER D 449 -36.19 28.75 -40.61
CA SER D 449 -37.38 28.64 -41.45
C SER D 449 -38.07 27.30 -41.26
N ASP D 450 -37.27 26.22 -41.22
CA ASP D 450 -37.79 24.88 -40.94
C ASP D 450 -38.47 24.83 -39.57
N LYS D 451 -37.84 25.40 -38.56
CA LYS D 451 -38.40 25.25 -37.23
C LYS D 451 -39.58 26.18 -36.97
N GLU D 452 -39.63 27.34 -37.64
CA GLU D 452 -40.81 28.17 -37.55
C GLU D 452 -41.99 27.52 -38.26
N ARG D 453 -41.74 26.88 -39.41
CA ARG D 453 -42.78 26.13 -40.10
C ARG D 453 -43.29 24.97 -39.24
N GLN D 454 -42.38 24.27 -38.56
CA GLN D 454 -42.78 23.15 -37.73
C GLN D 454 -43.54 23.60 -36.48
N TYR D 455 -43.16 24.75 -35.92
CA TYR D 455 -43.93 25.27 -34.79
C TYR D 455 -45.30 25.74 -35.24
N SER D 456 -45.42 26.29 -36.45
CA SER D 456 -46.73 26.68 -36.95
C SER D 456 -47.62 25.46 -37.20
N GLU D 457 -47.02 24.36 -37.69
CA GLU D 457 -47.81 23.16 -37.95
C GLU D 457 -48.27 22.50 -36.65
N LEU D 458 -47.39 22.38 -35.65
CA LEU D 458 -47.87 21.83 -34.38
C LEU D 458 -48.75 22.83 -33.62
N GLU D 459 -48.65 24.12 -33.91
CA GLU D 459 -49.60 25.08 -33.35
C GLU D 459 -50.99 24.85 -33.93
N GLU D 460 -51.06 24.61 -35.24
CA GLU D 460 -52.34 24.31 -35.88
C GLU D 460 -52.90 22.99 -35.39
N GLU D 461 -52.05 21.99 -35.15
CA GLU D 461 -52.53 20.71 -34.64
C GLU D 461 -52.98 20.82 -33.19
N TRP D 462 -52.30 21.64 -32.38
CA TRP D 462 -52.70 21.85 -31.00
C TRP D 462 -54.01 22.64 -30.92
N LYS D 463 -54.24 23.55 -31.86
CA LYS D 463 -55.55 24.19 -31.95
C LYS D 463 -56.59 23.30 -32.62
N ALA D 464 -56.18 22.23 -33.28
CA ALA D 464 -57.12 21.33 -33.93
C ALA D 464 -57.70 20.31 -32.95
N GLU D 465 -56.92 19.88 -31.97
CA GLU D 465 -57.38 18.93 -30.97
C GLU D 465 -57.65 19.62 -29.64
N LYS D 466 -58.19 20.83 -29.70
CA LYS D 466 -58.64 21.53 -28.51
C LYS D 466 -59.86 22.38 -28.85
N LEU D 527 -54.67 15.33 -27.15
CA LEU D 527 -53.57 15.58 -26.24
C LEU D 527 -53.36 14.41 -25.28
N ARG D 528 -52.57 14.66 -24.24
CA ARG D 528 -52.39 13.73 -23.13
C ARG D 528 -52.86 14.41 -21.86
N ASN D 529 -53.86 13.82 -21.21
CA ASN D 529 -54.33 14.27 -19.91
C ASN D 529 -54.32 13.17 -18.86
N LYS D 530 -53.85 11.99 -19.20
CA LYS D 530 -53.71 10.87 -18.29
C LYS D 530 -52.23 10.51 -18.13
N VAL D 531 -51.98 9.49 -17.34
CA VAL D 531 -50.65 8.94 -17.15
C VAL D 531 -50.72 7.50 -17.66
N THR D 532 -50.26 7.27 -18.87
CA THR D 532 -50.17 5.90 -19.36
C THR D 532 -48.79 5.36 -19.04
N ASP D 533 -48.43 4.21 -19.59
CA ASP D 533 -47.08 3.71 -19.39
C ASP D 533 -46.04 4.48 -20.19
N ALA D 534 -46.46 5.20 -21.22
CA ALA D 534 -45.51 5.95 -22.03
C ALA D 534 -44.87 7.08 -21.25
N GLU D 535 -45.66 7.78 -20.43
CA GLU D 535 -45.10 8.86 -19.63
C GLU D 535 -44.20 8.33 -18.52
N ILE D 536 -44.55 7.16 -17.97
CA ILE D 536 -43.67 6.49 -17.02
C ILE D 536 -42.34 6.15 -17.66
N ALA D 537 -42.38 5.64 -18.88
CA ALA D 537 -41.14 5.32 -19.58
C ALA D 537 -40.36 6.58 -19.93
N GLU D 538 -41.03 7.70 -20.20
CA GLU D 538 -40.29 8.92 -20.49
C GLU D 538 -39.59 9.47 -19.25
N VAL D 539 -40.26 9.41 -18.10
CA VAL D 539 -39.64 9.86 -16.86
C VAL D 539 -38.47 8.96 -16.48
N LEU D 540 -38.61 7.66 -16.74
CA LEU D 540 -37.50 6.74 -16.50
C LEU D 540 -36.34 7.01 -17.44
N ALA D 541 -36.64 7.22 -18.73
CA ALA D 541 -35.59 7.45 -19.70
C ALA D 541 -34.88 8.77 -19.49
N ARG D 542 -35.53 9.73 -18.87
CA ARG D 542 -34.79 10.94 -18.50
C ARG D 542 -34.11 10.83 -17.15
N TRP D 543 -34.56 9.94 -16.25
CA TRP D 543 -33.88 9.79 -14.97
C TRP D 543 -32.52 9.17 -15.24
N THR D 544 -32.52 7.93 -15.74
CA THR D 544 -31.28 7.19 -15.90
C THR D 544 -30.48 7.68 -17.10
N GLY D 545 -31.05 7.53 -18.28
CA GLY D 545 -30.35 7.86 -19.50
C GLY D 545 -30.61 6.82 -20.56
N ILE D 546 -31.04 5.64 -20.13
CA ILE D 546 -31.36 4.54 -21.03
C ILE D 546 -32.61 4.92 -21.81
N PRO D 547 -32.58 4.91 -23.12
CA PRO D 547 -33.78 5.23 -23.90
C PRO D 547 -34.79 4.08 -23.90
N VAL D 548 -35.64 4.05 -22.87
CA VAL D 548 -36.69 3.07 -22.77
C VAL D 548 -37.98 3.56 -23.43
N SER D 549 -38.05 4.85 -23.76
CA SER D 549 -39.26 5.44 -24.32
C SER D 549 -39.60 4.85 -25.68
N ARG D 550 -40.85 5.02 -26.08
CA ARG D 550 -41.24 4.61 -27.42
C ARG D 550 -40.54 5.50 -28.44
N MET D 551 -40.12 4.89 -29.54
CA MET D 551 -39.44 5.63 -30.58
C MET D 551 -40.38 6.60 -31.26
N MET D 552 -39.84 7.71 -31.71
CA MET D 552 -40.60 8.62 -32.56
C MET D 552 -40.48 8.14 -34.01
N GLU D 553 -40.90 8.98 -34.94
CA GLU D 553 -40.75 8.59 -36.34
C GLU D 553 -39.31 8.81 -36.82
N SER D 554 -38.72 9.96 -36.49
CA SER D 554 -37.41 10.31 -37.04
C SER D 554 -36.30 9.44 -36.45
N GLU D 555 -36.41 9.10 -35.16
CA GLU D 555 -35.45 8.19 -34.56
C GLU D 555 -35.56 6.79 -35.15
N ARG D 556 -36.76 6.36 -35.49
CA ARG D 556 -36.93 5.05 -36.08
C ARG D 556 -36.48 5.02 -37.54
N GLU D 557 -36.65 6.12 -38.26
CA GLU D 557 -36.07 6.24 -39.60
C GLU D 557 -34.56 6.19 -39.54
N LYS D 558 -33.98 6.93 -38.59
CA LYS D 558 -32.54 6.98 -38.41
C LYS D 558 -31.98 5.63 -38.03
N LEU D 559 -32.73 4.89 -37.25
CA LEU D 559 -32.28 3.60 -36.75
C LEU D 559 -32.59 2.46 -37.71
N LEU D 560 -33.38 2.72 -38.76
CA LEU D 560 -33.37 1.86 -39.93
C LEU D 560 -32.35 2.29 -40.97
N ARG D 561 -31.85 3.53 -40.86
CA ARG D 561 -30.68 3.98 -41.60
C ARG D 561 -29.39 3.72 -40.85
N MET D 562 -29.40 2.73 -39.94
CA MET D 562 -28.24 2.44 -39.10
C MET D 562 -27.03 2.08 -39.94
N GLU D 563 -27.20 1.11 -40.83
CA GLU D 563 -26.09 0.62 -41.63
C GLU D 563 -25.60 1.70 -42.59
N GLN D 564 -26.50 2.50 -43.11
CA GLN D 564 -26.13 3.58 -44.02
C GLN D 564 -25.35 4.68 -43.30
N GLU D 565 -25.81 5.06 -42.11
CA GLU D 565 -25.13 6.08 -41.32
C GLU D 565 -23.77 5.61 -40.86
N LEU D 566 -23.62 4.33 -40.58
CA LEU D 566 -22.29 3.86 -40.24
C LEU D 566 -21.42 3.71 -41.46
N HIS D 567 -21.98 3.44 -42.62
CA HIS D 567 -21.13 3.41 -43.80
C HIS D 567 -20.76 4.80 -44.29
N HIS D 568 -21.33 5.87 -43.73
CA HIS D 568 -20.75 7.17 -44.03
C HIS D 568 -19.35 7.33 -43.47
N ARG D 569 -18.99 6.60 -42.41
CA ARG D 569 -17.66 6.69 -41.82
C ARG D 569 -16.87 5.41 -41.86
N VAL D 570 -17.51 4.24 -41.95
CA VAL D 570 -16.78 2.99 -42.08
C VAL D 570 -17.09 2.42 -43.45
N ILE D 571 -16.28 2.68 -44.41
CA ILE D 571 -16.59 2.11 -45.71
C ILE D 571 -15.87 0.78 -45.79
N GLY D 572 -16.46 -0.15 -46.52
CA GLY D 572 -16.11 -1.54 -46.40
C GLY D 572 -16.78 -2.14 -45.19
N GLN D 573 -16.45 -3.41 -44.95
CA GLN D 573 -16.77 -4.14 -43.72
C GLN D 573 -18.27 -4.24 -43.48
N ASN D 574 -18.96 -4.94 -44.37
CA ASN D 574 -20.41 -4.97 -44.29
C ASN D 574 -20.89 -5.81 -43.12
N GLU D 575 -20.17 -6.88 -42.79
CA GLU D 575 -20.64 -7.86 -41.81
C GLU D 575 -20.67 -7.28 -40.42
N ALA D 576 -19.65 -6.50 -40.06
CA ALA D 576 -19.57 -5.92 -38.75
C ALA D 576 -20.63 -4.84 -38.52
N VAL D 577 -20.87 -4.03 -39.54
CA VAL D 577 -21.90 -3.01 -39.43
C VAL D 577 -23.27 -3.64 -39.34
N ASP D 578 -23.47 -4.78 -40.03
CA ASP D 578 -24.69 -5.56 -39.83
C ASP D 578 -24.83 -6.06 -38.41
N ALA D 579 -23.74 -6.54 -37.82
CA ALA D 579 -23.81 -7.13 -36.48
C ALA D 579 -24.12 -6.07 -35.42
N VAL D 580 -23.45 -4.95 -35.49
CA VAL D 580 -23.66 -3.88 -34.51
C VAL D 580 -25.05 -3.26 -34.69
N SER D 581 -25.45 -3.05 -35.94
CA SER D 581 -26.77 -2.54 -36.29
C SER D 581 -27.87 -3.41 -35.71
N ASN D 582 -27.75 -4.71 -35.89
CA ASN D 582 -28.71 -5.62 -35.34
C ASN D 582 -28.70 -5.66 -33.83
N ALA D 583 -27.56 -5.35 -33.19
CA ALA D 583 -27.56 -5.28 -31.73
C ALA D 583 -28.38 -4.12 -31.21
N ILE D 584 -28.21 -2.94 -31.80
CA ILE D 584 -29.00 -1.81 -31.31
C ILE D 584 -30.46 -1.94 -31.72
N ARG D 585 -30.73 -2.55 -32.88
CA ARG D 585 -32.12 -2.79 -33.24
C ARG D 585 -32.76 -3.91 -32.43
N ARG D 586 -32.00 -4.83 -31.87
CA ARG D 586 -32.58 -5.74 -30.89
C ARG D 586 -32.90 -5.04 -29.60
N SER D 587 -32.06 -4.08 -29.21
CA SER D 587 -32.31 -3.40 -27.94
C SER D 587 -33.53 -2.49 -28.02
N ARG D 588 -33.69 -1.77 -29.12
CA ARG D 588 -34.78 -0.79 -29.13
C ARG D 588 -36.14 -1.40 -29.32
N ALA D 589 -36.24 -2.61 -29.85
CA ALA D 589 -37.52 -3.26 -29.99
C ALA D 589 -37.86 -4.14 -28.79
N GLY D 590 -37.04 -4.11 -27.74
CA GLY D 590 -37.35 -4.78 -26.51
C GLY D 590 -36.79 -6.17 -26.39
N LEU D 591 -36.35 -6.77 -27.48
CA LEU D 591 -36.00 -8.19 -27.50
C LEU D 591 -34.62 -8.49 -26.94
N ALA D 592 -33.95 -7.52 -26.33
CA ALA D 592 -32.66 -7.80 -25.71
C ALA D 592 -32.88 -8.65 -24.47
N ASP D 593 -31.87 -9.46 -24.17
CA ASP D 593 -31.91 -10.27 -22.97
C ASP D 593 -31.42 -9.44 -21.79
N PRO D 594 -32.25 -9.15 -20.82
CA PRO D 594 -31.86 -8.19 -19.79
C PRO D 594 -31.05 -8.79 -18.64
N ASN D 595 -30.45 -9.95 -18.83
CA ASN D 595 -29.47 -10.44 -17.87
C ASN D 595 -28.05 -10.25 -18.34
N ARG D 596 -27.86 -9.63 -19.49
CA ARG D 596 -26.56 -9.49 -20.13
C ARG D 596 -26.40 -8.06 -20.60
N PRO D 597 -25.22 -7.61 -21.00
CA PRO D 597 -25.12 -6.38 -21.77
C PRO D 597 -25.73 -6.57 -23.16
N ILE D 598 -25.90 -5.45 -23.86
CA ILE D 598 -26.66 -5.48 -25.10
C ILE D 598 -25.91 -6.23 -26.19
N GLY D 599 -24.64 -5.94 -26.35
CA GLY D 599 -23.84 -6.70 -27.28
C GLY D 599 -22.40 -6.74 -26.84
N SER D 600 -21.86 -7.93 -26.70
CA SER D 600 -20.49 -8.12 -26.30
C SER D 600 -19.73 -8.57 -27.53
N PHE D 601 -19.03 -7.66 -28.18
CA PHE D 601 -18.42 -7.97 -29.46
C PHE D 601 -16.92 -8.12 -29.33
N LEU D 602 -16.33 -8.78 -30.31
CA LEU D 602 -14.88 -8.95 -30.39
C LEU D 602 -14.48 -8.77 -31.84
N PHE D 603 -13.87 -7.64 -32.14
CA PHE D 603 -13.50 -7.27 -33.50
C PHE D 603 -12.12 -7.85 -33.79
N LEU D 604 -12.05 -8.85 -34.65
CA LEU D 604 -10.76 -9.41 -35.02
C LEU D 604 -10.24 -8.69 -36.26
N GLY D 605 -9.21 -9.21 -36.89
CA GLY D 605 -8.82 -8.74 -38.19
C GLY D 605 -7.63 -7.82 -38.14
N PRO D 606 -6.94 -7.67 -39.29
CA PRO D 606 -5.64 -6.99 -39.32
C PRO D 606 -5.66 -5.50 -39.05
N THR D 607 -4.50 -4.86 -39.15
CA THR D 607 -4.36 -3.47 -38.76
C THR D 607 -4.87 -2.53 -39.84
N GLY D 608 -5.46 -1.42 -39.40
CA GLY D 608 -5.91 -0.39 -40.31
C GLY D 608 -7.08 -0.76 -41.20
N VAL D 609 -8.04 -1.52 -40.70
CA VAL D 609 -9.25 -1.79 -41.47
C VAL D 609 -10.50 -1.32 -40.76
N GLY D 610 -10.36 -0.48 -39.75
CA GLY D 610 -11.52 0.17 -39.18
C GLY D 610 -12.22 -0.57 -38.07
N LYS D 611 -11.48 -1.06 -37.08
CA LYS D 611 -12.07 -1.63 -35.87
C LYS D 611 -12.44 -0.52 -34.89
N THR D 612 -11.43 0.24 -34.48
CA THR D 612 -11.65 1.44 -33.71
C THR D 612 -12.50 2.45 -34.46
N GLU D 613 -12.51 2.42 -35.80
CA GLU D 613 -13.42 3.31 -36.51
C GLU D 613 -14.85 2.87 -36.47
N LEU D 614 -15.13 1.57 -36.37
CA LEU D 614 -16.53 1.22 -36.16
C LEU D 614 -16.97 1.59 -34.76
N CYS D 615 -16.06 1.51 -33.78
CA CYS D 615 -16.42 1.96 -32.43
C CYS D 615 -16.66 3.46 -32.37
N LYS D 616 -15.81 4.23 -33.04
CA LYS D 616 -15.99 5.67 -33.10
C LYS D 616 -17.23 6.05 -33.89
N ALA D 617 -17.54 5.32 -34.96
CA ALA D 617 -18.73 5.66 -35.72
C ALA D 617 -19.99 5.29 -34.97
N LEU D 618 -19.94 4.27 -34.13
CA LEU D 618 -21.04 3.99 -33.21
C LEU D 618 -21.27 5.11 -32.23
N ALA D 619 -20.23 5.52 -31.52
CA ALA D 619 -20.44 6.55 -30.53
C ALA D 619 -20.82 7.87 -31.19
N ASN D 620 -20.36 8.11 -32.43
CA ASN D 620 -20.79 9.27 -33.19
C ASN D 620 -22.27 9.15 -33.56
N PHE D 621 -22.72 7.94 -33.85
CA PHE D 621 -24.13 7.74 -34.15
C PHE D 621 -24.99 7.97 -32.92
N MET D 622 -24.77 7.13 -31.92
CA MET D 622 -25.65 6.95 -30.80
C MET D 622 -25.64 8.12 -29.84
N PHE D 623 -24.56 8.90 -29.81
CA PHE D 623 -24.28 9.87 -28.76
C PHE D 623 -23.85 11.23 -29.28
N ASP D 624 -23.63 11.38 -30.59
CA ASP D 624 -23.26 12.63 -31.26
C ASP D 624 -21.91 13.16 -30.81
N SER D 625 -20.94 12.26 -30.60
CA SER D 625 -19.55 12.67 -30.48
C SER D 625 -18.64 11.49 -30.78
N ASP D 626 -17.43 11.80 -31.21
CA ASP D 626 -16.45 10.76 -31.53
C ASP D 626 -15.96 10.08 -30.27
N GLU D 627 -15.39 10.84 -29.35
CA GLU D 627 -15.06 10.33 -28.02
C GLU D 627 -16.14 10.70 -27.01
N ALA D 628 -17.30 10.09 -27.16
CA ALA D 628 -18.30 10.04 -26.09
C ALA D 628 -18.55 8.57 -25.86
N MET D 629 -17.64 7.95 -25.12
CA MET D 629 -17.58 6.52 -24.93
C MET D 629 -16.56 6.29 -23.85
N VAL D 630 -16.63 5.13 -23.20
CA VAL D 630 -15.67 4.80 -22.17
C VAL D 630 -14.56 4.05 -22.89
N ARG D 631 -13.59 4.79 -23.39
CA ARG D 631 -12.48 4.18 -24.10
C ARG D 631 -11.46 3.74 -23.09
N ILE D 632 -11.34 2.44 -22.94
CA ILE D 632 -10.30 1.83 -22.14
C ILE D 632 -9.30 1.23 -23.09
N ASP D 633 -8.08 1.71 -23.01
CA ASP D 633 -7.01 1.19 -23.84
C ASP D 633 -6.41 0.01 -23.11
N MET D 634 -6.67 -1.20 -23.59
CA MET D 634 -6.34 -2.40 -22.84
C MET D 634 -4.86 -2.72 -22.83
N SER D 635 -4.04 -1.95 -23.51
CA SER D 635 -2.63 -2.23 -23.55
C SER D 635 -1.87 -1.52 -22.45
N GLU D 636 -2.58 -0.87 -21.55
CA GLU D 636 -2.01 -0.33 -20.32
C GLU D 636 -2.19 -1.29 -19.16
N PHE D 637 -2.81 -2.43 -19.40
CA PHE D 637 -3.11 -3.40 -18.37
C PHE D 637 -2.28 -4.63 -18.56
N MET D 638 -1.05 -4.49 -19.07
CA MET D 638 -0.25 -5.64 -19.43
C MET D 638 0.25 -6.43 -18.23
N GLU D 639 0.04 -5.93 -17.02
CA GLU D 639 0.43 -6.63 -15.82
C GLU D 639 -0.77 -7.24 -15.12
N LYS D 640 -0.47 -7.97 -14.06
CA LYS D 640 -1.48 -8.69 -13.31
C LYS D 640 -2.13 -7.80 -12.26
N HIS D 641 -1.61 -6.61 -12.01
CA HIS D 641 -2.11 -5.82 -10.92
C HIS D 641 -2.78 -4.54 -11.37
N SER D 642 -3.01 -4.39 -12.66
CA SER D 642 -3.66 -3.21 -13.20
C SER D 642 -5.15 -3.40 -13.40
N VAL D 643 -5.71 -4.51 -12.91
CA VAL D 643 -7.16 -4.67 -12.79
C VAL D 643 -7.74 -3.61 -11.87
N SER D 644 -7.02 -3.27 -10.81
CA SER D 644 -7.46 -2.25 -9.88
C SER D 644 -7.53 -0.85 -10.47
N ARG D 645 -7.03 -0.65 -11.69
CA ARG D 645 -7.17 0.67 -12.31
C ARG D 645 -8.61 0.90 -12.73
N LEU D 646 -9.35 -0.17 -13.03
CA LEU D 646 -10.73 -0.08 -13.50
C LEU D 646 -11.74 -0.48 -12.45
N VAL D 647 -11.47 -1.50 -11.65
CA VAL D 647 -12.40 -1.91 -10.59
C VAL D 647 -12.38 -0.90 -9.45
N GLY D 648 -11.23 -0.72 -8.83
CA GLY D 648 -11.12 0.22 -7.73
C GLY D 648 -10.06 -0.21 -6.74
N ALA D 649 -9.78 0.68 -5.81
CA ALA D 649 -8.81 0.37 -4.76
C ALA D 649 -9.49 -0.35 -3.61
N PRO D 650 -8.96 -1.49 -3.17
CA PRO D 650 -9.64 -2.33 -2.16
C PRO D 650 -9.65 -1.67 -0.80
N PRO D 651 -10.41 -2.21 0.17
CA PRO D 651 -10.51 -1.54 1.48
C PRO D 651 -9.21 -1.35 2.24
N GLY D 652 -8.93 -0.09 2.58
CA GLY D 652 -7.78 0.29 3.36
C GLY D 652 -6.58 0.59 2.50
N TYR D 653 -6.76 1.21 1.34
CA TYR D 653 -5.64 1.45 0.44
C TYR D 653 -5.76 2.87 -0.11
N VAL D 654 -4.90 3.21 -1.07
CA VAL D 654 -4.55 4.61 -1.28
C VAL D 654 -5.68 5.38 -1.95
N GLY D 655 -6.06 4.97 -3.15
CA GLY D 655 -7.08 5.69 -3.88
C GLY D 655 -8.46 5.12 -3.66
N TYR D 656 -8.88 5.05 -2.41
CA TYR D 656 -10.09 4.32 -2.05
C TYR D 656 -11.35 5.13 -2.31
N GLU D 657 -11.33 6.42 -2.05
CA GLU D 657 -12.54 7.22 -2.13
C GLU D 657 -12.91 7.63 -3.54
N GLU D 658 -12.22 7.12 -4.56
CA GLU D 658 -12.51 7.48 -5.93
C GLU D 658 -12.95 6.29 -6.77
N GLY D 659 -12.94 5.10 -6.22
CA GLY D 659 -13.48 3.98 -6.95
C GLY D 659 -12.52 3.54 -8.04
N GLY D 660 -13.09 3.06 -9.15
CA GLY D 660 -12.32 2.64 -10.28
C GLY D 660 -12.61 3.52 -11.50
N TYR D 661 -12.03 3.13 -12.62
CA TYR D 661 -12.27 3.90 -13.82
C TYR D 661 -13.45 3.40 -14.60
N LEU D 662 -13.67 2.10 -14.66
CA LEU D 662 -14.78 1.59 -15.44
C LEU D 662 -16.09 1.68 -14.68
N THR D 663 -16.07 1.31 -13.42
CA THR D 663 -17.32 1.20 -12.67
C THR D 663 -17.92 2.56 -12.37
N GLU D 664 -17.11 3.55 -12.05
CA GLU D 664 -17.70 4.87 -11.88
C GLU D 664 -18.19 5.43 -13.20
N ALA D 665 -17.40 5.33 -14.25
CA ALA D 665 -17.78 5.91 -15.53
C ALA D 665 -18.99 5.25 -16.15
N VAL D 666 -19.35 4.04 -15.73
CA VAL D 666 -20.63 3.48 -16.11
C VAL D 666 -21.72 3.87 -15.12
N ARG D 667 -21.46 3.77 -13.81
CA ARG D 667 -22.46 4.06 -12.77
C ARG D 667 -22.98 5.49 -12.83
N ARG D 668 -22.23 6.40 -13.47
CA ARG D 668 -22.82 7.67 -13.87
C ARG D 668 -23.83 7.49 -15.00
N ARG D 669 -23.38 7.00 -16.15
CA ARG D 669 -24.19 6.99 -17.38
C ARG D 669 -24.36 5.57 -17.87
N PRO D 670 -25.43 4.87 -17.48
CA PRO D 670 -25.48 3.42 -17.62
C PRO D 670 -25.77 2.94 -19.02
N TYR D 671 -26.06 3.84 -19.94
CA TYR D 671 -26.23 3.53 -21.36
C TYR D 671 -25.08 4.16 -22.09
N SER D 672 -23.96 3.44 -22.19
CA SER D 672 -22.79 3.97 -22.84
C SER D 672 -22.17 2.89 -23.69
N VAL D 673 -21.12 3.25 -24.41
CA VAL D 673 -20.38 2.33 -25.24
C VAL D 673 -18.99 2.20 -24.67
N ILE D 674 -18.56 0.97 -24.41
CA ILE D 674 -17.29 0.73 -23.77
C ILE D 674 -16.39 0.09 -24.80
N LEU D 675 -15.32 0.77 -25.16
CA LEU D 675 -14.34 0.29 -26.10
C LEU D 675 -13.15 -0.25 -25.32
N LEU D 676 -12.90 -1.55 -25.44
CA LEU D 676 -11.78 -2.20 -24.78
C LEU D 676 -10.70 -2.38 -25.82
N ASP D 677 -9.92 -1.32 -25.99
CA ASP D 677 -9.10 -1.13 -27.18
C ASP D 677 -7.83 -1.96 -27.07
N ALA D 678 -7.56 -2.78 -28.09
CA ALA D 678 -6.38 -3.65 -28.21
C ALA D 678 -6.32 -4.66 -27.06
N VAL D 679 -7.29 -5.57 -27.09
CA VAL D 679 -7.62 -6.37 -25.92
C VAL D 679 -6.56 -7.43 -25.63
N GLU D 680 -5.83 -7.92 -26.63
CA GLU D 680 -4.97 -9.06 -26.38
C GLU D 680 -3.67 -8.67 -25.70
N LYS D 681 -3.37 -7.37 -25.61
CA LYS D 681 -2.12 -6.92 -25.01
C LYS D 681 -2.11 -7.13 -23.52
N ALA D 682 -3.26 -7.10 -22.87
CA ALA D 682 -3.30 -7.15 -21.42
C ALA D 682 -3.02 -8.56 -20.92
N HIS D 683 -3.00 -8.68 -19.66
CA HIS D 683 -2.81 -9.89 -18.91
C HIS D 683 -4.17 -10.52 -18.68
N PRO D 684 -4.26 -11.85 -18.50
CA PRO D 684 -5.59 -12.48 -18.39
C PRO D 684 -6.37 -12.21 -17.11
N ASP D 685 -5.83 -11.46 -16.15
CA ASP D 685 -6.62 -11.00 -15.01
C ASP D 685 -7.82 -10.15 -15.46
N VAL D 686 -7.58 -9.27 -16.42
CA VAL D 686 -8.65 -8.39 -16.89
C VAL D 686 -9.69 -9.23 -17.61
N PHE D 687 -9.25 -10.29 -18.26
CA PHE D 687 -10.18 -11.19 -18.92
C PHE D 687 -11.07 -11.93 -17.93
N ASN D 688 -10.59 -12.19 -16.72
CA ASN D 688 -11.51 -12.74 -15.72
C ASN D 688 -12.55 -11.71 -15.29
N ILE D 689 -12.11 -10.46 -15.13
CA ILE D 689 -13.03 -9.37 -14.78
C ILE D 689 -14.11 -9.21 -15.86
N LEU D 690 -13.70 -9.31 -17.11
CA LEU D 690 -14.67 -9.17 -18.17
C LEU D 690 -15.47 -10.45 -18.41
N LEU D 691 -15.06 -11.59 -17.86
CA LEU D 691 -15.99 -12.72 -17.79
C LEU D 691 -17.23 -12.34 -17.02
N GLN D 692 -17.04 -11.74 -15.85
CA GLN D 692 -18.21 -11.35 -15.05
C GLN D 692 -19.04 -10.29 -15.77
N VAL D 693 -18.35 -9.33 -16.38
CA VAL D 693 -18.98 -8.24 -17.15
C VAL D 693 -19.84 -8.78 -18.28
N LEU D 694 -19.25 -9.60 -19.16
CA LEU D 694 -19.96 -10.01 -20.36
C LEU D 694 -21.03 -11.04 -20.09
N ASP D 695 -20.91 -11.80 -19.00
CA ASP D 695 -21.97 -12.77 -18.79
C ASP D 695 -23.16 -12.16 -18.08
N ASP D 696 -22.95 -11.46 -16.97
CA ASP D 696 -24.10 -11.15 -16.14
C ASP D 696 -24.37 -9.69 -15.90
N GLY D 697 -23.60 -8.80 -16.51
CA GLY D 697 -23.98 -7.41 -16.43
C GLY D 697 -23.75 -6.77 -15.10
N ARG D 698 -22.96 -7.39 -14.24
CA ARG D 698 -22.58 -6.77 -13.00
C ARG D 698 -21.09 -6.94 -12.82
N LEU D 699 -20.49 -5.97 -12.15
CA LEU D 699 -19.07 -6.05 -11.82
C LEU D 699 -18.90 -5.33 -10.50
N THR D 700 -18.79 -6.09 -9.42
CA THR D 700 -18.71 -5.49 -8.10
C THR D 700 -17.38 -4.80 -7.91
N ASP D 701 -17.41 -3.49 -7.70
CA ASP D 701 -16.16 -2.74 -7.64
C ASP D 701 -15.48 -2.94 -6.28
N GLY D 702 -14.46 -2.13 -6.00
CA GLY D 702 -13.63 -2.37 -4.84
C GLY D 702 -14.28 -1.95 -3.55
N GLN D 703 -15.13 -0.93 -3.59
CA GLN D 703 -15.80 -0.46 -2.39
C GLN D 703 -16.96 -1.35 -1.98
N GLY D 704 -17.28 -2.37 -2.77
CA GLY D 704 -18.24 -3.37 -2.37
C GLY D 704 -19.66 -3.08 -2.80
N ARG D 705 -19.88 -2.83 -4.07
CA ARG D 705 -21.22 -2.62 -4.57
C ARG D 705 -21.28 -2.97 -6.04
N THR D 706 -22.45 -3.39 -6.50
CA THR D 706 -22.59 -3.78 -7.88
C THR D 706 -22.60 -2.56 -8.76
N VAL D 707 -22.33 -2.77 -10.05
CA VAL D 707 -22.50 -1.74 -11.06
C VAL D 707 -23.25 -2.36 -12.23
N ASP D 708 -24.30 -1.68 -12.67
CA ASP D 708 -25.26 -2.20 -13.63
C ASP D 708 -24.69 -2.11 -15.03
N PHE D 709 -24.31 -3.24 -15.62
CA PHE D 709 -23.87 -3.28 -17.01
C PHE D 709 -24.89 -3.87 -17.95
N ARG D 710 -26.12 -3.92 -17.56
CA ARG D 710 -27.09 -4.50 -18.48
C ARG D 710 -27.47 -3.60 -19.59
N ASN D 711 -26.84 -2.47 -19.83
CA ASN D 711 -27.29 -1.55 -20.86
C ASN D 711 -26.16 -0.99 -21.71
N THR D 712 -24.95 -1.52 -21.60
CA THR D 712 -23.81 -0.99 -22.33
C THR D 712 -23.37 -1.96 -23.41
N VAL D 713 -22.88 -1.45 -24.52
CA VAL D 713 -22.37 -2.29 -25.59
C VAL D 713 -20.86 -2.38 -25.39
N VAL D 714 -20.38 -3.53 -24.96
CA VAL D 714 -18.96 -3.74 -24.71
C VAL D 714 -18.33 -4.23 -26.00
N ILE D 715 -17.29 -3.55 -26.46
CA ILE D 715 -16.70 -3.82 -27.77
C ILE D 715 -15.20 -4.00 -27.58
N MET D 716 -14.64 -5.03 -28.23
CA MET D 716 -13.23 -5.38 -28.07
C MET D 716 -12.56 -5.50 -29.42
N THR D 717 -11.38 -4.91 -29.55
CA THR D 717 -10.66 -4.89 -30.82
C THR D 717 -9.36 -5.64 -30.65
N SER D 718 -9.03 -6.48 -31.63
CA SER D 718 -7.80 -7.25 -31.58
C SER D 718 -7.44 -7.65 -33.01
N ASN D 719 -6.27 -8.25 -33.17
CA ASN D 719 -5.83 -8.64 -34.50
C ASN D 719 -5.17 -10.01 -34.49
N LEU D 720 -5.75 -10.96 -33.75
CA LEU D 720 -5.08 -12.23 -33.52
C LEU D 720 -4.97 -13.09 -34.78
N GLY D 721 -5.82 -12.86 -35.76
CA GLY D 721 -5.73 -13.58 -37.00
C GLY D 721 -5.14 -12.72 -38.09
N SER D 722 -4.05 -12.02 -37.79
CA SER D 722 -3.49 -11.09 -38.76
C SER D 722 -2.96 -11.82 -40.00
N ASP D 723 -2.02 -12.75 -39.79
CA ASP D 723 -1.42 -13.47 -40.93
C ASP D 723 -2.45 -14.32 -41.64
N LEU D 724 -3.38 -14.90 -40.89
CA LEU D 724 -4.38 -15.80 -41.45
C LEU D 724 -5.35 -15.06 -42.36
N ILE D 725 -5.87 -13.92 -41.90
CA ILE D 725 -6.84 -13.18 -42.71
C ILE D 725 -6.13 -12.46 -43.85
N GLN D 726 -4.93 -11.92 -43.61
CA GLN D 726 -4.21 -11.25 -44.69
C GLN D 726 -3.78 -12.22 -45.79
N GLU D 727 -3.57 -13.50 -45.46
CA GLU D 727 -3.10 -14.42 -46.46
C GLU D 727 -4.23 -15.21 -47.11
N ARG D 728 -5.27 -15.58 -46.36
CA ARG D 728 -6.21 -16.59 -46.83
C ARG D 728 -7.64 -16.07 -46.93
N PHE D 729 -7.87 -14.76 -46.96
CA PHE D 729 -9.25 -14.28 -47.08
C PHE D 729 -9.82 -14.57 -48.46
N GLY D 730 -8.98 -14.59 -49.49
CA GLY D 730 -9.42 -15.03 -50.79
C GLY D 730 -9.82 -16.50 -50.78
N GLU D 731 -10.63 -16.87 -51.78
CA GLU D 731 -11.16 -18.21 -52.05
C GLU D 731 -11.86 -18.88 -50.84
N LEU D 732 -12.24 -18.11 -49.83
CA LEU D 732 -12.93 -18.64 -48.66
C LEU D 732 -14.13 -17.78 -48.33
N ASP D 733 -15.25 -18.42 -48.00
CA ASP D 733 -16.43 -17.71 -47.56
C ASP D 733 -16.24 -17.20 -46.13
N TYR D 734 -17.25 -16.50 -45.64
CA TYR D 734 -17.08 -15.81 -44.36
C TYR D 734 -17.14 -16.77 -43.18
N ALA D 735 -17.93 -17.84 -43.28
CA ALA D 735 -18.10 -18.73 -42.14
C ALA D 735 -16.86 -19.56 -41.87
N HIS D 736 -16.20 -20.04 -42.94
CA HIS D 736 -15.00 -20.84 -42.76
C HIS D 736 -13.86 -20.00 -42.24
N MET D 737 -13.75 -18.76 -42.73
CA MET D 737 -12.77 -17.83 -42.19
C MET D 737 -13.03 -17.52 -40.74
N LYS D 738 -14.31 -17.34 -40.37
CA LYS D 738 -14.66 -17.09 -38.97
C LYS D 738 -14.28 -18.26 -38.09
N GLU D 739 -14.51 -19.48 -38.57
CA GLU D 739 -14.12 -20.66 -37.79
C GLU D 739 -12.62 -20.77 -37.64
N LEU D 740 -11.88 -20.40 -38.67
CA LEU D 740 -10.44 -20.57 -38.64
C LEU D 740 -9.79 -19.54 -37.70
N VAL D 741 -10.21 -18.27 -37.81
CA VAL D 741 -9.67 -17.27 -36.92
C VAL D 741 -10.21 -17.44 -35.51
N LEU D 742 -11.38 -18.06 -35.36
CA LEU D 742 -11.90 -18.36 -34.04
C LEU D 742 -11.10 -19.47 -33.39
N GLY D 743 -10.57 -20.39 -34.20
CA GLY D 743 -9.64 -21.38 -33.66
C GLY D 743 -8.35 -20.75 -33.19
N VAL D 744 -7.86 -19.74 -33.93
CA VAL D 744 -6.65 -19.02 -33.48
C VAL D 744 -6.92 -18.28 -32.17
N VAL D 745 -8.11 -17.68 -32.04
CA VAL D 745 -8.50 -17.02 -30.80
C VAL D 745 -8.61 -18.03 -29.65
N SER D 746 -9.12 -19.22 -29.94
CA SER D 746 -9.19 -20.28 -28.94
C SER D 746 -7.82 -20.70 -28.47
N HIS D 747 -6.82 -20.66 -29.35
CA HIS D 747 -5.45 -20.84 -28.88
C HIS D 747 -5.00 -19.67 -28.01
N ASN D 748 -5.45 -18.45 -28.31
CA ASN D 748 -4.99 -17.31 -27.51
C ASN D 748 -5.79 -17.12 -26.23
N PHE D 749 -7.11 -17.29 -26.26
CA PHE D 749 -7.98 -16.99 -25.14
C PHE D 749 -8.53 -18.27 -24.53
N ARG D 750 -8.99 -18.16 -23.28
CA ARG D 750 -9.61 -19.27 -22.61
C ARG D 750 -11.00 -19.53 -23.21
N PRO D 751 -11.52 -20.75 -23.09
CA PRO D 751 -12.86 -21.03 -23.64
C PRO D 751 -13.96 -20.28 -22.93
N GLU D 752 -13.75 -19.96 -21.65
CA GLU D 752 -14.69 -19.16 -20.88
C GLU D 752 -14.96 -17.82 -21.55
N PHE D 753 -13.90 -17.08 -21.87
CA PHE D 753 -14.06 -15.70 -22.29
C PHE D 753 -14.63 -15.59 -23.68
N ILE D 754 -14.42 -16.59 -24.53
CA ILE D 754 -15.03 -16.61 -25.84
C ILE D 754 -16.35 -17.33 -25.83
N ASN D 755 -16.75 -17.90 -24.71
CA ASN D 755 -18.11 -18.41 -24.64
C ASN D 755 -19.09 -17.29 -24.35
N ARG D 756 -18.65 -16.26 -23.64
CA ARG D 756 -19.52 -15.16 -23.22
C ARG D 756 -19.81 -14.20 -24.35
N ILE D 757 -19.08 -14.30 -25.46
CA ILE D 757 -19.16 -13.31 -26.53
C ILE D 757 -20.48 -13.42 -27.27
N ASP D 758 -21.12 -12.27 -27.47
CA ASP D 758 -22.34 -12.22 -28.25
C ASP D 758 -22.07 -12.56 -29.70
N GLU D 759 -21.14 -11.85 -30.34
CA GLU D 759 -20.82 -12.17 -31.72
C GLU D 759 -19.41 -11.71 -32.06
N VAL D 760 -18.53 -12.68 -32.32
CA VAL D 760 -17.22 -12.40 -32.90
C VAL D 760 -17.42 -12.05 -34.37
N VAL D 761 -16.98 -10.87 -34.77
CA VAL D 761 -17.03 -10.53 -36.18
C VAL D 761 -15.61 -10.39 -36.70
N VAL D 762 -15.43 -10.68 -37.97
CA VAL D 762 -14.13 -10.88 -38.58
C VAL D 762 -13.99 -9.84 -39.67
N PHE D 763 -12.87 -9.13 -39.70
CA PHE D 763 -12.76 -8.12 -40.72
C PHE D 763 -12.04 -8.71 -41.93
N HIS D 764 -11.71 -7.87 -42.88
CA HIS D 764 -11.04 -8.29 -44.10
C HIS D 764 -10.18 -7.13 -44.58
N PRO D 765 -9.08 -7.40 -45.26
CA PRO D 765 -8.23 -6.31 -45.73
C PRO D 765 -8.91 -5.55 -46.85
N LEU D 766 -8.32 -4.41 -47.18
CA LEU D 766 -8.95 -3.47 -48.08
C LEU D 766 -8.37 -3.60 -49.48
N GLY D 767 -9.26 -3.56 -50.48
CA GLY D 767 -8.87 -3.66 -51.88
C GLY D 767 -8.66 -2.25 -52.43
N GLU D 768 -8.61 -2.11 -53.76
CA GLU D 768 -8.40 -0.80 -54.37
C GLU D 768 -9.60 0.10 -54.17
N GLN D 769 -10.81 -0.45 -54.29
CA GLN D 769 -12.03 0.35 -54.24
C GLN D 769 -12.28 0.91 -52.84
N HIS D 770 -11.95 0.12 -51.82
CA HIS D 770 -12.12 0.57 -50.44
C HIS D 770 -11.16 1.71 -50.12
N ILE D 771 -9.91 1.56 -50.52
CA ILE D 771 -8.93 2.60 -50.27
C ILE D 771 -9.20 3.83 -51.11
N ALA D 772 -9.84 3.67 -52.27
CA ALA D 772 -10.27 4.82 -53.04
C ALA D 772 -11.35 5.61 -52.32
N SER D 773 -12.32 4.91 -51.73
CA SER D 773 -13.39 5.63 -51.04
C SER D 773 -12.89 6.25 -49.73
N ILE D 774 -12.00 5.56 -49.02
CA ILE D 774 -11.37 6.11 -47.82
C ILE D 774 -10.52 7.32 -48.19
N ALA D 775 -9.91 7.31 -49.37
CA ALA D 775 -9.16 8.47 -49.84
C ALA D 775 -10.08 9.65 -50.06
N GLN D 776 -11.28 9.39 -50.58
CA GLN D 776 -12.22 10.49 -50.74
C GLN D 776 -12.68 11.05 -49.40
N ILE D 777 -12.85 10.18 -48.38
CA ILE D 777 -13.28 10.68 -47.07
C ILE D 777 -12.19 11.51 -46.41
N GLN D 778 -10.94 11.03 -46.47
CA GLN D 778 -9.84 11.78 -45.89
C GLN D 778 -9.59 13.08 -46.65
N LEU D 779 -9.84 13.11 -47.95
CA LEU D 779 -9.71 14.37 -48.65
C LEU D 779 -10.86 15.31 -48.35
N LYS D 780 -12.05 14.80 -48.04
CA LYS D 780 -13.13 15.68 -47.61
C LYS D 780 -12.81 16.35 -46.29
N ARG D 781 -12.22 15.59 -45.36
CA ARG D 781 -11.86 16.26 -44.11
C ARG D 781 -10.62 17.13 -44.25
N LEU D 782 -9.76 16.88 -45.23
CA LEU D 782 -8.70 17.83 -45.52
C LEU D 782 -9.25 19.14 -46.09
N TYR D 783 -10.23 19.04 -46.99
CA TYR D 783 -10.92 20.22 -47.50
C TYR D 783 -11.58 20.98 -46.38
N LYS D 784 -12.12 20.26 -45.40
CA LYS D 784 -12.81 20.91 -44.30
C LYS D 784 -11.83 21.63 -43.38
N ARG D 785 -10.63 21.07 -43.19
CA ARG D 785 -9.60 21.77 -42.44
C ARG D 785 -9.16 23.05 -43.13
N LEU D 786 -8.95 22.99 -44.44
CA LEU D 786 -8.54 24.19 -45.15
C LEU D 786 -9.67 25.19 -45.37
N GLU D 787 -10.92 24.72 -45.38
CA GLU D 787 -12.04 25.64 -45.42
C GLU D 787 -12.19 26.37 -44.11
N GLU D 788 -11.90 25.70 -42.99
CA GLU D 788 -11.77 26.42 -41.73
C GLU D 788 -10.63 27.40 -41.79
N ARG D 789 -9.52 27.01 -42.40
CA ARG D 789 -8.40 27.93 -42.51
C ARG D 789 -8.70 29.08 -43.46
N GLY D 790 -9.48 28.83 -44.50
CA GLY D 790 -9.90 29.90 -45.39
C GLY D 790 -9.58 29.63 -46.85
N TYR D 791 -9.17 28.40 -47.15
CA TYR D 791 -8.75 28.05 -48.49
C TYR D 791 -9.71 27.04 -49.08
N GLU D 792 -9.63 26.84 -50.38
CA GLU D 792 -10.43 25.81 -51.05
C GLU D 792 -9.51 24.94 -51.89
N ILE D 793 -9.94 23.72 -52.16
CA ILE D 793 -9.22 22.80 -53.04
C ILE D 793 -10.20 22.09 -53.94
N HIS D 794 -10.00 22.19 -55.25
CA HIS D 794 -10.47 21.19 -56.20
C HIS D 794 -9.32 20.26 -56.51
N ILE D 795 -9.64 19.01 -56.80
CA ILE D 795 -8.60 18.03 -57.08
C ILE D 795 -8.83 17.43 -58.45
N SER D 796 -7.75 17.05 -59.11
CA SER D 796 -7.83 16.28 -60.33
C SER D 796 -8.19 14.83 -60.02
N ASP D 797 -8.88 14.18 -60.94
CA ASP D 797 -9.15 12.76 -60.80
C ASP D 797 -7.86 11.95 -60.93
N GLU D 798 -6.93 12.41 -61.76
CA GLU D 798 -5.64 11.76 -61.86
C GLU D 798 -4.84 11.93 -60.58
N ALA D 799 -4.98 13.06 -59.90
CA ALA D 799 -4.31 13.26 -58.62
C ALA D 799 -4.82 12.29 -57.58
N LEU D 800 -6.13 12.11 -57.52
CA LEU D 800 -6.71 11.14 -56.61
C LEU D 800 -6.33 9.72 -56.98
N LYS D 801 -6.13 9.45 -58.28
CA LYS D 801 -5.65 8.13 -58.67
C LYS D 801 -4.21 7.90 -58.24
N LEU D 802 -3.36 8.92 -58.34
CA LEU D 802 -1.99 8.77 -57.84
C LEU D 802 -1.97 8.61 -56.32
N LEU D 803 -2.88 9.29 -55.61
CA LEU D 803 -2.95 9.08 -54.17
C LEU D 803 -3.44 7.69 -53.83
N SER D 804 -4.35 7.15 -54.64
CA SER D 804 -4.87 5.82 -54.37
C SER D 804 -3.94 4.71 -54.82
N GLU D 805 -3.03 5.00 -55.75
CA GLU D 805 -2.08 3.98 -56.17
C GLU D 805 -0.77 4.05 -55.40
N ASN D 806 -0.40 5.22 -54.89
CA ASN D 806 0.78 5.31 -54.04
C ASN D 806 0.51 4.76 -52.65
N GLY D 807 -0.74 4.73 -52.23
CA GLY D 807 -1.10 4.28 -50.91
C GLY D 807 -1.87 2.99 -50.89
N TYR D 808 -1.44 2.01 -51.67
CA TYR D 808 -2.10 0.71 -51.72
C TYR D 808 -1.09 -0.39 -51.46
N ASP D 809 -1.15 -0.99 -50.28
CA ASP D 809 -0.54 -2.27 -50.04
C ASP D 809 -1.38 -2.99 -49.01
N PRO D 810 -1.60 -4.29 -49.15
CA PRO D 810 -2.59 -4.96 -48.31
C PRO D 810 -2.12 -5.22 -46.88
N VAL D 811 -0.86 -4.95 -46.55
CA VAL D 811 -0.37 -5.37 -45.25
C VAL D 811 -0.71 -4.38 -44.14
N TYR D 812 -0.80 -3.09 -44.44
CA TYR D 812 -0.95 -2.07 -43.42
C TYR D 812 -2.31 -1.40 -43.45
N GLY D 813 -3.24 -1.89 -44.25
CA GLY D 813 -4.59 -1.38 -44.21
C GLY D 813 -4.72 -0.02 -44.87
N ALA D 814 -5.49 0.87 -44.22
CA ALA D 814 -5.82 2.16 -44.79
C ALA D 814 -5.00 3.29 -44.19
N ARG D 815 -3.95 2.98 -43.47
CA ARG D 815 -3.00 3.99 -43.01
C ARG D 815 -1.91 4.45 -43.97
N PRO D 816 -1.33 3.62 -44.85
CA PRO D 816 -0.46 4.18 -45.90
C PRO D 816 -1.15 5.19 -46.76
N LEU D 817 -2.45 5.05 -46.95
CA LEU D 817 -3.26 6.08 -47.58
C LEU D 817 -3.19 7.39 -46.83
N LYS D 818 -3.36 7.35 -45.51
CA LYS D 818 -3.39 8.57 -44.72
C LYS D 818 -2.05 9.26 -44.70
N ARG D 819 -0.97 8.52 -44.49
CA ARG D 819 0.30 9.23 -44.51
C ARG D 819 0.80 9.53 -45.91
N ALA D 820 0.30 8.84 -46.95
CA ALA D 820 0.66 9.21 -48.30
C ALA D 820 -0.01 10.51 -48.71
N ILE D 821 -1.31 10.64 -48.39
CA ILE D 821 -2.00 11.92 -48.54
C ILE D 821 -1.31 12.99 -47.73
N GLN D 822 -0.93 12.67 -46.50
CA GLN D 822 -0.27 13.60 -45.60
C GLN D 822 1.02 14.15 -46.18
N GLN D 823 1.90 13.26 -46.64
CA GLN D 823 3.14 13.66 -47.30
C GLN D 823 2.86 14.44 -48.57
N GLN D 824 2.30 13.77 -49.58
CA GLN D 824 2.27 14.32 -50.93
C GLN D 824 1.36 15.54 -51.06
N ILE D 825 0.34 15.67 -50.23
CA ILE D 825 -0.44 16.89 -50.30
C ILE D 825 0.02 17.83 -49.20
N GLU D 826 -0.12 17.43 -47.93
CA GLU D 826 -0.01 18.40 -46.85
C GLU D 826 1.40 18.91 -46.65
N ASN D 827 2.46 18.21 -47.09
CA ASN D 827 3.74 18.85 -46.91
C ASN D 827 4.00 19.95 -47.94
N PRO D 828 3.88 19.75 -49.26
CA PRO D 828 4.15 20.88 -50.15
C PRO D 828 3.06 21.94 -50.11
N LEU D 829 1.83 21.57 -49.79
CA LEU D 829 0.79 22.58 -49.67
C LEU D 829 1.03 23.48 -48.47
N ALA D 830 1.41 22.93 -47.32
CA ALA D 830 1.72 23.79 -46.19
C ALA D 830 3.04 24.50 -46.36
N GLN D 831 3.97 23.89 -47.10
CA GLN D 831 5.18 24.58 -47.53
C GLN D 831 4.86 25.85 -48.29
N GLN D 832 3.88 25.78 -49.18
CA GLN D 832 3.54 26.94 -49.98
C GLN D 832 2.62 27.90 -49.23
N ILE D 833 1.84 27.42 -48.26
CA ILE D 833 1.05 28.33 -47.44
C ILE D 833 1.96 29.16 -46.54
N LEU D 834 2.94 28.52 -45.92
CA LEU D 834 3.87 29.25 -45.06
C LEU D 834 4.80 30.17 -45.84
N SER D 835 5.02 29.89 -47.12
CA SER D 835 5.95 30.67 -47.92
C SER D 835 5.40 32.04 -48.32
N GLY D 836 4.18 32.36 -47.95
CA GLY D 836 3.55 33.57 -48.45
C GLY D 836 3.28 33.51 -49.92
N GLU D 837 2.97 32.33 -50.44
CA GLU D 837 2.81 32.10 -51.86
C GLU D 837 1.37 31.94 -52.30
N LEU D 838 0.56 31.20 -51.56
CA LEU D 838 -0.80 30.86 -51.96
C LEU D 838 -1.78 31.84 -51.33
N VAL D 839 -2.34 32.71 -52.17
CA VAL D 839 -3.24 33.78 -51.73
C VAL D 839 -4.57 33.17 -51.33
N PRO D 840 -5.21 33.64 -50.26
CA PRO D 840 -6.56 33.16 -49.92
C PRO D 840 -7.60 33.49 -50.98
N GLY D 841 -8.72 32.78 -50.89
CA GLY D 841 -9.85 32.99 -51.77
C GLY D 841 -9.83 32.14 -53.03
N LYS D 842 -8.67 31.99 -53.65
CA LYS D 842 -8.58 31.28 -54.90
C LYS D 842 -8.63 29.77 -54.67
N VAL D 843 -9.21 29.06 -55.64
CA VAL D 843 -9.30 27.61 -55.55
C VAL D 843 -7.94 27.02 -55.85
N ILE D 844 -7.39 26.29 -54.88
CA ILE D 844 -6.06 25.71 -55.00
C ILE D 844 -6.26 24.35 -55.67
N ARG D 845 -6.01 24.29 -56.97
CA ARG D 845 -6.20 23.05 -57.71
C ARG D 845 -5.01 22.14 -57.53
N LEU D 846 -5.28 20.88 -57.18
CA LEU D 846 -4.25 19.87 -57.01
C LEU D 846 -4.24 18.98 -58.24
N GLU D 847 -3.37 19.30 -59.18
CA GLU D 847 -3.19 18.50 -60.38
C GLU D 847 -1.77 17.97 -60.39
N VAL D 848 -1.51 17.02 -61.24
CA VAL D 848 -0.24 16.32 -61.22
C VAL D 848 0.71 16.93 -62.24
N ASN D 849 1.99 16.83 -61.92
CA ASN D 849 3.07 16.87 -62.88
C ASN D 849 3.36 15.44 -63.32
N GLU D 850 4.55 15.19 -63.86
CA GLU D 850 4.95 13.87 -64.36
C GLU D 850 4.77 12.79 -63.33
N ASP D 851 5.26 13.00 -62.11
CA ASP D 851 4.92 12.13 -60.99
C ASP D 851 4.58 12.86 -59.70
N ARG D 852 5.02 14.10 -59.50
CA ARG D 852 4.68 14.80 -58.28
C ARG D 852 3.28 15.38 -58.38
N ILE D 853 2.82 15.94 -57.27
CA ILE D 853 1.50 16.57 -57.16
C ILE D 853 1.72 18.01 -56.78
N VAL D 854 1.32 18.93 -57.65
CA VAL D 854 1.62 20.34 -57.50
C VAL D 854 0.34 21.11 -57.19
N ALA D 855 0.44 22.12 -56.34
CA ALA D 855 -0.65 23.02 -56.02
C ALA D 855 -0.47 24.31 -56.81
N VAL D 856 -1.48 24.67 -57.59
CA VAL D 856 -1.37 25.78 -58.54
C VAL D 856 -2.32 26.90 -58.13
N GLN D 857 -2.05 28.09 -58.69
CA GLN D 857 -2.86 29.27 -58.45
C GLN D 857 -3.20 29.90 -59.78
N HIS D 858 -4.49 30.01 -60.08
CA HIS D 858 -4.97 30.69 -61.28
C HIS D 858 -6.24 31.44 -60.99
N GLN E 159 -25.02 12.99 53.66
CA GLN E 159 -24.45 11.70 53.29
C GLN E 159 -25.13 11.15 52.04
N ALA E 160 -24.34 10.55 51.16
CA ALA E 160 -24.83 10.04 49.88
C ALA E 160 -24.84 8.52 49.84
N LEU E 161 -24.73 7.85 50.98
CA LEU E 161 -24.85 6.40 51.00
C LEU E 161 -26.28 5.96 50.70
N LYS E 162 -27.26 6.72 51.17
CA LYS E 162 -28.66 6.45 50.90
C LYS E 162 -29.21 7.34 49.78
N LYS E 163 -28.34 7.80 48.87
CA LYS E 163 -28.74 8.68 47.79
C LYS E 163 -28.44 8.11 46.41
N TYR E 164 -27.30 7.44 46.24
CA TYR E 164 -26.91 6.92 44.94
C TYR E 164 -26.41 5.49 44.98
N THR E 165 -26.03 4.98 46.14
CA THR E 165 -25.53 3.62 46.28
C THR E 165 -26.67 2.72 46.73
N ILE E 166 -27.10 1.83 45.85
CA ILE E 166 -28.23 0.94 46.14
C ILE E 166 -27.69 -0.33 46.80
N ASP E 167 -28.17 -0.60 48.00
CA ASP E 167 -27.72 -1.76 48.76
C ASP E 167 -28.34 -3.01 48.16
N LEU E 168 -27.52 -3.84 47.52
CA LEU E 168 -28.03 -5.06 46.92
C LEU E 168 -28.33 -6.12 47.98
N THR E 169 -27.64 -6.08 49.12
CA THR E 169 -27.99 -6.96 50.22
C THR E 169 -29.33 -6.61 50.82
N GLU E 170 -29.70 -5.32 50.81
CA GLU E 170 -31.05 -4.94 51.21
C GLU E 170 -32.10 -5.48 50.24
N ARG E 171 -31.78 -5.47 48.95
CA ARG E 171 -32.69 -6.01 47.95
C ARG E 171 -32.83 -7.52 48.06
N ALA E 172 -31.77 -8.21 48.48
CA ALA E 172 -31.84 -9.65 48.66
C ALA E 172 -32.50 -10.02 49.99
N GLU E 173 -32.32 -9.20 51.01
CA GLU E 173 -32.93 -9.47 52.31
C GLU E 173 -34.42 -9.19 52.29
N GLN E 174 -34.83 -8.07 51.68
CA GLN E 174 -36.23 -7.77 51.53
C GLN E 174 -36.89 -8.58 50.42
N GLY E 175 -36.11 -9.15 49.51
CA GLY E 175 -36.67 -9.93 48.43
C GLY E 175 -37.07 -9.09 47.25
N LYS E 176 -36.11 -8.39 46.66
CA LYS E 176 -36.36 -7.55 45.49
C LYS E 176 -35.46 -7.94 44.32
N LEU E 177 -35.01 -9.18 44.28
CA LEU E 177 -34.08 -9.66 43.26
C LEU E 177 -34.61 -10.94 42.64
N ASP E 178 -33.93 -11.39 41.58
CA ASP E 178 -34.26 -12.65 40.95
C ASP E 178 -33.37 -13.75 41.48
N PRO E 179 -33.94 -14.85 41.95
CA PRO E 179 -33.11 -16.01 42.37
C PRO E 179 -32.50 -16.67 41.15
N VAL E 180 -31.18 -16.83 41.17
CA VAL E 180 -30.46 -17.49 40.10
C VAL E 180 -30.23 -18.94 40.48
N ILE E 181 -30.68 -19.86 39.64
CA ILE E 181 -30.53 -21.28 39.88
C ILE E 181 -29.27 -21.76 39.17
N GLY E 182 -28.38 -22.39 39.92
CA GLY E 182 -27.10 -22.82 39.40
C GLY E 182 -25.98 -21.92 39.88
N ARG E 183 -24.90 -21.91 39.08
CA ARG E 183 -23.72 -21.04 39.29
C ARG E 183 -23.07 -21.26 40.64
N ASP E 184 -22.93 -22.52 41.04
CA ASP E 184 -22.30 -22.79 42.33
C ASP E 184 -20.80 -22.56 42.28
N GLU E 185 -20.14 -23.09 41.24
CA GLU E 185 -18.69 -22.99 41.14
C GLU E 185 -18.24 -21.55 40.90
N GLU E 186 -19.02 -20.80 40.11
CA GLU E 186 -18.63 -19.43 39.78
C GLU E 186 -18.74 -18.51 40.99
N ILE E 187 -19.83 -18.62 41.75
CA ILE E 187 -19.99 -17.81 42.94
C ILE E 187 -19.00 -18.23 44.01
N ARG E 188 -18.73 -19.54 44.13
CA ARG E 188 -17.72 -20.00 45.08
C ARG E 188 -16.33 -19.52 44.70
N ARG E 189 -16.01 -19.48 43.40
CA ARG E 189 -14.72 -18.98 42.98
C ARG E 189 -14.63 -17.47 43.16
N THR E 190 -15.75 -16.77 43.05
CA THR E 190 -15.79 -15.35 43.39
C THR E 190 -15.48 -15.13 44.86
N ILE E 191 -16.02 -15.99 45.73
CA ILE E 191 -15.71 -15.90 47.15
C ILE E 191 -14.25 -16.26 47.41
N GLN E 192 -13.70 -17.20 46.63
CA GLN E 192 -12.28 -17.51 46.72
C GLN E 192 -11.41 -16.32 46.35
N VAL E 193 -11.79 -15.61 45.29
CA VAL E 193 -10.98 -14.47 44.84
C VAL E 193 -11.16 -13.29 45.79
N LEU E 194 -12.33 -13.16 46.42
CA LEU E 194 -12.65 -11.97 47.20
C LEU E 194 -11.81 -11.88 48.47
N GLN E 195 -11.54 -13.01 49.11
CA GLN E 195 -10.63 -13.03 50.24
C GLN E 195 -9.27 -13.60 49.78
N ARG E 196 -8.24 -12.76 49.87
CA ARG E 196 -6.88 -13.03 49.43
C ARG E 196 -6.02 -11.89 49.94
N ARG E 197 -4.73 -12.16 50.15
CA ARG E 197 -3.76 -11.15 50.59
C ARG E 197 -3.71 -10.02 49.56
N THR E 198 -3.24 -10.33 48.36
CA THR E 198 -3.11 -9.35 47.29
C THR E 198 -4.16 -9.62 46.22
N LYS E 199 -4.35 -8.63 45.35
CA LYS E 199 -5.38 -8.62 44.29
C LYS E 199 -6.76 -8.86 44.91
N ASN E 200 -7.17 -7.88 45.72
CA ASN E 200 -8.36 -8.03 46.54
C ASN E 200 -9.63 -8.02 45.69
N ASN E 201 -9.70 -7.13 44.72
CA ASN E 201 -10.94 -6.94 43.98
C ASN E 201 -11.09 -8.02 42.92
N PRO E 202 -12.22 -8.71 42.84
CA PRO E 202 -12.51 -9.55 41.69
C PRO E 202 -13.15 -8.75 40.57
N VAL E 203 -13.16 -9.34 39.39
CA VAL E 203 -13.86 -8.76 38.25
C VAL E 203 -14.35 -9.88 37.35
N LEU E 204 -15.62 -9.80 36.96
CA LEU E 204 -16.17 -10.81 36.08
C LEU E 204 -15.76 -10.54 34.64
N ILE E 205 -15.71 -11.60 33.85
CA ILE E 205 -15.34 -11.52 32.45
C ILE E 205 -16.28 -12.40 31.66
N GLY E 206 -16.95 -11.83 30.68
CA GLY E 206 -17.83 -12.58 29.81
C GLY E 206 -18.70 -11.69 28.96
N GLU E 207 -19.26 -12.23 27.89
CA GLU E 207 -20.09 -11.43 27.01
C GLU E 207 -21.43 -11.14 27.69
N PRO E 208 -22.03 -9.97 27.45
CA PRO E 208 -23.33 -9.69 28.05
C PRO E 208 -24.41 -10.56 27.42
N GLY E 209 -25.37 -10.96 28.25
CA GLY E 209 -26.33 -11.98 27.92
C GLY E 209 -26.25 -13.18 28.84
N VAL E 210 -25.06 -13.46 29.38
CA VAL E 210 -24.89 -14.58 30.31
C VAL E 210 -25.18 -14.20 31.74
N GLY E 211 -25.57 -12.94 31.99
CA GLY E 211 -26.06 -12.56 33.30
C GLY E 211 -24.98 -12.37 34.33
N LYS E 212 -24.09 -11.40 34.12
CA LYS E 212 -23.06 -11.11 35.11
C LYS E 212 -23.67 -10.46 36.35
N THR E 213 -24.55 -9.48 36.13
CA THR E 213 -25.28 -8.84 37.22
C THR E 213 -26.14 -9.84 37.97
N ALA E 214 -26.69 -10.83 37.24
CA ALA E 214 -27.45 -11.90 37.88
C ALA E 214 -26.59 -12.73 38.81
N ILE E 215 -25.35 -13.00 38.41
CA ILE E 215 -24.44 -13.78 39.24
C ILE E 215 -24.03 -12.98 40.48
N VAL E 216 -23.84 -11.67 40.32
CA VAL E 216 -23.47 -10.85 41.46
C VAL E 216 -24.64 -10.73 42.45
N GLU E 217 -25.86 -10.61 41.93
CA GLU E 217 -27.01 -10.54 42.82
C GLU E 217 -27.29 -11.90 43.45
N GLY E 218 -26.93 -12.99 42.78
CA GLY E 218 -27.00 -14.30 43.41
C GLY E 218 -25.99 -14.44 44.53
N LEU E 219 -24.81 -13.84 44.35
CA LEU E 219 -23.85 -13.76 45.45
C LEU E 219 -24.40 -12.96 46.62
N ALA E 220 -25.12 -11.86 46.33
CA ALA E 220 -25.74 -11.07 47.40
C ALA E 220 -26.82 -11.87 48.13
N GLN E 221 -27.60 -12.66 47.38
CA GLN E 221 -28.61 -13.53 47.99
C GLN E 221 -27.96 -14.60 48.85
N ARG E 222 -26.81 -15.13 48.43
CA ARG E 222 -26.13 -16.15 49.24
C ARG E 222 -25.47 -15.54 50.46
N ILE E 223 -25.09 -14.25 50.40
CA ILE E 223 -24.60 -13.57 51.59
C ILE E 223 -25.73 -13.38 52.60
N ILE E 224 -26.92 -12.99 52.12
CA ILE E 224 -28.07 -12.86 53.00
C ILE E 224 -28.48 -14.19 53.59
N ASN E 225 -28.48 -15.24 52.77
CA ASN E 225 -28.86 -16.57 53.23
C ASN E 225 -27.79 -17.24 54.08
N GLY E 226 -26.56 -16.74 54.06
CA GLY E 226 -25.54 -17.25 54.95
C GLY E 226 -24.85 -18.50 54.44
N GLU E 227 -24.32 -18.44 53.22
CA GLU E 227 -23.46 -19.48 52.67
C GLU E 227 -22.03 -18.97 52.55
N VAL E 228 -21.60 -18.17 53.52
CA VAL E 228 -20.35 -17.45 53.45
C VAL E 228 -19.47 -17.92 54.61
N PRO E 229 -18.16 -17.73 54.52
CA PRO E 229 -17.29 -17.96 55.69
C PRO E 229 -17.53 -16.94 56.79
N GLU E 230 -16.86 -17.18 57.92
CA GLU E 230 -17.09 -16.39 59.14
C GLU E 230 -16.62 -14.96 58.98
N GLY E 231 -15.49 -14.76 58.30
CA GLY E 231 -14.98 -13.42 58.06
C GLY E 231 -15.77 -12.63 57.04
N LEU E 232 -16.73 -13.26 56.35
CA LEU E 232 -17.52 -12.61 55.33
C LEU E 232 -19.00 -12.49 55.72
N LYS E 233 -19.32 -12.66 57.00
CA LYS E 233 -20.68 -12.50 57.45
C LYS E 233 -20.98 -11.06 57.81
N GLY E 234 -22.22 -10.65 57.57
CA GLY E 234 -22.63 -9.30 57.88
C GLY E 234 -22.06 -8.24 56.97
N ARG E 235 -21.57 -8.62 55.80
CA ARG E 235 -20.99 -7.67 54.87
C ARG E 235 -22.08 -6.88 54.15
N ARG E 236 -21.66 -5.91 53.35
CA ARG E 236 -22.57 -5.08 52.57
C ARG E 236 -22.17 -5.12 51.11
N VAL E 237 -23.17 -5.08 50.23
CA VAL E 237 -22.95 -5.02 48.78
C VAL E 237 -23.70 -3.80 48.27
N LEU E 238 -22.96 -2.80 47.80
CA LEU E 238 -23.53 -1.55 47.35
C LEU E 238 -23.15 -1.30 45.90
N ALA E 239 -24.13 -0.84 45.12
CA ALA E 239 -23.90 -0.44 43.74
C ALA E 239 -23.61 1.05 43.68
N LEU E 240 -23.66 1.63 42.49
CA LEU E 240 -23.48 3.07 42.36
C LEU E 240 -24.24 3.58 41.15
N ASP E 241 -25.01 4.65 41.35
CA ASP E 241 -25.70 5.32 40.26
C ASP E 241 -24.71 6.12 39.42
N MET E 242 -25.08 6.36 38.17
CA MET E 242 -24.24 7.09 37.23
C MET E 242 -24.84 8.42 36.80
N GLY E 243 -26.07 8.42 36.28
CA GLY E 243 -26.61 9.59 35.62
C GLY E 243 -27.21 10.65 36.52
N ALA E 244 -27.85 10.24 37.60
CA ALA E 244 -28.45 11.22 38.51
C ALA E 244 -27.40 11.97 39.31
N LEU E 245 -26.19 11.43 39.41
CA LEU E 245 -25.06 12.21 39.91
C LEU E 245 -24.77 13.39 38.99
N VAL E 246 -24.85 13.17 37.68
CA VAL E 246 -24.63 14.24 36.73
C VAL E 246 -25.83 15.18 36.70
N ALA E 247 -27.02 14.65 37.00
CA ALA E 247 -28.24 15.46 36.99
C ALA E 247 -28.25 16.53 38.07
N GLY E 248 -27.45 16.37 39.12
CA GLY E 248 -27.37 17.37 40.17
C GLY E 248 -26.00 18.00 40.29
N ALA E 249 -25.38 18.33 39.15
CA ALA E 249 -24.04 18.92 39.15
C ALA E 249 -23.94 19.93 38.02
N LYS E 250 -23.50 21.14 38.36
CA LYS E 250 -23.26 22.17 37.36
C LYS E 250 -21.93 22.90 37.55
N TYR E 251 -21.35 22.88 38.75
CA TYR E 251 -20.07 23.51 39.00
C TYR E 251 -18.94 22.60 38.53
N ARG E 252 -17.70 22.94 38.91
CA ARG E 252 -16.52 22.14 38.55
C ARG E 252 -16.49 20.90 39.44
N GLY E 253 -17.30 19.91 39.06
CA GLY E 253 -17.24 18.62 39.72
C GLY E 253 -17.88 18.55 41.10
N GLU E 254 -19.10 19.09 41.22
CA GLU E 254 -19.94 18.73 42.37
C GLU E 254 -20.26 17.25 42.32
N PHE E 255 -20.49 16.73 41.12
CA PHE E 255 -20.38 15.31 40.77
C PHE E 255 -19.17 14.63 41.43
N GLU E 256 -18.00 15.22 41.28
CA GLU E 256 -16.79 14.60 41.80
C GLU E 256 -16.64 14.81 43.30
N GLU E 257 -17.24 15.87 43.84
CA GLU E 257 -17.33 16.01 45.28
C GLU E 257 -18.22 14.93 45.88
N ARG E 258 -19.32 14.61 45.18
CA ARG E 258 -20.20 13.52 45.61
C ARG E 258 -19.48 12.18 45.54
N LEU E 259 -18.71 11.96 44.47
CA LEU E 259 -17.94 10.71 44.37
C LEU E 259 -16.88 10.62 45.45
N LYS E 260 -16.23 11.75 45.76
CA LYS E 260 -15.26 11.78 46.85
C LYS E 260 -15.91 11.48 48.18
N GLY E 261 -17.12 12.00 48.41
CA GLY E 261 -17.82 11.72 49.65
C GLY E 261 -18.25 10.28 49.76
N VAL E 262 -18.70 9.68 48.64
CA VAL E 262 -19.08 8.28 48.63
C VAL E 262 -17.86 7.39 48.86
N LEU E 263 -16.71 7.77 48.28
CA LEU E 263 -15.49 6.99 48.49
C LEU E 263 -14.99 7.11 49.92
N ASN E 264 -15.11 8.31 50.51
CA ASN E 264 -14.70 8.48 51.90
C ASN E 264 -15.64 7.76 52.86
N ASP E 265 -16.93 7.70 52.53
CA ASP E 265 -17.84 6.90 53.35
C ASP E 265 -17.58 5.41 53.19
N LEU E 266 -17.15 4.99 51.99
CA LEU E 266 -16.75 3.60 51.79
C LEU E 266 -15.51 3.27 52.60
N ALA E 267 -14.57 4.21 52.68
CA ALA E 267 -13.42 4.03 53.56
C ALA E 267 -13.82 4.06 55.02
N LYS E 268 -14.86 4.80 55.36
CA LYS E 268 -15.36 4.84 56.72
C LYS E 268 -16.02 3.52 57.13
N GLN E 269 -16.65 2.83 56.17
CA GLN E 269 -17.31 1.56 56.49
C GLN E 269 -16.34 0.45 56.84
N GLU E 270 -15.08 0.54 56.37
CA GLU E 270 -13.96 -0.31 56.79
C GLU E 270 -14.20 -1.79 56.49
N GLY E 271 -14.29 -2.10 55.21
CA GLY E 271 -14.41 -3.48 54.75
C GLY E 271 -15.79 -4.07 54.85
N ASN E 272 -16.76 -3.35 55.42
CA ASN E 272 -18.13 -3.85 55.48
C ASN E 272 -18.76 -3.85 54.10
N VAL E 273 -18.54 -2.80 53.33
CA VAL E 273 -19.14 -2.65 52.00
C VAL E 273 -18.25 -3.34 50.99
N ILE E 274 -18.82 -4.25 50.22
CA ILE E 274 -18.16 -4.88 49.09
C ILE E 274 -18.81 -4.31 47.84
N LEU E 275 -18.12 -3.38 47.20
CA LEU E 275 -18.69 -2.58 46.13
C LEU E 275 -18.85 -3.40 44.85
N PHE E 276 -19.81 -3.00 44.01
CA PHE E 276 -19.98 -3.60 42.71
C PHE E 276 -20.43 -2.57 41.70
N ILE E 277 -19.63 -2.34 40.67
CA ILE E 277 -20.02 -1.56 39.51
C ILE E 277 -19.66 -2.38 38.27
N ASP E 278 -20.66 -2.84 37.55
CA ASP E 278 -20.40 -3.46 36.26
C ASP E 278 -20.16 -2.38 35.21
N ALA E 279 -19.76 -2.83 34.02
CA ALA E 279 -19.21 -1.99 32.95
C ALA E 279 -18.08 -1.12 33.50
N LEU E 280 -17.01 -1.84 33.89
CA LEU E 280 -15.86 -1.20 34.52
C LEU E 280 -15.17 -0.23 33.57
N HIS E 281 -15.18 -0.53 32.27
CA HIS E 281 -14.66 0.38 31.27
C HIS E 281 -15.50 1.64 31.16
N THR E 282 -16.80 1.56 31.42
CA THR E 282 -17.62 2.75 31.48
C THR E 282 -17.30 3.54 32.74
N MET E 283 -16.88 2.86 33.81
CA MET E 283 -16.42 3.57 34.99
C MET E 283 -15.09 4.28 34.73
N VAL E 284 -14.26 3.75 33.81
CA VAL E 284 -12.98 4.37 33.47
C VAL E 284 -13.18 5.78 32.91
N GLY E 285 -14.10 5.95 31.96
CA GLY E 285 -14.51 7.28 31.55
C GLY E 285 -16.01 7.52 31.69
N ALA E 286 -16.40 8.35 32.65
CA ALA E 286 -17.82 8.56 32.96
C ALA E 286 -18.10 10.03 33.28
N GLY E 287 -17.57 10.93 32.46
CA GLY E 287 -17.84 12.35 32.63
C GLY E 287 -16.62 13.24 32.57
N MET E 293 -11.08 10.77 37.66
CA MET E 293 -11.66 12.03 38.07
C MET E 293 -13.17 11.87 38.06
N ASP E 294 -13.70 11.43 36.93
CA ASP E 294 -15.15 11.28 36.78
C ASP E 294 -15.68 10.05 37.53
N ALA E 295 -15.23 8.85 37.16
CA ALA E 295 -15.54 7.69 37.98
C ALA E 295 -14.39 6.69 38.12
N GLY E 296 -13.38 6.73 37.27
CA GLY E 296 -12.35 5.72 37.34
C GLY E 296 -11.08 6.14 38.07
N ASN E 297 -10.54 7.30 37.69
CA ASN E 297 -9.25 7.73 38.21
C ASN E 297 -9.37 8.49 39.52
N MET E 298 -10.56 8.50 40.13
CA MET E 298 -10.63 8.68 41.57
C MET E 298 -10.71 7.35 42.29
N LEU E 299 -11.28 6.33 41.67
CA LEU E 299 -11.31 5.00 42.26
C LEU E 299 -10.02 4.22 42.02
N LYS E 300 -9.20 4.65 41.08
CA LYS E 300 -7.89 4.05 40.93
C LYS E 300 -6.95 4.40 42.11
N PRO E 301 -7.04 5.58 42.73
CA PRO E 301 -6.46 5.69 44.08
C PRO E 301 -7.07 4.77 45.11
N ALA E 302 -8.36 4.42 45.00
CA ALA E 302 -8.94 3.47 45.95
C ALA E 302 -8.39 2.07 45.73
N LEU E 303 -8.07 1.74 44.48
CA LEU E 303 -7.23 0.59 44.20
C LEU E 303 -5.89 0.71 44.90
N ALA E 304 -5.12 1.74 44.55
CA ALA E 304 -3.76 1.87 45.09
C ALA E 304 -3.70 2.70 46.36
N ARG E 305 -4.62 2.44 47.30
CA ARG E 305 -4.49 2.94 48.67
C ARG E 305 -4.95 1.94 49.72
N GLY E 306 -5.33 0.73 49.34
CA GLY E 306 -5.66 -0.30 50.31
C GLY E 306 -6.97 -0.10 51.04
N GLU E 307 -7.99 0.43 50.35
CA GLU E 307 -9.29 0.66 50.96
C GLU E 307 -10.43 -0.04 50.24
N LEU E 308 -10.35 -0.16 48.92
CA LEU E 308 -11.49 -0.56 48.12
C LEU E 308 -11.67 -2.08 48.13
N HIS E 309 -12.93 -2.51 48.24
CA HIS E 309 -13.27 -3.92 48.17
C HIS E 309 -14.27 -4.16 47.04
N CYS E 310 -13.98 -3.62 45.86
CA CYS E 310 -14.98 -3.61 44.80
C CYS E 310 -15.02 -4.91 44.03
N VAL E 311 -16.13 -5.12 43.32
CA VAL E 311 -16.33 -6.25 42.43
C VAL E 311 -16.64 -5.68 41.05
N GLY E 312 -16.00 -6.24 40.01
CA GLY E 312 -16.20 -5.79 38.66
C GLY E 312 -16.93 -6.83 37.80
N ALA E 313 -17.41 -6.34 36.66
CA ALA E 313 -18.05 -7.18 35.65
C ALA E 313 -18.04 -6.40 34.35
N THR E 314 -17.61 -7.04 33.26
CA THR E 314 -17.56 -6.37 31.98
C THR E 314 -17.58 -7.38 30.85
N THR E 315 -17.62 -6.87 29.63
CA THR E 315 -17.43 -7.68 28.44
C THR E 315 -15.95 -7.99 28.28
N LEU E 316 -15.66 -9.19 27.76
CA LEU E 316 -14.29 -9.55 27.42
C LEU E 316 -13.68 -8.64 26.36
N ASP E 317 -14.51 -8.00 25.52
CA ASP E 317 -14.03 -7.02 24.55
C ASP E 317 -13.38 -5.84 25.23
N GLU E 318 -14.13 -5.12 26.07
CA GLU E 318 -13.53 -3.99 26.75
C GLU E 318 -12.54 -4.40 27.83
N TYR E 319 -12.63 -5.63 28.34
CA TYR E 319 -11.56 -6.14 29.20
C TYR E 319 -10.25 -6.20 28.45
N ARG E 320 -10.26 -6.87 27.29
CA ARG E 320 -9.07 -7.06 26.48
C ARG E 320 -8.56 -5.75 25.91
N GLN E 321 -9.43 -4.76 25.72
CA GLN E 321 -9.00 -3.51 25.11
C GLN E 321 -8.66 -2.41 26.09
N TYR E 322 -9.23 -2.40 27.29
CA TYR E 322 -9.01 -1.31 28.23
C TYR E 322 -8.39 -1.75 29.55
N ILE E 323 -8.64 -2.97 30.00
CA ILE E 323 -8.23 -3.34 31.35
C ILE E 323 -6.88 -4.07 31.35
N GLU E 324 -6.59 -4.84 30.31
CA GLU E 324 -5.32 -5.55 30.20
C GLU E 324 -4.13 -4.66 29.89
N LYS E 325 -4.32 -3.34 29.82
CA LYS E 325 -3.26 -2.42 29.42
C LYS E 325 -2.70 -1.63 30.59
N ASP E 326 -3.56 -1.23 31.53
CA ASP E 326 -3.16 -0.34 32.61
C ASP E 326 -2.26 -1.07 33.61
N ALA E 327 -1.32 -0.33 34.19
CA ALA E 327 -0.37 -0.92 35.14
C ALA E 327 -0.94 -0.98 36.55
N ALA E 328 -1.60 0.09 37.00
CA ALA E 328 -2.16 0.09 38.35
C ALA E 328 -3.44 -0.75 38.45
N LEU E 329 -3.95 -1.24 37.33
CA LEU E 329 -5.17 -2.01 37.29
C LEU E 329 -4.92 -3.52 37.25
N GLU E 330 -3.66 -3.93 37.06
CA GLU E 330 -3.34 -5.35 36.90
C GLU E 330 -3.36 -6.08 38.23
N ARG E 331 -2.51 -5.66 39.16
CA ARG E 331 -2.36 -6.35 40.43
C ARG E 331 -3.39 -5.93 41.47
N ARG E 332 -4.51 -5.38 41.04
CA ARG E 332 -5.66 -5.17 41.89
C ARG E 332 -6.87 -5.98 41.47
N PHE E 333 -6.79 -6.73 40.38
CA PHE E 333 -7.92 -7.49 39.85
C PHE E 333 -7.49 -8.88 39.44
N GLN E 334 -8.45 -9.68 38.99
CA GLN E 334 -8.25 -11.10 38.78
C GLN E 334 -9.30 -11.60 37.80
N LYS E 335 -8.87 -12.39 36.81
CA LYS E 335 -9.77 -12.89 35.78
C LYS E 335 -10.74 -13.90 36.37
N VAL E 336 -12.02 -13.58 36.38
CA VAL E 336 -13.06 -14.53 36.74
C VAL E 336 -13.84 -14.81 35.46
N PHE E 337 -13.46 -15.88 34.77
CA PHE E 337 -14.02 -16.20 33.47
C PHE E 337 -15.43 -16.74 33.66
N VAL E 338 -16.43 -15.91 33.43
CA VAL E 338 -17.82 -16.36 33.53
C VAL E 338 -18.14 -17.26 32.35
N ALA E 339 -18.52 -18.49 32.63
CA ALA E 339 -18.90 -19.40 31.56
C ALA E 339 -20.29 -19.05 31.05
N GLU E 340 -20.45 -19.09 29.73
CA GLU E 340 -21.78 -19.06 29.16
C GLU E 340 -22.49 -20.35 29.57
N PRO E 341 -23.70 -20.27 30.13
CA PRO E 341 -24.26 -21.42 30.83
C PRO E 341 -24.67 -22.54 29.88
N SER E 342 -24.86 -23.71 30.47
CA SER E 342 -25.17 -24.92 29.73
C SER E 342 -26.66 -24.95 29.38
N VAL E 343 -27.14 -26.11 28.95
CA VAL E 343 -28.54 -26.23 28.59
C VAL E 343 -29.41 -26.32 29.84
N GLU E 344 -29.05 -27.17 30.79
CA GLU E 344 -29.95 -27.48 31.90
C GLU E 344 -30.02 -26.35 32.90
N ASP E 345 -28.91 -25.65 33.12
CA ASP E 345 -28.94 -24.45 33.96
C ASP E 345 -29.85 -23.39 33.36
N THR E 346 -29.79 -23.25 32.03
CA THR E 346 -30.70 -22.35 31.32
C THR E 346 -32.14 -22.81 31.48
N ILE E 347 -32.37 -24.13 31.49
CA ILE E 347 -33.71 -24.67 31.67
C ILE E 347 -34.28 -24.30 33.04
N ALA E 348 -33.47 -24.45 34.08
CA ALA E 348 -33.96 -24.15 35.43
C ALA E 348 -34.20 -22.65 35.63
N ILE E 349 -33.29 -21.83 35.10
CA ILE E 349 -33.47 -20.37 35.13
C ILE E 349 -34.74 -19.98 34.39
N LEU E 350 -35.00 -20.62 33.25
CA LEU E 350 -36.23 -20.38 32.54
C LEU E 350 -37.46 -20.92 33.25
N ARG E 351 -37.30 -21.89 34.14
CA ARG E 351 -38.49 -22.34 34.87
C ARG E 351 -38.89 -21.33 35.95
N GLY E 352 -37.89 -20.78 36.65
CA GLY E 352 -38.16 -19.65 37.54
C GLY E 352 -38.77 -18.46 36.81
N LEU E 353 -38.21 -18.13 35.65
CA LEU E 353 -38.78 -17.03 34.90
C LEU E 353 -40.05 -17.42 34.15
N LYS E 354 -40.34 -18.71 33.98
CA LYS E 354 -41.66 -19.13 33.52
C LYS E 354 -42.71 -18.75 34.52
N GLU E 355 -42.43 -19.00 35.80
CA GLU E 355 -43.33 -18.55 36.86
C GLU E 355 -43.50 -17.03 36.82
N ARG E 356 -42.38 -16.31 36.61
CA ARG E 356 -42.43 -14.85 36.48
C ARG E 356 -43.33 -14.39 35.32
N TYR E 357 -43.18 -15.00 34.15
CA TYR E 357 -43.86 -14.49 32.96
C TYR E 357 -45.31 -14.94 32.89
N GLU E 358 -45.63 -16.09 33.49
CA GLU E 358 -47.02 -16.46 33.62
C GLU E 358 -47.72 -15.57 34.65
N LEU E 359 -47.01 -15.10 35.67
CA LEU E 359 -47.60 -14.04 36.50
C LEU E 359 -47.74 -12.73 35.75
N HIS E 360 -46.85 -12.44 34.81
CA HIS E 360 -46.92 -11.15 34.12
C HIS E 360 -48.01 -11.12 33.05
N HIS E 361 -47.89 -11.95 32.02
CA HIS E 361 -48.73 -11.81 30.83
C HIS E 361 -50.08 -12.48 30.95
N HIS E 362 -50.32 -13.24 32.02
CA HIS E 362 -51.52 -14.06 32.21
C HIS E 362 -51.72 -15.05 31.06
N VAL E 363 -50.64 -15.70 30.66
CA VAL E 363 -50.68 -16.80 29.72
C VAL E 363 -50.04 -18.02 30.36
N GLN E 364 -50.00 -19.12 29.63
CA GLN E 364 -49.45 -20.37 30.13
C GLN E 364 -48.27 -20.79 29.28
N ILE E 365 -47.24 -21.34 29.92
CA ILE E 365 -45.98 -21.69 29.27
C ILE E 365 -45.70 -23.15 29.56
N THR E 366 -45.40 -23.92 28.52
CA THR E 366 -45.16 -25.35 28.64
C THR E 366 -43.66 -25.61 28.77
N ASP E 367 -43.30 -26.63 29.54
CA ASP E 367 -41.89 -26.95 29.78
C ASP E 367 -41.19 -27.65 28.61
N PRO E 368 -41.85 -28.53 27.82
CA PRO E 368 -41.28 -28.87 26.50
C PRO E 368 -41.00 -27.67 25.62
N ALA E 369 -41.84 -26.63 25.68
CA ALA E 369 -41.52 -25.41 24.96
C ALA E 369 -40.29 -24.72 25.53
N ILE E 370 -40.04 -24.87 26.82
CA ILE E 370 -38.83 -24.27 27.42
C ILE E 370 -37.59 -24.99 26.94
N VAL E 371 -37.58 -26.33 27.01
CA VAL E 371 -36.38 -27.05 26.62
C VAL E 371 -36.17 -26.96 25.11
N ALA E 372 -37.27 -26.87 24.34
CA ALA E 372 -37.13 -26.63 22.91
C ALA E 372 -36.63 -25.22 22.63
N ALA E 373 -37.02 -24.24 23.45
CA ALA E 373 -36.56 -22.87 23.24
C ALA E 373 -35.06 -22.76 23.48
N ALA E 374 -34.57 -23.37 24.56
CA ALA E 374 -33.13 -23.33 24.84
C ALA E 374 -32.34 -24.12 23.80
N THR E 375 -32.86 -25.28 23.37
CA THR E 375 -32.11 -26.09 22.42
C THR E 375 -32.10 -25.44 21.03
N LEU E 376 -33.24 -24.90 20.58
CA LEU E 376 -33.27 -24.22 19.29
C LEU E 376 -32.48 -22.92 19.31
N SER E 377 -32.42 -22.25 20.46
CA SER E 377 -31.59 -21.05 20.54
C SER E 377 -30.12 -21.39 20.49
N HIS E 378 -29.73 -22.49 21.14
CA HIS E 378 -28.32 -22.88 21.08
C HIS E 378 -27.94 -23.41 19.70
N ARG E 379 -28.85 -24.08 19.02
CA ARG E 379 -28.51 -24.69 17.74
C ARG E 379 -28.45 -23.66 16.62
N TYR E 380 -29.35 -22.67 16.64
CA TYR E 380 -29.54 -21.82 15.48
C TYR E 380 -28.95 -20.42 15.66
N ILE E 381 -29.34 -19.69 16.71
CA ILE E 381 -28.83 -18.34 16.88
C ILE E 381 -27.38 -18.40 17.30
N ALA E 382 -26.55 -17.59 16.65
CA ALA E 382 -25.20 -17.32 17.12
C ALA E 382 -24.97 -15.84 17.34
N ASP E 383 -25.98 -15.01 17.12
CA ASP E 383 -25.81 -13.57 17.24
C ASP E 383 -25.81 -13.15 18.70
N ARG E 384 -26.80 -13.61 19.45
CA ARG E 384 -26.87 -13.36 20.89
C ARG E 384 -26.53 -14.65 21.63
N GLN E 385 -26.62 -14.61 22.96
CA GLN E 385 -26.11 -15.69 23.78
C GLN E 385 -27.14 -16.14 24.82
N LEU E 386 -26.85 -17.30 25.39
CA LEU E 386 -27.66 -17.87 26.46
C LEU E 386 -27.48 -17.06 27.74
N PRO E 387 -28.48 -17.04 28.63
CA PRO E 387 -29.86 -17.49 28.50
C PRO E 387 -30.75 -16.34 28.07
N ASP E 388 -30.13 -15.22 27.70
CA ASP E 388 -30.89 -14.01 27.37
C ASP E 388 -31.72 -14.20 26.11
N LYS E 389 -31.17 -14.91 25.12
CA LYS E 389 -31.92 -15.18 23.91
C LYS E 389 -33.08 -16.14 24.15
N ALA E 390 -32.92 -17.09 25.08
CA ALA E 390 -34.02 -18.01 25.38
C ALA E 390 -35.13 -17.29 26.11
N ILE E 391 -34.76 -16.38 27.02
CA ILE E 391 -35.72 -15.51 27.69
C ILE E 391 -36.48 -14.67 26.68
N ASP E 392 -35.77 -14.13 25.69
CA ASP E 392 -36.45 -13.31 24.69
C ASP E 392 -37.37 -14.14 23.81
N LEU E 393 -37.01 -15.39 23.51
CA LEU E 393 -37.90 -16.29 22.79
C LEU E 393 -39.18 -16.54 23.58
N ILE E 394 -39.03 -16.85 24.88
CA ILE E 394 -40.19 -17.11 25.74
C ILE E 394 -41.06 -15.86 25.86
N ASP E 395 -40.43 -14.70 25.97
CA ASP E 395 -41.18 -13.46 26.14
C ASP E 395 -41.95 -13.10 24.88
N GLU E 396 -41.32 -13.21 23.71
CA GLU E 396 -42.02 -12.82 22.50
C GLU E 396 -43.08 -13.84 22.13
N ALA E 397 -42.86 -15.11 22.48
CA ALA E 397 -43.91 -16.10 22.28
C ALA E 397 -45.12 -15.82 23.17
N ALA E 398 -44.87 -15.46 24.44
CA ALA E 398 -45.97 -15.13 25.33
C ALA E 398 -46.70 -13.87 24.87
N SER E 399 -45.98 -12.90 24.31
CA SER E 399 -46.63 -11.71 23.79
C SER E 399 -47.46 -12.01 22.55
N SER E 400 -47.00 -12.94 21.72
CA SER E 400 -47.78 -13.35 20.55
C SER E 400 -49.08 -14.04 20.97
N ILE E 401 -49.00 -14.89 21.98
CA ILE E 401 -50.19 -15.55 22.50
C ILE E 401 -51.13 -14.53 23.15
N ARG E 402 -50.56 -13.51 23.80
CA ARG E 402 -51.39 -12.49 24.43
C ARG E 402 -52.10 -11.63 23.39
N MET E 403 -51.44 -11.35 22.27
CA MET E 403 -52.11 -10.64 21.19
C MET E 403 -53.22 -11.48 20.57
N GLN E 404 -52.97 -12.79 20.37
CA GLN E 404 -53.99 -13.62 19.75
C GLN E 404 -55.19 -13.82 20.66
N ILE E 405 -54.97 -13.85 21.98
CA ILE E 405 -56.09 -13.92 22.91
C ILE E 405 -56.81 -12.58 22.96
N ASP E 406 -56.07 -11.48 22.84
CA ASP E 406 -56.62 -10.16 23.12
C ASP E 406 -57.58 -9.71 22.02
N SER E 407 -57.07 -9.54 20.80
CA SER E 407 -57.93 -9.04 19.72
C SER E 407 -58.75 -10.17 19.10
N LYS E 408 -58.09 -11.11 18.43
CA LYS E 408 -58.74 -12.25 17.79
C LYS E 408 -57.72 -13.33 17.43
N LEU E 527 -59.96 -21.76 22.13
CA LEU E 527 -58.81 -21.22 21.43
C LEU E 527 -57.51 -21.46 22.21
N ARG E 528 -56.41 -20.96 21.67
CA ARG E 528 -55.10 -21.18 22.29
C ARG E 528 -54.92 -20.28 23.50
N ASN E 529 -54.33 -20.84 24.56
CA ASN E 529 -53.90 -20.06 25.71
C ASN E 529 -52.52 -20.42 26.21
N LYS E 530 -51.97 -21.55 25.79
CA LYS E 530 -50.67 -21.99 26.24
C LYS E 530 -49.58 -21.48 25.30
N VAL E 531 -48.34 -21.87 25.56
CA VAL E 531 -47.23 -21.62 24.66
C VAL E 531 -46.57 -22.97 24.41
N THR E 532 -46.77 -23.54 23.24
CA THR E 532 -46.15 -24.80 22.87
C THR E 532 -44.83 -24.52 22.18
N ASP E 533 -44.14 -25.58 21.76
CA ASP E 533 -42.91 -25.43 20.99
C ASP E 533 -43.17 -24.86 19.59
N ALA E 534 -44.39 -25.03 19.08
CA ALA E 534 -44.75 -24.47 17.78
C ALA E 534 -44.70 -22.95 17.80
N GLU E 535 -45.06 -22.34 18.93
CA GLU E 535 -44.98 -20.89 19.01
C GLU E 535 -43.55 -20.41 19.10
N ILE E 536 -42.68 -21.17 19.76
CA ILE E 536 -41.26 -20.86 19.80
C ILE E 536 -40.67 -20.93 18.40
N ALA E 537 -41.08 -21.94 17.62
CA ALA E 537 -40.60 -22.04 16.24
C ALA E 537 -41.14 -20.91 15.37
N GLU E 538 -42.40 -20.51 15.60
CA GLU E 538 -42.96 -19.42 14.82
C GLU E 538 -42.31 -18.09 15.15
N VAL E 539 -41.81 -17.93 16.37
CA VAL E 539 -41.05 -16.73 16.68
C VAL E 539 -39.67 -16.79 16.06
N LEU E 540 -39.01 -17.95 16.16
CA LEU E 540 -37.64 -18.07 15.67
C LEU E 540 -37.56 -17.98 14.16
N ALA E 541 -38.64 -18.33 13.45
CA ALA E 541 -38.67 -18.07 12.02
C ALA E 541 -38.66 -16.57 11.73
N ARG E 542 -39.35 -15.80 12.55
CA ARG E 542 -39.38 -14.36 12.39
C ARG E 542 -38.32 -13.67 13.23
N TRP E 543 -37.39 -14.43 13.80
CA TRP E 543 -36.32 -13.82 14.57
C TRP E 543 -35.01 -13.78 13.78
N THR E 544 -34.74 -14.82 12.99
CA THR E 544 -33.60 -14.84 12.08
C THR E 544 -34.03 -14.97 10.63
N GLY E 545 -34.72 -16.04 10.26
CA GLY E 545 -35.04 -16.30 8.88
C GLY E 545 -34.85 -17.75 8.50
N ILE E 546 -34.25 -18.52 9.41
CA ILE E 546 -34.12 -19.96 9.24
C ILE E 546 -35.50 -20.60 9.36
N PRO E 547 -35.88 -21.47 8.43
CA PRO E 547 -37.18 -22.14 8.53
C PRO E 547 -37.20 -23.17 9.64
N VAL E 548 -37.36 -22.70 10.87
CA VAL E 548 -37.46 -23.61 12.00
C VAL E 548 -38.86 -24.22 12.04
N SER E 549 -39.84 -23.52 11.49
CA SER E 549 -41.26 -23.77 11.71
C SER E 549 -41.69 -25.13 11.19
N ARG E 550 -42.87 -25.56 11.65
CA ARG E 550 -43.36 -26.88 11.32
C ARG E 550 -43.75 -26.98 9.85
N MET E 551 -43.77 -28.21 9.36
CA MET E 551 -44.03 -28.46 7.95
C MET E 551 -45.51 -28.24 7.66
N MET E 552 -45.78 -27.14 6.96
CA MET E 552 -47.14 -26.78 6.54
C MET E 552 -47.54 -27.61 5.33
N GLU E 553 -48.61 -27.21 4.65
CA GLU E 553 -48.98 -27.88 3.42
C GLU E 553 -48.04 -27.47 2.28
N SER E 554 -47.99 -26.18 1.98
CA SER E 554 -47.40 -25.71 0.72
C SER E 554 -45.89 -25.88 0.69
N GLU E 555 -45.20 -25.56 1.79
CA GLU E 555 -43.75 -25.66 1.80
C GLU E 555 -43.29 -27.11 1.74
N ARG E 556 -44.01 -28.00 2.42
CA ARG E 556 -43.64 -29.41 2.41
C ARG E 556 -43.96 -30.06 1.07
N GLU E 557 -45.09 -29.69 0.47
CA GLU E 557 -45.41 -30.21 -0.87
C GLU E 557 -44.47 -29.64 -1.93
N LYS E 558 -43.98 -28.43 -1.71
CA LYS E 558 -42.98 -27.87 -2.62
C LYS E 558 -41.65 -28.58 -2.48
N LEU E 559 -41.28 -28.93 -1.24
CA LEU E 559 -39.95 -29.49 -1.02
C LEU E 559 -39.88 -30.96 -1.40
N LEU E 560 -41.02 -31.63 -1.52
CA LEU E 560 -41.01 -33.00 -2.05
C LEU E 560 -40.76 -33.01 -3.55
N ARG E 561 -41.13 -31.94 -4.24
CA ARG E 561 -40.99 -31.82 -5.69
C ARG E 561 -39.76 -31.02 -6.06
N MET E 562 -38.70 -31.24 -5.29
CA MET E 562 -37.41 -30.56 -5.48
C MET E 562 -36.85 -30.81 -6.87
N GLU E 563 -36.55 -32.08 -7.15
CA GLU E 563 -35.89 -32.47 -8.38
C GLU E 563 -36.77 -32.21 -9.59
N GLN E 564 -38.08 -32.34 -9.43
CA GLN E 564 -39.01 -32.10 -10.53
C GLN E 564 -39.01 -30.64 -10.94
N GLU E 565 -39.03 -29.72 -9.99
CA GLU E 565 -39.03 -28.31 -10.35
C GLU E 565 -37.67 -27.86 -10.85
N LEU E 566 -36.59 -28.43 -10.31
CA LEU E 566 -35.28 -28.08 -10.83
C LEU E 566 -35.08 -28.59 -12.25
N HIS E 567 -35.50 -29.82 -12.55
CA HIS E 567 -35.50 -30.26 -13.95
C HIS E 567 -36.58 -29.60 -14.78
N HIS E 568 -37.50 -28.84 -14.19
CA HIS E 568 -38.31 -27.91 -14.96
C HIS E 568 -37.62 -26.58 -15.19
N ARG E 569 -36.54 -26.26 -14.47
CA ARG E 569 -35.68 -25.16 -14.90
C ARG E 569 -34.30 -25.61 -15.36
N VAL E 570 -33.54 -26.30 -14.51
CA VAL E 570 -32.20 -26.77 -14.89
C VAL E 570 -32.42 -28.13 -15.53
N ILE E 571 -32.74 -28.11 -16.82
CA ILE E 571 -32.78 -29.35 -17.56
C ILE E 571 -31.35 -29.81 -17.80
N GLY E 572 -31.18 -31.14 -17.81
CA GLY E 572 -29.88 -31.74 -17.75
C GLY E 572 -29.36 -31.76 -16.33
N GLN E 573 -28.17 -32.37 -16.18
CA GLN E 573 -27.39 -32.40 -14.94
C GLN E 573 -28.19 -33.05 -13.79
N ASN E 574 -28.40 -34.36 -13.95
CA ASN E 574 -29.13 -35.14 -12.95
C ASN E 574 -28.42 -35.14 -11.62
N GLU E 575 -27.09 -35.25 -11.63
CA GLU E 575 -26.34 -35.61 -10.44
C GLU E 575 -26.31 -34.48 -9.42
N ALA E 576 -26.07 -33.26 -9.88
CA ALA E 576 -25.99 -32.16 -8.92
C ALA E 576 -27.36 -31.77 -8.40
N VAL E 577 -28.40 -31.90 -9.23
CA VAL E 577 -29.75 -31.67 -8.75
C VAL E 577 -30.10 -32.69 -7.67
N ASP E 578 -29.68 -33.94 -7.86
CA ASP E 578 -29.89 -34.97 -6.84
C ASP E 578 -29.10 -34.68 -5.58
N ALA E 579 -27.88 -34.17 -5.72
CA ALA E 579 -27.04 -33.93 -4.55
C ALA E 579 -27.52 -32.73 -3.75
N VAL E 580 -27.91 -31.65 -4.43
CA VAL E 580 -28.47 -30.49 -3.75
C VAL E 580 -29.82 -30.84 -3.13
N SER E 581 -30.59 -31.70 -3.79
CA SER E 581 -31.86 -32.16 -3.23
C SER E 581 -31.64 -32.97 -1.96
N ASN E 582 -30.64 -33.86 -1.98
CA ASN E 582 -30.29 -34.62 -0.78
C ASN E 582 -29.85 -33.70 0.35
N ALA E 583 -29.05 -32.68 0.03
CA ALA E 583 -28.54 -31.79 1.07
C ALA E 583 -29.66 -30.97 1.70
N ILE E 584 -30.57 -30.42 0.90
CA ILE E 584 -31.63 -29.59 1.46
C ILE E 584 -32.69 -30.44 2.14
N ARG E 585 -33.00 -31.62 1.60
CA ARG E 585 -33.97 -32.48 2.28
C ARG E 585 -33.41 -33.06 3.57
N ARG E 586 -32.11 -33.28 3.66
CA ARG E 586 -31.56 -33.73 4.94
C ARG E 586 -31.49 -32.58 5.94
N SER E 587 -31.17 -31.37 5.48
CA SER E 587 -30.98 -30.29 6.42
C SER E 587 -32.30 -29.71 6.93
N ARG E 588 -33.35 -29.71 6.12
CA ARG E 588 -34.64 -29.27 6.62
C ARG E 588 -35.27 -30.30 7.54
N ALA E 589 -34.91 -31.58 7.37
CA ALA E 589 -35.37 -32.61 8.29
C ALA E 589 -34.62 -32.61 9.60
N GLY E 590 -33.50 -31.89 9.70
CA GLY E 590 -32.76 -31.77 10.92
C GLY E 590 -31.55 -32.66 11.05
N LEU E 591 -31.25 -33.47 10.04
CA LEU E 591 -30.16 -34.44 10.14
C LEU E 591 -28.81 -33.85 9.80
N ALA E 592 -28.73 -32.54 9.55
CA ALA E 592 -27.49 -31.92 9.13
C ALA E 592 -26.56 -31.71 10.31
N ASP E 593 -25.29 -31.51 10.00
CA ASP E 593 -24.26 -31.33 11.03
C ASP E 593 -24.36 -29.93 11.59
N PRO E 594 -24.59 -29.75 12.88
CA PRO E 594 -24.71 -28.40 13.45
C PRO E 594 -23.40 -27.66 13.64
N ASN E 595 -22.26 -28.19 13.20
CA ASN E 595 -21.02 -27.44 13.22
C ASN E 595 -20.57 -27.00 11.82
N ARG E 596 -20.90 -27.74 10.81
CA ARG E 596 -20.59 -27.45 9.43
C ARG E 596 -21.76 -26.73 8.78
N PRO E 597 -21.54 -26.01 7.68
CA PRO E 597 -22.68 -25.44 6.94
C PRO E 597 -23.53 -26.52 6.29
N ILE E 598 -24.64 -26.07 5.73
CA ILE E 598 -25.65 -26.99 5.21
C ILE E 598 -25.12 -27.75 4.00
N GLY E 599 -24.62 -27.04 3.01
CA GLY E 599 -24.14 -27.70 1.82
C GLY E 599 -22.88 -27.05 1.27
N SER E 600 -21.83 -27.82 1.16
CA SER E 600 -20.57 -27.34 0.61
C SER E 600 -20.30 -28.12 -0.67
N PHE E 601 -20.16 -27.40 -1.77
CA PHE E 601 -20.12 -28.03 -3.07
C PHE E 601 -18.97 -27.45 -3.87
N LEU E 602 -18.50 -28.23 -4.84
CA LEU E 602 -17.54 -27.73 -5.83
C LEU E 602 -17.99 -28.27 -7.17
N PHE E 603 -18.66 -27.43 -7.94
CA PHE E 603 -19.23 -27.86 -9.22
C PHE E 603 -18.14 -27.74 -10.27
N LEU E 604 -17.63 -28.87 -10.72
CA LEU E 604 -16.64 -28.92 -11.78
C LEU E 604 -17.31 -29.35 -13.08
N GLY E 605 -16.67 -29.02 -14.20
CA GLY E 605 -17.18 -29.40 -15.49
C GLY E 605 -16.81 -28.40 -16.57
N PRO E 606 -17.21 -28.65 -17.81
CA PRO E 606 -16.91 -27.71 -18.89
C PRO E 606 -17.82 -26.49 -18.82
N THR E 607 -17.56 -25.54 -19.72
CA THR E 607 -18.28 -24.27 -19.65
C THR E 607 -19.66 -24.38 -20.27
N GLY E 608 -20.58 -23.62 -19.72
CA GLY E 608 -21.91 -23.53 -20.29
C GLY E 608 -22.80 -24.74 -20.05
N VAL E 609 -22.76 -25.35 -18.87
CA VAL E 609 -23.54 -26.58 -18.73
C VAL E 609 -24.47 -26.53 -17.53
N GLY E 610 -24.86 -25.34 -17.13
CA GLY E 610 -25.69 -25.17 -15.95
C GLY E 610 -24.91 -25.14 -14.66
N LYS E 611 -23.73 -24.53 -14.60
CA LYS E 611 -23.11 -24.45 -13.27
C LYS E 611 -23.76 -23.35 -12.46
N THR E 612 -23.85 -22.17 -13.04
CA THR E 612 -24.41 -21.02 -12.35
C THR E 612 -25.93 -21.07 -12.35
N GLU E 613 -26.55 -21.69 -13.36
CA GLU E 613 -27.99 -21.76 -13.39
C GLU E 613 -28.57 -22.66 -12.33
N LEU E 614 -27.81 -23.63 -11.84
CA LEU E 614 -28.28 -24.39 -10.69
C LEU E 614 -28.34 -23.51 -9.45
N CYS E 615 -27.40 -22.58 -9.31
CA CYS E 615 -27.42 -21.68 -8.17
C CYS E 615 -28.51 -20.64 -8.30
N LYS E 616 -28.71 -20.12 -9.50
CA LYS E 616 -29.79 -19.16 -9.71
C LYS E 616 -31.15 -19.82 -9.56
N ALA E 617 -31.27 -21.09 -9.95
CA ALA E 617 -32.52 -21.80 -9.74
C ALA E 617 -32.73 -22.14 -8.27
N LEU E 618 -31.65 -22.39 -7.52
CA LEU E 618 -31.81 -22.55 -6.07
C LEU E 618 -32.26 -21.27 -5.40
N ALA E 619 -31.71 -20.14 -5.82
CA ALA E 619 -32.13 -18.88 -5.25
C ALA E 619 -33.59 -18.60 -5.59
N ASN E 620 -34.01 -18.92 -6.82
CA ASN E 620 -35.40 -18.72 -7.19
C ASN E 620 -36.30 -19.72 -6.48
N PHE E 621 -35.78 -20.92 -6.18
CA PHE E 621 -36.54 -21.89 -5.41
C PHE E 621 -36.73 -21.42 -3.98
N MET E 622 -35.64 -21.12 -3.31
CA MET E 622 -35.63 -20.93 -1.87
C MET E 622 -36.16 -19.56 -1.49
N PHE E 623 -35.86 -18.54 -2.29
CA PHE E 623 -36.09 -17.15 -1.93
C PHE E 623 -36.99 -16.43 -2.92
N ASP E 624 -37.65 -17.17 -3.81
CA ASP E 624 -38.68 -16.70 -4.74
C ASP E 624 -38.17 -15.64 -5.72
N SER E 625 -36.86 -15.54 -5.93
CA SER E 625 -36.31 -14.64 -6.92
C SER E 625 -34.92 -15.11 -7.31
N ASP E 626 -34.55 -14.88 -8.58
CA ASP E 626 -33.24 -15.27 -9.08
C ASP E 626 -32.14 -14.50 -8.36
N GLU E 627 -32.22 -13.17 -8.38
CA GLU E 627 -31.14 -12.33 -7.85
C GLU E 627 -31.36 -12.02 -6.39
N ALA E 628 -31.60 -13.06 -5.58
CA ALA E 628 -31.75 -12.92 -4.13
C ALA E 628 -30.86 -13.98 -3.50
N MET E 629 -29.59 -13.64 -3.31
CA MET E 629 -28.55 -14.54 -2.82
C MET E 629 -27.30 -13.72 -2.58
N VAL E 630 -26.30 -14.36 -2.01
CA VAL E 630 -24.95 -13.82 -1.99
C VAL E 630 -24.21 -14.37 -3.20
N ARG E 631 -23.66 -13.49 -4.02
CA ARG E 631 -22.85 -13.88 -5.16
C ARG E 631 -21.49 -13.20 -5.04
N ILE E 632 -20.45 -14.00 -4.88
CA ILE E 632 -19.10 -13.50 -4.76
C ILE E 632 -18.36 -14.07 -5.97
N ASP E 633 -18.30 -13.30 -7.04
CA ASP E 633 -17.65 -13.77 -8.25
C ASP E 633 -16.15 -13.71 -8.01
N MET E 634 -15.55 -14.88 -7.75
CA MET E 634 -14.20 -14.95 -7.19
C MET E 634 -13.10 -14.53 -8.14
N SER E 635 -13.41 -14.27 -9.41
CA SER E 635 -12.39 -13.94 -10.38
C SER E 635 -11.95 -12.48 -10.32
N GLU E 636 -12.24 -11.79 -9.23
CA GLU E 636 -11.71 -10.47 -8.95
C GLU E 636 -10.62 -10.49 -7.89
N PHE E 637 -10.31 -11.66 -7.34
CA PHE E 637 -9.66 -11.75 -6.04
C PHE E 637 -8.26 -12.34 -6.10
N MET E 638 -7.46 -11.89 -7.05
CA MET E 638 -6.21 -12.57 -7.35
C MET E 638 -5.02 -12.00 -6.60
N GLU E 639 -5.24 -11.29 -5.50
CA GLU E 639 -4.16 -10.80 -4.64
C GLU E 639 -4.45 -11.02 -3.16
N LYS E 640 -3.70 -10.36 -2.28
CA LYS E 640 -3.92 -10.45 -0.84
C LYS E 640 -4.77 -9.31 -0.29
N HIS E 641 -4.73 -8.15 -0.93
CA HIS E 641 -5.70 -7.13 -0.57
C HIS E 641 -7.12 -7.45 -1.04
N SER E 642 -7.31 -8.51 -1.81
CA SER E 642 -8.65 -9.03 -1.95
C SER E 642 -9.14 -9.74 -0.68
N VAL E 643 -8.24 -10.41 0.04
CA VAL E 643 -8.60 -10.93 1.35
C VAL E 643 -8.92 -9.77 2.28
N SER E 644 -8.22 -8.64 2.10
CA SER E 644 -8.65 -7.42 2.78
C SER E 644 -10.04 -6.98 2.34
N ARG E 645 -10.42 -7.24 1.10
CA ARG E 645 -11.74 -6.81 0.62
C ARG E 645 -12.86 -7.64 1.23
N LEU E 646 -12.87 -8.95 0.95
CA LEU E 646 -14.09 -9.73 1.20
C LEU E 646 -14.31 -10.00 2.67
N VAL E 647 -13.26 -9.94 3.48
CA VAL E 647 -13.33 -10.21 4.90
C VAL E 647 -13.46 -8.94 5.71
N GLY E 648 -12.61 -7.95 5.44
CA GLY E 648 -12.74 -6.67 6.10
C GLY E 648 -11.41 -5.97 6.20
N ALA E 649 -11.49 -4.68 6.49
CA ALA E 649 -10.28 -3.90 6.76
C ALA E 649 -9.92 -4.01 8.24
N PRO E 650 -8.64 -4.20 8.58
CA PRO E 650 -8.22 -4.24 9.99
C PRO E 650 -8.39 -2.88 10.64
N PRO E 651 -8.48 -2.81 11.98
CA PRO E 651 -8.93 -1.57 12.61
C PRO E 651 -7.90 -0.45 12.53
N GLY E 652 -8.39 0.73 12.19
CA GLY E 652 -7.56 1.90 12.06
C GLY E 652 -7.17 2.27 10.65
N TYR E 653 -7.86 1.75 9.64
CA TYR E 653 -7.53 2.00 8.25
C TYR E 653 -8.65 2.75 7.55
N VAL E 654 -8.57 2.81 6.21
CA VAL E 654 -9.48 3.64 5.43
C VAL E 654 -10.87 3.05 5.45
N GLY E 655 -11.03 1.85 4.90
CA GLY E 655 -12.35 1.28 4.80
C GLY E 655 -12.71 0.40 5.97
N TYR E 656 -12.51 0.90 7.21
CA TYR E 656 -12.72 0.06 8.37
C TYR E 656 -14.19 -0.24 8.61
N GLU E 657 -15.02 0.80 8.65
CA GLU E 657 -16.40 0.68 9.10
C GLU E 657 -17.28 -0.13 8.16
N GLU E 658 -16.88 -0.31 6.92
CA GLU E 658 -17.73 -0.98 5.96
C GLU E 658 -17.62 -2.49 6.01
N GLY E 659 -16.53 -3.03 6.54
CA GLY E 659 -16.38 -4.45 6.70
C GLY E 659 -16.16 -5.17 5.38
N GLY E 660 -16.37 -6.47 5.40
CA GLY E 660 -16.20 -7.30 4.23
C GLY E 660 -17.44 -7.35 3.36
N TYR E 661 -17.52 -8.39 2.56
CA TYR E 661 -18.68 -8.63 1.72
C TYR E 661 -19.19 -10.05 1.79
N LEU E 662 -18.34 -11.03 2.10
CA LEU E 662 -18.82 -12.34 2.52
C LEU E 662 -19.34 -12.30 3.94
N THR E 663 -18.65 -11.59 4.83
CA THR E 663 -19.00 -11.66 6.25
C THR E 663 -20.27 -10.87 6.53
N GLU E 664 -20.36 -9.67 5.97
CA GLU E 664 -21.42 -8.74 6.36
C GLU E 664 -22.77 -9.18 5.82
N ALA E 665 -22.83 -9.55 4.54
CA ALA E 665 -24.08 -9.98 3.94
C ALA E 665 -24.55 -11.36 4.39
N VAL E 666 -23.84 -12.02 5.30
CA VAL E 666 -24.37 -13.19 5.98
C VAL E 666 -24.73 -12.77 7.40
N ARG E 667 -23.98 -11.81 7.95
CA ARG E 667 -24.29 -11.31 9.28
C ARG E 667 -25.62 -10.56 9.29
N ARG E 668 -26.07 -10.06 8.15
CA ARG E 668 -27.45 -9.59 8.05
C ARG E 668 -28.42 -10.76 7.91
N ARG E 669 -28.14 -11.68 6.97
CA ARG E 669 -29.07 -12.73 6.59
C ARG E 669 -28.42 -14.09 6.72
N PRO E 670 -28.54 -14.74 7.89
CA PRO E 670 -27.80 -15.98 8.14
C PRO E 670 -28.28 -17.18 7.33
N TYR E 671 -29.44 -17.11 6.72
CA TYR E 671 -29.94 -18.20 5.88
C TYR E 671 -29.96 -17.74 4.44
N SER E 672 -28.95 -18.13 3.66
CA SER E 672 -28.81 -17.63 2.31
C SER E 672 -28.05 -18.65 1.48
N VAL E 673 -27.82 -18.31 0.22
CA VAL E 673 -27.07 -19.15 -0.70
C VAL E 673 -25.85 -18.37 -1.16
N ILE E 674 -24.67 -18.92 -0.97
CA ILE E 674 -23.43 -18.24 -1.29
C ILE E 674 -22.79 -18.94 -2.47
N LEU E 675 -22.66 -18.23 -3.58
CA LEU E 675 -21.99 -18.73 -4.78
C LEU E 675 -20.66 -18.03 -4.89
N LEU E 676 -19.59 -18.73 -4.55
CA LEU E 676 -18.24 -18.23 -4.80
C LEU E 676 -17.87 -18.70 -6.20
N ASP E 677 -18.14 -17.86 -7.19
CA ASP E 677 -18.11 -18.28 -8.57
C ASP E 677 -16.68 -18.32 -9.09
N ALA E 678 -16.29 -19.48 -9.62
CA ALA E 678 -14.97 -19.74 -10.21
C ALA E 678 -13.85 -19.46 -9.21
N VAL E 679 -13.82 -20.31 -8.17
CA VAL E 679 -12.94 -20.09 -7.03
C VAL E 679 -11.47 -20.34 -7.35
N GLU E 680 -11.17 -21.02 -8.46
CA GLU E 680 -9.79 -21.39 -8.73
C GLU E 680 -8.94 -20.21 -9.16
N LYS E 681 -9.55 -19.08 -9.51
CA LYS E 681 -8.80 -17.94 -9.99
C LYS E 681 -8.09 -17.24 -8.84
N ALA E 682 -8.66 -17.27 -7.65
CA ALA E 682 -8.22 -16.39 -6.58
C ALA E 682 -6.95 -16.90 -5.92
N HIS E 683 -6.45 -16.08 -5.01
CA HIS E 683 -5.14 -16.28 -4.41
C HIS E 683 -5.30 -17.25 -3.23
N PRO E 684 -4.31 -18.13 -2.98
CA PRO E 684 -4.54 -19.28 -2.07
C PRO E 684 -4.81 -18.91 -0.60
N ASP E 685 -4.49 -17.69 -0.19
CA ASP E 685 -4.89 -17.27 1.15
C ASP E 685 -6.41 -17.15 1.29
N VAL E 686 -7.10 -16.94 0.17
CA VAL E 686 -8.56 -17.01 0.20
C VAL E 686 -9.01 -18.44 0.47
N PHE E 687 -8.27 -19.42 -0.03
CA PHE E 687 -8.56 -20.80 0.33
C PHE E 687 -8.25 -21.08 1.79
N ASN E 688 -7.31 -20.34 2.40
CA ASN E 688 -7.16 -20.47 3.85
C ASN E 688 -8.38 -19.93 4.59
N ILE E 689 -8.93 -18.80 4.10
CA ILE E 689 -10.18 -18.25 4.65
C ILE E 689 -11.32 -19.25 4.53
N LEU E 690 -11.44 -19.91 3.38
CA LEU E 690 -12.52 -20.86 3.20
C LEU E 690 -12.29 -22.17 3.94
N LEU E 691 -11.03 -22.53 4.21
CA LEU E 691 -10.78 -23.63 5.15
C LEU E 691 -11.30 -23.30 6.53
N GLN E 692 -11.15 -22.03 6.96
CA GLN E 692 -11.76 -21.61 8.22
C GLN E 692 -13.27 -21.74 8.17
N VAL E 693 -13.87 -21.37 7.02
CA VAL E 693 -15.32 -21.47 6.82
C VAL E 693 -15.80 -22.91 6.94
N LEU E 694 -15.22 -23.79 6.14
CA LEU E 694 -15.67 -25.18 6.11
C LEU E 694 -15.28 -25.94 7.36
N ASP E 695 -14.28 -25.45 8.09
CA ASP E 695 -13.91 -26.07 9.35
C ASP E 695 -14.92 -25.73 10.44
N ASP E 696 -15.20 -24.44 10.64
CA ASP E 696 -16.02 -24.02 11.76
C ASP E 696 -17.36 -23.42 11.38
N GLY E 697 -17.47 -22.71 10.26
CA GLY E 697 -18.64 -21.91 10.01
C GLY E 697 -18.62 -20.54 10.63
N ARG E 698 -17.55 -20.19 11.34
CA ARG E 698 -17.39 -18.86 11.89
C ARG E 698 -16.14 -18.23 11.30
N LEU E 699 -16.22 -16.95 10.98
CA LEU E 699 -15.16 -16.29 10.23
C LEU E 699 -14.88 -14.92 10.83
N THR E 700 -13.63 -14.72 11.28
CA THR E 700 -13.23 -13.44 11.85
C THR E 700 -13.08 -12.40 10.75
N ASP E 701 -13.72 -11.24 10.93
CA ASP E 701 -13.59 -10.14 10.00
C ASP E 701 -12.52 -9.16 10.48
N GLY E 702 -12.42 -8.01 9.81
CA GLY E 702 -11.43 -7.03 10.19
C GLY E 702 -11.74 -6.30 11.48
N GLN E 703 -13.03 -6.11 11.77
CA GLN E 703 -13.43 -5.49 13.03
C GLN E 703 -13.08 -6.37 14.21
N GLY E 704 -13.16 -7.69 14.05
CA GLY E 704 -12.73 -8.62 15.06
C GLY E 704 -13.66 -9.78 15.32
N ARG E 705 -14.97 -9.57 15.15
CA ARG E 705 -15.94 -10.58 15.56
C ARG E 705 -16.10 -11.64 14.46
N THR E 706 -16.94 -12.64 14.74
CA THR E 706 -17.13 -13.76 13.82
C THR E 706 -18.60 -13.90 13.44
N VAL E 707 -18.82 -14.44 12.24
CA VAL E 707 -20.13 -14.51 11.63
C VAL E 707 -20.45 -15.97 11.34
N ASP E 708 -21.63 -16.41 11.73
CA ASP E 708 -22.00 -17.82 11.62
C ASP E 708 -22.39 -18.14 10.18
N PHE E 709 -21.71 -19.13 9.58
CA PHE E 709 -22.03 -19.60 8.25
C PHE E 709 -22.74 -20.95 8.26
N ARG E 710 -23.30 -21.35 9.40
CA ARG E 710 -23.82 -22.70 9.54
C ARG E 710 -25.27 -22.84 9.13
N ASN E 711 -25.78 -21.91 8.32
CA ASN E 711 -27.11 -22.08 7.76
C ASN E 711 -27.15 -21.77 6.27
N THR E 712 -26.01 -21.66 5.61
CA THR E 712 -25.94 -21.31 4.21
C THR E 712 -25.47 -22.51 3.41
N VAL E 713 -25.67 -22.44 2.10
CA VAL E 713 -25.24 -23.50 1.21
C VAL E 713 -24.08 -22.95 0.39
N VAL E 714 -22.85 -23.17 0.83
CA VAL E 714 -21.69 -22.54 0.19
C VAL E 714 -21.40 -23.31 -1.09
N ILE E 715 -21.76 -22.72 -2.23
CA ILE E 715 -21.63 -23.38 -3.52
C ILE E 715 -20.44 -22.77 -4.27
N MET E 716 -19.62 -23.62 -4.87
CA MET E 716 -18.48 -23.18 -5.64
C MET E 716 -18.52 -23.80 -7.01
N THR E 717 -18.15 -23.03 -8.02
CA THR E 717 -18.01 -23.51 -9.39
C THR E 717 -16.55 -23.43 -9.78
N SER E 718 -16.21 -24.12 -10.87
CA SER E 718 -14.91 -24.03 -11.50
C SER E 718 -15.04 -24.53 -12.91
N ASN E 719 -13.93 -24.70 -13.62
CA ASN E 719 -13.94 -25.53 -14.82
C ASN E 719 -12.66 -26.33 -14.98
N LEU E 720 -12.02 -26.74 -13.88
CA LEU E 720 -10.71 -27.37 -13.94
C LEU E 720 -10.69 -28.76 -14.55
N GLY E 721 -11.84 -29.32 -14.92
CA GLY E 721 -11.81 -30.58 -15.62
C GLY E 721 -12.36 -30.45 -17.03
N SER E 722 -12.00 -29.37 -17.72
CA SER E 722 -12.66 -29.01 -18.97
C SER E 722 -12.35 -30.02 -20.07
N ASP E 723 -11.08 -30.07 -20.49
CA ASP E 723 -10.71 -30.96 -21.59
C ASP E 723 -10.78 -32.41 -21.16
N LEU E 724 -10.62 -32.68 -19.86
CA LEU E 724 -10.70 -34.04 -19.34
C LEU E 724 -12.09 -34.63 -19.52
N ILE E 725 -13.12 -33.86 -19.19
CA ILE E 725 -14.49 -34.36 -19.31
C ILE E 725 -14.95 -34.29 -20.76
N GLN E 726 -14.58 -33.24 -21.49
CA GLN E 726 -14.96 -33.21 -22.90
C GLN E 726 -14.21 -34.24 -23.75
N GLU E 727 -13.15 -34.84 -23.22
CA GLU E 727 -12.54 -36.00 -23.85
C GLU E 727 -13.20 -37.30 -23.37
N ARG E 728 -13.22 -37.53 -22.06
CA ARG E 728 -13.37 -38.87 -21.52
C ARG E 728 -14.70 -39.13 -20.82
N PHE E 729 -15.66 -38.20 -20.89
CA PHE E 729 -16.96 -38.55 -20.31
C PHE E 729 -17.69 -39.57 -21.18
N GLY E 730 -17.43 -39.55 -22.49
CA GLY E 730 -17.85 -40.65 -23.32
C GLY E 730 -17.07 -41.91 -23.00
N GLU E 731 -17.74 -43.05 -23.20
CA GLU E 731 -17.25 -44.44 -23.00
C GLU E 731 -16.54 -44.67 -21.66
N LEU E 732 -16.89 -43.91 -20.63
CA LEU E 732 -16.42 -44.17 -19.28
C LEU E 732 -17.60 -44.04 -18.31
N ASP E 733 -17.33 -44.37 -17.06
CA ASP E 733 -18.34 -44.34 -16.01
C ASP E 733 -18.49 -42.94 -15.44
N TYR E 734 -19.15 -42.83 -14.29
CA TYR E 734 -19.21 -41.59 -13.54
C TYR E 734 -18.29 -41.57 -12.33
N ALA E 735 -18.03 -42.72 -11.73
CA ALA E 735 -17.24 -42.75 -10.49
C ALA E 735 -15.77 -42.47 -10.76
N HIS E 736 -15.20 -43.14 -11.76
CA HIS E 736 -13.78 -42.96 -12.06
C HIS E 736 -13.51 -41.61 -12.71
N MET E 737 -14.51 -41.03 -13.37
CA MET E 737 -14.43 -39.64 -13.81
C MET E 737 -14.25 -38.71 -12.62
N LYS E 738 -15.04 -38.94 -11.57
CA LYS E 738 -14.93 -38.13 -10.36
C LYS E 738 -13.60 -38.35 -9.69
N GLU E 739 -13.08 -39.58 -9.71
CA GLU E 739 -11.77 -39.86 -9.15
C GLU E 739 -10.66 -39.16 -9.93
N LEU E 740 -10.76 -39.14 -11.26
CA LEU E 740 -9.71 -38.56 -12.09
C LEU E 740 -9.72 -37.03 -12.00
N VAL E 741 -10.91 -36.43 -11.99
CA VAL E 741 -10.95 -34.98 -11.82
C VAL E 741 -10.61 -34.61 -10.39
N LEU E 742 -10.80 -35.53 -9.44
CA LEU E 742 -10.35 -35.28 -8.08
C LEU E 742 -8.83 -35.26 -8.02
N GLY E 743 -8.19 -36.12 -8.82
CA GLY E 743 -6.74 -36.05 -8.95
C GLY E 743 -6.29 -34.75 -9.60
N VAL E 744 -7.06 -34.25 -10.58
CA VAL E 744 -6.73 -32.98 -11.22
C VAL E 744 -6.81 -31.82 -10.23
N VAL E 745 -7.86 -31.80 -9.41
CA VAL E 745 -8.01 -30.74 -8.42
C VAL E 745 -6.97 -30.89 -7.31
N SER E 746 -6.56 -32.13 -7.02
CA SER E 746 -5.46 -32.34 -6.08
C SER E 746 -4.14 -31.81 -6.64
N HIS E 747 -3.98 -31.81 -7.97
CA HIS E 747 -2.89 -31.03 -8.54
C HIS E 747 -3.13 -29.54 -8.33
N ASN E 748 -4.37 -29.08 -8.46
CA ASN E 748 -4.62 -27.65 -8.33
C ASN E 748 -4.65 -27.20 -6.87
N PHE E 749 -5.54 -27.75 -6.07
CA PHE E 749 -5.80 -27.23 -4.73
C PHE E 749 -4.95 -27.95 -3.69
N ARG E 750 -5.30 -27.75 -2.40
CA ARG E 750 -4.77 -28.35 -1.18
C ARG E 750 -5.66 -29.50 -0.73
N PRO E 751 -5.07 -30.54 -0.10
CA PRO E 751 -5.88 -31.71 0.25
C PRO E 751 -6.87 -31.47 1.37
N GLU E 752 -6.59 -30.52 2.27
CA GLU E 752 -7.54 -30.18 3.33
C GLU E 752 -8.80 -29.57 2.74
N PHE E 753 -8.65 -28.83 1.65
CA PHE E 753 -9.78 -28.13 1.05
C PHE E 753 -10.75 -29.12 0.41
N ILE E 754 -10.23 -30.08 -0.36
CA ILE E 754 -11.11 -31.11 -0.89
C ILE E 754 -11.51 -32.13 0.16
N ASN E 755 -10.82 -32.16 1.30
CA ASN E 755 -11.28 -33.00 2.39
C ASN E 755 -12.53 -32.42 3.05
N ARG E 756 -12.58 -31.10 3.19
CA ARG E 756 -13.67 -30.45 3.92
C ARG E 756 -14.82 -30.01 3.02
N ILE E 757 -15.05 -30.71 1.91
CA ILE E 757 -16.24 -30.52 1.09
C ILE E 757 -17.23 -31.60 1.45
N ASP E 758 -18.53 -31.26 1.45
CA ASP E 758 -19.57 -32.28 1.53
C ASP E 758 -19.45 -33.25 0.37
N GLU E 759 -19.62 -32.77 -0.86
CA GLU E 759 -19.53 -33.64 -2.02
C GLU E 759 -19.18 -32.83 -3.24
N VAL E 760 -18.23 -33.33 -4.03
CA VAL E 760 -17.75 -32.65 -5.24
C VAL E 760 -18.46 -33.32 -6.41
N VAL E 761 -19.52 -32.70 -6.90
CA VAL E 761 -20.28 -33.27 -8.01
C VAL E 761 -19.81 -32.64 -9.30
N VAL E 762 -19.77 -33.45 -10.36
CA VAL E 762 -19.00 -33.17 -11.55
C VAL E 762 -19.92 -33.26 -12.75
N PHE E 763 -19.89 -32.26 -13.62
CA PHE E 763 -20.93 -32.12 -14.61
C PHE E 763 -20.56 -32.89 -15.88
N HIS E 764 -21.28 -32.64 -16.96
CA HIS E 764 -21.10 -33.34 -18.22
C HIS E 764 -21.55 -32.42 -19.33
N PRO E 765 -20.96 -32.53 -20.51
CA PRO E 765 -21.41 -31.73 -21.65
C PRO E 765 -22.78 -32.18 -22.13
N LEU E 766 -23.41 -31.34 -22.93
CA LEU E 766 -24.81 -31.51 -23.28
C LEU E 766 -24.97 -32.22 -24.62
N GLY E 767 -25.97 -33.09 -24.71
CA GLY E 767 -26.31 -33.78 -25.94
C GLY E 767 -27.35 -32.99 -26.72
N GLU E 768 -27.92 -33.60 -27.75
CA GLU E 768 -28.84 -32.87 -28.62
C GLU E 768 -30.17 -32.58 -27.93
N GLN E 769 -30.73 -33.57 -27.23
CA GLN E 769 -32.05 -33.42 -26.64
C GLN E 769 -32.04 -32.43 -25.48
N HIS E 770 -30.91 -32.31 -24.78
CA HIS E 770 -30.80 -31.30 -23.75
C HIS E 770 -30.80 -29.91 -24.35
N ILE E 771 -30.14 -29.74 -25.49
CA ILE E 771 -30.16 -28.45 -26.17
C ILE E 771 -31.54 -28.17 -26.74
N ALA E 772 -32.28 -29.21 -27.12
CA ALA E 772 -33.67 -29.01 -27.56
C ALA E 772 -34.56 -28.51 -26.43
N SER E 773 -34.38 -29.08 -25.24
CA SER E 773 -35.19 -28.63 -24.10
C SER E 773 -34.78 -27.21 -23.65
N ILE E 774 -33.47 -26.91 -23.71
CA ILE E 774 -33.01 -25.55 -23.40
C ILE E 774 -33.56 -24.57 -24.41
N ALA E 775 -33.66 -24.98 -25.68
CA ALA E 775 -34.26 -24.13 -26.70
C ALA E 775 -35.72 -23.86 -26.41
N GLN E 776 -36.43 -24.87 -25.89
CA GLN E 776 -37.82 -24.66 -25.48
C GLN E 776 -37.92 -23.65 -24.34
N ILE E 777 -37.00 -23.72 -23.37
CA ILE E 777 -37.03 -22.79 -22.23
C ILE E 777 -36.75 -21.37 -22.70
N GLN E 778 -35.75 -21.20 -23.55
CA GLN E 778 -35.38 -19.87 -24.02
C GLN E 778 -36.47 -19.27 -24.90
N LEU E 779 -37.14 -20.11 -25.70
CA LEU E 779 -38.27 -19.61 -26.45
C LEU E 779 -39.44 -19.26 -25.54
N LYS E 780 -39.61 -19.97 -24.42
CA LYS E 780 -40.66 -19.59 -23.48
C LYS E 780 -40.41 -18.22 -22.89
N ARG E 781 -39.16 -17.93 -22.51
CA ARG E 781 -38.93 -16.58 -21.99
C ARG E 781 -38.95 -15.53 -23.09
N LEU E 782 -38.65 -15.90 -24.33
CA LEU E 782 -38.81 -14.97 -25.45
C LEU E 782 -40.27 -14.65 -25.69
N TYR E 783 -41.13 -15.67 -25.62
CA TYR E 783 -42.56 -15.48 -25.79
C TYR E 783 -43.11 -14.64 -24.65
N LYS E 784 -42.55 -14.80 -23.45
CA LYS E 784 -43.00 -14.01 -22.32
C LYS E 784 -42.61 -12.55 -22.48
N ARG E 785 -41.41 -12.28 -23.00
CA ARG E 785 -41.01 -10.89 -23.23
C ARG E 785 -41.83 -10.23 -24.31
N LEU E 786 -42.06 -10.92 -25.43
CA LEU E 786 -42.85 -10.29 -26.47
C LEU E 786 -44.35 -10.33 -26.19
N GLU E 787 -44.80 -11.14 -25.24
CA GLU E 787 -46.19 -11.08 -24.83
C GLU E 787 -46.40 -9.96 -23.82
N GLU E 788 -45.37 -9.63 -23.03
CA GLU E 788 -45.36 -8.34 -22.35
C GLU E 788 -45.37 -7.21 -23.36
N ARG E 789 -44.63 -7.37 -24.45
CA ARG E 789 -44.65 -6.39 -25.53
C ARG E 789 -45.92 -6.48 -26.36
N GLY E 790 -46.61 -7.62 -26.32
CA GLY E 790 -47.88 -7.74 -26.99
C GLY E 790 -47.82 -8.33 -28.38
N TYR E 791 -47.21 -9.49 -28.51
CA TYR E 791 -47.08 -10.16 -29.79
C TYR E 791 -47.17 -11.66 -29.57
N GLU E 792 -48.06 -12.31 -30.31
CA GLU E 792 -48.25 -13.75 -30.17
C GLU E 792 -47.43 -14.48 -31.22
N ILE E 793 -46.58 -15.41 -30.77
CA ILE E 793 -45.64 -16.09 -31.64
C ILE E 793 -45.79 -17.59 -31.48
N HIS E 794 -45.96 -18.29 -32.59
CA HIS E 794 -45.95 -19.75 -32.64
C HIS E 794 -44.85 -20.18 -33.60
N ILE E 795 -43.83 -20.82 -33.08
CA ILE E 795 -42.75 -21.30 -33.93
C ILE E 795 -43.16 -22.63 -34.55
N SER E 796 -42.60 -22.93 -35.72
CA SER E 796 -42.74 -24.26 -36.28
C SER E 796 -41.76 -25.22 -35.63
N ASP E 797 -42.19 -26.47 -35.49
CA ASP E 797 -41.32 -27.49 -34.91
C ASP E 797 -40.14 -27.80 -35.82
N GLU E 798 -40.34 -27.63 -37.13
CA GLU E 798 -39.23 -27.70 -38.07
C GLU E 798 -38.19 -26.63 -37.78
N ALA E 799 -38.63 -25.43 -37.43
CA ALA E 799 -37.70 -24.38 -37.06
C ALA E 799 -36.98 -24.72 -35.76
N LEU E 800 -37.63 -25.45 -34.86
CA LEU E 800 -36.97 -25.92 -33.65
C LEU E 800 -35.88 -26.93 -33.98
N LYS E 801 -36.14 -27.78 -34.97
CA LYS E 801 -35.10 -28.69 -35.43
C LYS E 801 -33.95 -27.94 -36.08
N LEU E 802 -34.26 -26.86 -36.81
CA LEU E 802 -33.20 -26.03 -37.38
C LEU E 802 -32.36 -25.35 -36.32
N LEU E 803 -33.00 -24.88 -35.24
CA LEU E 803 -32.21 -24.30 -34.15
C LEU E 803 -31.36 -25.36 -33.45
N SER E 804 -31.93 -26.56 -33.24
CA SER E 804 -31.19 -27.63 -32.59
C SER E 804 -30.05 -28.16 -33.44
N GLU E 805 -30.12 -28.01 -34.77
CA GLU E 805 -29.01 -28.41 -35.61
C GLU E 805 -28.00 -27.29 -35.82
N ASN E 806 -28.45 -26.04 -35.86
CA ASN E 806 -27.54 -24.93 -36.14
C ASN E 806 -26.68 -24.59 -34.93
N GLY E 807 -27.29 -24.49 -33.75
CA GLY E 807 -26.52 -24.17 -32.57
C GLY E 807 -26.09 -25.39 -31.79
N TYR E 808 -25.35 -26.31 -32.42
CA TYR E 808 -24.96 -27.55 -31.78
C TYR E 808 -23.46 -27.75 -31.90
N ASP E 809 -22.73 -27.46 -30.83
CA ASP E 809 -21.37 -27.92 -30.69
C ASP E 809 -21.07 -28.19 -29.22
N PRO E 810 -20.82 -29.44 -28.85
CA PRO E 810 -20.72 -29.79 -27.43
C PRO E 810 -19.42 -29.36 -26.76
N VAL E 811 -18.66 -28.46 -27.38
CA VAL E 811 -17.47 -27.92 -26.74
C VAL E 811 -17.75 -26.66 -25.93
N TYR E 812 -18.86 -25.97 -26.19
CA TYR E 812 -19.17 -24.74 -25.49
C TYR E 812 -20.44 -24.78 -24.67
N GLY E 813 -21.20 -25.85 -24.73
CA GLY E 813 -22.39 -25.95 -23.92
C GLY E 813 -23.62 -25.32 -24.54
N ALA E 814 -24.42 -24.64 -23.72
CA ALA E 814 -25.75 -24.21 -24.12
C ALA E 814 -25.81 -22.77 -24.59
N ARG E 815 -24.72 -22.03 -24.52
CA ARG E 815 -24.66 -20.67 -25.03
C ARG E 815 -24.60 -20.48 -26.55
N PRO E 816 -23.98 -21.35 -27.35
CA PRO E 816 -24.17 -21.20 -28.81
C PRO E 816 -25.60 -21.32 -29.25
N LEU E 817 -26.41 -22.10 -28.53
CA LEU E 817 -27.84 -22.10 -28.76
C LEU E 817 -28.45 -20.74 -28.48
N LYS E 818 -28.03 -20.09 -27.40
CA LYS E 818 -28.60 -18.79 -27.05
C LYS E 818 -28.27 -17.74 -28.09
N ARG E 819 -27.01 -17.68 -28.53
CA ARG E 819 -26.73 -16.69 -29.56
C ARG E 819 -27.21 -17.09 -30.94
N ALA E 820 -27.45 -18.38 -31.18
CA ALA E 820 -28.07 -18.79 -32.44
C ALA E 820 -29.53 -18.38 -32.48
N ILE E 821 -30.25 -18.60 -31.36
CA ILE E 821 -31.61 -18.08 -31.21
C ILE E 821 -31.63 -16.57 -31.38
N GLN E 822 -30.67 -15.91 -30.73
CA GLN E 822 -30.58 -14.45 -30.73
C GLN E 822 -30.42 -13.91 -32.14
N GLN E 823 -29.45 -14.42 -32.89
CA GLN E 823 -29.28 -14.05 -34.29
C GLN E 823 -30.50 -14.41 -35.12
N GLN E 824 -30.72 -15.72 -35.33
CA GLN E 824 -31.66 -16.20 -36.34
C GLN E 824 -33.11 -15.85 -36.07
N ILE E 825 -33.46 -15.49 -34.84
CA ILE E 825 -34.82 -15.07 -34.53
C ILE E 825 -34.87 -13.59 -34.18
N GLU E 826 -34.11 -13.17 -33.16
CA GLU E 826 -34.31 -11.83 -32.66
C GLU E 826 -33.77 -10.74 -33.58
N ASN E 827 -32.86 -11.05 -34.54
CA ASN E 827 -32.48 -9.97 -35.45
C ASN E 827 -33.56 -9.64 -36.47
N PRO E 828 -34.12 -10.59 -37.25
CA PRO E 828 -35.17 -10.17 -38.19
C PRO E 828 -36.47 -9.82 -37.51
N LEU E 829 -36.77 -10.41 -36.35
CA LEU E 829 -38.02 -10.10 -35.69
C LEU E 829 -38.04 -8.68 -35.14
N ALA E 830 -36.95 -8.26 -34.49
CA ALA E 830 -36.87 -6.89 -34.02
C ALA E 830 -36.70 -5.92 -35.18
N GLN E 831 -36.03 -6.36 -36.25
CA GLN E 831 -35.95 -5.60 -37.48
C GLN E 831 -37.33 -5.29 -38.04
N GLN E 832 -38.23 -6.27 -38.00
CA GLN E 832 -39.56 -6.09 -38.56
C GLN E 832 -40.51 -5.41 -37.59
N ILE E 833 -40.27 -5.52 -36.28
CA ILE E 833 -41.04 -4.73 -35.34
C ILE E 833 -40.74 -3.25 -35.54
N LEU E 834 -39.46 -2.90 -35.69
CA LEU E 834 -39.12 -1.51 -35.98
C LEU E 834 -39.49 -1.09 -37.40
N SER E 835 -39.82 -2.03 -38.28
CA SER E 835 -40.24 -1.65 -39.62
C SER E 835 -41.61 -0.99 -39.61
N GLY E 836 -42.46 -1.33 -38.64
CA GLY E 836 -43.86 -1.01 -38.75
C GLY E 836 -44.63 -2.01 -39.57
N GLU E 837 -44.02 -3.15 -39.87
CA GLU E 837 -44.67 -4.21 -40.63
C GLU E 837 -45.55 -5.07 -39.73
N LEU E 838 -44.98 -5.57 -38.64
CA LEU E 838 -45.68 -6.53 -37.79
C LEU E 838 -46.62 -5.82 -36.82
N VAL E 839 -47.85 -6.29 -36.76
CA VAL E 839 -48.93 -5.66 -36.01
C VAL E 839 -49.13 -6.43 -34.72
N PRO E 840 -49.30 -5.76 -33.59
CA PRO E 840 -49.70 -6.46 -32.37
C PRO E 840 -51.08 -7.09 -32.52
N GLY E 841 -51.20 -8.33 -32.07
CA GLY E 841 -52.47 -9.01 -32.12
C GLY E 841 -52.48 -10.21 -33.04
N LYS E 842 -51.84 -10.09 -34.19
CA LYS E 842 -51.84 -11.19 -35.14
C LYS E 842 -50.82 -12.25 -34.74
N VAL E 843 -51.06 -13.47 -35.20
CA VAL E 843 -50.23 -14.62 -34.83
C VAL E 843 -48.96 -14.57 -35.67
N ILE E 844 -47.82 -14.30 -35.02
CA ILE E 844 -46.55 -14.21 -35.71
C ILE E 844 -45.99 -15.63 -35.81
N ARG E 845 -46.28 -16.31 -36.91
CA ARG E 845 -45.79 -17.67 -37.08
C ARG E 845 -44.36 -17.64 -37.61
N LEU E 846 -43.54 -18.55 -37.09
CA LEU E 846 -42.15 -18.69 -37.49
C LEU E 846 -42.02 -19.99 -38.28
N GLU E 847 -42.27 -19.90 -39.57
CA GLU E 847 -42.08 -21.02 -40.48
C GLU E 847 -40.77 -20.82 -41.23
N VAL E 848 -40.16 -21.94 -41.62
CA VAL E 848 -38.81 -21.89 -42.15
C VAL E 848 -38.82 -21.32 -43.56
N ASN E 849 -37.66 -20.85 -43.98
CA ASN E 849 -37.40 -20.49 -45.36
C ASN E 849 -36.83 -21.71 -46.08
N GLU E 850 -36.23 -21.49 -47.25
CA GLU E 850 -35.40 -22.51 -47.87
C GLU E 850 -34.23 -22.88 -46.97
N ASP E 851 -33.66 -21.90 -46.29
CA ASP E 851 -32.62 -22.13 -45.29
C ASP E 851 -32.92 -21.47 -43.95
N ARG E 852 -33.47 -20.27 -43.94
CA ARG E 852 -33.57 -19.46 -42.74
C ARG E 852 -34.93 -19.64 -42.08
N ILE E 853 -35.19 -18.80 -41.08
CA ILE E 853 -36.47 -18.78 -40.37
C ILE E 853 -37.05 -17.39 -40.53
N VAL E 854 -38.22 -17.30 -41.16
CA VAL E 854 -38.86 -16.03 -41.43
C VAL E 854 -40.07 -15.89 -40.53
N ALA E 855 -40.44 -14.64 -40.24
CA ALA E 855 -41.64 -14.32 -39.48
C ALA E 855 -42.72 -13.87 -40.46
N VAL E 856 -43.87 -14.54 -40.43
CA VAL E 856 -44.93 -14.27 -41.38
C VAL E 856 -46.13 -13.66 -40.67
N GLN E 857 -46.92 -12.92 -41.44
CA GLN E 857 -48.17 -12.33 -40.99
C GLN E 857 -49.31 -12.84 -41.85
N HIS E 858 -50.38 -13.27 -41.21
CA HIS E 858 -51.54 -13.78 -41.92
C HIS E 858 -52.83 -13.35 -41.23
N GLN F 159 2.87 21.36 50.14
CA GLN F 159 3.56 20.73 49.03
C GLN F 159 2.69 19.70 48.35
N ALA F 160 2.94 19.48 47.05
CA ALA F 160 2.28 18.43 46.32
C ALA F 160 3.02 17.09 46.40
N LEU F 161 4.10 17.04 47.18
CA LEU F 161 4.80 15.77 47.38
C LEU F 161 3.96 14.79 48.17
N LYS F 162 3.14 15.28 49.09
CA LYS F 162 2.17 14.45 49.79
C LYS F 162 0.85 14.35 49.04
N LYS F 163 0.70 15.05 47.92
CA LYS F 163 -0.56 15.13 47.20
C LYS F 163 -0.58 14.32 45.91
N TYR F 164 0.54 14.24 45.18
CA TYR F 164 0.55 13.57 43.89
C TYR F 164 1.76 12.66 43.73
N THR F 165 2.45 12.33 44.82
CA THR F 165 3.49 11.32 44.80
C THR F 165 3.29 10.37 45.97
N ILE F 166 3.66 9.10 45.77
CA ILE F 166 3.50 8.06 46.76
C ILE F 166 4.89 7.51 47.04
N ASP F 167 5.36 7.70 48.28
CA ASP F 167 6.68 7.21 48.66
C ASP F 167 6.68 5.69 48.74
N LEU F 168 7.79 5.10 48.31
CA LEU F 168 8.01 3.67 48.51
C LEU F 168 9.10 3.38 49.54
N THR F 169 9.98 4.35 49.81
CA THR F 169 11.01 4.12 50.83
C THR F 169 10.43 4.15 52.23
N GLU F 170 9.36 4.91 52.44
CA GLU F 170 8.69 4.89 53.75
C GLU F 170 8.01 3.55 53.98
N ARG F 171 7.48 2.95 52.92
CA ARG F 171 6.79 1.67 53.05
C ARG F 171 7.78 0.54 53.37
N ALA F 172 8.91 0.52 52.67
CA ALA F 172 9.96 -0.45 52.99
C ALA F 172 10.64 -0.13 54.31
N GLU F 173 10.63 1.14 54.72
CA GLU F 173 11.15 1.49 56.04
C GLU F 173 10.21 1.02 57.13
N GLN F 174 8.91 1.12 56.91
CA GLN F 174 7.91 0.67 57.85
C GLN F 174 7.46 -0.75 57.57
N GLY F 175 8.12 -1.46 56.66
CA GLY F 175 7.79 -2.84 56.38
C GLY F 175 6.50 -3.05 55.63
N LYS F 176 6.00 -2.01 54.93
CA LYS F 176 4.75 -2.12 54.19
C LYS F 176 4.94 -2.66 52.79
N LEU F 177 6.06 -3.32 52.52
CA LEU F 177 6.32 -3.95 51.24
C LEU F 177 6.66 -5.42 51.46
N ASP F 178 7.13 -6.07 50.41
CA ASP F 178 7.37 -7.50 50.44
C ASP F 178 8.81 -7.78 50.02
N PRO F 179 9.54 -8.56 50.79
CA PRO F 179 10.95 -8.83 50.47
C PRO F 179 11.12 -9.75 49.27
N VAL F 180 11.13 -9.17 48.07
CA VAL F 180 11.21 -9.98 46.86
C VAL F 180 12.60 -10.58 46.73
N ILE F 181 12.65 -11.88 46.46
CA ILE F 181 13.87 -12.65 46.46
C ILE F 181 14.34 -12.84 45.03
N GLY F 182 15.64 -12.69 44.81
CA GLY F 182 16.22 -12.95 43.51
C GLY F 182 16.42 -11.68 42.71
N ARG F 183 16.73 -11.89 41.43
CA ARG F 183 16.96 -10.83 40.43
C ARG F 183 18.07 -9.88 40.87
N ASP F 184 19.21 -10.46 41.26
CA ASP F 184 20.31 -9.63 41.75
C ASP F 184 21.02 -8.94 40.60
N GLU F 185 21.12 -9.62 39.45
CA GLU F 185 21.83 -9.06 38.30
C GLU F 185 21.11 -7.84 37.75
N GLU F 186 19.78 -7.87 37.74
CA GLU F 186 19.01 -6.74 37.23
C GLU F 186 19.12 -5.53 38.13
N ILE F 187 19.11 -5.75 39.45
CA ILE F 187 19.28 -4.63 40.37
C ILE F 187 20.69 -4.08 40.30
N ARG F 188 21.68 -4.95 40.08
CA ARG F 188 23.05 -4.51 39.89
C ARG F 188 23.20 -3.65 38.63
N ARG F 189 22.58 -4.07 37.53
CA ARG F 189 22.68 -3.30 36.30
C ARG F 189 21.86 -2.02 36.38
N THR F 190 20.81 -2.02 37.20
CA THR F 190 20.05 -0.80 37.43
C THR F 190 20.87 0.20 38.23
N ILE F 191 21.66 -0.28 39.20
CA ILE F 191 22.54 0.63 39.91
C ILE F 191 23.70 1.08 39.01
N GLN F 192 24.11 0.25 38.05
CA GLN F 192 25.06 0.69 37.03
C GLN F 192 24.51 1.86 36.21
N VAL F 193 23.27 1.73 35.75
CA VAL F 193 22.69 2.76 34.89
C VAL F 193 22.36 4.02 35.68
N LEU F 194 21.86 3.87 36.91
CA LEU F 194 21.52 5.05 37.72
C LEU F 194 22.72 5.79 38.27
N GLN F 195 23.95 5.36 37.99
CA GLN F 195 25.11 6.10 38.43
C GLN F 195 25.97 6.53 37.25
N ARG F 196 25.36 7.11 36.22
CA ARG F 196 26.08 7.66 35.09
C ARG F 196 25.88 9.17 35.06
N ARG F 197 26.36 9.82 33.99
CA ARG F 197 25.98 11.19 33.72
C ARG F 197 25.06 11.32 32.52
N THR F 198 25.22 10.46 31.51
CA THR F 198 24.27 10.36 30.42
C THR F 198 23.53 9.03 30.50
N LYS F 199 22.33 9.02 29.91
CA LYS F 199 21.45 7.85 29.83
C LYS F 199 21.12 7.31 31.22
N ASN F 200 20.65 8.20 32.08
CA ASN F 200 20.58 7.98 33.51
C ASN F 200 19.24 7.45 33.98
N ASN F 201 18.40 6.98 33.07
CA ASN F 201 17.03 6.63 33.42
C ASN F 201 16.71 5.25 32.88
N PRO F 202 16.91 4.20 33.67
CA PRO F 202 16.57 2.86 33.19
C PRO F 202 15.06 2.67 33.21
N VAL F 203 14.52 2.17 32.11
CA VAL F 203 13.14 1.75 32.05
C VAL F 203 13.12 0.22 32.04
N LEU F 204 12.33 -0.35 32.92
CA LEU F 204 12.31 -1.80 33.08
C LEU F 204 11.45 -2.42 32.00
N ILE F 205 12.01 -3.41 31.30
CA ILE F 205 11.38 -3.98 30.12
C ILE F 205 11.19 -5.47 30.36
N GLY F 206 9.94 -5.92 30.27
CA GLY F 206 9.64 -7.33 30.46
C GLY F 206 8.20 -7.63 30.11
N GLU F 207 7.81 -8.86 30.38
CA GLU F 207 6.45 -9.30 30.10
C GLU F 207 5.48 -8.69 31.11
N PRO F 208 4.18 -8.72 30.85
CA PRO F 208 3.23 -8.34 31.89
C PRO F 208 3.19 -9.38 33.00
N GLY F 209 3.13 -8.88 34.23
CA GLY F 209 3.16 -9.72 35.42
C GLY F 209 4.50 -10.33 35.77
N VAL F 210 5.59 -9.56 35.68
CA VAL F 210 6.87 -10.15 36.07
C VAL F 210 7.53 -9.40 37.23
N GLY F 211 6.83 -8.43 37.81
CA GLY F 211 7.35 -7.77 38.98
C GLY F 211 8.52 -6.84 38.72
N LYS F 212 8.39 -5.99 37.71
CA LYS F 212 9.38 -4.93 37.55
C LYS F 212 9.23 -3.90 38.66
N THR F 213 7.99 -3.63 39.06
CA THR F 213 7.73 -2.85 40.26
C THR F 213 8.27 -3.56 41.50
N ALA F 214 8.28 -4.90 41.49
CA ALA F 214 8.92 -5.62 42.57
C ALA F 214 10.43 -5.46 42.57
N ILE F 215 11.03 -5.29 41.39
CA ILE F 215 12.46 -4.99 41.32
C ILE F 215 12.74 -3.61 41.92
N VAL F 216 11.85 -2.65 41.66
CA VAL F 216 12.01 -1.33 42.27
C VAL F 216 11.79 -1.40 43.78
N GLU F 217 10.87 -2.25 44.23
CA GLU F 217 10.65 -2.42 45.67
C GLU F 217 11.86 -3.05 46.35
N GLY F 218 12.47 -4.04 45.72
CA GLY F 218 13.70 -4.61 46.26
C GLY F 218 14.86 -3.63 46.24
N LEU F 219 14.90 -2.76 45.23
CA LEU F 219 15.87 -1.69 45.19
C LEU F 219 15.68 -0.74 46.37
N ALA F 220 14.43 -0.39 46.66
CA ALA F 220 14.14 0.49 47.78
C ALA F 220 14.43 -0.19 49.11
N GLN F 221 14.25 -1.50 49.19
CA GLN F 221 14.62 -2.23 50.39
C GLN F 221 16.13 -2.26 50.57
N ARG F 222 16.88 -2.34 49.49
CA ARG F 222 18.34 -2.26 49.60
C ARG F 222 18.78 -0.84 49.95
N ILE F 223 17.98 0.16 49.57
CA ILE F 223 18.28 1.54 49.97
C ILE F 223 18.06 1.71 51.47
N ILE F 224 16.91 1.24 51.97
CA ILE F 224 16.57 1.42 53.38
C ILE F 224 17.49 0.58 54.27
N ASN F 225 17.69 -0.69 53.90
CA ASN F 225 18.58 -1.56 54.67
C ASN F 225 20.04 -1.18 54.50
N GLY F 226 20.39 -0.47 53.44
CA GLY F 226 21.74 -0.04 53.20
C GLY F 226 22.58 -0.95 52.34
N GLU F 227 21.96 -1.66 51.40
CA GLU F 227 22.67 -2.56 50.51
C GLU F 227 22.97 -1.93 49.15
N VAL F 228 23.21 -0.63 49.14
CA VAL F 228 23.41 0.12 47.90
C VAL F 228 24.77 0.79 47.98
N PRO F 229 25.38 1.11 46.82
CA PRO F 229 26.63 1.88 46.84
C PRO F 229 26.47 3.32 47.32
N GLU F 230 27.58 4.05 47.38
CA GLU F 230 27.57 5.41 47.93
C GLU F 230 27.14 6.45 46.91
N GLY F 231 26.03 6.20 46.24
CA GLY F 231 25.43 7.17 45.35
C GLY F 231 23.94 7.07 45.48
N LEU F 232 23.52 6.07 46.26
CA LEU F 232 22.11 5.81 46.51
C LEU F 232 21.72 5.91 47.97
N LYS F 233 22.69 5.93 48.88
CA LYS F 233 22.37 6.14 50.29
C LYS F 233 21.93 7.58 50.51
N GLY F 234 20.69 7.77 50.93
CA GLY F 234 20.10 9.08 51.03
C GLY F 234 19.20 9.45 49.88
N ARG F 235 18.98 8.54 48.93
CA ARG F 235 18.07 8.78 47.84
C ARG F 235 16.71 8.18 48.15
N ARG F 236 15.66 8.96 47.91
CA ARG F 236 14.30 8.49 48.09
C ARG F 236 13.73 8.02 46.77
N VAL F 237 12.69 7.19 46.86
CA VAL F 237 12.02 6.62 45.70
C VAL F 237 10.54 6.93 45.84
N LEU F 238 10.02 7.78 44.96
CA LEU F 238 8.65 8.25 45.03
C LEU F 238 7.93 7.83 43.76
N ALA F 239 6.88 7.02 43.93
CA ALA F 239 6.02 6.68 42.81
C ALA F 239 5.15 7.87 42.47
N LEU F 240 5.14 8.24 41.19
CA LEU F 240 4.30 9.34 40.74
C LEU F 240 2.86 8.86 40.62
N ASP F 241 1.95 9.58 41.26
CA ASP F 241 0.54 9.18 41.32
C ASP F 241 -0.07 9.38 39.94
N MET F 242 -0.18 8.29 39.18
CA MET F 242 -0.90 8.32 37.92
C MET F 242 -2.38 8.62 38.14
N GLY F 243 -2.92 8.18 39.28
CA GLY F 243 -4.34 8.29 39.57
C GLY F 243 -4.88 9.69 39.59
N ALA F 244 -4.43 10.51 40.54
CA ALA F 244 -4.99 11.84 40.69
C ALA F 244 -4.52 12.77 39.57
N LEU F 245 -3.34 12.51 39.01
CA LEU F 245 -2.85 13.32 37.91
C LEU F 245 -3.64 13.08 36.64
N VAL F 246 -3.65 11.84 36.16
CA VAL F 246 -4.41 11.45 34.97
C VAL F 246 -5.92 11.67 35.18
N ALA F 247 -6.37 11.66 36.44
CA ALA F 247 -7.68 12.18 36.79
C ALA F 247 -7.82 13.64 36.38
N GLY F 248 -6.99 14.53 36.94
CA GLY F 248 -7.17 15.96 36.75
C GLY F 248 -6.98 16.58 35.38
N ALA F 249 -6.95 15.76 34.32
CA ALA F 249 -6.78 16.24 32.94
C ALA F 249 -8.14 16.66 32.36
N LYS F 250 -8.67 17.75 32.90
CA LYS F 250 -9.85 18.41 32.34
C LYS F 250 -9.49 19.65 31.54
N TYR F 251 -8.86 20.61 32.17
CA TYR F 251 -8.65 21.93 31.58
C TYR F 251 -7.30 21.99 30.87
N ARG F 252 -7.10 23.11 30.18
CA ARG F 252 -5.81 23.46 29.61
C ARG F 252 -5.15 24.42 30.59
N GLY F 253 -4.67 23.87 31.70
CA GLY F 253 -4.10 24.68 32.76
C GLY F 253 -4.44 24.20 34.17
N GLU F 254 -5.12 23.06 34.28
CA GLU F 254 -5.39 22.45 35.58
C GLU F 254 -4.44 21.30 35.87
N PHE F 255 -4.40 20.31 34.99
CA PHE F 255 -3.44 19.21 35.10
C PHE F 255 -2.01 19.68 34.87
N GLU F 256 -1.84 20.61 33.94
CA GLU F 256 -0.53 21.15 33.62
C GLU F 256 0.06 21.87 34.83
N GLU F 257 -0.79 22.57 35.59
CA GLU F 257 -0.34 23.22 36.81
C GLU F 257 0.06 22.20 37.86
N ARG F 258 -0.66 21.07 37.92
CA ARG F 258 -0.33 20.01 38.88
C ARG F 258 1.03 19.40 38.60
N LEU F 259 1.23 18.95 37.36
CA LEU F 259 2.52 18.34 37.02
C LEU F 259 3.64 19.36 37.01
N LYS F 260 3.32 20.64 36.76
CA LYS F 260 4.30 21.71 36.85
C LYS F 260 4.80 21.88 38.27
N GLY F 261 3.86 21.93 39.24
CA GLY F 261 4.27 22.02 40.63
C GLY F 261 5.01 20.80 41.12
N VAL F 262 4.65 19.62 40.63
CA VAL F 262 5.36 18.39 41.00
C VAL F 262 6.79 18.42 40.48
N LEU F 263 6.98 18.86 39.24
CA LEU F 263 8.33 18.94 38.69
C LEU F 263 9.13 20.08 39.30
N ASN F 264 8.46 21.14 39.76
CA ASN F 264 9.16 22.17 40.53
C ASN F 264 9.63 21.61 41.86
N ASP F 265 8.83 20.75 42.49
CA ASP F 265 9.26 20.09 43.73
C ASP F 265 10.45 19.17 43.48
N LEU F 266 10.42 18.43 42.37
CA LEU F 266 11.53 17.54 42.06
C LEU F 266 12.80 18.31 41.70
N ALA F 267 12.64 19.48 41.07
CA ALA F 267 13.79 20.34 40.83
C ALA F 267 14.30 20.97 42.11
N LYS F 268 13.40 21.21 43.07
CA LYS F 268 13.82 21.69 44.39
C LYS F 268 14.60 20.63 45.15
N GLN F 269 14.27 19.35 44.92
CA GLN F 269 15.00 18.28 45.60
C GLN F 269 16.44 18.12 45.10
N GLU F 270 16.72 18.59 43.88
CA GLU F 270 18.09 18.78 43.36
C GLU F 270 18.85 17.46 43.26
N GLY F 271 18.21 16.45 42.68
CA GLY F 271 18.85 15.17 42.46
C GLY F 271 18.95 14.27 43.67
N ASN F 272 18.56 14.74 44.85
CA ASN F 272 18.60 13.93 46.06
C ASN F 272 17.45 12.93 46.11
N VAL F 273 16.44 13.09 45.26
CA VAL F 273 15.25 12.25 45.28
C VAL F 273 15.08 11.64 43.90
N ILE F 274 15.00 10.33 43.84
CA ILE F 274 14.77 9.61 42.60
C ILE F 274 13.27 9.40 42.43
N LEU F 275 12.75 9.77 41.27
CA LEU F 275 11.36 9.51 40.95
C LEU F 275 11.19 8.08 40.44
N PHE F 276 10.01 7.52 40.65
CA PHE F 276 9.60 6.30 39.96
C PHE F 276 8.36 6.57 39.15
N ILE F 277 8.34 6.02 37.94
CA ILE F 277 7.17 6.06 37.06
C ILE F 277 6.93 4.65 36.54
N ASP F 278 5.72 4.13 36.78
CA ASP F 278 5.25 2.94 36.11
C ASP F 278 4.36 3.33 34.93
N ALA F 279 4.27 2.41 33.97
CA ALA F 279 3.56 2.59 32.68
C ALA F 279 4.07 3.84 31.96
N LEU F 280 5.34 3.76 31.56
CA LEU F 280 6.01 4.91 30.98
C LEU F 280 5.40 5.33 29.65
N HIS F 281 4.94 4.36 28.87
CA HIS F 281 4.29 4.68 27.60
C HIS F 281 2.98 5.41 27.81
N THR F 282 2.32 5.17 28.94
CA THR F 282 1.10 5.90 29.27
C THR F 282 1.41 7.36 29.55
N MET F 283 2.56 7.67 30.14
CA MET F 283 2.94 9.07 30.29
C MET F 283 3.40 9.66 28.96
N VAL F 284 4.00 8.85 28.09
CA VAL F 284 4.42 9.36 26.78
C VAL F 284 3.20 9.63 25.90
N GLY F 285 2.34 8.63 25.72
CA GLY F 285 1.09 8.84 25.02
C GLY F 285 -0.09 9.12 25.93
N ALA F 286 -0.44 10.39 26.10
CA ALA F 286 -1.55 10.77 26.97
C ALA F 286 -2.52 11.73 26.29
N GLY F 287 -2.37 11.98 25.00
CA GLY F 287 -3.28 12.84 24.26
C GLY F 287 -2.59 13.77 23.28
N MET F 293 3.76 16.38 26.42
CA MET F 293 3.48 17.68 26.98
C MET F 293 1.98 17.66 27.26
N ASP F 294 1.33 16.68 26.64
CA ASP F 294 0.10 16.15 27.22
C ASP F 294 0.40 15.55 28.58
N ALA F 295 1.39 14.65 28.66
CA ALA F 295 2.05 14.35 29.92
C ALA F 295 3.57 14.24 29.85
N GLY F 296 4.15 13.73 28.76
CA GLY F 296 5.53 13.27 28.75
C GLY F 296 6.59 14.27 28.34
N ASN F 297 6.27 15.07 27.33
CA ASN F 297 7.13 16.18 26.96
C ASN F 297 6.91 17.40 27.85
N MET F 298 6.16 17.28 28.95
CA MET F 298 6.34 18.17 30.08
C MET F 298 7.58 17.78 30.86
N LEU F 299 7.95 16.50 30.81
CA LEU F 299 9.12 16.01 31.52
C LEU F 299 10.37 15.94 30.65
N LYS F 300 10.22 15.89 29.34
CA LYS F 300 11.41 15.95 28.48
C LYS F 300 12.24 17.24 28.59
N PRO F 301 11.70 18.43 28.91
CA PRO F 301 12.60 19.52 29.31
C PRO F 301 13.29 19.30 30.65
N ALA F 302 12.79 18.41 31.49
CA ALA F 302 13.51 18.09 32.72
C ALA F 302 14.54 17.00 32.47
N LEU F 303 14.12 15.90 31.84
CA LEU F 303 15.03 14.79 31.56
C LEU F 303 16.07 15.15 30.52
N ALA F 304 15.80 16.14 29.69
CA ALA F 304 16.80 16.62 28.77
C ALA F 304 17.90 17.37 29.50
N ARG F 305 17.51 18.27 30.39
CA ARG F 305 18.46 19.10 31.12
C ARG F 305 19.13 18.34 32.27
N GLY F 306 18.64 17.17 32.62
CA GLY F 306 19.30 16.35 33.62
C GLY F 306 18.98 16.74 35.05
N GLU F 307 17.75 17.16 35.34
CA GLU F 307 17.33 17.49 36.69
C GLU F 307 16.36 16.46 37.25
N LEU F 308 16.32 15.27 36.66
CA LEU F 308 15.42 14.22 37.12
C LEU F 308 16.00 12.87 36.74
N HIS F 309 16.12 11.97 37.71
CA HIS F 309 16.79 10.70 37.51
C HIS F 309 15.79 9.56 37.62
N CYS F 310 14.63 9.69 36.99
CA CYS F 310 13.54 8.76 37.23
C CYS F 310 13.82 7.39 36.61
N VAL F 311 12.97 6.43 36.99
CA VAL F 311 13.09 5.03 36.57
C VAL F 311 11.75 4.58 36.03
N GLY F 312 11.74 4.08 34.79
CA GLY F 312 10.52 3.67 34.14
C GLY F 312 10.29 2.16 34.20
N ALA F 313 9.13 1.76 33.70
CA ALA F 313 8.77 0.35 33.58
C ALA F 313 7.70 0.22 32.51
N THR F 314 7.97 -0.58 31.49
CA THR F 314 6.99 -0.82 30.43
C THR F 314 7.24 -2.16 29.78
N THR F 315 6.30 -2.56 28.94
CA THR F 315 6.43 -3.78 28.17
C THR F 315 7.25 -3.48 26.92
N LEU F 316 7.85 -4.53 26.35
CA LEU F 316 8.77 -4.37 25.22
C LEU F 316 8.09 -3.84 23.97
N ASP F 317 6.81 -4.18 23.76
CA ASP F 317 6.11 -3.69 22.58
C ASP F 317 5.88 -2.19 22.68
N GLU F 318 5.52 -1.71 23.87
CA GLU F 318 5.34 -0.28 24.06
C GLU F 318 6.66 0.46 24.04
N TYR F 319 7.74 -0.18 24.48
CA TYR F 319 9.05 0.47 24.40
C TYR F 319 9.52 0.56 22.96
N ARG F 320 9.30 -0.48 22.17
CA ARG F 320 9.73 -0.43 20.78
C ARG F 320 8.81 0.42 19.92
N GLN F 321 7.56 0.65 20.32
CA GLN F 321 6.72 1.46 19.48
C GLN F 321 6.75 2.93 19.90
N TYR F 322 6.58 3.21 21.19
CA TYR F 322 6.41 4.57 21.64
C TYR F 322 7.71 5.28 21.96
N ILE F 323 8.81 4.54 22.15
CA ILE F 323 10.06 5.12 22.61
C ILE F 323 11.20 4.89 21.62
N GLU F 324 11.32 3.67 21.07
CA GLU F 324 12.35 3.41 20.07
C GLU F 324 12.10 4.16 18.75
N LYS F 325 10.85 4.55 18.49
CA LYS F 325 10.56 5.41 17.34
C LYS F 325 11.13 6.80 17.52
N ASP F 326 11.11 7.32 18.76
CA ASP F 326 11.42 8.71 19.01
C ASP F 326 12.95 8.90 19.07
N ALA F 327 13.39 10.15 19.23
CA ALA F 327 14.79 10.53 19.11
C ALA F 327 15.42 10.98 20.41
N ALA F 328 14.80 11.95 21.10
CA ALA F 328 15.27 12.30 22.44
C ALA F 328 14.86 11.24 23.45
N LEU F 329 13.67 10.68 23.27
CA LEU F 329 13.13 9.72 24.22
C LEU F 329 13.87 8.38 24.14
N GLU F 330 14.43 8.07 22.97
CA GLU F 330 15.24 6.86 22.83
C GLU F 330 16.55 6.98 23.58
N ARG F 331 17.07 8.20 23.74
CA ARG F 331 18.39 8.35 24.31
C ARG F 331 18.40 8.85 25.74
N ARG F 332 17.28 9.33 26.28
CA ARG F 332 17.22 9.57 27.72
C ARG F 332 16.83 8.33 28.52
N PHE F 333 16.75 7.15 27.89
CA PHE F 333 16.32 5.95 28.59
C PHE F 333 17.21 4.76 28.25
N GLN F 334 17.22 3.78 29.14
CA GLN F 334 18.06 2.60 29.01
C GLN F 334 17.27 1.32 29.21
N LYS F 335 17.68 0.28 28.49
CA LYS F 335 16.98 -0.99 28.53
C LYS F 335 17.44 -1.79 29.74
N VAL F 336 16.48 -2.37 30.46
CA VAL F 336 16.77 -3.41 31.44
C VAL F 336 15.90 -4.60 31.07
N PHE F 337 16.54 -5.67 30.65
CA PHE F 337 15.89 -6.73 29.89
C PHE F 337 15.52 -7.86 30.84
N VAL F 338 14.38 -7.70 31.49
CA VAL F 338 13.89 -8.71 32.44
C VAL F 338 13.14 -9.78 31.67
N ALA F 339 13.40 -11.04 31.99
CA ALA F 339 12.73 -12.18 31.39
C ALA F 339 11.95 -12.95 32.46
N GLU F 340 11.44 -14.12 32.07
CA GLU F 340 10.73 -14.97 33.01
C GLU F 340 11.70 -15.59 34.00
N PRO F 341 11.37 -15.64 35.29
CA PRO F 341 12.24 -16.30 36.26
C PRO F 341 12.27 -17.81 36.07
N SER F 342 13.26 -18.43 36.72
CA SER F 342 13.47 -19.87 36.58
C SER F 342 12.53 -20.62 37.52
N VAL F 343 12.75 -21.92 37.64
CA VAL F 343 11.91 -22.74 38.51
C VAL F 343 12.29 -22.53 39.97
N GLU F 344 13.58 -22.63 40.29
CA GLU F 344 14.01 -22.57 41.68
C GLU F 344 13.96 -21.15 42.23
N ASP F 345 14.11 -20.14 41.36
CA ASP F 345 13.85 -18.77 41.78
C ASP F 345 12.41 -18.60 42.20
N THR F 346 11.49 -19.19 41.43
CA THR F 346 10.09 -19.21 41.80
C THR F 346 9.87 -19.98 43.09
N ILE F 347 10.65 -21.03 43.31
CA ILE F 347 10.57 -21.81 44.56
C ILE F 347 10.93 -20.95 45.75
N ALA F 348 12.05 -20.20 45.65
CA ALA F 348 12.49 -19.36 46.76
C ALA F 348 11.52 -18.21 47.02
N ILE F 349 11.00 -17.60 45.95
CA ILE F 349 10.00 -16.56 46.08
C ILE F 349 8.74 -17.08 46.74
N LEU F 350 8.31 -18.27 46.35
CA LEU F 350 7.14 -18.87 46.98
C LEU F 350 7.43 -19.36 48.40
N ARG F 351 8.69 -19.58 48.76
CA ARG F 351 8.99 -19.88 50.16
C ARG F 351 8.82 -18.64 51.03
N GLY F 352 9.35 -17.51 50.56
CA GLY F 352 9.13 -16.25 51.27
C GLY F 352 7.65 -15.89 51.35
N LEU F 353 6.92 -16.12 50.26
CA LEU F 353 5.50 -15.84 50.29
C LEU F 353 4.71 -16.91 51.03
N LYS F 354 5.26 -18.12 51.18
CA LYS F 354 4.68 -19.10 52.09
C LYS F 354 4.74 -18.61 53.52
N GLU F 355 5.88 -18.04 53.89
CA GLU F 355 6.02 -17.41 55.21
C GLU F 355 5.00 -16.29 55.39
N ARG F 356 4.86 -15.43 54.37
CA ARG F 356 3.93 -14.31 54.47
C ARG F 356 2.48 -14.78 54.52
N TYR F 357 2.13 -15.83 53.78
CA TYR F 357 0.75 -16.30 53.75
C TYR F 357 0.38 -17.07 55.00
N GLU F 358 1.29 -17.90 55.50
CA GLU F 358 1.02 -18.62 56.75
C GLU F 358 0.99 -17.68 57.93
N LEU F 359 1.66 -16.53 57.84
CA LEU F 359 1.37 -15.47 58.81
C LEU F 359 0.05 -14.77 58.50
N HIS F 360 -0.37 -14.74 57.23
CA HIS F 360 -1.58 -14.00 56.87
C HIS F 360 -2.85 -14.81 57.11
N HIS F 361 -3.01 -15.91 56.37
CA HIS F 361 -4.29 -16.60 56.32
C HIS F 361 -4.50 -17.57 57.47
N HIS F 362 -3.50 -17.72 58.35
CA HIS F 362 -3.51 -18.66 59.47
C HIS F 362 -3.71 -20.11 59.02
N VAL F 363 -3.25 -20.43 57.82
CA VAL F 363 -3.30 -21.78 57.28
C VAL F 363 -1.87 -22.22 57.05
N GLN F 364 -1.68 -23.44 56.53
CA GLN F 364 -0.34 -23.97 56.29
C GLN F 364 -0.17 -24.30 54.82
N ILE F 365 1.08 -24.33 54.37
CA ILE F 365 1.41 -24.54 52.96
C ILE F 365 2.55 -25.55 52.88
N THR F 366 2.37 -26.57 52.04
CA THR F 366 3.36 -27.61 51.87
C THR F 366 4.36 -27.22 50.77
N ASP F 367 5.64 -27.49 51.01
CA ASP F 367 6.70 -27.13 50.07
C ASP F 367 6.82 -28.07 48.86
N PRO F 368 6.61 -29.40 48.97
CA PRO F 368 6.38 -30.17 47.73
C PRO F 368 5.15 -29.73 46.97
N ALA F 369 4.12 -29.23 47.66
CA ALA F 369 3.02 -28.60 46.95
C ALA F 369 3.45 -27.32 46.26
N ILE F 370 4.45 -26.62 46.80
CA ILE F 370 4.96 -25.41 46.14
C ILE F 370 5.69 -25.77 44.85
N VAL F 371 6.58 -26.77 44.90
CA VAL F 371 7.30 -27.12 43.68
C VAL F 371 6.36 -27.79 42.68
N ALA F 372 5.32 -28.46 43.16
CA ALA F 372 4.30 -29.00 42.27
C ALA F 372 3.48 -27.87 41.63
N ALA F 373 3.19 -26.81 42.39
CA ALA F 373 2.47 -25.66 41.85
C ALA F 373 3.29 -24.94 40.79
N ALA F 374 4.60 -24.84 41.02
CA ALA F 374 5.48 -24.22 40.02
C ALA F 374 5.53 -25.06 38.75
N THR F 375 5.65 -26.38 38.89
CA THR F 375 5.71 -27.25 37.71
C THR F 375 4.40 -27.25 36.93
N LEU F 376 3.26 -27.36 37.65
CA LEU F 376 1.96 -27.33 36.99
C LEU F 376 1.64 -25.98 36.37
N SER F 377 2.11 -24.89 36.98
CA SER F 377 1.90 -23.58 36.38
C SER F 377 2.72 -23.41 35.13
N HIS F 378 3.99 -23.81 35.17
CA HIS F 378 4.85 -23.66 34.00
C HIS F 378 4.45 -24.57 32.86
N ARG F 379 3.85 -25.73 33.16
CA ARG F 379 3.50 -26.63 32.08
C ARG F 379 2.23 -26.20 31.35
N TYR F 380 1.26 -25.65 32.08
CA TYR F 380 -0.08 -25.50 31.51
C TYR F 380 -0.47 -24.06 31.19
N ILE F 381 -0.41 -23.16 32.18
CA ILE F 381 -0.89 -21.80 31.97
C ILE F 381 0.10 -21.05 31.10
N ALA F 382 -0.35 -20.62 29.92
CA ALA F 382 0.52 -19.98 28.94
C ALA F 382 0.42 -18.46 28.91
N ASP F 383 -0.75 -17.90 29.24
CA ASP F 383 -0.90 -16.45 29.21
C ASP F 383 -0.17 -15.80 30.40
N ARG F 384 -0.62 -16.13 31.61
CA ARG F 384 0.06 -15.69 32.81
C ARG F 384 1.43 -16.35 32.91
N GLN F 385 2.37 -15.67 33.58
CA GLN F 385 3.74 -16.15 33.63
C GLN F 385 4.22 -16.21 35.06
N LEU F 386 5.41 -16.76 35.22
CA LEU F 386 6.07 -16.79 36.52
C LEU F 386 6.54 -15.39 36.88
N PRO F 387 6.49 -15.01 38.16
CA PRO F 387 6.03 -15.76 39.32
C PRO F 387 4.53 -15.68 39.52
N ASP F 388 3.84 -14.90 38.68
CA ASP F 388 2.50 -14.42 39.01
C ASP F 388 1.47 -15.53 39.06
N LYS F 389 1.51 -16.45 38.10
CA LYS F 389 0.57 -17.57 38.10
C LYS F 389 0.82 -18.50 39.27
N ALA F 390 2.08 -18.65 39.69
CA ALA F 390 2.37 -19.50 40.83
C ALA F 390 1.89 -18.87 42.13
N ILE F 391 2.06 -17.55 42.26
CA ILE F 391 1.57 -16.82 43.43
C ILE F 391 0.05 -16.89 43.48
N ASP F 392 -0.59 -16.80 42.31
CA ASP F 392 -2.04 -16.91 42.24
C ASP F 392 -2.53 -18.29 42.65
N LEU F 393 -1.83 -19.35 42.19
CA LEU F 393 -2.16 -20.71 42.61
C LEU F 393 -2.05 -20.87 44.11
N ILE F 394 -0.94 -20.41 44.69
CA ILE F 394 -0.69 -20.59 46.12
C ILE F 394 -1.72 -19.84 46.96
N ASP F 395 -1.96 -18.57 46.63
CA ASP F 395 -2.80 -17.79 47.52
C ASP F 395 -4.29 -18.07 47.31
N GLU F 396 -4.73 -18.36 46.08
CA GLU F 396 -6.13 -18.72 45.91
C GLU F 396 -6.37 -20.15 46.41
N ALA F 397 -5.35 -21.00 46.43
CA ALA F 397 -5.47 -22.28 47.11
C ALA F 397 -5.56 -22.08 48.63
N ALA F 398 -4.86 -21.08 49.16
CA ALA F 398 -4.99 -20.76 50.57
C ALA F 398 -6.39 -20.27 50.91
N SER F 399 -6.97 -19.47 50.01
CA SER F 399 -8.35 -19.05 50.18
C SER F 399 -9.32 -20.23 50.07
N SER F 400 -9.01 -21.20 49.21
CA SER F 400 -9.83 -22.39 49.11
C SER F 400 -9.77 -23.23 50.38
N ILE F 401 -8.60 -23.33 50.99
CA ILE F 401 -8.47 -24.03 52.27
C ILE F 401 -9.20 -23.27 53.37
N ARG F 402 -9.15 -21.94 53.33
CA ARG F 402 -9.87 -21.12 54.30
C ARG F 402 -11.38 -21.31 54.17
N MET F 403 -11.88 -21.46 52.94
CA MET F 403 -13.30 -21.76 52.78
C MET F 403 -13.62 -23.19 53.17
N GLN F 404 -12.68 -24.13 52.98
CA GLN F 404 -12.89 -25.50 53.43
C GLN F 404 -12.88 -25.61 54.95
N ILE F 405 -12.31 -24.62 55.65
CA ILE F 405 -12.47 -24.57 57.11
C ILE F 405 -13.94 -24.36 57.47
N ASP F 406 -14.60 -23.43 56.80
CA ASP F 406 -16.01 -23.16 57.03
C ASP F 406 -16.87 -23.73 55.90
N SER F 407 -16.50 -24.92 55.42
CA SER F 407 -17.30 -25.57 54.37
C SER F 407 -18.58 -26.16 54.94
N LYS F 408 -18.45 -27.11 55.86
CA LYS F 408 -19.60 -27.78 56.44
C LYS F 408 -19.28 -28.34 57.83
N LEU F 527 -9.77 -30.50 60.95
CA LEU F 527 -10.08 -30.65 59.54
C LEU F 527 -8.81 -30.58 58.68
N ARG F 528 -8.67 -29.49 57.93
CA ARG F 528 -7.52 -29.30 57.05
C ARG F 528 -6.98 -27.88 57.21
N ASN F 529 -5.66 -27.78 57.22
CA ASN F 529 -4.98 -26.48 57.18
C ASN F 529 -3.82 -26.42 56.19
N LYS F 530 -3.29 -27.55 55.75
CA LYS F 530 -2.16 -27.57 54.84
C LYS F 530 -2.64 -27.49 53.40
N VAL F 531 -2.00 -26.64 52.61
CA VAL F 531 -2.25 -26.59 51.17
C VAL F 531 -1.40 -27.68 50.52
N THR F 532 -2.04 -28.75 50.09
CA THR F 532 -1.34 -29.88 49.49
C THR F 532 -1.35 -29.75 47.97
N ASP F 533 -0.56 -30.61 47.33
CA ASP F 533 -0.45 -30.59 45.87
C ASP F 533 -1.72 -31.08 45.21
N ALA F 534 -2.50 -31.92 45.90
CA ALA F 534 -3.81 -32.30 45.38
C ALA F 534 -4.77 -31.12 45.38
N GLU F 535 -4.65 -30.23 46.36
CA GLU F 535 -5.41 -28.99 46.33
C GLU F 535 -4.97 -28.10 45.18
N ILE F 536 -3.68 -28.11 44.86
CA ILE F 536 -3.17 -27.37 43.71
C ILE F 536 -3.74 -27.94 42.42
N ALA F 537 -3.82 -29.27 42.33
CA ALA F 537 -4.41 -29.90 41.16
C ALA F 537 -5.91 -29.62 41.06
N GLU F 538 -6.60 -29.49 42.20
CA GLU F 538 -8.01 -29.12 42.17
C GLU F 538 -8.20 -27.68 41.71
N VAL F 539 -7.32 -26.78 42.15
CA VAL F 539 -7.36 -25.39 41.67
C VAL F 539 -7.07 -25.35 40.18
N LEU F 540 -6.12 -26.17 39.72
CA LEU F 540 -5.73 -26.19 38.32
C LEU F 540 -6.84 -26.74 37.44
N ALA F 541 -7.59 -27.72 37.95
CA ALA F 541 -8.75 -28.22 37.22
C ALA F 541 -9.89 -27.23 37.25
N ARG F 542 -10.05 -26.49 38.35
CA ARG F 542 -11.12 -25.51 38.42
C ARG F 542 -10.79 -24.28 37.56
N TRP F 543 -9.52 -24.07 37.23
CA TRP F 543 -9.21 -23.02 36.29
C TRP F 543 -9.41 -23.51 34.86
N THR F 544 -9.04 -22.64 33.90
CA THR F 544 -9.45 -22.84 32.52
C THR F 544 -8.64 -23.91 31.82
N GLY F 545 -7.56 -24.38 32.45
CA GLY F 545 -6.80 -25.48 31.87
C GLY F 545 -7.58 -26.78 31.88
N ILE F 546 -8.20 -27.09 33.01
CA ILE F 546 -8.92 -28.33 33.32
C ILE F 546 -8.11 -29.56 32.92
N PRO F 547 -7.05 -29.94 33.65
CA PRO F 547 -6.45 -31.25 33.39
C PRO F 547 -7.05 -32.29 34.33
N VAL F 548 -6.88 -33.56 33.95
CA VAL F 548 -7.07 -34.61 34.93
C VAL F 548 -5.82 -34.70 35.78
N SER F 549 -5.99 -34.68 37.10
CA SER F 549 -4.85 -34.76 38.00
C SER F 549 -4.19 -36.13 37.94
N ARG F 550 -4.95 -37.16 37.54
CA ARG F 550 -4.39 -38.49 37.36
C ARG F 550 -3.47 -38.53 36.14
N MET F 551 -3.72 -37.66 35.15
CA MET F 551 -2.79 -37.53 34.04
C MET F 551 -1.49 -36.88 34.50
N MET F 552 -1.54 -36.09 35.57
CA MET F 552 -0.36 -35.37 36.00
C MET F 552 0.37 -36.11 37.12
N GLU F 553 0.05 -37.39 37.32
CA GLU F 553 0.71 -38.14 38.36
C GLU F 553 2.05 -38.68 37.88
N SER F 554 2.08 -39.33 36.72
CA SER F 554 3.29 -39.97 36.21
C SER F 554 3.38 -39.84 34.71
N GLU F 555 4.57 -40.03 34.17
CA GLU F 555 4.79 -40.07 32.73
C GLU F 555 4.74 -41.47 32.15
N ARG F 556 5.14 -42.49 32.91
CA ARG F 556 5.07 -43.87 32.46
C ARG F 556 3.65 -44.42 32.49
N GLU F 557 2.87 -44.04 33.50
CA GLU F 557 1.44 -44.32 33.46
C GLU F 557 0.76 -43.58 32.31
N LYS F 558 1.28 -42.39 31.96
CA LYS F 558 0.81 -41.70 30.76
C LYS F 558 1.19 -42.46 29.50
N LEU F 559 2.34 -43.16 29.50
CA LEU F 559 2.69 -44.01 28.38
C LEU F 559 1.75 -45.21 28.26
N LEU F 560 1.41 -45.81 29.40
CA LEU F 560 0.50 -46.96 29.39
C LEU F 560 -0.91 -46.56 28.96
N ARG F 561 -1.39 -45.43 29.47
CA ARG F 561 -2.68 -44.92 29.03
C ARG F 561 -2.63 -44.39 27.60
N MET F 562 -1.45 -43.96 27.13
CA MET F 562 -1.27 -43.63 25.72
C MET F 562 -1.49 -44.86 24.85
N GLU F 563 -0.91 -45.99 25.24
CA GLU F 563 -1.16 -47.26 24.57
C GLU F 563 -2.65 -47.60 24.59
N GLN F 564 -3.27 -47.52 25.77
CA GLN F 564 -4.67 -47.92 25.94
C GLN F 564 -5.61 -47.06 25.11
N GLU F 565 -5.37 -45.75 25.07
CA GLU F 565 -6.20 -44.87 24.26
C GLU F 565 -5.88 -44.98 22.78
N LEU F 566 -4.67 -45.43 22.42
CA LEU F 566 -4.42 -45.78 21.02
C LEU F 566 -5.17 -47.03 20.62
N HIS F 567 -5.45 -47.93 21.57
CA HIS F 567 -6.29 -49.09 21.28
C HIS F 567 -7.77 -48.79 21.46
N HIS F 568 -8.18 -47.52 21.35
CA HIS F 568 -9.58 -47.12 21.46
C HIS F 568 -10.12 -46.51 20.19
N ARG F 569 -9.44 -45.51 19.63
CA ARG F 569 -9.88 -44.96 18.35
C ARG F 569 -9.60 -45.92 17.21
N VAL F 570 -8.52 -46.69 17.29
CA VAL F 570 -8.23 -47.75 16.35
C VAL F 570 -8.49 -49.07 17.07
N ILE F 571 -9.53 -49.78 16.64
CA ILE F 571 -9.94 -51.02 17.28
C ILE F 571 -9.15 -52.19 16.69
N GLY F 572 -8.70 -53.08 17.57
CA GLY F 572 -7.94 -54.24 17.14
C GLY F 572 -6.57 -53.89 16.60
N GLN F 573 -5.87 -54.96 16.16
CA GLN F 573 -4.59 -54.89 15.44
C GLN F 573 -3.52 -54.18 16.26
N ASN F 574 -3.19 -54.79 17.40
CA ASN F 574 -2.37 -54.16 18.41
C ASN F 574 -0.89 -54.19 18.08
N GLU F 575 -0.49 -54.89 17.02
CA GLU F 575 0.92 -55.17 16.75
C GLU F 575 1.69 -53.91 16.38
N ALA F 576 1.26 -53.25 15.30
CA ALA F 576 1.93 -52.03 14.86
C ALA F 576 1.76 -50.89 15.85
N VAL F 577 0.64 -50.87 16.57
CA VAL F 577 0.38 -49.84 17.55
C VAL F 577 1.36 -49.96 18.72
N ASP F 578 1.56 -51.20 19.19
CA ASP F 578 2.51 -51.41 20.28
C ASP F 578 3.95 -51.28 19.79
N ALA F 579 4.20 -51.52 18.50
CA ALA F 579 5.53 -51.28 17.95
C ALA F 579 5.86 -49.78 17.94
N VAL F 580 4.89 -48.95 17.52
CA VAL F 580 5.05 -47.51 17.58
C VAL F 580 5.16 -47.04 19.03
N SER F 581 4.43 -47.69 19.95
CA SER F 581 4.53 -47.35 21.38
C SER F 581 5.91 -47.66 21.93
N ASN F 582 6.50 -48.79 21.51
CA ASN F 582 7.86 -49.15 21.91
C ASN F 582 8.87 -48.15 21.36
N ALA F 583 8.70 -47.74 20.10
CA ALA F 583 9.62 -46.77 19.50
C ALA F 583 9.50 -45.41 20.18
N ILE F 584 8.28 -45.02 20.56
CA ILE F 584 8.08 -43.75 21.27
C ILE F 584 8.71 -43.80 22.65
N ARG F 585 8.59 -44.94 23.36
CA ARG F 585 9.22 -45.05 24.66
C ARG F 585 10.75 -45.10 24.55
N ARG F 586 11.28 -45.68 23.47
CA ARG F 586 12.72 -45.63 23.25
C ARG F 586 13.20 -44.22 22.93
N SER F 587 12.38 -43.43 22.24
CA SER F 587 12.77 -42.05 21.95
C SER F 587 12.67 -41.18 23.20
N ARG F 588 11.62 -41.37 24.00
CA ARG F 588 11.47 -40.60 25.24
C ARG F 588 12.43 -41.06 26.32
N ALA F 589 13.03 -42.25 26.17
CA ALA F 589 14.12 -42.64 27.04
C ALA F 589 15.36 -41.80 26.79
N GLY F 590 15.53 -41.31 25.56
CA GLY F 590 16.59 -40.36 25.28
C GLY F 590 17.96 -40.96 25.15
N LEU F 591 18.07 -42.28 25.00
CA LEU F 591 19.37 -42.91 24.89
C LEU F 591 19.98 -42.76 23.50
N ALA F 592 19.21 -42.29 22.53
CA ALA F 592 19.72 -42.06 21.18
C ALA F 592 20.16 -40.61 21.05
N ASP F 593 20.43 -40.18 19.82
CA ASP F 593 20.88 -38.82 19.54
C ASP F 593 19.68 -37.87 19.56
N PRO F 594 19.72 -36.80 20.34
CA PRO F 594 18.68 -35.76 20.23
C PRO F 594 18.87 -34.81 19.05
N ASN F 595 19.85 -35.04 18.19
CA ASN F 595 20.04 -34.26 16.98
C ASN F 595 19.31 -34.85 15.78
N ARG F 596 18.39 -35.78 16.02
CA ARG F 596 17.58 -36.43 15.02
C ARG F 596 16.11 -36.22 15.38
N PRO F 597 15.20 -36.36 14.42
CA PRO F 597 13.78 -36.36 14.76
C PRO F 597 13.37 -37.57 15.56
N ILE F 598 12.16 -37.50 16.11
CA ILE F 598 11.68 -38.51 17.04
C ILE F 598 11.34 -39.81 16.32
N GLY F 599 10.41 -39.74 15.37
CA GLY F 599 9.83 -40.93 14.77
C GLY F 599 10.31 -41.16 13.35
N SER F 600 10.38 -42.45 12.97
CA SER F 600 10.72 -42.83 11.61
C SER F 600 10.11 -44.22 11.37
N PHE F 601 9.00 -44.25 10.65
CA PHE F 601 8.26 -45.48 10.41
C PHE F 601 8.04 -45.65 8.92
N LEU F 602 7.32 -46.72 8.56
CA LEU F 602 6.96 -46.98 7.17
C LEU F 602 5.63 -47.72 7.17
N PHE F 603 4.53 -46.99 7.02
CA PHE F 603 3.21 -47.59 6.99
C PHE F 603 2.95 -48.11 5.57
N LEU F 604 2.74 -49.42 5.45
CA LEU F 604 2.59 -50.06 4.16
C LEU F 604 1.25 -50.81 4.11
N GLY F 605 1.04 -51.51 2.99
CA GLY F 605 -0.15 -52.31 2.82
C GLY F 605 -1.27 -51.56 2.15
N PRO F 606 -2.48 -51.68 2.69
CA PRO F 606 -3.62 -50.97 2.10
C PRO F 606 -3.56 -49.48 2.39
N THR F 607 -4.07 -48.69 1.44
CA THR F 607 -3.92 -47.25 1.44
C THR F 607 -5.22 -46.57 1.85
N GLY F 608 -5.12 -45.62 2.77
CA GLY F 608 -6.26 -44.81 3.17
C GLY F 608 -7.30 -45.52 4.02
N VAL F 609 -7.00 -46.70 4.54
CA VAL F 609 -7.97 -47.48 5.31
C VAL F 609 -7.83 -47.22 6.80
N GLY F 610 -7.03 -46.24 7.20
CA GLY F 610 -6.81 -46.03 8.62
C GLY F 610 -5.41 -45.56 8.96
N LYS F 611 -4.51 -45.51 7.96
CA LYS F 611 -3.24 -44.83 8.15
C LYS F 611 -3.45 -43.36 8.52
N THR F 612 -4.39 -42.71 7.83
CA THR F 612 -4.80 -41.36 8.20
C THR F 612 -5.37 -41.34 9.61
N GLU F 613 -6.22 -42.32 9.93
CA GLU F 613 -6.84 -42.37 11.25
C GLU F 613 -5.82 -42.69 12.35
N LEU F 614 -4.84 -43.55 12.04
CA LEU F 614 -3.78 -43.83 13.00
C LEU F 614 -2.90 -42.62 13.24
N CYS F 615 -2.59 -41.87 12.17
CA CYS F 615 -1.80 -40.66 12.32
C CYS F 615 -2.55 -39.61 13.13
N LYS F 616 -3.86 -39.46 12.88
CA LYS F 616 -4.67 -38.51 13.62
C LYS F 616 -4.80 -38.90 15.09
N ALA F 617 -4.96 -40.19 15.37
CA ALA F 617 -5.08 -40.65 16.75
C ALA F 617 -3.76 -40.49 17.51
N LEU F 618 -2.65 -40.80 16.83
CA LEU F 618 -1.34 -40.65 17.45
C LEU F 618 -1.04 -39.18 17.74
N ALA F 619 -1.31 -38.29 16.78
CA ALA F 619 -1.08 -36.87 17.00
C ALA F 619 -2.06 -36.30 18.01
N ASN F 620 -3.25 -36.88 18.13
CA ASN F 620 -4.21 -36.41 19.11
C ASN F 620 -3.78 -36.75 20.52
N PHE F 621 -3.64 -38.04 20.80
CA PHE F 621 -3.38 -38.45 22.17
C PHE F 621 -1.92 -38.27 22.56
N MET F 622 -1.02 -38.08 21.60
CA MET F 622 0.38 -37.90 21.96
C MET F 622 0.64 -36.47 22.41
N PHE F 623 0.49 -35.49 21.52
CA PHE F 623 0.82 -34.15 21.95
C PHE F 623 -0.41 -33.34 22.36
N ASP F 624 -1.25 -32.93 21.42
CA ASP F 624 -2.47 -32.22 21.82
C ASP F 624 -3.76 -32.63 21.12
N SER F 625 -3.72 -32.79 19.80
CA SER F 625 -4.96 -32.78 19.02
C SER F 625 -4.67 -33.26 17.61
N ASP F 626 -5.73 -33.28 16.79
CA ASP F 626 -5.62 -33.83 15.44
C ASP F 626 -4.87 -32.91 14.49
N GLU F 627 -4.70 -31.63 14.84
CA GLU F 627 -4.09 -30.68 13.92
C GLU F 627 -2.56 -30.78 13.88
N ALA F 628 -1.96 -31.76 14.57
CA ALA F 628 -0.52 -31.99 14.46
C ALA F 628 -0.22 -33.04 13.38
N MET F 629 -0.81 -32.86 12.20
CA MET F 629 -0.59 -33.75 11.08
C MET F 629 -0.20 -32.93 9.86
N VAL F 630 0.67 -33.51 9.04
CA VAL F 630 1.12 -32.89 7.80
C VAL F 630 1.00 -33.99 6.74
N ARG F 631 -0.11 -34.01 6.02
CA ARG F 631 -0.36 -35.01 5.00
C ARG F 631 -0.04 -34.40 3.65
N ILE F 632 1.05 -34.87 3.03
CA ILE F 632 1.49 -34.37 1.74
C ILE F 632 1.66 -35.54 0.78
N ASP F 633 0.92 -35.50 -0.33
CA ASP F 633 1.16 -36.43 -1.43
C ASP F 633 2.47 -36.05 -2.12
N MET F 634 3.49 -36.89 -1.97
CA MET F 634 4.78 -36.62 -2.56
C MET F 634 4.90 -37.12 -4.00
N SER F 635 3.77 -37.48 -4.62
CA SER F 635 3.78 -37.77 -6.05
C SER F 635 3.82 -36.51 -6.90
N GLU F 636 3.61 -35.34 -6.29
CA GLU F 636 3.64 -34.08 -7.04
C GLU F 636 5.05 -33.73 -7.48
N PHE F 637 5.98 -33.74 -6.52
CA PHE F 637 7.25 -33.03 -6.70
C PHE F 637 8.24 -33.91 -7.45
N MET F 638 8.11 -33.90 -8.78
CA MET F 638 8.98 -34.67 -9.66
C MET F 638 9.88 -33.80 -10.52
N GLU F 639 9.47 -32.58 -10.83
CA GLU F 639 10.29 -31.65 -11.60
C GLU F 639 11.30 -30.94 -10.68
N LYS F 640 12.23 -30.23 -11.31
CA LYS F 640 13.30 -29.57 -10.57
C LYS F 640 12.77 -28.42 -9.73
N HIS F 641 11.99 -27.53 -10.36
CA HIS F 641 11.37 -26.42 -9.61
C HIS F 641 10.32 -26.92 -8.63
N SER F 642 9.77 -28.10 -8.85
CA SER F 642 8.92 -28.72 -7.83
C SER F 642 9.71 -29.06 -6.58
N VAL F 643 10.94 -29.59 -6.77
CA VAL F 643 11.83 -29.81 -5.63
C VAL F 643 12.23 -28.47 -5.01
N SER F 644 12.31 -27.41 -5.81
CA SER F 644 12.53 -26.09 -5.25
C SER F 644 11.33 -25.62 -4.42
N ARG F 645 10.12 -26.03 -4.78
CA ARG F 645 8.95 -25.60 -4.00
C ARG F 645 8.82 -26.29 -2.66
N LEU F 646 9.38 -27.49 -2.49
CA LEU F 646 9.31 -28.13 -1.17
C LEU F 646 10.36 -27.59 -0.19
N VAL F 647 11.21 -26.66 -0.62
CA VAL F 647 12.10 -25.93 0.27
C VAL F 647 11.67 -24.47 0.23
N GLY F 648 11.18 -24.03 -0.92
CA GLY F 648 10.79 -22.65 -1.11
C GLY F 648 11.51 -22.01 -2.27
N ALA F 649 10.82 -21.16 -3.02
CA ALA F 649 11.40 -20.52 -4.19
C ALA F 649 12.48 -19.53 -3.77
N PRO F 650 13.48 -19.28 -4.62
CA PRO F 650 14.48 -18.28 -4.30
C PRO F 650 13.85 -16.89 -4.28
N PRO F 651 14.44 -15.95 -3.52
CA PRO F 651 13.86 -14.60 -3.41
C PRO F 651 13.79 -13.88 -4.74
N GLY F 652 12.58 -13.49 -5.10
CA GLY F 652 12.34 -12.77 -6.33
C GLY F 652 11.55 -13.56 -7.33
N TYR F 653 10.94 -14.67 -6.91
CA TYR F 653 10.39 -15.64 -7.84
C TYR F 653 9.04 -16.12 -7.29
N VAL F 654 8.55 -17.23 -7.84
CA VAL F 654 7.10 -17.51 -7.82
C VAL F 654 6.65 -17.97 -6.43
N GLY F 655 7.13 -19.11 -5.97
CA GLY F 655 6.54 -19.73 -4.80
C GLY F 655 7.10 -19.27 -3.47
N TYR F 656 7.74 -18.11 -3.47
CA TYR F 656 8.40 -17.62 -2.27
C TYR F 656 7.39 -17.24 -1.18
N GLU F 657 6.29 -16.60 -1.57
CA GLU F 657 5.32 -16.18 -0.56
C GLU F 657 4.46 -17.35 -0.08
N GLU F 658 4.33 -18.42 -0.87
CA GLU F 658 3.71 -19.64 -0.38
C GLU F 658 4.53 -20.27 0.73
N GLY F 659 5.83 -20.09 0.68
CA GLY F 659 6.71 -20.81 1.58
C GLY F 659 7.17 -22.11 0.97
N GLY F 660 7.76 -22.95 1.82
CA GLY F 660 8.32 -24.20 1.38
C GLY F 660 7.43 -25.40 1.51
N TYR F 661 6.19 -25.24 1.97
CA TYR F 661 5.09 -26.20 1.83
C TYR F 661 5.27 -27.46 2.67
N LEU F 662 6.47 -27.66 3.24
CA LEU F 662 6.86 -28.87 3.92
C LEU F 662 7.47 -28.47 5.25
N THR F 663 8.05 -27.27 5.28
CA THR F 663 8.59 -26.69 6.50
C THR F 663 7.64 -25.68 7.12
N GLU F 664 6.75 -25.11 6.32
CA GLU F 664 5.82 -24.10 6.83
C GLU F 664 4.79 -24.71 7.77
N ALA F 665 4.41 -25.96 7.53
CA ALA F 665 3.52 -26.65 8.45
C ALA F 665 4.23 -27.13 9.70
N VAL F 666 5.57 -27.18 9.68
CA VAL F 666 6.31 -27.60 10.86
C VAL F 666 6.65 -26.42 11.75
N ARG F 667 6.95 -25.27 11.13
CA ARG F 667 7.27 -24.07 11.89
C ARG F 667 6.08 -23.59 12.73
N ARG F 668 4.87 -23.79 12.23
CA ARG F 668 3.69 -23.46 12.99
C ARG F 668 3.25 -24.56 13.95
N ARG F 669 3.65 -25.80 13.71
CA ARG F 669 3.29 -26.93 14.56
C ARG F 669 4.58 -27.51 15.11
N PRO F 670 5.09 -26.98 16.23
CA PRO F 670 6.43 -27.38 16.70
C PRO F 670 6.50 -28.80 17.23
N TYR F 671 5.37 -29.42 17.54
CA TYR F 671 5.30 -30.84 17.93
C TYR F 671 4.22 -31.46 17.05
N SER F 672 4.60 -31.86 15.86
CA SER F 672 3.66 -32.40 14.88
C SER F 672 4.02 -33.84 14.55
N VAL F 673 3.19 -34.45 13.71
CA VAL F 673 3.41 -35.80 13.19
C VAL F 673 3.29 -35.71 11.68
N ILE F 674 4.41 -35.78 10.98
CA ILE F 674 4.42 -35.56 9.54
C ILE F 674 4.11 -36.88 8.84
N LEU F 675 3.14 -36.84 7.93
CA LEU F 675 2.71 -38.01 7.17
C LEU F 675 3.05 -37.80 5.70
N LEU F 676 4.17 -38.35 5.27
CA LEU F 676 4.55 -38.30 3.87
C LEU F 676 3.79 -39.40 3.15
N ASP F 677 2.84 -39.03 2.32
CA ASP F 677 2.10 -40.02 1.54
C ASP F 677 2.68 -40.07 0.13
N ALA F 678 2.83 -41.30 -0.37
CA ALA F 678 3.36 -41.62 -1.70
C ALA F 678 4.75 -41.02 -1.89
N VAL F 679 5.63 -41.33 -0.96
CA VAL F 679 6.97 -40.74 -0.94
C VAL F 679 7.84 -41.28 -2.08
N GLU F 680 7.55 -42.48 -2.56
CA GLU F 680 8.36 -43.13 -3.58
C GLU F 680 8.18 -42.53 -4.96
N LYS F 681 7.16 -41.70 -5.16
CA LYS F 681 6.84 -41.12 -6.45
C LYS F 681 7.46 -39.74 -6.62
N ALA F 682 8.66 -39.53 -6.08
CA ALA F 682 9.33 -38.25 -6.20
C ALA F 682 10.74 -38.41 -6.76
N HIS F 683 11.51 -37.33 -6.74
CA HIS F 683 12.87 -37.25 -7.25
C HIS F 683 13.83 -37.78 -6.19
N PRO F 684 14.95 -38.39 -6.61
CA PRO F 684 15.89 -38.95 -5.60
C PRO F 684 16.59 -37.92 -4.72
N ASP F 685 16.76 -36.67 -5.17
CA ASP F 685 17.34 -35.68 -4.28
C ASP F 685 16.38 -35.29 -3.17
N VAL F 686 15.07 -35.51 -3.37
CA VAL F 686 14.12 -35.36 -2.26
C VAL F 686 14.36 -36.44 -1.21
N PHE F 687 14.71 -37.65 -1.65
CA PHE F 687 15.14 -38.68 -0.69
C PHE F 687 16.43 -38.28 0.01
N ASN F 688 17.31 -37.57 -0.69
CA ASN F 688 18.51 -37.05 -0.04
C ASN F 688 18.16 -35.97 0.99
N ILE F 689 17.18 -35.13 0.68
CA ILE F 689 16.68 -34.14 1.64
C ILE F 689 16.08 -34.84 2.85
N LEU F 690 15.38 -35.94 2.62
CA LEU F 690 14.80 -36.71 3.73
C LEU F 690 15.88 -37.36 4.58
N LEU F 691 16.98 -37.79 3.96
CA LEU F 691 18.12 -38.28 4.73
C LEU F 691 18.78 -37.16 5.51
N GLN F 692 18.80 -35.95 4.95
CA GLN F 692 19.28 -34.79 5.71
C GLN F 692 18.36 -34.50 6.90
N VAL F 693 17.06 -34.72 6.71
CA VAL F 693 16.09 -34.53 7.79
C VAL F 693 16.33 -35.55 8.90
N LEU F 694 16.44 -36.83 8.53
CA LEU F 694 16.66 -37.87 9.51
C LEU F 694 18.06 -37.82 10.12
N ASP F 695 19.00 -37.13 9.46
CA ASP F 695 20.32 -36.92 10.03
C ASP F 695 20.32 -35.75 11.01
N ASP F 696 20.04 -34.55 10.51
CA ASP F 696 20.29 -33.33 11.24
C ASP F 696 19.07 -32.81 11.98
N GLY F 697 17.87 -33.19 11.54
CA GLY F 697 16.67 -32.65 12.13
C GLY F 697 16.42 -31.19 11.78
N ARG F 698 16.88 -30.75 10.62
CA ARG F 698 16.70 -29.37 10.21
C ARG F 698 16.82 -29.25 8.71
N LEU F 699 16.27 -28.16 8.18
CA LEU F 699 16.32 -27.85 6.76
C LEU F 699 16.06 -26.36 6.58
N THR F 700 16.99 -25.69 5.89
CA THR F 700 16.89 -24.25 5.68
C THR F 700 16.01 -23.96 4.48
N ASP F 701 14.91 -23.25 4.71
CA ASP F 701 13.93 -22.95 3.69
C ASP F 701 14.44 -21.86 2.74
N GLY F 702 13.64 -21.57 1.72
CA GLY F 702 14.02 -20.57 0.72
C GLY F 702 14.03 -19.15 1.26
N GLN F 703 13.29 -18.87 2.33
CA GLN F 703 13.25 -17.55 2.91
C GLN F 703 14.49 -17.24 3.75
N GLY F 704 15.30 -18.23 4.07
CA GLY F 704 16.55 -17.99 4.77
C GLY F 704 16.47 -18.06 6.28
N ARG F 705 15.99 -19.18 6.81
CA ARG F 705 16.00 -19.40 8.25
C ARG F 705 16.05 -20.89 8.53
N THR F 706 16.22 -21.22 9.81
CA THR F 706 16.35 -22.60 10.24
C THR F 706 14.98 -23.12 10.66
N VAL F 707 14.63 -24.32 10.17
CA VAL F 707 13.38 -24.98 10.52
C VAL F 707 13.73 -26.28 11.23
N ASP F 708 13.41 -26.35 12.52
CA ASP F 708 13.79 -27.51 13.33
C ASP F 708 12.82 -28.65 13.09
N PHE F 709 13.36 -29.87 12.96
CA PHE F 709 12.58 -31.07 12.78
C PHE F 709 12.74 -32.06 13.93
N ARG F 710 13.46 -31.70 14.98
CA ARG F 710 13.87 -32.64 16.02
C ARG F 710 12.79 -32.89 17.06
N ASN F 711 11.55 -32.48 16.83
CA ASN F 711 10.45 -32.76 17.75
C ASN F 711 9.22 -33.28 17.02
N THR F 712 9.40 -33.79 15.80
CA THR F 712 8.29 -34.26 14.98
C THR F 712 8.39 -35.76 14.78
N VAL F 713 7.31 -36.33 14.26
CA VAL F 713 7.22 -37.74 13.96
C VAL F 713 7.12 -37.87 12.44
N VAL F 714 8.14 -38.43 11.83
CA VAL F 714 8.20 -38.59 10.38
C VAL F 714 7.65 -39.95 10.01
N ILE F 715 6.60 -39.97 9.20
CA ILE F 715 6.02 -41.20 8.68
C ILE F 715 5.93 -41.09 7.17
N MET F 716 6.60 -42.01 6.48
CA MET F 716 6.54 -42.13 5.03
C MET F 716 5.78 -43.40 4.67
N THR F 717 5.04 -43.38 3.57
CA THR F 717 4.24 -44.52 3.15
C THR F 717 4.55 -44.89 1.70
N SER F 718 4.23 -46.14 1.37
CA SER F 718 4.33 -46.64 0.00
C SER F 718 3.26 -47.72 -0.17
N ASN F 719 3.39 -48.52 -1.23
CA ASN F 719 2.46 -49.61 -1.49
C ASN F 719 3.17 -50.86 -1.97
N LEU F 720 4.39 -51.10 -1.49
CA LEU F 720 5.16 -52.26 -1.93
C LEU F 720 4.57 -53.56 -1.40
N GLY F 721 3.91 -53.51 -0.26
CA GLY F 721 3.31 -54.69 0.31
C GLY F 721 1.81 -54.59 0.46
N SER F 722 1.13 -54.01 -0.53
CA SER F 722 -0.33 -53.93 -0.47
C SER F 722 -0.96 -55.30 -0.72
N ASP F 723 -0.78 -55.84 -1.92
CA ASP F 723 -1.33 -57.15 -2.25
C ASP F 723 -0.55 -58.28 -1.60
N LEU F 724 0.66 -58.01 -1.11
CA LEU F 724 1.41 -59.01 -0.38
C LEU F 724 0.76 -59.32 0.97
N ILE F 725 0.04 -58.35 1.53
CA ILE F 725 -0.67 -58.54 2.78
C ILE F 725 -2.15 -58.84 2.55
N GLN F 726 -2.76 -58.19 1.55
CA GLN F 726 -4.17 -58.40 1.25
C GLN F 726 -4.45 -59.80 0.73
N GLU F 727 -3.45 -60.49 0.18
CA GLU F 727 -3.60 -61.89 -0.22
C GLU F 727 -3.06 -62.85 0.83
N ARG F 728 -2.17 -62.41 1.70
CA ARG F 728 -1.59 -63.30 2.70
C ARG F 728 -1.92 -62.81 4.10
N PHE F 729 -3.18 -62.43 4.31
CA PHE F 729 -3.61 -62.01 5.64
C PHE F 729 -3.65 -63.19 6.61
N GLY F 730 -4.00 -64.38 6.12
CA GLY F 730 -3.98 -65.56 6.94
C GLY F 730 -2.67 -66.31 6.87
N GLU F 731 -2.43 -67.11 7.91
CA GLU F 731 -1.31 -68.05 8.06
C GLU F 731 0.05 -67.38 8.10
N LEU F 732 0.11 -66.06 8.25
CA LEU F 732 1.37 -65.33 8.40
C LEU F 732 1.18 -64.27 9.47
N ASP F 733 2.06 -64.28 10.47
CA ASP F 733 1.95 -63.37 11.60
C ASP F 733 2.56 -62.02 11.26
N TYR F 734 2.72 -61.18 12.27
CA TYR F 734 3.24 -59.84 12.09
C TYR F 734 4.75 -59.85 11.83
N ALA F 735 5.47 -60.79 12.46
CA ALA F 735 6.93 -60.81 12.38
C ALA F 735 7.42 -61.33 11.04
N HIS F 736 6.83 -62.42 10.54
CA HIS F 736 7.28 -62.99 9.26
C HIS F 736 6.86 -62.10 8.10
N MET F 737 5.69 -61.48 8.18
CA MET F 737 5.29 -60.51 7.17
C MET F 737 6.17 -59.27 7.24
N LYS F 738 6.59 -58.88 8.46
CA LYS F 738 7.52 -57.77 8.61
C LYS F 738 8.87 -58.08 7.97
N GLU F 739 9.38 -59.29 8.18
CA GLU F 739 10.66 -59.68 7.57
C GLU F 739 10.54 -59.78 6.06
N LEU F 740 9.40 -60.27 5.57
CA LEU F 740 9.17 -60.38 4.13
C LEU F 740 9.12 -59.00 3.47
N VAL F 741 8.32 -58.08 4.02
CA VAL F 741 8.23 -56.76 3.40
C VAL F 741 9.48 -55.94 3.70
N LEU F 742 10.24 -56.29 4.75
CA LEU F 742 11.53 -55.66 4.98
C LEU F 742 12.52 -56.05 3.90
N GLY F 743 12.50 -57.33 3.51
CA GLY F 743 13.27 -57.75 2.35
C GLY F 743 12.81 -57.07 1.07
N VAL F 744 11.49 -56.86 0.93
CA VAL F 744 10.94 -56.17 -0.25
C VAL F 744 11.46 -54.74 -0.34
N VAL F 745 11.38 -53.99 0.77
CA VAL F 745 11.86 -52.62 0.81
C VAL F 745 13.38 -52.56 0.66
N SER F 746 14.09 -53.58 1.16
CA SER F 746 15.54 -53.66 0.97
C SER F 746 15.90 -53.90 -0.50
N HIS F 747 15.06 -54.65 -1.23
CA HIS F 747 15.28 -54.76 -2.68
C HIS F 747 14.95 -53.47 -3.39
N ASN F 748 13.85 -52.81 -3.00
CA ASN F 748 13.40 -51.62 -3.74
C ASN F 748 14.22 -50.38 -3.39
N PHE F 749 14.23 -49.99 -2.13
CA PHE F 749 14.65 -48.65 -1.77
C PHE F 749 16.13 -48.61 -1.44
N ARG F 750 16.59 -47.46 -0.95
CA ARG F 750 18.00 -47.21 -0.69
C ARG F 750 18.48 -48.00 0.53
N PRO F 751 19.78 -48.29 0.62
CA PRO F 751 20.32 -48.82 1.88
C PRO F 751 20.33 -47.80 2.99
N GLU F 752 20.54 -46.52 2.67
CA GLU F 752 20.48 -45.47 3.67
C GLU F 752 19.05 -45.14 4.08
N PHE F 753 18.07 -45.54 3.26
CA PHE F 753 16.67 -45.32 3.61
C PHE F 753 16.28 -46.18 4.80
N ILE F 754 16.52 -47.50 4.70
CA ILE F 754 16.24 -48.41 5.81
C ILE F 754 17.25 -48.29 6.94
N ASN F 755 18.38 -47.62 6.70
CA ASN F 755 19.32 -47.35 7.78
C ASN F 755 18.75 -46.37 8.79
N ARG F 756 17.94 -45.42 8.32
CA ARG F 756 17.45 -44.35 9.17
C ARG F 756 16.06 -44.59 9.71
N ILE F 757 15.33 -45.56 9.19
CA ILE F 757 14.05 -45.96 9.76
C ILE F 757 14.32 -46.75 11.05
N ASP F 758 13.71 -46.33 12.14
CA ASP F 758 13.90 -47.02 13.41
C ASP F 758 13.27 -48.40 13.39
N GLU F 759 12.05 -48.50 12.85
CA GLU F 759 11.39 -49.79 12.74
C GLU F 759 10.51 -49.76 11.50
N VAL F 760 10.80 -50.65 10.55
CA VAL F 760 9.94 -50.79 9.38
C VAL F 760 8.72 -51.60 9.83
N VAL F 761 7.66 -50.88 10.21
CA VAL F 761 6.45 -51.51 10.75
C VAL F 761 5.56 -51.97 9.63
N VAL F 762 4.55 -52.76 9.97
CA VAL F 762 3.56 -53.24 9.01
C VAL F 762 2.20 -52.70 9.44
N PHE F 763 1.62 -51.84 8.62
CA PHE F 763 0.26 -51.40 8.87
C PHE F 763 -0.71 -52.48 8.41
N HIS F 764 -1.66 -52.71 9.19
CA HIS F 764 -2.64 -53.78 9.15
C HIS F 764 -3.77 -53.48 8.16
N PRO F 765 -4.29 -54.50 7.51
CA PRO F 765 -5.55 -54.34 6.79
C PRO F 765 -6.72 -54.50 7.74
N LEU F 766 -7.83 -53.87 7.36
CA LEU F 766 -8.99 -53.81 8.24
C LEU F 766 -9.73 -55.13 8.30
N GLY F 767 -10.34 -55.40 9.45
CA GLY F 767 -11.26 -56.49 9.62
C GLY F 767 -12.68 -55.95 9.58
N GLU F 768 -13.65 -56.83 9.82
CA GLU F 768 -15.04 -56.42 9.83
C GLU F 768 -15.45 -55.77 11.15
N GLN F 769 -14.67 -55.98 12.21
CA GLN F 769 -14.93 -55.29 13.46
C GLN F 769 -14.65 -53.79 13.33
N HIS F 770 -13.68 -53.41 12.49
CA HIS F 770 -13.45 -52.01 12.18
C HIS F 770 -14.64 -51.40 11.46
N ILE F 771 -15.22 -52.18 10.54
CA ILE F 771 -16.38 -51.74 9.78
C ILE F 771 -17.57 -51.53 10.71
N ALA F 772 -17.81 -52.50 11.60
CA ALA F 772 -18.91 -52.41 12.55
C ALA F 772 -18.71 -51.25 13.52
N SER F 773 -17.46 -51.04 13.96
CA SER F 773 -17.17 -49.97 14.90
C SER F 773 -17.40 -48.59 14.28
N ILE F 774 -16.87 -48.37 13.07
CA ILE F 774 -17.02 -47.08 12.41
C ILE F 774 -18.48 -46.83 12.05
N ALA F 775 -19.18 -47.86 11.59
CA ALA F 775 -20.60 -47.71 11.25
C ALA F 775 -21.43 -47.41 12.48
N GLN F 776 -21.12 -48.04 13.62
CA GLN F 776 -21.87 -47.75 14.82
C GLN F 776 -21.53 -46.39 15.41
N ILE F 777 -20.31 -45.89 15.21
CA ILE F 777 -20.01 -44.52 15.64
C ILE F 777 -20.80 -43.50 14.82
N GLN F 778 -20.89 -43.74 13.50
CA GLN F 778 -21.70 -42.85 12.66
C GLN F 778 -23.18 -42.94 13.04
N LEU F 779 -23.65 -44.15 13.39
CA LEU F 779 -25.01 -44.29 13.87
C LEU F 779 -25.20 -43.61 15.22
N LYS F 780 -24.17 -43.57 16.07
CA LYS F 780 -24.29 -42.88 17.35
C LYS F 780 -24.45 -41.38 17.16
N ARG F 781 -23.67 -40.77 16.26
CA ARG F 781 -23.84 -39.33 16.05
C ARG F 781 -25.16 -39.02 15.35
N LEU F 782 -25.62 -39.92 14.47
CA LEU F 782 -26.91 -39.70 13.82
C LEU F 782 -28.06 -39.85 14.82
N TYR F 783 -27.97 -40.84 15.71
CA TYR F 783 -28.98 -41.03 16.74
C TYR F 783 -28.95 -39.88 17.74
N LYS F 784 -27.79 -39.29 17.98
CA LYS F 784 -27.73 -38.10 18.84
C LYS F 784 -28.44 -36.92 18.21
N ARG F 785 -28.23 -36.69 16.90
CA ARG F 785 -28.90 -35.57 16.24
C ARG F 785 -30.42 -35.80 16.15
N LEU F 786 -30.84 -37.05 15.93
CA LEU F 786 -32.26 -37.34 15.89
C LEU F 786 -32.89 -37.32 17.27
N GLU F 787 -32.13 -37.63 18.32
CA GLU F 787 -32.64 -37.51 19.67
C GLU F 787 -32.75 -36.05 20.08
N GLU F 788 -31.83 -35.20 19.61
CA GLU F 788 -31.97 -33.77 19.80
C GLU F 788 -33.21 -33.25 19.08
N ARG F 789 -33.51 -33.80 17.91
CA ARG F 789 -34.82 -33.53 17.31
C ARG F 789 -35.92 -34.22 18.10
N GLY F 790 -35.67 -35.45 18.57
CA GLY F 790 -36.65 -36.14 19.37
C GLY F 790 -37.04 -37.50 18.83
N TYR F 791 -36.15 -38.14 18.08
CA TYR F 791 -36.39 -39.46 17.52
C TYR F 791 -35.45 -40.46 18.15
N GLU F 792 -36.01 -41.58 18.61
CA GLU F 792 -35.24 -42.68 19.17
C GLU F 792 -35.30 -43.85 18.18
N ILE F 793 -34.21 -44.06 17.46
CA ILE F 793 -34.16 -45.02 16.37
C ILE F 793 -33.06 -46.03 16.68
N HIS F 794 -33.34 -47.30 16.43
CA HIS F 794 -32.39 -48.38 16.55
C HIS F 794 -32.22 -49.07 15.20
N ILE F 795 -31.25 -49.97 15.13
CA ILE F 795 -30.91 -50.65 13.88
C ILE F 795 -30.78 -52.15 14.14
N SER F 796 -31.22 -52.95 13.18
CA SER F 796 -31.01 -54.39 13.23
C SER F 796 -29.59 -54.74 12.80
N ASP F 797 -29.19 -55.97 13.11
CA ASP F 797 -27.87 -56.44 12.74
C ASP F 797 -27.77 -56.77 11.26
N GLU F 798 -28.89 -57.14 10.64
CA GLU F 798 -28.88 -57.45 9.21
C GLU F 798 -28.67 -56.18 8.40
N ALA F 799 -29.24 -55.06 8.86
CA ALA F 799 -28.96 -53.78 8.21
C ALA F 799 -27.51 -53.38 8.35
N LEU F 800 -26.88 -53.71 9.48
CA LEU F 800 -25.45 -53.48 9.62
C LEU F 800 -24.64 -54.38 8.71
N LYS F 801 -25.12 -55.61 8.46
CA LYS F 801 -24.46 -56.49 7.51
C LYS F 801 -24.56 -55.95 6.09
N LEU F 802 -25.74 -55.42 5.72
CA LEU F 802 -25.90 -54.80 4.41
C LEU F 802 -25.05 -53.55 4.26
N LEU F 803 -24.89 -52.77 5.32
CA LEU F 803 -23.99 -51.63 5.28
C LEU F 803 -22.53 -52.07 5.15
N SER F 804 -22.16 -53.14 5.85
CA SER F 804 -20.80 -53.67 5.76
C SER F 804 -20.50 -54.19 4.36
N GLU F 805 -21.49 -54.78 3.71
CA GLU F 805 -21.28 -55.24 2.35
C GLU F 805 -21.31 -54.10 1.35
N ASN F 806 -22.06 -53.04 1.63
CA ASN F 806 -22.12 -51.88 0.75
C ASN F 806 -20.98 -50.90 0.96
N GLY F 807 -20.17 -51.09 2.00
CA GLY F 807 -19.09 -50.18 2.25
C GLY F 807 -17.70 -50.75 2.03
N TYR F 808 -17.58 -52.08 2.12
CA TYR F 808 -16.27 -52.71 2.09
C TYR F 808 -15.73 -52.81 0.67
N ASP F 809 -14.46 -52.46 0.51
CA ASP F 809 -13.70 -52.72 -0.71
C ASP F 809 -12.23 -52.85 -0.32
N PRO F 810 -11.45 -53.66 -1.04
CA PRO F 810 -10.09 -53.97 -0.58
C PRO F 810 -9.09 -52.83 -0.67
N VAL F 811 -9.45 -51.70 -1.28
CA VAL F 811 -8.50 -50.60 -1.42
C VAL F 811 -8.91 -49.34 -0.67
N TYR F 812 -10.21 -49.13 -0.40
CA TYR F 812 -10.66 -47.88 0.20
C TYR F 812 -11.22 -48.08 1.61
N GLY F 813 -12.23 -48.92 1.76
CA GLY F 813 -12.69 -49.26 3.09
C GLY F 813 -13.74 -48.34 3.71
N ALA F 814 -13.29 -47.39 4.52
CA ALA F 814 -14.18 -46.70 5.44
C ALA F 814 -14.93 -45.53 4.81
N ARG F 815 -14.35 -44.86 3.84
CA ARG F 815 -14.97 -43.67 3.28
C ARG F 815 -16.07 -43.95 2.23
N PRO F 816 -15.95 -44.99 1.36
CA PRO F 816 -17.16 -45.45 0.67
C PRO F 816 -18.24 -45.94 1.61
N LEU F 817 -17.85 -46.51 2.75
CA LEU F 817 -18.82 -46.83 3.79
C LEU F 817 -19.48 -45.57 4.34
N LYS F 818 -18.73 -44.47 4.46
CA LYS F 818 -19.30 -43.21 4.93
C LYS F 818 -20.38 -42.70 3.98
N ARG F 819 -20.06 -42.62 2.70
CA ARG F 819 -21.06 -42.11 1.76
C ARG F 819 -22.20 -43.10 1.55
N ALA F 820 -21.95 -44.41 1.68
CA ALA F 820 -23.02 -45.38 1.56
C ALA F 820 -23.98 -45.30 2.74
N ILE F 821 -23.44 -45.13 3.95
CA ILE F 821 -24.26 -44.96 5.14
C ILE F 821 -25.10 -43.68 5.02
N GLN F 822 -24.45 -42.58 4.61
CA GLN F 822 -25.14 -41.30 4.46
C GLN F 822 -26.30 -41.38 3.49
N GLN F 823 -26.05 -41.85 2.27
CA GLN F 823 -27.09 -41.98 1.26
C GLN F 823 -28.17 -42.95 1.71
N GLN F 824 -27.81 -44.23 1.87
CA GLN F 824 -28.75 -45.32 2.09
C GLN F 824 -29.54 -45.19 3.39
N ILE F 825 -29.03 -44.44 4.37
CA ILE F 825 -29.84 -44.25 5.57
C ILE F 825 -30.56 -42.93 5.49
N GLU F 826 -29.81 -41.82 5.38
CA GLU F 826 -30.36 -40.50 5.66
C GLU F 826 -31.31 -40.03 4.56
N ASN F 827 -30.99 -40.34 3.29
CA ASN F 827 -31.82 -39.74 2.24
C ASN F 827 -33.24 -40.32 2.12
N PRO F 828 -33.47 -41.64 2.21
CA PRO F 828 -34.88 -42.07 2.34
C PRO F 828 -35.50 -41.68 3.67
N LEU F 829 -34.70 -41.61 4.74
CA LEU F 829 -35.25 -41.22 6.03
C LEU F 829 -35.69 -39.77 6.05
N ALA F 830 -34.86 -38.86 5.52
CA ALA F 830 -35.26 -37.47 5.43
C ALA F 830 -36.29 -37.23 4.34
N GLN F 831 -36.40 -38.13 3.37
CA GLN F 831 -37.56 -38.11 2.48
C GLN F 831 -38.84 -38.40 3.27
N GLN F 832 -38.77 -39.35 4.20
CA GLN F 832 -39.96 -39.77 4.94
C GLN F 832 -40.34 -38.77 6.03
N ILE F 833 -39.35 -38.15 6.68
CA ILE F 833 -39.63 -37.21 7.77
C ILE F 833 -40.29 -35.95 7.22
N LEU F 834 -39.82 -35.47 6.07
CA LEU F 834 -40.44 -34.35 5.40
C LEU F 834 -41.57 -34.79 4.48
N SER F 835 -42.16 -35.95 4.73
CA SER F 835 -43.37 -36.40 4.07
C SER F 835 -44.56 -36.42 4.99
N GLY F 836 -44.38 -36.02 6.25
CA GLY F 836 -45.42 -36.19 7.24
C GLY F 836 -45.61 -37.60 7.73
N GLU F 837 -44.66 -38.50 7.45
CA GLU F 837 -44.84 -39.91 7.76
C GLU F 837 -44.42 -40.23 9.19
N LEU F 838 -43.19 -39.88 9.56
CA LEU F 838 -42.66 -40.23 10.86
C LEU F 838 -43.02 -39.17 11.89
N VAL F 839 -43.53 -39.62 13.02
CA VAL F 839 -43.89 -38.77 14.16
C VAL F 839 -43.01 -39.21 15.31
N PRO F 840 -42.46 -38.30 16.11
CA PRO F 840 -41.69 -38.73 17.30
C PRO F 840 -42.56 -39.46 18.30
N GLY F 841 -41.97 -40.49 18.92
CA GLY F 841 -42.68 -41.27 19.90
C GLY F 841 -43.06 -42.65 19.40
N LYS F 842 -42.24 -43.19 18.50
CA LYS F 842 -42.44 -44.53 17.95
C LYS F 842 -41.14 -45.30 18.00
N VAL F 843 -41.24 -46.62 18.21
CA VAL F 843 -40.09 -47.50 18.24
C VAL F 843 -39.67 -47.73 16.78
N ILE F 844 -38.57 -47.13 16.38
CA ILE F 844 -38.14 -47.12 14.99
C ILE F 844 -36.92 -48.02 14.89
N ARG F 845 -37.14 -49.25 14.43
CA ARG F 845 -36.03 -50.15 14.15
C ARG F 845 -35.68 -50.07 12.68
N LEU F 846 -34.41 -49.83 12.39
CA LEU F 846 -33.94 -49.81 11.00
C LEU F 846 -33.89 -51.26 10.51
N GLU F 847 -35.01 -51.72 9.99
CA GLU F 847 -35.10 -53.08 9.47
C GLU F 847 -34.57 -53.10 8.04
N VAL F 848 -34.75 -54.23 7.36
CA VAL F 848 -34.17 -54.41 6.03
C VAL F 848 -35.27 -54.59 5.01
N ASN F 849 -34.92 -54.31 3.76
CA ASN F 849 -35.71 -54.70 2.60
C ASN F 849 -35.19 -56.06 2.11
N GLU F 850 -35.55 -56.43 0.88
CA GLU F 850 -34.99 -57.64 0.27
C GLU F 850 -33.48 -57.49 0.10
N ASP F 851 -33.03 -56.39 -0.50
CA ASP F 851 -31.61 -56.08 -0.62
C ASP F 851 -31.30 -54.66 -0.17
N ARG F 852 -32.26 -53.96 0.43
CA ARG F 852 -32.05 -52.57 0.83
C ARG F 852 -32.40 -52.37 2.29
N ILE F 853 -32.44 -51.10 2.71
CA ILE F 853 -32.68 -50.73 4.10
C ILE F 853 -33.89 -49.80 4.15
N VAL F 854 -34.84 -50.09 5.02
CA VAL F 854 -36.03 -49.27 5.19
C VAL F 854 -36.20 -48.96 6.67
N ALA F 855 -36.83 -47.83 6.96
CA ALA F 855 -37.16 -47.43 8.32
C ALA F 855 -38.65 -47.67 8.54
N VAL F 856 -38.99 -48.42 9.57
CA VAL F 856 -40.37 -48.79 9.86
C VAL F 856 -40.78 -48.17 11.19
N GLN F 857 -42.08 -48.13 11.42
CA GLN F 857 -42.66 -47.51 12.61
C GLN F 857 -43.40 -48.56 13.41
N HIS F 858 -43.18 -48.56 14.73
CA HIS F 858 -43.87 -49.49 15.62
C HIS F 858 -44.21 -48.81 16.94
N UNK G 1 -25.21 33.55 34.84
CA UNK G 1 -25.37 32.31 34.09
C UNK G 1 -24.31 32.17 33.01
N UNK G 2 -23.54 31.10 33.07
CA UNK G 2 -22.46 30.85 32.12
C UNK G 2 -22.89 29.78 31.13
N UNK G 3 -22.91 30.13 29.86
CA UNK G 3 -23.36 29.26 28.78
C UNK G 3 -22.21 28.41 28.27
N UNK G 4 -22.57 27.32 27.60
CA UNK G 4 -21.58 26.38 27.09
C UNK G 4 -20.99 26.88 25.77
N UNK G 5 -20.07 26.09 25.22
CA UNK G 5 -19.55 26.33 23.89
C UNK G 5 -19.44 24.97 23.21
N UNK G 6 -19.16 24.99 21.90
CA UNK G 6 -19.05 23.74 21.13
C UNK G 6 -17.78 23.82 20.28
N UNK G 7 -16.70 23.23 20.77
CA UNK G 7 -15.44 23.28 20.05
C UNK G 7 -15.51 22.41 18.79
N UNK G 8 -14.58 22.66 17.86
CA UNK G 8 -14.64 22.06 16.53
C UNK G 8 -14.01 20.67 16.47
N UNK G 9 -12.73 20.56 16.82
CA UNK G 9 -12.04 19.30 17.16
C UNK G 9 -11.97 18.31 15.98
N UNK G 10 -11.13 18.65 15.00
CA UNK G 10 -10.89 17.78 13.85
C UNK G 10 -9.74 16.79 14.06
N UNK G 11 -9.82 15.66 13.36
CA UNK G 11 -8.80 14.60 13.37
C UNK G 11 -8.76 13.95 12.00
N UNK G 12 -8.02 12.83 11.88
CA UNK G 12 -7.65 12.30 10.56
C UNK G 12 -7.87 10.79 10.51
N UNK G 13 -7.47 10.17 9.39
CA UNK G 13 -7.63 8.75 9.12
C UNK G 13 -6.38 8.21 8.44
N UNK G 14 -6.16 6.90 8.57
CA UNK G 14 -4.90 6.28 8.22
C UNK G 14 -5.05 5.31 7.06
N UNK G 15 -4.05 5.27 6.18
CA UNK G 15 -4.11 4.48 4.96
C UNK G 15 -3.04 3.40 4.94
N UNK G 16 -3.04 2.61 3.87
CA UNK G 16 -1.99 1.63 3.64
C UNK G 16 -1.61 1.74 2.17
N UNK G 17 -0.75 0.83 1.72
CA UNK G 17 -0.35 0.71 0.33
C UNK G 17 0.04 -0.75 0.10
N UNK G 18 0.46 -1.07 -1.11
CA UNK G 18 0.84 -2.45 -1.38
C UNK G 18 1.86 -2.47 -2.49
N UNK G 19 2.76 -3.45 -2.45
CA UNK G 19 3.87 -3.50 -3.38
C UNK G 19 3.90 -4.86 -4.06
N UNK G 20 3.40 -4.92 -5.29
CA UNK G 20 3.41 -6.15 -6.05
C UNK G 20 4.83 -6.49 -6.48
N UNK G 21 5.02 -7.69 -7.01
CA UNK G 21 6.38 -8.21 -7.15
C UNK G 21 6.41 -9.32 -8.22
N UNK G 22 7.12 -9.06 -9.30
CA UNK G 22 7.01 -9.87 -10.50
C UNK G 22 7.67 -11.23 -10.33
N UNK G 23 7.36 -12.14 -11.24
CA UNK G 23 7.76 -13.54 -11.05
C UNK G 23 9.14 -13.81 -11.59
N UNK G 24 9.29 -13.76 -12.91
CA UNK G 24 10.54 -14.23 -13.49
C UNK G 24 11.64 -13.17 -13.36
PG AGS H . 21.07 12.52 17.33
S1G AGS H . 21.13 11.16 18.71
O2G AGS H . 20.22 13.72 17.81
O3G AGS H . 20.49 11.96 16.02
PB AGS H . 23.03 14.05 18.12
O1B AGS H . 21.96 14.48 19.03
O2B AGS H . 23.66 15.18 17.30
O3B AGS H . 22.50 13.04 17.06
PA AGS H . 25.06 14.58 19.63
O1A AGS H . 24.22 15.25 20.62
O2A AGS H . 25.71 15.44 18.54
O3A AGS H . 24.23 13.47 18.92
O5' AGS H . 26.13 13.81 20.42
C5' AGS H . 25.70 13.12 21.58
C4' AGS H . 26.92 12.93 22.43
O4' AGS H . 28.08 13.27 21.66
C3' AGS H . 26.95 13.78 23.69
O3' AGS H . 27.40 13.00 24.79
C2' AGS H . 27.96 14.87 23.34
O2' AGS H . 28.66 15.33 24.49
C1' AGS H . 28.90 14.11 22.43
N9 AGS H . 29.66 14.98 21.55
C8 AGS H . 29.48 15.19 20.21
N7 AGS H . 30.32 16.03 19.68
C5 AGS H . 31.11 16.41 20.75
C6 AGS H . 32.19 17.31 20.87
N6 AGS H . 32.71 17.98 19.84
N1 AGS H . 32.79 17.42 22.07
C2 AGS H . 32.28 16.75 23.11
N3 AGS H . 31.25 15.89 23.12
C4 AGS H . 30.72 15.76 21.91
PB ADP I . 33.09 -34.69 4.28
O1B ADP I . 32.36 -35.00 3.00
O2B ADP I . 34.48 -35.26 4.37
O3B ADP I . 32.98 -33.25 4.71
PA ADP I . 31.96 -34.98 6.85
O1A ADP I . 30.56 -34.43 6.78
O2A ADP I . 33.11 -34.16 7.38
O3A ADP I . 32.29 -35.54 5.39
O5' ADP I . 31.87 -36.32 7.74
C5' ADP I . 33.03 -37.11 7.96
C4' ADP I . 32.87 -37.85 9.26
O4' ADP I . 34.15 -38.21 9.79
C3' ADP I . 32.22 -36.92 10.26
O3' ADP I . 30.89 -37.38 10.53
C2' ADP I . 33.07 -37.05 11.49
O2' ADP I . 32.32 -37.56 12.60
C1' ADP I . 34.28 -37.96 11.20
N9 ADP I . 35.69 -37.43 11.36
C8 ADP I . 36.38 -37.10 10.26
N7 ADP I . 37.63 -36.67 10.54
C5 ADP I . 37.79 -36.74 11.86
C6 ADP I . 38.90 -36.42 12.77
N6 ADP I . 40.07 -35.94 12.29
N1 ADP I . 38.74 -36.61 14.09
C2 ADP I . 37.58 -37.09 14.57
N3 ADP I . 36.52 -37.41 13.77
C4 ADP I . 36.50 -37.20 12.43
PG AGS J . 8.29 29.36 -3.46
S1G AGS J . 9.01 28.83 -1.75
O2G AGS J . 7.06 30.27 -3.23
O3G AGS J . 7.86 28.14 -4.29
PB AGS J . 8.95 31.49 -4.81
O1B AGS J . 8.07 32.17 -3.84
O2B AGS J . 8.31 31.17 -6.15
O3B AGS J . 9.37 30.12 -4.25
PA AGS J . 10.30 33.75 -4.52
O1A AGS J . 10.35 33.72 -3.08
O2A AGS J . 9.21 34.62 -5.14
O3A AGS J . 10.18 32.35 -5.15
O5' AGS J . 11.69 34.15 -5.01
C5' AGS J . 12.81 33.44 -4.50
C4' AGS J . 14.04 34.30 -4.54
O4' AGS J . 14.30 34.69 -5.89
C3' AGS J . 13.97 35.59 -3.73
O3' AGS J . 15.21 35.82 -3.07
C2' AGS J . 13.66 36.66 -4.78
O2' AGS J . 14.16 37.93 -4.38
C1' AGS J . 14.39 36.09 -6.00
N9 AGS J . 13.81 36.47 -7.27
C8 AGS J . 13.26 35.61 -8.18
N7 AGS J . 12.83 36.19 -9.27
C5 AGS J . 13.14 37.52 -9.08
C6 AGS J . 12.96 38.66 -9.88
N6 AGS J . 12.38 38.62 -11.08
N1 AGS J . 13.37 39.84 -9.39
C2 AGS J . 13.95 39.87 -8.19
N3 AGS J . 14.17 38.87 -7.34
C4 AGS J . 13.75 37.71 -7.85
PG AGS K . 41.34 -9.02 -11.82
S1G AGS K . 41.29 -10.84 -11.13
O2G AGS K . 40.24 -8.18 -11.11
O3G AGS K . 41.06 -9.07 -13.35
PB AGS K . 42.89 -7.15 -10.68
O1B AGS K . 41.58 -6.56 -10.37
O2B AGS K . 43.81 -6.24 -11.49
O3B AGS K . 42.74 -8.42 -11.56
PA AGS K . 43.80 -6.17 -8.42
O1A AGS K . 42.95 -6.29 -7.24
O2A AGS K . 43.53 -4.96 -9.33
O3A AGS K . 43.68 -7.41 -9.37
O5' AGS K . 45.26 -6.16 -7.92
C5' AGS K . 45.93 -7.39 -7.66
C4' AGS K . 47.20 -7.04 -6.95
O4' AGS K . 48.19 -6.66 -7.92
C3' AGS K . 47.05 -5.87 -5.98
O3' AGS K . 47.25 -6.26 -4.63
C2' AGS K . 48.10 -4.85 -6.44
O2' AGS K . 48.85 -4.35 -5.34
C1' AGS K . 49.01 -5.66 -7.35
N9 AGS K . 49.62 -4.91 -8.42
C8 AGS K . 49.53 -5.13 -9.77
N7 AGS K . 50.20 -4.31 -10.51
C5 AGS K . 50.81 -3.47 -9.59
C6 AGS K . 51.67 -2.37 -9.74
N6 AGS K . 52.10 -1.89 -10.91
N1 AGS K . 52.09 -1.76 -8.61
C2 AGS K . 51.68 -2.22 -7.43
N3 AGS K . 50.87 -3.24 -7.17
C4 AGS K . 50.47 -3.82 -8.30
PG AGS L . -19.71 24.61 -10.40
S1G AGS L . -18.10 25.65 -10.58
O2G AGS L . -20.64 25.37 -9.41
O3G AGS L . -19.31 23.23 -9.84
PB AGS L . -21.17 25.71 -12.25
O1B AGS L . -21.22 26.67 -11.15
O2B AGS L . -22.47 25.20 -12.85
O3B AGS L . -20.40 24.44 -11.77
PA AGS L . -21.35 27.77 -13.78
O1A AGS L . -21.04 28.91 -12.91
O2A AGS L . -22.80 27.39 -13.61
O3A AGS L . -20.58 26.44 -13.47
O5' AGS L . -21.04 28.19 -15.25
C5' AGS L . -19.80 28.83 -15.59
C4' AGS L . -20.00 30.06 -16.44
O4' AGS L . -20.66 29.71 -17.66
C3' AGS L . -20.82 31.19 -15.82
O3' AGS L . -20.29 32.46 -16.19
C2' AGS L . -22.20 31.01 -16.45
O2' AGS L . -22.86 32.26 -16.62
C1' AGS L . -21.86 30.43 -17.82
N9 AGS L . -22.85 29.51 -18.30
C8 AGS L . -22.81 28.15 -18.13
N7 AGS L . -23.81 27.53 -18.68
C5 AGS L . -24.57 28.54 -19.24
C6 AGS L . -25.76 28.53 -19.97
N6 AGS L . -26.44 27.42 -20.26
N1 AGS L . -26.24 29.71 -20.40
C2 AGS L . -25.57 30.82 -20.10
N3 AGS L . -24.43 30.96 -19.43
C4 AGS L . -23.98 29.77 -19.02
PG AGS M . 23.57 5.93 -31.07
S1G AGS M . 25.34 5.91 -30.28
O2G AGS M . 22.55 6.49 -30.06
O3G AGS M . 23.17 4.53 -31.59
PB AGS M . 23.46 8.39 -31.98
O1B AGS M . 22.55 8.59 -30.83
O2B AGS M . 23.01 8.92 -33.33
O3B AGS M . 23.66 6.88 -32.26
PA AGS M . 24.66 10.68 -31.66
O1A AGS M . 24.17 11.14 -30.39
O2A AGS M . 23.74 10.97 -32.82
O3A AGS M . 24.79 9.12 -31.70
O5' AGS M . 26.08 11.29 -31.82
C5' AGS M . 26.71 11.82 -30.65
C4' AGS M . 27.77 12.78 -31.09
O4' AGS M . 27.84 12.73 -32.52
C3' AGS M . 27.52 14.22 -30.69
O3' AGS M . 28.44 14.64 -29.69
C2' AGS M . 27.75 15.03 -31.98
O2' AGS M . 28.83 15.94 -31.80
C1' AGS M . 28.16 14.00 -33.02
N9 AGS M . 27.48 14.11 -34.29
C8 AGS M . 26.88 13.06 -34.93
N7 AGS M . 26.32 13.37 -36.07
C5 AGS M . 26.58 14.72 -36.20
C6 AGS M . 26.25 15.65 -37.20
N6 AGS M . 25.57 15.34 -38.30
N1 AGS M . 26.65 16.93 -37.02
C2 AGS M . 27.33 17.24 -35.92
N3 AGS M . 27.70 16.45 -34.91
C4 AGS M . 27.28 15.20 -35.11
PG AGS N . -35.59 6.96 5.65
S1G AGS N . -35.63 8.80 5.03
O2G AGS N . -36.35 6.90 7.00
O3G AGS N . -34.15 6.43 5.81
PB AGS N . -37.84 5.84 5.05
O1B AGS N . -38.31 6.94 5.88
O2B AGS N . -37.91 4.46 5.69
O3B AGS N . -36.34 6.02 4.71
PA AGS N . -40.12 5.24 4.03
O1A AGS N . -40.86 6.34 4.65
O2A AGS N . -39.99 3.88 4.72
O3A AGS N . -38.69 5.68 3.78
O5' AGS N . -40.71 5.09 2.61
C5' AGS N . -40.57 6.16 1.69
C4' AGS N . -41.78 6.21 0.80
O4' AGS N . -42.30 4.88 0.60
C3' AGS N . -42.94 7.03 1.38
O3' AGS N . -43.61 7.74 0.35
C2' AGS N . -43.86 5.97 1.94
O2' AGS N . -45.21 6.41 1.89
C1' AGS N . -43.66 4.86 0.93
N9 AGS N . -43.98 3.55 1.45
C8 AGS N . -43.11 2.58 1.87
N7 AGS N . -43.69 1.49 2.30
C5 AGS N . -45.04 1.76 2.17
C6 AGS N . -46.19 1.02 2.45
N6 AGS N . -46.16 -0.22 2.95
N1 AGS N . -47.39 1.58 2.20
C2 AGS N . -47.42 2.82 1.70
N3 AGS N . -46.41 3.62 1.39
C4 AGS N . -45.24 3.03 1.65
PG AGS O . -4.92 -2.05 -35.26
S1G AGS O . -3.30 -2.52 -36.23
O2G AGS O . -4.77 -0.67 -34.59
O3G AGS O . -5.25 -3.13 -34.21
PB AGS O . -7.09 -0.78 -35.99
O1B AGS O . -7.14 -0.48 -34.55
O2B AGS O . -8.42 -1.21 -36.59
O3B AGS O . -6.10 -1.94 -36.25
PA AGS O . -7.91 1.55 -36.89
O1A AGS O . -7.91 2.50 -35.79
O2A AGS O . -9.19 0.78 -37.06
O3A AGS O . -6.78 0.49 -36.81
O5' AGS O . -7.62 2.38 -38.16
C5' AGS O . -8.46 3.50 -38.35
C4' AGS O . -7.76 4.59 -39.11
O4' AGS O . -7.70 4.23 -40.50
C3' AGS O . -8.49 5.91 -39.09
O3' AGS O . -7.59 7.00 -39.26
C2' AGS O . -9.47 5.80 -40.26
O2' AGS O . -9.64 7.02 -40.95
C1' AGS O . -8.81 4.78 -41.17
N9 AGS O . -9.65 3.67 -41.62
C8 AGS O . -9.25 2.37 -41.62
N7 AGS O . -10.13 1.53 -42.08
C5 AGS O . -11.19 2.35 -42.44
C6 AGS O . -12.44 2.07 -43.01
N6 AGS O . -12.87 0.85 -43.33
N1 AGS O . -13.28 3.11 -43.24
C2 AGS O . -12.85 4.34 -42.92
N3 AGS O . -11.70 4.72 -42.38
C4 AGS O . -10.90 3.67 -42.17
PG AGS P . -25.25 -6.74 30.96
S1G AGS P . -26.64 -5.52 30.36
O2G AGS P . -25.18 -6.72 32.51
O3G AGS P . -23.88 -6.28 30.39
PB AGS P . -25.59 -9.37 31.53
O1B AGS P . -24.70 -9.10 32.67
O2B AGS P . -25.20 -10.62 30.74
O3B AGS P . -25.57 -8.19 30.49
PA AGS P . -27.62 -8.89 33.26
O1A AGS P . -27.06 -7.56 33.45
O2A AGS P . -27.45 -9.85 34.45
O3A AGS P . -27.05 -9.64 32.01
O5' AGS P . -29.13 -8.71 32.88
C5' AGS P . -29.68 -9.47 31.79
C4' AGS P . -31.05 -9.95 32.21
O4' AGS P . -31.22 -11.33 31.81
C3' AGS P . -31.28 -9.94 33.72
O3' AGS P . -31.76 -8.67 34.13
C2' AGS P . -32.32 -11.04 33.89
O2' AGS P . -33.63 -10.56 33.60
C1' AGS P . -31.87 -12.06 32.83
N9 AGS P . -30.94 -13.06 33.31
C8 AGS P . -29.69 -13.29 32.83
N7 AGS P . -29.05 -14.26 33.43
C5 AGS P . -29.95 -14.71 34.38
C6 AGS P . -29.88 -15.73 35.35
N6 AGS P . -28.81 -16.51 35.54
N1 AGS P . -30.96 -15.91 36.15
C2 AGS P . -32.03 -15.13 35.97
N3 AGS P . -32.21 -14.14 35.09
C4 AGS P . -31.13 -13.98 34.32
PG AGS Q . -20.15 -21.67 -16.47
S1G AGS Q . -20.03 -20.94 -18.26
O2G AGS Q . -20.92 -20.70 -15.54
O3G AGS Q . -18.67 -21.75 -16.02
PB AGS Q . -22.34 -23.46 -16.80
O1B AGS Q . -23.13 -23.91 -15.58
O2B AGS Q . -22.42 -24.52 -17.91
O3B AGS Q . -20.80 -23.10 -16.49
PA AGS Q . -23.90 -21.29 -16.63
O1A AGS Q . -23.10 -20.11 -16.28
O2A AGS Q . -24.45 -22.11 -15.47
O3A AGS Q . -23.03 -22.24 -17.49
O5' AGS Q . -25.06 -20.86 -17.57
C5' AGS Q . -24.81 -20.54 -18.92
C4' AGS Q . -26.04 -20.90 -19.70
O4' AGS Q . -26.26 -22.31 -19.57
C3' AGS Q . -27.32 -20.26 -19.18
O3' AGS Q . -27.66 -19.13 -19.97
C2' AGS Q . -28.38 -21.34 -19.35
O2' AGS Q . -29.35 -20.94 -20.30
C1' AGS Q . -27.61 -22.55 -19.88
N9 AGS Q . -27.94 -23.90 -19.38
C8 AGS Q . -27.03 -24.92 -19.34
N7 AGS Q . -27.52 -26.05 -18.90
C5 AGS Q . -28.86 -25.76 -18.65
C6 AGS Q . -29.92 -26.55 -18.18
N6 AGS Q . -29.81 -27.85 -17.86
N1 AGS Q . -31.13 -25.95 -18.05
C2 AGS Q . -31.24 -24.66 -18.38
N3 AGS Q . -30.32 -23.83 -18.85
C4 AGS Q . -29.13 -24.44 -18.96
PB ADP R . 5.16 -6.78 35.54
O1B ADP R . 5.33 -8.29 35.61
O2B ADP R . 6.39 -5.97 35.84
O3B ADP R . 4.35 -6.28 34.38
PA ADP R . 4.85 -6.61 38.28
O1A ADP R . 4.89 -5.20 38.82
O2A ADP R . 6.12 -7.44 38.26
O3A ADP R . 4.21 -6.53 36.82
O5' ADP R . 3.78 -7.42 39.14
C5' ADP R . 3.97 -7.47 40.55
C4' ADP R . 3.50 -8.81 41.08
O4' ADP R . 4.53 -9.77 40.93
C3' ADP R . 3.19 -8.69 42.55
O3' ADP R . 1.90 -9.28 42.81
C2' ADP R . 4.24 -9.52 43.24
O2' ADP R . 3.63 -10.32 44.25
C1' ADP R . 4.82 -10.42 42.17
N9 ADP R . 6.28 -10.55 42.33
C8 ADP R . 7.19 -10.27 41.38
N7 ADP R . 8.45 -10.50 41.80
C5 ADP R . 8.37 -10.94 43.06
C6 ADP R . 9.35 -11.38 44.09
N6 ADP R . 10.67 -11.36 43.85
N1 ADP R . 8.84 -11.78 45.28
C2 ADP R . 7.53 -11.77 45.54
N3 ADP R . 6.61 -11.41 44.64
C4 ADP R . 6.95 -10.98 43.41
#